data_4U62
#
_entry.id   4U62
#
_cell.length_a   66.240
_cell.length_b   152.840
_cell.length_c   147.240
_cell.angle_alpha   90.00
_cell.angle_beta   92.34
_cell.angle_gamma   90.00
#
_symmetry.space_group_name_H-M   'P 1 21 1'
#
loop_
_entity.id
_entity.type
_entity.pdbx_description
1 polymer 'Structural protein VP1'
2 non-polymer GLYCEROL
3 non-polymer 'N-acetyl-alpha-neuraminic acid'
4 non-polymer 1,2-ETHANEDIOL
5 water water
#
_entity_poly.entity_id   1
_entity_poly.type   'polypeptide(L)'
_entity_poly.pdbx_seq_one_letter_code
;GSHMASKGNIEVLNLVTGPDSITTIELYLNTRMGQNDESKDNYGYSEKVTVANSSDQDKPTSGEIPTYSTARINLPMLNE
DLTCNTLTMWEAVSVKTEVVGVSSLVNVHMATKRMYDDKGIGFPVEGMNFHMFAVGGEPLELQFLTGNYRTDYSANDKLV
VPPIKHQSTQGLNPHYKQKLTKDGAFPVECWCPDPSKNENTRYYGSYTGGQSTPPVLQFTNTVTTVLLDENGVGPLCKGD
GLYVSCCDIVGFLVGKDGDMQYRGLPRYFNILLRKRTVRN
;
_entity_poly.pdbx_strand_id   A,B,C,D,E,F,G,H,I,J
#
loop_
_chem_comp.id
_chem_comp.type
_chem_comp.name
_chem_comp.formula
EDO non-polymer 1,2-ETHANEDIOL 'C2 H6 O2'
GOL non-polymer GLYCEROL 'C3 H8 O3'
SIA D-saccharide, alpha linking 'N-acetyl-alpha-neuraminic acid' 'C11 H19 N O9'
#
# COMPACT_ATOMS: atom_id res chain seq x y z
N ASN A 9 -58.44 7.64 -31.02
CA ASN A 9 -57.62 6.66 -30.26
C ASN A 9 -56.93 5.65 -31.19
N ILE A 10 -55.60 5.61 -31.11
CA ILE A 10 -54.81 4.63 -31.85
C ILE A 10 -54.85 3.28 -31.14
N GLU A 11 -55.07 2.21 -31.90
CA GLU A 11 -55.06 0.84 -31.36
C GLU A 11 -53.66 0.28 -31.57
N VAL A 12 -52.98 0.00 -30.46
CA VAL A 12 -51.59 -0.50 -30.55
CA VAL A 12 -51.61 -0.48 -30.46
C VAL A 12 -51.53 -2.01 -30.67
N LEU A 13 -50.62 -2.46 -31.53
CA LEU A 13 -50.41 -3.88 -31.75
C LEU A 13 -49.00 -4.24 -31.27
N ASN A 14 -48.27 -5.09 -31.97
CA ASN A 14 -47.00 -5.58 -31.47
C ASN A 14 -45.83 -4.66 -31.79
N LEU A 15 -44.75 -4.83 -31.05
CA LEU A 15 -43.48 -4.20 -31.38
C LEU A 15 -42.89 -4.77 -32.66
N VAL A 16 -42.18 -3.92 -33.41
CA VAL A 16 -41.40 -4.35 -34.55
C VAL A 16 -39.99 -4.66 -34.05
N THR A 17 -39.47 -5.82 -34.36
CA THR A 17 -38.13 -6.18 -33.88
C THR A 17 -37.17 -6.23 -35.04
N GLY A 18 -35.90 -6.40 -34.71
CA GLY A 18 -34.88 -6.63 -35.70
C GLY A 18 -34.03 -5.40 -35.91
N PRO A 19 -33.12 -5.46 -36.88
CA PRO A 19 -32.29 -4.32 -37.18
C PRO A 19 -33.12 -3.09 -37.52
N ASP A 20 -32.64 -1.94 -37.06
CA ASP A 20 -33.23 -0.66 -37.37
C ASP A 20 -34.56 -0.42 -36.67
N SER A 21 -34.90 -1.20 -35.65
CA SER A 21 -36.19 -1.03 -34.94
C SER A 21 -36.16 0.00 -33.82
N ILE A 22 -34.97 0.48 -33.46
CA ILE A 22 -34.76 1.46 -32.41
C ILE A 22 -34.03 2.64 -33.01
N THR A 23 -34.34 3.84 -32.53
CA THR A 23 -33.57 5.04 -32.87
C THR A 23 -33.44 5.93 -31.64
N THR A 24 -32.45 6.82 -31.66
CA THR A 24 -32.30 7.81 -30.60
C THR A 24 -32.29 9.23 -31.16
N ILE A 25 -32.85 10.15 -30.40
CA ILE A 25 -32.87 11.56 -30.77
C ILE A 25 -32.21 12.33 -29.64
N GLU A 26 -31.21 13.13 -29.97
CA GLU A 26 -30.56 14.02 -29.03
C GLU A 26 -30.81 15.46 -29.46
N LEU A 27 -31.14 16.32 -28.50
CA LEU A 27 -31.28 17.75 -28.79
C LEU A 27 -31.11 18.58 -27.55
N TYR A 28 -30.97 19.89 -27.71
CA TYR A 28 -31.11 20.82 -26.61
C TYR A 28 -32.09 21.91 -27.03
N LEU A 29 -32.72 22.51 -26.03
CA LEU A 29 -33.56 23.68 -26.20
C LEU A 29 -33.00 24.81 -25.37
N ASN A 30 -32.72 25.94 -26.01
CA ASN A 30 -32.35 27.12 -25.27
C ASN A 30 -33.56 27.78 -24.64
N THR A 31 -33.29 28.47 -23.54
CA THR A 31 -34.33 29.11 -22.73
C THR A 31 -34.96 30.30 -23.45
N ARG A 32 -36.23 30.58 -23.12
CA ARG A 32 -36.98 31.67 -23.73
C ARG A 32 -37.50 32.54 -22.61
N MET A 33 -36.57 33.27 -21.99
CA MET A 33 -36.91 34.14 -20.86
C MET A 33 -37.45 35.51 -21.27
N GLY A 34 -37.22 35.93 -22.52
CA GLY A 34 -37.79 37.17 -23.01
C GLY A 34 -36.86 37.87 -24.00
N GLN A 35 -35.57 37.88 -23.68
CA GLN A 35 -34.53 38.31 -24.64
C GLN A 35 -34.05 37.00 -25.26
N ASN A 36 -34.65 36.65 -26.40
CA ASN A 36 -34.50 35.35 -27.00
C ASN A 36 -33.66 35.36 -28.28
N ASP A 37 -32.95 36.45 -28.52
CA ASP A 37 -32.09 36.63 -29.70
C ASP A 37 -30.65 36.37 -29.25
N GLU A 38 -30.10 35.23 -29.67
CA GLU A 38 -28.74 34.80 -29.29
C GLU A 38 -27.62 35.76 -29.73
N SER A 39 -27.93 36.70 -30.61
CA SER A 39 -26.94 37.66 -31.08
C SER A 39 -26.88 38.93 -30.23
N LYS A 40 -27.82 39.09 -29.30
CA LYS A 40 -27.94 40.31 -28.52
C LYS A 40 -27.56 40.11 -27.05
N ASP A 41 -27.26 41.23 -26.39
CA ASP A 41 -26.93 41.26 -24.97
C ASP A 41 -28.14 40.74 -24.19
N ASN A 42 -27.87 40.25 -22.99
CA ASN A 42 -28.96 39.72 -22.13
C ASN A 42 -29.67 38.48 -22.66
N TYR A 43 -29.06 37.75 -23.61
CA TYR A 43 -29.65 36.49 -24.05
C TYR A 43 -29.74 35.53 -22.88
N GLY A 44 -30.87 34.83 -22.79
CA GLY A 44 -31.09 33.88 -21.70
C GLY A 44 -31.61 34.49 -20.42
N TYR A 45 -31.97 35.77 -20.48
CA TYR A 45 -32.60 36.51 -19.41
C TYR A 45 -33.82 37.23 -19.99
N SER A 46 -34.73 37.62 -19.11
CA SER A 46 -35.79 38.53 -19.50
C SER A 46 -35.27 39.97 -19.51
N GLU A 47 -36.06 40.83 -20.12
CA GLU A 47 -35.95 42.25 -19.91
C GLU A 47 -36.34 42.55 -18.46
N LYS A 48 -36.03 43.75 -17.98
CA LYS A 48 -36.29 44.07 -16.58
C LYS A 48 -37.79 43.99 -16.27
N VAL A 49 -38.10 43.40 -15.13
CA VAL A 49 -39.48 43.23 -14.68
C VAL A 49 -40.08 44.58 -14.28
N THR A 50 -41.33 44.82 -14.70
CA THR A 50 -42.10 45.99 -14.33
C THR A 50 -43.33 45.53 -13.56
N VAL A 51 -43.94 46.46 -12.84
CA VAL A 51 -45.03 46.14 -11.94
C VAL A 51 -46.21 47.07 -12.23
N ALA A 52 -47.39 46.48 -12.40
CA ALA A 52 -48.59 47.24 -12.74
C ALA A 52 -48.98 48.22 -11.64
N ASN A 53 -49.47 49.40 -12.03
CA ASN A 53 -50.05 50.33 -11.07
C ASN A 53 -51.41 49.86 -10.54
N SER A 54 -52.15 49.10 -11.35
CA SER A 54 -53.44 48.55 -10.96
C SER A 54 -53.74 47.36 -11.85
N SER A 55 -54.69 46.52 -11.45
CA SER A 55 -54.99 45.29 -12.18
C SER A 55 -55.60 45.54 -13.55
N ASP A 56 -56.21 46.71 -13.73
CA ASP A 56 -56.76 47.12 -15.03
C ASP A 56 -55.75 47.89 -15.90
N GLN A 57 -54.51 48.03 -15.43
CA GLN A 57 -53.42 48.62 -16.19
C GLN A 57 -52.19 47.72 -16.06
N ASP A 58 -52.39 46.44 -16.33
CA ASP A 58 -51.37 45.41 -16.16
C ASP A 58 -50.96 45.03 -17.56
N LYS A 59 -49.94 45.72 -18.05
CA LYS A 59 -49.47 45.59 -19.42
C LYS A 59 -47.97 45.34 -19.42
N PRO A 60 -47.56 44.06 -19.31
CA PRO A 60 -46.12 43.82 -19.25
C PRO A 60 -45.39 44.32 -20.50
N THR A 61 -44.16 44.78 -20.30
CA THR A 61 -43.36 45.28 -21.43
C THR A 61 -42.94 44.09 -22.29
N SER A 62 -42.58 44.41 -23.54
CA SER A 62 -42.14 43.38 -24.44
C SER A 62 -40.85 42.79 -23.93
N GLY A 63 -40.80 41.47 -23.84
CA GLY A 63 -39.59 40.77 -23.44
C GLY A 63 -39.43 40.53 -21.95
N GLU A 64 -40.38 40.93 -21.12
CA GLU A 64 -40.25 40.63 -19.70
C GLU A 64 -40.93 39.31 -19.26
N ILE A 65 -41.51 38.56 -20.20
CA ILE A 65 -42.40 37.42 -19.94
C ILE A 65 -41.75 36.11 -20.41
N PRO A 66 -41.42 35.19 -19.49
CA PRO A 66 -40.94 33.88 -19.97
C PRO A 66 -41.99 33.11 -20.77
N THR A 67 -41.53 32.36 -21.74
CA THR A 67 -42.41 31.51 -22.56
C THR A 67 -41.86 30.09 -22.60
N TYR A 68 -42.66 29.15 -23.08
CA TYR A 68 -42.18 27.78 -23.26
C TYR A 68 -41.23 27.64 -24.42
N SER A 69 -40.24 26.78 -24.23
CA SER A 69 -39.37 26.37 -25.32
C SER A 69 -40.02 25.12 -25.91
N THR A 70 -39.96 24.96 -27.23
CA THR A 70 -40.54 23.77 -27.84
C THR A 70 -39.90 23.51 -29.20
N ALA A 71 -39.86 22.23 -29.57
CA ALA A 71 -39.44 21.82 -30.92
C ALA A 71 -40.21 20.60 -31.40
N ARG A 72 -40.44 20.52 -32.70
CA ARG A 72 -40.91 19.32 -33.38
C ARG A 72 -39.70 18.76 -34.10
N ILE A 73 -39.36 17.52 -33.77
CA ILE A 73 -38.22 16.83 -34.37
C ILE A 73 -38.74 15.86 -35.41
N ASN A 74 -38.18 15.93 -36.61
CA ASN A 74 -38.51 15.02 -37.68
C ASN A 74 -37.80 13.71 -37.46
N LEU A 75 -38.55 12.62 -37.33
CA LEU A 75 -37.94 11.31 -37.10
C LEU A 75 -37.61 10.60 -38.40
N PRO A 76 -36.83 9.50 -38.32
CA PRO A 76 -36.56 8.78 -39.56
C PRO A 76 -37.84 8.33 -40.24
N MET A 77 -37.87 8.40 -41.56
CA MET A 77 -39.06 8.05 -42.31
C MET A 77 -39.47 6.59 -42.13
N LEU A 78 -40.76 6.38 -41.88
CA LEU A 78 -41.31 5.03 -41.83
C LEU A 78 -42.08 4.80 -43.11
N ASN A 79 -41.36 4.45 -44.15
CA ASN A 79 -41.96 4.30 -45.46
C ASN A 79 -42.73 2.99 -45.54
N GLU A 80 -43.96 3.06 -46.01
CA GLU A 80 -44.82 1.86 -46.09
C GLU A 80 -46.11 2.15 -46.83
N ASP A 81 -46.75 1.08 -47.29
CA ASP A 81 -48.04 1.17 -47.95
C ASP A 81 -49.11 1.63 -46.93
N LEU A 82 -49.88 2.65 -47.31
CA LEU A 82 -50.87 3.27 -46.41
C LEU A 82 -52.27 2.66 -46.49
N THR A 83 -52.44 1.67 -47.35
CA THR A 83 -53.75 1.11 -47.68
C THR A 83 -54.01 -0.22 -46.99
N CYS A 84 -53.06 -0.65 -46.15
CA CYS A 84 -53.12 -1.95 -45.48
C CYS A 84 -53.72 -1.81 -44.07
N ASN A 85 -53.90 -2.94 -43.39
CA ASN A 85 -54.63 -2.88 -42.11
C ASN A 85 -53.77 -2.57 -40.91
N THR A 86 -52.46 -2.38 -41.11
CA THR A 86 -51.61 -1.87 -40.07
C THR A 86 -50.65 -0.81 -40.62
N LEU A 87 -50.11 -0.04 -39.70
CA LEU A 87 -49.06 0.93 -39.99
C LEU A 87 -48.05 0.85 -38.87
N THR A 88 -46.92 1.52 -39.04
CA THR A 88 -45.84 1.57 -38.06
C THR A 88 -45.70 3.00 -37.57
N MET A 89 -45.47 3.18 -36.28
CA MET A 89 -45.22 4.48 -35.67
C MET A 89 -44.02 4.38 -34.75
N TRP A 90 -43.28 5.47 -34.61
CA TRP A 90 -42.26 5.56 -33.58
C TRP A 90 -42.93 5.78 -32.24
N GLU A 91 -42.46 5.04 -31.24
CA GLU A 91 -42.96 5.10 -29.86
C GLU A 91 -41.82 5.55 -28.96
N ALA A 92 -41.98 6.65 -28.24
CA ALA A 92 -40.95 7.15 -27.32
C ALA A 92 -41.00 6.30 -26.04
N VAL A 93 -39.87 5.68 -25.73
CA VAL A 93 -39.77 4.70 -24.62
C VAL A 93 -39.25 5.36 -23.33
N SER A 94 -38.28 6.24 -23.45
CA SER A 94 -37.61 6.81 -22.31
C SER A 94 -36.86 8.05 -22.73
N VAL A 95 -36.55 8.87 -21.74
CA VAL A 95 -35.77 10.09 -21.96
C VAL A 95 -34.77 10.28 -20.83
N LYS A 96 -33.56 10.68 -21.20
CA LYS A 96 -32.60 11.21 -20.25
C LYS A 96 -32.56 12.72 -20.49
N THR A 97 -32.88 13.49 -19.47
CA THR A 97 -32.92 14.95 -19.61
C THR A 97 -32.19 15.61 -18.45
N GLU A 98 -31.49 16.71 -18.75
CA GLU A 98 -30.72 17.46 -17.76
C GLU A 98 -30.80 18.94 -18.03
N VAL A 99 -30.78 19.74 -16.97
CA VAL A 99 -30.55 21.17 -17.09
C VAL A 99 -29.05 21.44 -17.28
N VAL A 100 -28.72 22.26 -18.27
CA VAL A 100 -27.35 22.52 -18.66
C VAL A 100 -26.90 23.85 -18.05
N GLY A 101 -25.64 23.94 -17.65
CA GLY A 101 -25.10 25.19 -17.19
C GLY A 101 -25.43 25.54 -15.75
N VAL A 102 -25.75 24.54 -14.93
CA VAL A 102 -26.01 24.82 -13.53
C VAL A 102 -24.82 25.52 -12.83
N SER A 103 -23.59 25.11 -13.16
CA SER A 103 -22.41 25.67 -12.53
C SER A 103 -22.27 27.18 -12.83
N SER A 104 -22.94 27.66 -13.89
CA SER A 104 -22.87 29.10 -14.20
C SER A 104 -23.45 29.97 -13.09
N LEU A 105 -24.23 29.36 -12.19
CA LEU A 105 -24.81 30.07 -11.07
C LEU A 105 -23.82 30.27 -9.92
N VAL A 106 -22.64 29.68 -10.03
CA VAL A 106 -21.53 29.89 -9.09
C VAL A 106 -20.78 31.14 -9.56
N ASN A 107 -21.44 32.27 -9.42
CA ASN A 107 -20.90 33.56 -9.93
C ASN A 107 -21.50 34.67 -9.11
N VAL A 108 -20.65 35.32 -8.34
CA VAL A 108 -21.08 36.40 -7.46
C VAL A 108 -20.24 37.65 -7.67
N HIS A 109 -19.66 37.78 -8.87
CA HIS A 109 -18.91 39.00 -9.21
C HIS A 109 -19.54 39.80 -10.33
N MET A 110 -20.72 39.42 -10.78
CA MET A 110 -21.42 40.20 -11.82
C MET A 110 -21.91 41.52 -11.25
N ALA A 111 -22.27 42.45 -12.13
CA ALA A 111 -22.73 43.79 -11.75
C ALA A 111 -24.12 43.72 -11.14
N THR A 112 -24.15 43.51 -9.83
CA THR A 112 -25.38 43.22 -9.10
C THR A 112 -25.39 44.01 -7.79
N LYS A 113 -26.54 44.02 -7.11
CA LYS A 113 -26.59 44.42 -5.72
C LYS A 113 -25.65 43.47 -4.93
N ARG A 114 -25.11 43.96 -3.83
CA ARG A 114 -24.19 43.12 -3.05
C ARG A 114 -24.52 43.12 -1.57
N MET A 115 -23.96 42.14 -0.89
CA MET A 115 -24.13 41.96 0.54
C MET A 115 -23.25 42.88 1.37
N TYR A 116 -23.68 43.09 2.62
CA TYR A 116 -22.87 43.72 3.68
C TYR A 116 -22.27 45.08 3.32
N ASP A 117 -23.14 46.07 3.17
CA ASP A 117 -22.69 47.48 3.07
C ASP A 117 -21.66 47.66 1.95
N ASP A 118 -21.95 47.06 0.79
CA ASP A 118 -21.10 47.12 -0.42
C ASP A 118 -19.75 46.44 -0.33
N LYS A 119 -19.57 45.55 0.67
CA LYS A 119 -18.31 44.86 0.88
C LYS A 119 -18.34 43.39 0.53
N GLY A 120 -19.52 42.79 0.54
CA GLY A 120 -19.63 41.34 0.35
C GLY A 120 -19.89 40.91 -1.09
N ILE A 121 -20.35 39.68 -1.23
CA ILE A 121 -20.57 39.11 -2.57
C ILE A 121 -21.66 39.83 -3.32
N GLY A 122 -21.59 39.81 -4.65
CA GLY A 122 -22.76 40.14 -5.44
C GLY A 122 -23.85 39.10 -5.19
N PHE A 123 -25.11 39.52 -5.29
CA PHE A 123 -26.20 38.56 -5.12
C PHE A 123 -26.14 37.52 -6.23
N PRO A 124 -26.18 36.23 -5.87
CA PRO A 124 -26.28 35.24 -6.94
C PRO A 124 -27.68 35.25 -7.53
N VAL A 125 -27.83 34.65 -8.71
CA VAL A 125 -29.17 34.46 -9.27
C VAL A 125 -29.99 33.65 -8.26
N GLU A 126 -31.15 34.15 -7.85
CA GLU A 126 -31.92 33.50 -6.78
C GLU A 126 -33.39 33.85 -6.86
N GLY A 127 -34.20 33.10 -6.14
CA GLY A 127 -35.64 33.29 -6.12
C GLY A 127 -36.39 32.20 -6.84
N MET A 128 -37.52 32.58 -7.41
CA MET A 128 -38.46 31.63 -8.04
C MET A 128 -37.76 30.66 -8.99
N ASN A 129 -38.05 29.36 -8.82
CA ASN A 129 -37.65 28.33 -9.78
C ASN A 129 -38.87 27.65 -10.37
N PHE A 130 -38.83 27.38 -11.66
CA PHE A 130 -39.93 26.71 -12.35
C PHE A 130 -39.27 25.79 -13.35
N HIS A 131 -39.54 24.50 -13.28
CA HIS A 131 -38.90 23.52 -14.15
C HIS A 131 -39.93 22.56 -14.70
N MET A 132 -40.04 22.47 -16.01
CA MET A 132 -40.98 21.52 -16.57
C MET A 132 -40.43 21.00 -17.87
N PHE A 133 -40.74 19.75 -18.18
CA PHE A 133 -40.49 19.24 -19.52
C PHE A 133 -41.62 18.32 -19.93
N ALA A 134 -41.74 18.14 -21.25
CA ALA A 134 -42.77 17.27 -21.81
C ALA A 134 -42.20 16.60 -23.06
N VAL A 135 -42.53 15.34 -23.24
CA VAL A 135 -42.20 14.60 -24.45
C VAL A 135 -43.48 13.95 -24.95
N GLY A 136 -43.82 14.21 -26.20
CA GLY A 136 -45.03 13.62 -26.76
C GLY A 136 -44.99 13.37 -28.25
N GLY A 137 -46.06 12.75 -28.74
CA GLY A 137 -46.18 12.40 -30.16
C GLY A 137 -47.02 13.39 -30.96
N GLU A 138 -47.29 14.55 -30.35
CA GLU A 138 -48.08 15.63 -30.91
C GLU A 138 -47.86 16.84 -29.98
N PRO A 139 -48.32 18.03 -30.37
CA PRO A 139 -48.04 19.18 -29.53
C PRO A 139 -48.63 19.05 -28.12
N LEU A 140 -47.94 19.60 -27.14
CA LEU A 140 -48.47 19.67 -25.78
C LEU A 140 -49.78 20.45 -25.80
N GLU A 141 -50.83 19.89 -25.21
CA GLU A 141 -52.12 20.54 -25.16
C GLU A 141 -52.18 21.44 -23.93
N LEU A 142 -52.67 22.65 -24.12
CA LEU A 142 -52.60 23.70 -23.11
C LEU A 142 -53.98 24.12 -22.63
N GLN A 143 -54.02 24.55 -21.37
CA GLN A 143 -55.19 25.14 -20.73
C GLN A 143 -54.79 26.55 -20.33
N PHE A 144 -55.65 27.51 -20.61
CA PHE A 144 -55.43 28.89 -20.19
C PHE A 144 -55.84 29.03 -18.73
N LEU A 145 -54.99 29.66 -17.93
CA LEU A 145 -55.32 30.01 -16.55
C LEU A 145 -54.36 31.08 -16.11
N THR A 146 -54.89 32.18 -15.60
CA THR A 146 -54.08 33.34 -15.26
C THR A 146 -54.40 33.88 -13.88
N GLY A 147 -53.40 34.54 -13.28
CA GLY A 147 -53.61 35.29 -12.05
C GLY A 147 -54.34 36.61 -12.20
N ASN A 148 -54.46 37.11 -13.44
CA ASN A 148 -55.20 38.35 -13.70
C ASN A 148 -55.84 38.29 -15.07
N TYR A 149 -57.15 38.20 -15.10
CA TYR A 149 -57.84 38.03 -16.37
C TYR A 149 -57.63 39.21 -17.29
N ARG A 150 -57.35 40.39 -16.73
CA ARG A 150 -57.21 41.64 -17.51
C ARG A 150 -55.82 41.87 -18.12
N THR A 151 -54.87 40.98 -17.87
CA THR A 151 -53.51 41.20 -18.38
C THR A 151 -53.54 41.50 -19.86
N ASP A 152 -52.85 42.57 -20.23
CA ASP A 152 -52.84 43.11 -21.60
C ASP A 152 -51.49 42.73 -22.19
N TYR A 153 -51.50 41.84 -23.17
CA TYR A 153 -50.28 41.30 -23.77
C TYR A 153 -49.89 42.02 -25.07
N SER A 154 -50.58 43.10 -25.37
CA SER A 154 -50.43 43.77 -26.68
C SER A 154 -49.12 44.52 -26.88
N ALA A 155 -48.27 44.63 -25.85
CA ALA A 155 -46.91 45.17 -26.08
C ALA A 155 -46.09 44.28 -26.99
N ASN A 156 -46.45 43.02 -27.09
CA ASN A 156 -45.75 42.06 -27.93
C ASN A 156 -46.76 41.18 -28.67
N ASP A 157 -47.02 41.55 -29.93
CA ASP A 157 -48.02 40.86 -30.73
C ASP A 157 -47.60 39.45 -31.16
N LYS A 158 -46.34 39.08 -30.93
CA LYS A 158 -45.90 37.71 -31.27
C LYS A 158 -46.30 36.69 -30.19
N LEU A 159 -46.73 37.14 -29.01
CA LEU A 159 -47.19 36.20 -27.99
C LEU A 159 -48.52 35.61 -28.41
N VAL A 160 -48.72 34.33 -28.16
CA VAL A 160 -49.99 33.66 -28.48
C VAL A 160 -50.82 33.61 -27.18
N VAL A 161 -51.92 34.36 -27.21
CA VAL A 161 -52.86 34.46 -26.11
C VAL A 161 -54.28 34.49 -26.66
N PRO A 162 -55.29 34.29 -25.79
CA PRO A 162 -56.65 34.31 -26.30
C PRO A 162 -57.08 35.69 -26.83
N PRO A 163 -58.03 35.73 -27.78
CA PRO A 163 -58.47 36.98 -28.36
C PRO A 163 -59.47 37.73 -27.53
N ILE A 164 -60.04 37.07 -26.51
CA ILE A 164 -60.96 37.72 -25.59
C ILE A 164 -60.51 37.45 -24.16
N LYS A 165 -60.95 38.32 -23.26
CA LYS A 165 -60.66 38.22 -21.83
C LYS A 165 -61.95 38.04 -21.07
N HIS A 166 -61.92 37.24 -20.01
CA HIS A 166 -63.11 37.04 -19.18
C HIS A 166 -62.69 36.69 -17.75
N GLN A 167 -63.49 37.14 -16.80
CA GLN A 167 -63.26 36.94 -15.38
C GLN A 167 -63.00 35.48 -14.99
N SER A 168 -63.69 34.56 -15.67
CA SER A 168 -63.63 33.15 -15.34
C SER A 168 -62.26 32.52 -15.58
N THR A 169 -61.37 33.20 -16.34
CA THR A 169 -60.07 32.62 -16.68
C THR A 169 -59.07 32.69 -15.55
N GLN A 170 -59.48 33.26 -14.41
CA GLN A 170 -58.71 33.11 -13.18
C GLN A 170 -58.92 31.75 -12.49
N GLY A 171 -59.91 31.01 -12.95
CA GLY A 171 -60.02 29.58 -12.68
C GLY A 171 -59.89 28.81 -13.98
N LEU A 172 -60.40 27.58 -13.99
CA LEU A 172 -60.33 26.71 -15.17
C LEU A 172 -61.62 26.89 -15.97
N ASN A 173 -61.51 27.51 -17.13
CA ASN A 173 -62.61 27.63 -18.07
C ASN A 173 -62.20 26.81 -19.30
N PRO A 174 -62.82 25.66 -19.53
CA PRO A 174 -62.40 24.76 -20.59
C PRO A 174 -62.60 25.29 -22.03
N HIS A 175 -63.23 26.44 -22.19
CA HIS A 175 -63.38 27.06 -23.50
C HIS A 175 -62.10 27.76 -23.93
N TYR A 176 -61.11 27.86 -23.04
CA TYR A 176 -59.85 28.56 -23.32
C TYR A 176 -58.68 27.57 -23.34
N LYS A 177 -58.38 27.04 -24.53
CA LYS A 177 -57.35 26.05 -24.71
C LYS A 177 -56.47 26.41 -25.92
N GLN A 178 -55.35 25.70 -26.03
CA GLN A 178 -54.42 25.87 -27.14
C GLN A 178 -53.54 24.62 -27.27
N LYS A 179 -52.66 24.65 -28.29
CA LYS A 179 -51.63 23.65 -28.52
C LYS A 179 -50.31 24.37 -28.62
N LEU A 180 -49.29 23.83 -27.96
CA LEU A 180 -47.95 24.46 -27.93
C LEU A 180 -47.23 24.20 -29.24
N THR A 181 -47.45 25.10 -30.20
CA THR A 181 -46.99 24.92 -31.56
C THR A 181 -45.89 25.89 -32.00
N LYS A 182 -45.46 26.79 -31.11
CA LYS A 182 -44.47 27.79 -31.42
C LYS A 182 -43.53 27.99 -30.25
N ASP A 183 -42.23 28.02 -30.54
CA ASP A 183 -41.20 28.31 -29.54
C ASP A 183 -41.19 29.80 -29.17
N GLY A 184 -40.96 30.09 -27.89
CA GLY A 184 -40.80 31.46 -27.44
C GLY A 184 -41.99 32.38 -27.62
N ALA A 185 -43.20 31.83 -27.51
CA ALA A 185 -44.41 32.58 -27.82
C ALA A 185 -45.58 32.40 -26.88
N PHE A 186 -45.63 31.27 -26.16
CA PHE A 186 -46.75 30.97 -25.28
C PHE A 186 -46.29 31.30 -23.87
N PRO A 187 -46.84 32.34 -23.23
CA PRO A 187 -46.38 32.64 -21.89
C PRO A 187 -46.67 31.56 -20.84
N VAL A 188 -45.68 31.32 -19.99
CA VAL A 188 -45.84 30.39 -18.88
C VAL A 188 -46.92 30.87 -17.92
N GLU A 189 -47.03 32.18 -17.75
CA GLU A 189 -47.92 32.74 -16.71
C GLU A 189 -49.39 32.49 -16.99
N CYS A 190 -49.74 32.18 -18.24
CA CYS A 190 -51.16 31.98 -18.58
C CYS A 190 -51.52 30.69 -19.30
N TRP A 191 -50.52 29.85 -19.60
CA TRP A 191 -50.77 28.57 -20.24
C TRP A 191 -50.11 27.49 -19.43
N CYS A 192 -50.87 26.43 -19.17
CA CYS A 192 -50.39 25.27 -18.41
C CYS A 192 -50.81 24.01 -19.15
N PRO A 193 -50.21 22.87 -18.79
CA PRO A 193 -50.70 21.63 -19.44
C PRO A 193 -52.17 21.37 -19.15
N ASP A 194 -52.91 20.94 -20.16
CA ASP A 194 -54.33 20.56 -20.01
C ASP A 194 -54.40 19.12 -19.51
N PRO A 195 -54.80 18.93 -18.24
CA PRO A 195 -54.78 17.57 -17.70
C PRO A 195 -55.90 16.69 -18.24
N SER A 196 -56.90 17.28 -18.90
CA SER A 196 -57.99 16.53 -19.50
C SER A 196 -57.65 15.99 -20.86
N LYS A 197 -56.49 16.38 -21.41
CA LYS A 197 -56.05 15.86 -22.69
C LYS A 197 -54.63 15.27 -22.44
N ASN A 198 -53.71 15.51 -23.36
CA ASN A 198 -52.36 15.00 -23.22
C ASN A 198 -52.23 13.50 -23.00
N GLU A 199 -53.13 12.73 -23.59
CA GLU A 199 -53.04 11.27 -23.54
C GLU A 199 -51.76 10.76 -24.22
N ASN A 200 -51.23 11.54 -25.15
CA ASN A 200 -50.13 11.11 -25.99
C ASN A 200 -48.84 11.89 -25.68
N THR A 201 -48.78 12.46 -24.49
CA THR A 201 -47.64 13.25 -24.01
C THR A 201 -47.41 12.90 -22.56
N ARG A 202 -46.16 12.93 -22.11
CA ARG A 202 -45.86 12.85 -20.67
C ARG A 202 -45.25 14.18 -20.26
N TYR A 203 -45.74 14.76 -19.17
CA TYR A 203 -45.17 16.03 -18.70
C TYR A 203 -44.91 15.94 -17.20
N TYR A 204 -43.91 16.71 -16.78
CA TYR A 204 -43.42 16.74 -15.41
C TYR A 204 -43.02 18.17 -15.08
N GLY A 205 -43.53 18.73 -13.98
CA GLY A 205 -43.17 20.07 -13.62
C GLY A 205 -43.11 20.34 -12.12
N SER A 206 -42.36 21.39 -11.77
CA SER A 206 -42.24 21.81 -10.39
C SER A 206 -42.10 23.32 -10.32
N TYR A 207 -42.59 23.88 -9.21
CA TYR A 207 -42.49 25.30 -8.96
C TYR A 207 -42.06 25.48 -7.51
N THR A 208 -41.06 26.32 -7.29
CA THR A 208 -40.69 26.75 -5.93
C THR A 208 -40.66 28.25 -5.98
N GLY A 209 -41.49 28.92 -5.19
CA GLY A 209 -41.64 30.36 -5.31
C GLY A 209 -40.90 31.16 -4.27
N GLY A 210 -41.52 32.24 -3.80
CA GLY A 210 -40.90 33.12 -2.81
C GLY A 210 -40.05 34.15 -3.48
N GLN A 211 -39.51 35.08 -2.68
CA GLN A 211 -38.79 36.25 -3.26
C GLN A 211 -37.29 36.05 -3.61
N SER A 212 -36.52 35.54 -2.64
CA SER A 212 -35.06 35.39 -2.78
CA SER A 212 -35.06 35.39 -2.78
C SER A 212 -34.62 33.97 -2.45
N THR A 213 -35.55 33.04 -2.63
CA THR A 213 -35.36 31.62 -2.31
C THR A 213 -34.13 30.98 -2.95
N PRO A 214 -33.38 30.18 -2.18
CA PRO A 214 -32.23 29.51 -2.81
C PRO A 214 -32.68 28.58 -3.94
N PRO A 215 -32.09 28.69 -5.12
CA PRO A 215 -32.32 27.66 -6.13
C PRO A 215 -31.71 26.34 -5.66
N VAL A 216 -32.43 25.23 -5.87
CA VAL A 216 -31.91 23.92 -5.54
C VAL A 216 -31.98 23.09 -6.83
N LEU A 217 -30.80 22.73 -7.36
CA LEU A 217 -30.68 22.15 -8.69
C LEU A 217 -29.74 20.96 -8.67
N GLN A 218 -30.03 19.97 -9.53
CA GLN A 218 -29.16 18.82 -9.68
C GLN A 218 -28.85 18.62 -11.15
N PHE A 219 -27.72 17.96 -11.45
CA PHE A 219 -27.41 17.55 -12.82
C PHE A 219 -26.62 16.24 -12.79
N THR A 220 -27.01 15.30 -13.65
CA THR A 220 -26.31 14.03 -13.74
C THR A 220 -26.65 13.45 -15.09
N ASN A 221 -25.74 12.62 -15.58
CA ASN A 221 -26.00 11.86 -16.82
C ASN A 221 -26.40 10.41 -16.59
N THR A 222 -26.94 10.11 -15.41
CA THR A 222 -27.19 8.73 -15.01
C THR A 222 -28.66 8.35 -14.82
N VAL A 223 -29.57 9.27 -15.07
CA VAL A 223 -31.00 9.08 -14.79
C VAL A 223 -31.84 8.94 -16.07
N THR A 224 -32.61 7.87 -16.14
CA THR A 224 -33.50 7.60 -17.26
C THR A 224 -34.93 7.69 -16.77
N THR A 225 -35.75 8.48 -17.47
CA THR A 225 -37.17 8.59 -17.19
C THR A 225 -37.95 7.73 -18.19
N VAL A 226 -38.70 6.73 -17.69
CA VAL A 226 -39.52 5.87 -18.53
C VAL A 226 -40.77 6.64 -18.96
N LEU A 227 -41.07 6.63 -20.26
CA LEU A 227 -42.23 7.35 -20.83
C LEU A 227 -43.41 6.44 -21.11
N LEU A 228 -43.24 5.14 -20.88
CA LEU A 228 -44.34 4.20 -21.03
C LEU A 228 -45.41 4.48 -19.99
N ASP A 229 -46.67 4.39 -20.42
CA ASP A 229 -47.80 4.56 -19.48
C ASP A 229 -48.06 3.25 -18.74
N GLU A 230 -49.16 3.24 -17.99
CA GLU A 230 -49.53 2.06 -17.21
C GLU A 230 -49.82 0.82 -18.05
N ASN A 231 -50.14 1.00 -19.33
CA ASN A 231 -50.34 -0.14 -20.27
C ASN A 231 -49.09 -0.53 -21.08
N GLY A 232 -47.96 0.12 -20.81
CA GLY A 232 -46.71 -0.23 -21.45
C GLY A 232 -46.54 0.49 -22.78
N VAL A 233 -47.31 1.57 -22.98
CA VAL A 233 -47.29 2.29 -24.26
C VAL A 233 -46.74 3.69 -24.06
N GLY A 234 -45.74 4.03 -24.86
CA GLY A 234 -45.21 5.36 -24.86
C GLY A 234 -45.91 6.29 -25.85
N PRO A 235 -45.54 7.58 -25.82
CA PRO A 235 -46.07 8.51 -26.83
C PRO A 235 -45.83 7.98 -28.25
N LEU A 236 -46.84 8.09 -29.11
CA LEU A 236 -46.80 7.57 -30.48
C LEU A 236 -46.73 8.78 -31.41
N CYS A 237 -45.70 8.79 -32.26
CA CYS A 237 -45.32 10.03 -32.98
C CYS A 237 -46.08 10.20 -34.30
N LYS A 238 -47.14 10.99 -34.24
CA LYS A 238 -48.03 11.18 -35.37
C LYS A 238 -47.29 11.89 -36.50
N GLY A 239 -47.43 11.36 -37.72
CA GLY A 239 -46.68 11.90 -38.86
C GLY A 239 -45.18 11.89 -38.71
N ASP A 240 -44.67 10.97 -37.88
CA ASP A 240 -43.24 10.88 -37.55
C ASP A 240 -42.70 12.16 -36.92
N GLY A 241 -43.52 12.85 -36.15
CA GLY A 241 -43.07 14.03 -35.40
C GLY A 241 -42.97 13.76 -33.92
N LEU A 242 -41.85 14.15 -33.33
CA LEU A 242 -41.63 14.06 -31.88
C LEU A 242 -41.62 15.47 -31.30
N TYR A 243 -42.42 15.71 -30.28
CA TYR A 243 -42.54 17.03 -29.68
C TYR A 243 -41.91 17.09 -28.32
N VAL A 244 -41.00 18.04 -28.16
CA VAL A 244 -40.31 18.24 -26.89
C VAL A 244 -40.52 19.66 -26.44
N SER A 245 -40.86 19.84 -25.16
CA SER A 245 -41.17 21.18 -24.62
C SER A 245 -40.60 21.32 -23.23
N CYS A 246 -40.27 22.55 -22.85
CA CYS A 246 -39.73 22.78 -21.52
C CYS A 246 -39.74 24.23 -21.09
N CYS A 247 -39.46 24.43 -19.81
CA CYS A 247 -39.13 25.74 -19.29
C CYS A 247 -38.28 25.53 -18.03
N ASP A 248 -37.21 26.31 -17.89
CA ASP A 248 -36.31 26.16 -16.73
C ASP A 248 -35.85 27.52 -16.22
N ILE A 249 -36.68 28.10 -15.37
CA ILE A 249 -36.39 29.34 -14.68
C ILE A 249 -35.60 29.02 -13.41
N VAL A 250 -34.43 29.65 -13.25
CA VAL A 250 -33.57 29.38 -12.10
C VAL A 250 -33.46 30.52 -11.08
N GLY A 251 -34.15 31.63 -11.35
CA GLY A 251 -34.28 32.74 -10.40
C GLY A 251 -34.16 34.07 -11.12
N PHE A 252 -33.82 35.10 -10.35
CA PHE A 252 -33.67 36.47 -10.86
C PHE A 252 -32.25 36.97 -10.62
N LEU A 253 -31.75 37.73 -11.60
CA LEU A 253 -30.55 38.52 -11.45
C LEU A 253 -30.97 39.88 -10.91
N VAL A 254 -30.33 40.31 -9.82
CA VAL A 254 -30.66 41.56 -9.17
C VAL A 254 -29.60 42.61 -9.50
N GLY A 255 -29.98 43.61 -10.30
CA GLY A 255 -29.05 44.66 -10.69
C GLY A 255 -28.71 45.62 -9.55
N LYS A 256 -27.67 46.44 -9.80
CA LYS A 256 -27.19 47.40 -8.81
C LYS A 256 -28.28 48.23 -8.14
N ASP A 257 -29.24 48.67 -8.93
CA ASP A 257 -30.27 49.57 -8.44
C ASP A 257 -31.56 48.82 -8.03
N GLY A 258 -31.53 47.49 -8.09
CA GLY A 258 -32.65 46.67 -7.65
C GLY A 258 -33.52 46.17 -8.79
N ASP A 259 -33.20 46.57 -10.02
CA ASP A 259 -33.90 46.09 -11.20
C ASP A 259 -33.66 44.58 -11.32
N MET A 260 -34.69 43.81 -11.68
CA MET A 260 -34.55 42.35 -11.72
C MET A 260 -34.95 41.74 -13.06
N GLN A 261 -34.30 40.63 -13.42
CA GLN A 261 -34.54 39.92 -14.67
C GLN A 261 -34.60 38.43 -14.38
N TYR A 262 -35.53 37.73 -15.01
CA TYR A 262 -35.52 36.28 -15.00
C TYR A 262 -34.24 35.75 -15.62
N ARG A 263 -33.73 34.65 -15.07
CA ARG A 263 -32.66 33.91 -15.69
C ARG A 263 -33.14 32.48 -15.93
N GLY A 264 -32.93 31.97 -17.14
CA GLY A 264 -33.20 30.57 -17.48
C GLY A 264 -31.98 29.84 -18.02
N LEU A 265 -32.06 28.52 -18.01
CA LEU A 265 -31.00 27.66 -18.49
C LEU A 265 -31.53 26.71 -19.56
N PRO A 266 -30.64 26.22 -20.43
CA PRO A 266 -31.04 25.28 -21.46
C PRO A 266 -31.27 23.88 -20.89
N ARG A 267 -31.98 23.08 -21.67
CA ARG A 267 -32.24 21.70 -21.30
C ARG A 267 -31.85 20.76 -22.42
N TYR A 268 -31.18 19.67 -22.04
CA TYR A 268 -30.75 18.60 -22.94
C TYR A 268 -31.70 17.41 -22.85
N PHE A 269 -31.91 16.75 -24.00
CA PHE A 269 -32.73 15.54 -24.07
C PHE A 269 -32.03 14.46 -24.88
N ASN A 270 -32.14 13.22 -24.42
CA ASN A 270 -31.75 12.04 -25.19
C ASN A 270 -32.94 11.09 -25.09
N ILE A 271 -33.64 10.91 -26.22
CA ILE A 271 -34.89 10.15 -26.25
C ILE A 271 -34.69 8.87 -27.04
N LEU A 272 -35.09 7.73 -26.46
CA LEU A 272 -35.02 6.45 -27.12
C LEU A 272 -36.41 6.11 -27.66
N LEU A 273 -36.49 5.75 -28.93
CA LEU A 273 -37.73 5.36 -29.59
C LEU A 273 -37.63 4.01 -30.23
N ARG A 274 -38.76 3.33 -30.34
CA ARG A 274 -38.87 2.03 -30.96
C ARG A 274 -40.04 1.97 -31.91
N LYS A 275 -39.98 1.07 -32.88
CA LYS A 275 -41.06 0.95 -33.84
C LYS A 275 -42.18 0.14 -33.24
N ARG A 276 -43.40 0.65 -33.37
CA ARG A 276 -44.61 -0.03 -32.92
C ARG A 276 -45.62 -0.16 -34.07
N THR A 277 -46.17 -1.34 -34.24
CA THR A 277 -47.25 -1.59 -35.18
C THR A 277 -48.57 -1.13 -34.55
N VAL A 278 -49.41 -0.46 -35.34
CA VAL A 278 -50.71 0.04 -34.92
C VAL A 278 -51.76 -0.34 -35.97
N ARG A 279 -53.02 -0.40 -35.55
CA ARG A 279 -54.10 -0.67 -36.46
C ARG A 279 -54.28 0.54 -37.38
N ASN A 280 -54.62 0.23 -38.63
CA ASN A 280 -55.02 1.21 -39.64
C ASN A 280 -56.41 0.83 -40.15
N ASN B 9 -18.28 3.32 -31.08
CA ASN B 9 -17.46 3.40 -29.83
C ASN B 9 -16.69 2.09 -29.58
N ILE B 10 -16.42 1.78 -28.31
CA ILE B 10 -15.75 0.53 -27.94
C ILE B 10 -16.75 -0.62 -27.97
N GLU B 11 -16.38 -1.74 -28.56
CA GLU B 11 -17.21 -2.95 -28.56
C GLU B 11 -16.83 -3.83 -27.37
N VAL B 12 -17.78 -3.94 -26.46
CA VAL B 12 -17.54 -4.52 -25.15
C VAL B 12 -17.84 -6.02 -25.20
N LEU B 13 -16.91 -6.83 -24.71
CA LEU B 13 -17.06 -8.30 -24.70
C LEU B 13 -17.21 -8.78 -23.24
N ASN B 14 -16.62 -9.91 -22.87
CA ASN B 14 -16.90 -10.51 -21.57
C ASN B 14 -15.94 -10.02 -20.49
N LEU B 15 -16.37 -10.19 -19.26
CA LEU B 15 -15.52 -9.97 -18.11
C LEU B 15 -14.42 -10.98 -18.05
N VAL B 16 -13.25 -10.53 -17.62
CA VAL B 16 -12.14 -11.41 -17.33
C VAL B 16 -12.28 -11.90 -15.88
N THR B 17 -12.18 -13.21 -15.67
CA THR B 17 -12.35 -13.76 -14.32
C THR B 17 -11.01 -14.16 -13.72
N GLY B 18 -11.02 -14.38 -12.42
CA GLY B 18 -9.89 -15.00 -11.72
C GLY B 18 -9.29 -14.08 -10.68
N PRO B 19 -8.22 -14.54 -10.02
CA PRO B 19 -7.73 -13.86 -8.81
C PRO B 19 -7.02 -12.53 -8.99
N ASP B 20 -6.75 -12.14 -10.24
CA ASP B 20 -6.12 -10.85 -10.56
C ASP B 20 -7.05 -9.92 -11.35
N SER B 21 -8.34 -10.22 -11.39
CA SER B 21 -9.27 -9.50 -12.27
C SER B 21 -9.81 -8.18 -11.71
N ILE B 22 -9.55 -7.88 -10.44
CA ILE B 22 -10.05 -6.68 -9.77
C ILE B 22 -8.89 -5.86 -9.25
N THR B 23 -9.05 -4.54 -9.24
CA THR B 23 -8.11 -3.67 -8.53
C THR B 23 -8.88 -2.51 -7.92
N THR B 24 -8.30 -1.86 -6.93
CA THR B 24 -8.87 -0.64 -6.40
C THR B 24 -7.89 0.53 -6.43
N ILE B 25 -8.46 1.71 -6.55
CA ILE B 25 -7.72 2.96 -6.62
C ILE B 25 -8.29 3.88 -5.55
N GLU B 26 -7.41 4.39 -4.71
CA GLU B 26 -7.79 5.33 -3.70
C GLU B 26 -7.04 6.62 -3.90
N LEU B 27 -7.73 7.74 -3.74
CA LEU B 27 -7.11 9.05 -3.85
C LEU B 27 -7.93 10.14 -3.17
N TYR B 28 -7.32 11.29 -2.99
CA TYR B 28 -8.04 12.49 -2.65
C TYR B 28 -7.63 13.65 -3.55
N LEU B 29 -8.54 14.61 -3.68
CA LEU B 29 -8.30 15.84 -4.41
C LEU B 29 -8.56 17.02 -3.47
N ASN B 30 -7.55 17.87 -3.31
CA ASN B 30 -7.76 19.10 -2.57
C ASN B 30 -8.51 20.14 -3.42
N THR B 31 -9.23 21.01 -2.73
CA THR B 31 -10.07 22.03 -3.36
C THR B 31 -9.26 23.10 -4.10
N ARG B 32 -9.86 23.69 -5.15
CA ARG B 32 -9.21 24.73 -5.95
C ARG B 32 -10.13 25.96 -5.96
N MET B 33 -10.20 26.63 -4.81
CA MET B 33 -11.11 27.77 -4.69
C MET B 33 -10.51 29.08 -5.20
N GLY B 34 -9.21 29.12 -5.40
CA GLY B 34 -8.55 30.32 -5.95
C GLY B 34 -7.16 30.55 -5.43
N GLN B 35 -6.97 30.37 -4.12
CA GLN B 35 -5.66 30.29 -3.51
C GLN B 35 -5.33 28.80 -3.40
N ASN B 36 -4.56 28.30 -4.37
CA ASN B 36 -4.40 26.88 -4.54
C ASN B 36 -2.99 26.40 -4.21
N ASP B 37 -2.21 27.27 -3.58
CA ASP B 37 -0.85 26.97 -3.14
C ASP B 37 -0.89 26.60 -1.65
N GLU B 38 -0.62 25.33 -1.36
CA GLU B 38 -0.70 24.78 0.02
C GLU B 38 0.32 25.39 0.99
N SER B 39 1.33 26.08 0.46
CA SER B 39 2.32 26.72 1.30
C SER B 39 1.92 28.13 1.72
N LYS B 40 0.78 28.62 1.23
CA LYS B 40 0.37 30.01 1.49
C LYS B 40 -0.90 30.15 2.33
N ASP B 41 -1.04 31.32 2.95
CA ASP B 41 -2.20 31.61 3.77
C ASP B 41 -3.41 31.53 2.87
N ASN B 42 -4.58 31.38 3.45
CA ASN B 42 -5.81 31.27 2.63
C ASN B 42 -5.90 30.08 1.67
N TYR B 43 -5.05 29.06 1.83
CA TYR B 43 -5.22 27.81 1.09
C TYR B 43 -6.61 27.26 1.37
N GLY B 44 -7.26 26.77 0.33
CA GLY B 44 -8.58 26.19 0.47
C GLY B 44 -9.70 27.21 0.46
N TYR B 45 -9.37 28.47 0.23
CA TYR B 45 -10.33 29.54 0.08
C TYR B 45 -10.03 30.29 -1.23
N SER B 46 -10.98 31.07 -1.71
CA SER B 46 -10.69 32.05 -2.75
C SER B 46 -10.05 33.31 -2.16
N GLU B 47 -9.47 34.12 -3.03
CA GLU B 47 -9.19 35.50 -2.66
C GLU B 47 -10.54 36.24 -2.49
N LYS B 48 -10.49 37.41 -1.87
CA LYS B 48 -11.71 38.18 -1.60
C LYS B 48 -12.53 38.41 -2.88
N VAL B 49 -13.84 38.19 -2.81
CA VAL B 49 -14.74 38.43 -3.94
C VAL B 49 -14.90 39.94 -4.21
N THR B 50 -14.88 40.30 -5.49
CA THR B 50 -15.11 41.67 -5.93
C THR B 50 -16.30 41.68 -6.87
N VAL B 51 -16.87 42.86 -7.10
CA VAL B 51 -18.12 42.96 -7.86
C VAL B 51 -17.96 44.00 -8.98
N ALA B 52 -18.32 43.59 -10.19
CA ALA B 52 -18.20 44.44 -11.37
C ALA B 52 -19.03 45.70 -11.25
N ASN B 53 -18.48 46.81 -11.74
CA ASN B 53 -19.23 48.07 -11.79
C ASN B 53 -20.31 48.04 -12.86
N SER B 54 -20.05 47.32 -13.95
CA SER B 54 -21.01 47.13 -15.03
C SER B 54 -20.67 45.84 -15.77
N SER B 55 -21.60 45.33 -16.57
CA SER B 55 -21.38 44.05 -17.23
C SER B 55 -20.25 44.07 -18.25
N ASP B 56 -19.93 45.25 -18.77
CA ASP B 56 -18.81 45.36 -19.72
C ASP B 56 -17.48 45.67 -19.04
N GLN B 57 -17.48 45.74 -17.72
CA GLN B 57 -16.26 45.88 -16.93
C GLN B 57 -16.27 44.82 -15.85
N ASP B 58 -16.48 43.57 -16.27
CA ASP B 58 -16.57 42.44 -15.34
C ASP B 58 -15.29 41.63 -15.48
N LYS B 59 -14.31 41.97 -14.63
CA LYS B 59 -12.96 41.42 -14.69
C LYS B 59 -12.58 40.90 -13.30
N PRO B 60 -12.86 39.62 -13.05
CA PRO B 60 -12.52 39.09 -11.71
C PRO B 60 -11.04 39.22 -11.41
N THR B 61 -10.72 39.51 -10.16
CA THR B 61 -9.32 39.54 -9.73
C THR B 61 -8.72 38.12 -9.78
N SER B 62 -7.39 38.07 -9.84
CA SER B 62 -6.71 36.80 -9.82
C SER B 62 -6.94 36.08 -8.49
N GLY B 63 -7.40 34.84 -8.59
CA GLY B 63 -7.61 34.01 -7.41
C GLY B 63 -8.97 34.10 -6.78
N GLU B 64 -9.91 34.88 -7.32
CA GLU B 64 -11.24 34.92 -6.71
C GLU B 64 -12.26 33.94 -7.34
N ILE B 65 -11.80 33.10 -8.29
CA ILE B 65 -12.63 32.22 -9.11
C ILE B 65 -12.38 30.73 -8.82
N PRO B 66 -13.39 30.01 -8.27
CA PRO B 66 -13.23 28.56 -8.11
C PRO B 66 -13.11 27.82 -9.43
N THR B 67 -12.29 26.77 -9.43
CA THR B 67 -12.05 25.92 -10.61
C THR B 67 -12.25 24.44 -10.23
N TYR B 68 -12.41 23.59 -11.25
CA TYR B 68 -12.53 22.16 -11.01
C TYR B 68 -11.21 21.54 -10.55
N SER B 69 -11.31 20.59 -9.64
CA SER B 69 -10.20 19.71 -9.28
C SER B 69 -10.24 18.49 -10.20
N THR B 70 -9.10 18.03 -10.64
CA THR B 70 -9.05 16.85 -11.49
C THR B 70 -7.72 16.13 -11.40
N ALA B 71 -7.76 14.83 -11.63
CA ALA B 71 -6.54 14.04 -11.77
C ALA B 71 -6.71 12.87 -12.73
N ARG B 72 -5.62 12.51 -13.41
CA ARG B 72 -5.52 11.23 -14.13
C ARG B 72 -4.67 10.25 -13.34
N ILE B 73 -5.23 9.08 -13.05
CA ILE B 73 -4.51 8.06 -12.31
C ILE B 73 -4.08 6.96 -13.27
N ASN B 74 -2.79 6.58 -13.22
CA ASN B 74 -2.27 5.49 -14.02
C ASN B 74 -2.70 4.17 -13.41
N LEU B 75 -3.27 3.30 -14.22
CA LEU B 75 -3.67 1.97 -13.76
C LEU B 75 -2.65 0.90 -14.13
N PRO B 76 -2.73 -0.28 -13.50
CA PRO B 76 -1.80 -1.34 -13.88
C PRO B 76 -1.90 -1.67 -15.37
N MET B 77 -0.76 -1.82 -16.02
CA MET B 77 -0.74 -2.05 -17.44
C MET B 77 -1.31 -3.42 -17.80
N LEU B 78 -2.20 -3.43 -18.79
CA LEU B 78 -2.76 -4.64 -19.37
C LEU B 78 -2.10 -4.76 -20.75
N ASN B 79 -2.37 -5.81 -21.52
CA ASN B 79 -1.94 -5.86 -22.94
C ASN B 79 -0.44 -5.62 -23.21
N GLU B 80 0.37 -6.67 -23.11
CA GLU B 80 1.77 -6.57 -23.55
C GLU B 80 1.86 -6.50 -25.09
N ASP B 81 0.81 -6.95 -25.78
CA ASP B 81 0.71 -6.90 -27.24
C ASP B 81 -0.57 -6.12 -27.62
N LEU B 82 -0.41 -5.14 -28.51
CA LEU B 82 -1.51 -4.28 -28.95
C LEU B 82 -2.09 -4.65 -30.32
N THR B 83 -1.47 -5.63 -30.99
CA THR B 83 -1.91 -6.05 -32.32
C THR B 83 -2.98 -7.15 -32.27
N CYS B 84 -3.47 -7.48 -31.08
CA CYS B 84 -4.40 -8.59 -30.89
C CYS B 84 -5.82 -8.29 -31.38
N ASN B 85 -6.55 -9.38 -31.65
CA ASN B 85 -7.97 -9.32 -32.02
C ASN B 85 -8.83 -8.63 -30.95
N THR B 86 -8.53 -8.94 -29.70
CA THR B 86 -9.20 -8.33 -28.57
C THR B 86 -8.16 -7.77 -27.62
N LEU B 87 -8.61 -6.88 -26.74
CA LEU B 87 -7.74 -6.30 -25.74
C LEU B 87 -8.47 -6.29 -24.41
N THR B 88 -7.74 -6.00 -23.34
CA THR B 88 -8.32 -5.88 -22.02
C THR B 88 -8.29 -4.41 -21.58
N MET B 89 -9.35 -3.98 -20.92
CA MET B 89 -9.43 -2.63 -20.38
C MET B 89 -9.91 -2.70 -18.94
N TRP B 90 -9.49 -1.74 -18.12
CA TRP B 90 -10.08 -1.56 -16.79
C TRP B 90 -11.42 -0.87 -16.90
N GLU B 91 -12.41 -1.44 -16.22
CA GLU B 91 -13.77 -0.92 -16.20
C GLU B 91 -14.08 -0.48 -14.77
N ALA B 92 -14.42 0.78 -14.58
CA ALA B 92 -14.78 1.28 -13.24
C ALA B 92 -16.20 0.83 -12.90
N VAL B 93 -16.31 0.10 -11.80
CA VAL B 93 -17.58 -0.57 -11.41
C VAL B 93 -18.33 0.29 -10.41
N SER B 94 -17.62 0.87 -9.45
CA SER B 94 -18.25 1.58 -8.35
C SER B 94 -17.26 2.52 -7.69
N VAL B 95 -17.80 3.49 -6.97
CA VAL B 95 -16.98 4.44 -6.22
C VAL B 95 -17.60 4.73 -4.85
N LYS B 96 -16.74 4.78 -3.84
CA LYS B 96 -17.13 5.32 -2.52
C LYS B 96 -16.46 6.68 -2.44
N THR B 97 -17.26 7.72 -2.28
CA THR B 97 -16.70 9.09 -2.26
C THR B 97 -17.33 9.88 -1.12
N GLU B 98 -16.51 10.71 -0.48
CA GLU B 98 -16.95 11.56 0.62
C GLU B 98 -16.23 12.88 0.63
N VAL B 99 -16.94 13.88 1.10
CA VAL B 99 -16.35 15.18 1.37
C VAL B 99 -15.64 15.12 2.73
N VAL B 100 -14.39 15.57 2.76
CA VAL B 100 -13.54 15.48 3.95
C VAL B 100 -13.54 16.81 4.68
N GLY B 101 -13.48 16.75 6.00
CA GLY B 101 -13.41 17.95 6.82
C GLY B 101 -14.69 18.71 7.03
N VAL B 102 -15.83 18.05 6.90
CA VAL B 102 -17.08 18.75 7.13
C VAL B 102 -17.13 19.36 8.55
N SER B 103 -16.58 18.66 9.53
CA SER B 103 -16.61 19.12 10.93
C SER B 103 -15.86 20.43 11.12
N SER B 104 -14.92 20.74 10.21
CA SER B 104 -14.22 22.02 10.25
C SER B 104 -15.17 23.22 10.18
N LEU B 105 -16.40 23.00 9.71
CA LEU B 105 -17.37 24.07 9.64
C LEU B 105 -18.04 24.37 10.99
N VAL B 106 -17.77 23.55 12.00
CA VAL B 106 -18.20 23.79 13.36
C VAL B 106 -17.16 24.72 14.01
N ASN B 107 -17.18 25.97 13.59
CA ASN B 107 -16.19 26.94 14.05
C ASN B 107 -16.78 28.33 13.88
N VAL B 108 -17.07 28.96 15.01
CA VAL B 108 -17.67 30.29 15.05
C VAL B 108 -16.84 31.29 15.87
N HIS B 109 -15.53 31.01 16.00
CA HIS B 109 -14.62 31.94 16.70
C HIS B 109 -13.55 32.53 15.78
N MET B 110 -13.66 32.31 14.48
CA MET B 110 -12.70 32.88 13.54
C MET B 110 -12.91 34.38 13.41
N ALA B 111 -11.90 35.08 12.88
CA ALA B 111 -11.99 36.52 12.70
C ALA B 111 -12.99 36.87 11.62
N THR B 112 -14.25 37.01 12.03
CA THR B 112 -15.37 37.15 11.12
C THR B 112 -16.33 38.20 11.62
N LYS B 113 -17.26 38.57 10.75
CA LYS B 113 -18.45 39.27 11.20
C LYS B 113 -19.18 38.41 12.26
N ARG B 114 -19.92 39.05 13.14
CA ARG B 114 -20.56 38.29 14.21
C ARG B 114 -21.99 38.73 14.47
N MET B 115 -22.74 37.85 15.15
CA MET B 115 -24.15 38.11 15.47
C MET B 115 -24.39 39.03 16.66
N TYR B 116 -25.59 39.61 16.73
CA TYR B 116 -26.14 40.30 17.89
C TYR B 116 -25.23 41.38 18.47
N ASP B 117 -24.97 42.42 17.68
CA ASP B 117 -24.28 43.61 18.21
C ASP B 117 -22.92 43.30 18.84
N ASP B 118 -22.13 42.51 18.11
CA ASP B 118 -20.76 42.14 18.49
C ASP B 118 -20.64 41.29 19.76
N LYS B 119 -21.74 40.66 20.17
CA LYS B 119 -21.72 39.80 21.34
C LYS B 119 -21.87 38.32 21.01
N GLY B 120 -22.48 38.00 19.88
CA GLY B 120 -22.78 36.62 19.50
C GLY B 120 -21.68 35.89 18.78
N ILE B 121 -22.04 34.76 18.18
CA ILE B 121 -21.09 33.94 17.46
C ILE B 121 -20.53 34.66 16.24
N GLY B 122 -19.34 34.26 15.83
CA GLY B 122 -18.85 34.57 14.49
C GLY B 122 -19.74 33.88 13.47
N PHE B 123 -19.95 34.50 12.32
CA PHE B 123 -20.74 33.85 11.25
C PHE B 123 -20.02 32.58 10.83
N PRO B 124 -20.73 31.45 10.79
CA PRO B 124 -20.12 30.25 10.23
C PRO B 124 -19.98 30.38 8.73
N VAL B 125 -19.15 29.55 8.12
CA VAL B 125 -19.13 29.46 6.66
C VAL B 125 -20.54 29.10 6.20
N GLU B 126 -21.10 29.89 5.28
CA GLU B 126 -22.48 29.70 4.89
C GLU B 126 -22.77 30.30 3.54
N GLY B 127 -23.90 29.92 2.95
CA GLY B 127 -24.27 30.40 1.66
C GLY B 127 -24.19 29.30 0.61
N MET B 128 -23.90 29.72 -0.61
CA MET B 128 -23.89 28.83 -1.78
C MET B 128 -23.11 27.55 -1.57
N ASN B 129 -23.74 26.42 -1.92
CA ASN B 129 -23.09 25.15 -1.97
C ASN B 129 -23.12 24.61 -3.39
N PHE B 130 -22.00 24.02 -3.82
CA PHE B 130 -21.93 23.40 -5.14
C PHE B 130 -21.07 22.17 -4.99
N HIS B 131 -21.63 21.03 -5.35
CA HIS B 131 -20.96 19.75 -5.18
C HIS B 131 -21.09 18.93 -6.41
N MET B 132 -19.96 18.53 -6.97
CA MET B 132 -20.01 17.60 -8.08
CA MET B 132 -19.94 17.70 -8.18
C MET B 132 -18.80 16.70 -8.10
N PHE B 133 -19.01 15.50 -8.60
CA PHE B 133 -17.87 14.62 -8.90
C PHE B 133 -18.14 13.88 -10.20
N ALA B 134 -17.06 13.43 -10.80
CA ALA B 134 -17.12 12.63 -12.02
C ALA B 134 -16.03 11.58 -12.00
N VAL B 135 -16.35 10.41 -12.51
CA VAL B 135 -15.39 9.32 -12.70
C VAL B 135 -15.52 8.82 -14.12
N GLY B 136 -14.42 8.82 -14.89
CA GLY B 136 -14.50 8.35 -16.27
C GLY B 136 -13.23 7.70 -16.77
N GLY B 137 -13.31 7.18 -17.99
CA GLY B 137 -12.19 6.52 -18.65
C GLY B 137 -11.45 7.43 -19.62
N GLU B 138 -11.74 8.72 -19.53
CA GLU B 138 -11.14 9.76 -20.36
C GLU B 138 -11.52 11.12 -19.71
N PRO B 139 -10.89 12.23 -20.13
CA PRO B 139 -11.23 13.51 -19.49
C PRO B 139 -12.72 13.88 -19.59
N LEU B 140 -13.21 14.54 -18.54
CA LEU B 140 -14.56 15.07 -18.50
C LEU B 140 -14.72 16.06 -19.67
N GLU B 141 -15.76 15.85 -20.49
CA GLU B 141 -16.03 16.73 -21.61
C GLU B 141 -16.92 17.87 -21.15
N LEU B 142 -16.52 19.08 -21.54
CA LEU B 142 -17.08 20.32 -21.01
C LEU B 142 -17.78 21.14 -22.08
N GLN B 143 -18.82 21.84 -21.64
CA GLN B 143 -19.58 22.80 -22.43
C GLN B 143 -19.44 24.18 -21.76
N PHE B 144 -19.18 25.20 -22.57
CA PHE B 144 -19.11 26.55 -22.05
C PHE B 144 -20.52 27.12 -21.91
N LEU B 145 -20.79 27.76 -20.77
CA LEU B 145 -22.03 28.51 -20.58
C LEU B 145 -21.81 29.45 -19.43
N THR B 146 -22.12 30.73 -19.65
CA THR B 146 -21.81 31.75 -18.66
C THR B 146 -23.00 32.67 -18.39
N GLY B 147 -23.01 33.23 -17.18
CA GLY B 147 -23.96 34.29 -16.85
C GLY B 147 -23.69 35.65 -17.48
N ASN B 148 -22.47 35.85 -17.96
CA ASN B 148 -22.08 37.10 -18.60
C ASN B 148 -21.06 36.84 -19.71
N TYR B 149 -21.47 36.98 -20.97
CA TYR B 149 -20.61 36.63 -22.08
C TYR B 149 -19.34 37.51 -22.08
N ARG B 150 -19.40 38.69 -21.48
CA ARG B 150 -18.28 39.65 -21.51
C ARG B 150 -17.23 39.46 -20.42
N THR B 151 -17.44 38.52 -19.52
CA THR B 151 -16.49 38.29 -18.43
C THR B 151 -15.07 38.23 -18.99
N ASP B 152 -14.18 39.01 -18.37
CA ASP B 152 -12.78 39.16 -18.79
C ASP B 152 -11.90 38.40 -17.81
N TYR B 153 -11.31 37.29 -18.24
CA TYR B 153 -10.50 36.45 -17.37
C TYR B 153 -8.99 36.78 -17.39
N SER B 154 -8.65 37.93 -17.95
CA SER B 154 -7.24 38.26 -18.24
C SER B 154 -6.41 38.65 -17.02
N ALA B 155 -7.03 38.81 -15.85
CA ALA B 155 -6.23 38.98 -14.62
C ALA B 155 -5.44 37.71 -14.29
N ASN B 156 -5.84 36.57 -14.85
CA ASN B 156 -5.18 35.31 -14.56
C ASN B 156 -5.09 34.49 -15.82
N ASP B 157 -3.91 34.51 -16.44
CA ASP B 157 -3.76 33.84 -17.73
C ASP B 157 -3.56 32.34 -17.58
N LYS B 158 -3.63 31.83 -16.35
CA LYS B 158 -3.53 30.40 -16.13
C LYS B 158 -4.92 29.74 -16.23
N LEU B 159 -5.98 30.54 -16.24
CA LEU B 159 -7.33 29.99 -16.41
C LEU B 159 -7.56 29.61 -17.87
N VAL B 160 -8.17 28.44 -18.10
CA VAL B 160 -8.50 27.99 -19.44
C VAL B 160 -9.96 28.40 -19.78
N VAL B 161 -10.07 29.32 -20.73
CA VAL B 161 -11.33 29.88 -21.18
C VAL B 161 -11.25 30.03 -22.70
N PRO B 162 -12.41 30.24 -23.37
CA PRO B 162 -12.36 30.41 -24.82
C PRO B 162 -11.63 31.70 -25.20
N PRO B 163 -10.98 31.71 -26.36
CA PRO B 163 -10.27 32.89 -26.81
C PRO B 163 -11.17 33.99 -27.37
N ILE B 164 -12.42 33.68 -27.69
CA ILE B 164 -13.36 34.65 -28.27
C ILE B 164 -14.60 34.66 -27.40
N LYS B 165 -15.24 35.83 -27.33
CA LYS B 165 -16.49 36.00 -26.58
C LYS B 165 -17.65 36.26 -27.55
N HIS B 166 -18.85 35.81 -27.17
CA HIS B 166 -20.00 36.06 -27.98
C HIS B 166 -21.27 35.95 -27.14
N GLN B 167 -22.24 36.79 -27.49
CA GLN B 167 -23.53 36.90 -26.80
C GLN B 167 -24.23 35.57 -26.58
N SER B 168 -24.08 34.67 -27.54
CA SER B 168 -24.81 33.38 -27.53
C SER B 168 -24.34 32.42 -26.44
N THR B 169 -23.18 32.69 -25.83
CA THR B 169 -22.66 31.84 -24.77
C THR B 169 -23.38 32.02 -23.41
N GLN B 170 -24.39 32.89 -23.35
CA GLN B 170 -25.26 32.92 -22.16
C GLN B 170 -26.35 31.87 -22.27
N GLY B 171 -26.41 31.22 -23.43
CA GLY B 171 -27.17 29.98 -23.64
C GLY B 171 -26.16 28.90 -24.07
N LEU B 172 -26.67 27.85 -24.68
CA LEU B 172 -25.86 26.70 -25.12
C LEU B 172 -25.48 26.93 -26.57
N ASN B 173 -24.18 27.17 -26.80
CA ASN B 173 -23.64 27.26 -28.13
C ASN B 173 -22.63 26.12 -28.25
N PRO B 174 -22.95 25.07 -29.03
CA PRO B 174 -22.11 23.88 -29.12
C PRO B 174 -20.75 24.12 -29.77
N HIS B 175 -20.49 25.31 -30.30
CA HIS B 175 -19.15 25.64 -30.80
C HIS B 175 -18.13 25.93 -29.68
N TYR B 176 -18.59 26.00 -28.43
CA TYR B 176 -17.73 26.34 -27.29
C TYR B 176 -17.63 25.16 -26.33
N LYS B 177 -16.65 24.32 -26.56
CA LYS B 177 -16.45 23.11 -25.77
CA LYS B 177 -16.45 23.13 -25.74
C LYS B 177 -14.99 23.00 -25.33
N GLN B 178 -14.72 22.09 -24.42
CA GLN B 178 -13.38 21.82 -23.94
C GLN B 178 -13.35 20.43 -23.27
N LYS B 179 -12.18 20.03 -22.78
CA LYS B 179 -12.01 18.82 -21.97
C LYS B 179 -11.24 19.19 -20.73
N LEU B 180 -11.63 18.62 -19.60
CA LEU B 180 -11.03 18.94 -18.30
C LEU B 180 -9.68 18.21 -18.16
N THR B 181 -8.62 18.88 -18.60
CA THR B 181 -7.29 18.29 -18.72
C THR B 181 -6.28 18.90 -17.75
N LYS B 182 -6.70 19.84 -16.93
CA LYS B 182 -5.78 20.50 -16.01
C LYS B 182 -6.50 20.83 -14.72
N ASP B 183 -5.87 20.47 -13.62
CA ASP B 183 -6.35 20.81 -12.29
C ASP B 183 -6.22 22.31 -12.01
N GLY B 184 -7.22 22.86 -11.33
CA GLY B 184 -7.17 24.23 -10.85
C GLY B 184 -7.12 25.32 -11.92
N ALA B 185 -7.72 25.05 -13.07
CA ALA B 185 -7.59 25.96 -14.23
C ALA B 185 -8.89 26.26 -14.99
N PHE B 186 -9.90 25.41 -14.88
CA PHE B 186 -11.14 25.58 -15.62
C PHE B 186 -12.17 26.16 -14.66
N PRO B 187 -12.59 27.41 -14.88
CA PRO B 187 -13.58 27.98 -13.94
C PRO B 187 -14.92 27.25 -13.94
N VAL B 188 -15.45 27.01 -12.74
CA VAL B 188 -16.76 26.43 -12.57
C VAL B 188 -17.85 27.32 -13.15
N GLU B 189 -17.67 28.64 -13.02
CA GLU B 189 -18.69 29.59 -13.47
C GLU B 189 -18.96 29.59 -14.97
N CYS B 190 -18.06 29.07 -15.78
CA CYS B 190 -18.27 29.09 -17.23
C CYS B 190 -18.14 27.74 -17.94
N TRP B 191 -17.78 26.68 -17.21
CA TRP B 191 -17.67 25.34 -17.81
C TRP B 191 -18.52 24.36 -17.00
N CYS B 192 -19.34 23.58 -17.71
CA CYS B 192 -20.18 22.54 -17.11
C CYS B 192 -20.00 21.24 -17.90
N PRO B 193 -20.42 20.11 -17.31
CA PRO B 193 -20.36 18.89 -18.13
C PRO B 193 -21.18 19.00 -19.40
N ASP B 194 -20.64 18.49 -20.49
CA ASP B 194 -21.34 18.45 -21.76
C ASP B 194 -22.24 17.22 -21.78
N PRO B 195 -23.56 17.43 -21.70
CA PRO B 195 -24.45 16.27 -21.64
C PRO B 195 -24.61 15.53 -22.98
N SER B 196 -24.15 16.12 -24.09
CA SER B 196 -24.20 15.47 -25.39
C SER B 196 -23.00 14.55 -25.64
N LYS B 197 -22.03 14.58 -24.74
CA LYS B 197 -20.89 13.70 -24.81
C LYS B 197 -20.81 12.94 -23.48
N ASN B 198 -19.62 12.69 -22.96
CA ASN B 198 -19.47 12.00 -21.67
C ASN B 198 -20.11 10.61 -21.62
N GLU B 199 -20.11 9.88 -22.73
CA GLU B 199 -20.63 8.51 -22.76
C GLU B 199 -19.80 7.57 -21.88
N ASN B 200 -18.53 7.95 -21.65
CA ASN B 200 -17.60 7.12 -20.93
C ASN B 200 -17.21 7.70 -19.56
N THR B 201 -18.08 8.56 -19.00
CA THR B 201 -17.90 9.20 -17.71
C THR B 201 -19.26 9.19 -17.00
N ARG B 202 -19.23 9.07 -15.68
CA ARG B 202 -20.44 9.29 -14.89
C ARG B 202 -20.22 10.52 -14.08
N TYR B 203 -21.17 11.46 -14.12
CA TYR B 203 -21.07 12.67 -13.28
C TYR B 203 -22.34 12.97 -12.51
N TYR B 204 -22.17 13.62 -11.37
CA TYR B 204 -23.27 13.88 -10.41
C TYR B 204 -23.02 15.22 -9.79
N GLY B 205 -24.02 16.09 -9.81
CA GLY B 205 -23.81 17.41 -9.27
C GLY B 205 -25.04 18.02 -8.64
N SER B 206 -24.80 18.97 -7.76
CA SER B 206 -25.87 19.71 -7.10
C SER B 206 -25.44 21.13 -6.80
N TYR B 207 -26.44 22.01 -6.79
CA TYR B 207 -26.26 23.42 -6.45
C TYR B 207 -27.37 23.86 -5.53
N THR B 208 -26.98 24.50 -4.42
CA THR B 208 -27.92 25.19 -3.56
C THR B 208 -27.46 26.63 -3.41
N GLY B 209 -28.27 27.57 -3.86
CA GLY B 209 -27.84 28.96 -3.91
C GLY B 209 -28.29 29.81 -2.75
N GLY B 210 -28.59 31.07 -3.06
CA GLY B 210 -28.99 32.06 -2.06
C GLY B 210 -27.78 32.72 -1.38
N GLN B 211 -28.07 33.64 -0.48
CA GLN B 211 -27.03 34.53 0.09
C GLN B 211 -26.28 33.96 1.31
N SER B 212 -27.05 33.53 2.32
CA SER B 212 -26.49 33.05 3.59
CA SER B 212 -26.52 33.06 3.61
C SER B 212 -27.08 31.69 3.99
N THR B 213 -27.52 30.96 2.98
CA THR B 213 -28.16 29.65 3.12
C THR B 213 -27.38 28.64 3.97
N PRO B 214 -28.06 27.92 4.88
CA PRO B 214 -27.35 26.90 5.62
C PRO B 214 -26.74 25.82 4.73
N PRO B 215 -25.44 25.57 4.86
CA PRO B 215 -24.90 24.37 4.21
C PRO B 215 -25.50 23.11 4.84
N VAL B 216 -25.82 22.12 4.00
CA VAL B 216 -26.36 20.84 4.44
C VAL B 216 -25.47 19.78 3.86
N LEU B 217 -24.75 19.08 4.73
CA LEU B 217 -23.69 18.20 4.30
C LEU B 217 -23.77 16.89 5.05
N GLN B 218 -23.36 15.82 4.39
CA GLN B 218 -23.28 14.51 5.02
C GLN B 218 -21.92 13.91 4.79
N PHE B 219 -21.53 13.00 5.69
CA PHE B 219 -20.28 12.25 5.51
C PHE B 219 -20.44 10.87 6.14
N THR B 220 -20.03 9.84 5.41
CA THR B 220 -20.10 8.47 5.91
C THR B 220 -19.16 7.62 5.07
N ASN B 221 -18.70 6.51 5.65
CA ASN B 221 -17.91 5.52 4.87
C ASN B 221 -18.70 4.30 4.43
N THR B 222 -20.04 4.42 4.38
CA THR B 222 -20.88 3.27 4.16
C THR B 222 -21.63 3.24 2.83
N VAL B 223 -21.37 4.20 1.93
CA VAL B 223 -22.19 4.40 0.73
C VAL B 223 -21.37 4.14 -0.53
N THR B 224 -21.86 3.23 -1.37
CA THR B 224 -21.23 2.85 -2.63
C THR B 224 -22.11 3.33 -3.80
N THR B 225 -21.53 4.09 -4.71
CA THR B 225 -22.20 4.57 -5.93
C THR B 225 -21.83 3.64 -7.08
N VAL B 226 -22.82 2.99 -7.69
CA VAL B 226 -22.56 2.10 -8.81
C VAL B 226 -22.33 2.95 -10.07
N LEU B 227 -21.26 2.67 -10.82
CA LEU B 227 -20.89 3.39 -12.05
C LEU B 227 -21.33 2.69 -13.33
N LEU B 228 -21.89 1.49 -13.21
CA LEU B 228 -22.37 0.76 -14.37
C LEU B 228 -23.55 1.51 -14.99
N ASP B 229 -23.59 1.55 -16.32
CA ASP B 229 -24.73 2.15 -17.04
C ASP B 229 -25.88 1.16 -17.18
N GLU B 230 -26.87 1.55 -17.98
CA GLU B 230 -28.06 0.73 -18.17
C GLU B 230 -27.81 -0.60 -18.86
N ASN B 231 -26.67 -0.72 -19.56
CA ASN B 231 -26.25 -1.98 -20.17
C ASN B 231 -25.29 -2.83 -19.31
N GLY B 232 -25.00 -2.39 -18.08
CA GLY B 232 -24.11 -3.06 -17.17
C GLY B 232 -22.64 -2.80 -17.42
N VAL B 233 -22.35 -1.68 -18.08
CA VAL B 233 -20.96 -1.34 -18.46
C VAL B 233 -20.55 -0.08 -17.74
N GLY B 234 -19.41 -0.14 -17.05
CA GLY B 234 -18.85 1.04 -16.44
C GLY B 234 -17.91 1.80 -17.38
N PRO B 235 -17.40 2.94 -16.89
CA PRO B 235 -16.41 3.66 -17.67
C PRO B 235 -15.23 2.76 -17.98
N LEU B 236 -14.74 2.84 -19.22
CA LEU B 236 -13.66 1.97 -19.69
C LEU B 236 -12.40 2.84 -19.85
N CYS B 237 -11.33 2.44 -19.18
CA CYS B 237 -10.16 3.34 -19.00
C CYS B 237 -9.20 3.31 -20.20
N LYS B 238 -9.38 4.28 -21.09
CA LYS B 238 -8.58 4.38 -22.30
C LYS B 238 -7.12 4.67 -21.96
N GLY B 239 -6.21 3.91 -22.56
CA GLY B 239 -4.79 4.06 -22.27
C GLY B 239 -4.43 3.76 -20.82
N ASP B 240 -5.29 3.00 -20.15
CA ASP B 240 -5.09 2.61 -18.75
C ASP B 240 -5.07 3.82 -17.81
N GLY B 241 -5.85 4.83 -18.14
CA GLY B 241 -5.97 6.04 -17.32
C GLY B 241 -7.39 6.19 -16.78
N LEU B 242 -7.47 6.50 -15.48
CA LEU B 242 -8.73 6.74 -14.79
C LEU B 242 -8.79 8.22 -14.47
N TYR B 243 -9.91 8.86 -14.81
CA TYR B 243 -10.06 10.32 -14.63
C TYR B 243 -11.10 10.64 -13.59
N VAL B 244 -10.67 11.44 -12.62
CA VAL B 244 -11.48 11.78 -11.47
C VAL B 244 -11.53 13.28 -11.37
N SER B 245 -12.73 13.85 -11.21
CA SER B 245 -12.90 15.30 -11.18
C SER B 245 -13.93 15.67 -10.13
N CYS B 246 -13.83 16.87 -9.57
CA CYS B 246 -14.80 17.32 -8.59
C CYS B 246 -14.73 18.81 -8.31
N CYS B 247 -15.72 19.27 -7.54
CA CYS B 247 -15.72 20.58 -6.93
C CYS B 247 -16.66 20.55 -5.74
N ASP B 248 -16.24 21.11 -4.61
CA ASP B 248 -17.06 21.11 -3.39
C ASP B 248 -16.95 22.44 -2.64
N ILE B 249 -17.80 23.38 -3.05
CA ILE B 249 -17.96 24.68 -2.41
C ILE B 249 -18.96 24.53 -1.30
N VAL B 250 -18.58 24.94 -0.10
CA VAL B 250 -19.43 24.80 1.09
C VAL B 250 -19.98 26.13 1.65
N GLY B 251 -19.58 27.22 1.04
CA GLY B 251 -20.11 28.54 1.38
C GLY B 251 -19.05 29.60 1.31
N PHE B 252 -19.34 30.70 1.99
CA PHE B 252 -18.44 31.85 2.13
C PHE B 252 -18.07 32.13 3.58
N LEU B 253 -16.82 32.49 3.78
CA LEU B 253 -16.33 33.06 5.03
C LEU B 253 -16.50 34.57 4.96
N VAL B 254 -17.17 35.14 5.96
CA VAL B 254 -17.47 36.56 6.00
C VAL B 254 -16.52 37.26 6.97
N GLY B 255 -15.60 38.05 6.42
CA GLY B 255 -14.65 38.77 7.25
C GLY B 255 -15.29 39.88 8.08
N LYS B 256 -14.53 40.44 8.99
CA LYS B 256 -15.03 41.47 9.91
C LYS B 256 -15.72 42.64 9.21
N ASP B 257 -15.16 43.06 8.08
CA ASP B 257 -15.68 44.22 7.35
C ASP B 257 -16.69 43.86 6.26
N GLY B 258 -17.06 42.58 6.14
CA GLY B 258 -18.06 42.14 5.17
C GLY B 258 -17.49 41.54 3.89
N ASP B 259 -16.16 41.61 3.71
CA ASP B 259 -15.51 40.96 2.58
C ASP B 259 -15.66 39.45 2.70
N MET B 260 -15.81 38.79 1.57
CA MET B 260 -16.17 37.37 1.53
C MET B 260 -15.27 36.56 0.64
N GLN B 261 -15.04 35.32 1.04
CA GLN B 261 -14.23 34.36 0.31
C GLN B 261 -14.95 33.03 0.20
N TYR B 262 -14.85 32.39 -0.94
CA TYR B 262 -15.33 30.99 -1.11
C TYR B 262 -14.50 30.09 -0.20
N ARG B 263 -15.16 29.08 0.35
CA ARG B 263 -14.51 27.99 1.08
C ARG B 263 -14.85 26.65 0.45
N GLY B 264 -13.84 25.84 0.16
CA GLY B 264 -14.01 24.51 -0.42
C GLY B 264 -13.42 23.45 0.48
N LEU B 265 -13.86 22.20 0.29
CA LEU B 265 -13.35 21.07 1.04
C LEU B 265 -12.81 19.99 0.09
N PRO B 266 -11.88 19.14 0.58
CA PRO B 266 -11.34 18.06 -0.24
C PRO B 266 -12.35 16.96 -0.41
N ARG B 267 -12.12 16.11 -1.40
CA ARG B 267 -12.97 14.95 -1.64
C ARG B 267 -12.10 13.70 -1.77
N TYR B 268 -12.53 12.61 -1.12
CA TYR B 268 -11.90 11.31 -1.13
C TYR B 268 -12.64 10.38 -2.09
N PHE B 269 -11.90 9.50 -2.77
CA PHE B 269 -12.44 8.51 -3.69
C PHE B 269 -11.78 7.14 -3.48
N ASN B 270 -12.61 6.09 -3.44
CA ASN B 270 -12.18 4.73 -3.47
C ASN B 270 -12.96 4.03 -4.58
N ILE B 271 -12.27 3.71 -5.66
CA ILE B 271 -12.85 3.23 -6.90
C ILE B 271 -12.47 1.77 -7.15
N LEU B 272 -13.46 0.92 -7.43
CA LEU B 272 -13.25 -0.46 -7.72
C LEU B 272 -13.29 -0.67 -9.22
N LEU B 273 -12.29 -1.35 -9.77
CA LEU B 273 -12.24 -1.62 -11.19
C LEU B 273 -12.09 -3.11 -11.49
N ARG B 274 -12.56 -3.54 -12.65
CA ARG B 274 -12.41 -4.92 -13.06
C ARG B 274 -11.93 -4.98 -14.49
N LYS B 275 -11.35 -6.10 -14.86
CA LYS B 275 -10.89 -6.30 -16.23
C LYS B 275 -12.03 -6.72 -17.17
N ARG B 276 -12.11 -6.05 -18.31
CA ARG B 276 -13.13 -6.28 -19.31
C ARG B 276 -12.46 -6.48 -20.65
N THR B 277 -12.83 -7.53 -21.36
CA THR B 277 -12.35 -7.78 -22.70
C THR B 277 -13.13 -6.88 -23.68
N VAL B 278 -12.41 -6.27 -24.62
CA VAL B 278 -13.04 -5.46 -25.68
C VAL B 278 -12.49 -5.85 -27.06
N ARG B 279 -13.25 -5.56 -28.12
CA ARG B 279 -12.80 -5.83 -29.48
C ARG B 279 -11.70 -4.87 -29.88
N ASN B 280 -10.72 -5.38 -30.62
CA ASN B 280 -9.68 -4.55 -31.21
C ASN B 280 -9.48 -4.89 -32.69
N ILE C 10 -7.42 -8.74 8.73
CA ILE C 10 -8.08 -9.94 9.34
C ILE C 10 -8.82 -10.76 8.29
N GLU C 11 -8.40 -12.02 8.11
CA GLU C 11 -9.10 -12.98 7.27
C GLU C 11 -10.27 -13.56 8.07
N VAL C 12 -11.48 -13.23 7.62
CA VAL C 12 -12.71 -13.61 8.31
C VAL C 12 -13.16 -14.99 7.85
N LEU C 13 -13.48 -15.86 8.81
CA LEU C 13 -13.98 -17.19 8.52
C LEU C 13 -15.47 -17.29 8.88
N ASN C 14 -15.92 -18.48 9.31
CA ASN C 14 -17.34 -18.74 9.56
C ASN C 14 -17.87 -18.07 10.83
N LEU C 15 -19.18 -17.87 10.86
CA LEU C 15 -19.85 -17.45 12.07
C LEU C 15 -19.84 -18.60 13.08
N VAL C 16 -19.73 -18.25 14.36
CA VAL C 16 -19.86 -19.21 15.46
C VAL C 16 -21.34 -19.32 15.82
N THR C 17 -21.88 -20.54 15.82
CA THR C 17 -23.30 -20.76 16.08
C THR C 17 -23.51 -21.65 17.31
N SER C 21 -23.64 -17.29 21.46
CA SER C 21 -22.88 -16.76 20.32
C SER C 21 -23.20 -15.30 19.95
N ILE C 22 -24.10 -14.68 20.72
CA ILE C 22 -24.57 -13.31 20.50
C ILE C 22 -24.54 -12.58 21.84
N THR C 23 -24.41 -11.26 21.80
CA THR C 23 -24.56 -10.43 23.02
C THR C 23 -25.05 -9.03 22.59
N THR C 24 -25.58 -8.23 23.52
CA THR C 24 -25.80 -6.79 23.29
C THR C 24 -25.05 -5.94 24.31
N ILE C 25 -24.67 -4.76 23.89
CA ILE C 25 -24.05 -3.76 24.73
C ILE C 25 -24.88 -2.46 24.68
N GLU C 26 -25.22 -1.95 25.85
CA GLU C 26 -26.00 -0.72 25.95
C GLU C 26 -25.21 0.32 26.75
N LEU C 27 -25.24 1.56 26.28
CA LEU C 27 -24.59 2.67 26.95
C LEU C 27 -25.14 3.99 26.44
N TYR C 28 -24.78 5.08 27.11
CA TYR C 28 -24.98 6.41 26.56
C TYR C 28 -23.65 7.15 26.67
N LEU C 29 -23.53 8.19 25.87
CA LEU C 29 -22.44 9.15 26.01
C LEU C 29 -23.03 10.53 26.23
N ASN C 30 -22.53 11.23 27.23
CA ASN C 30 -22.92 12.62 27.44
C ASN C 30 -22.15 13.53 26.51
N THR C 31 -22.75 14.66 26.20
CA THR C 31 -22.17 15.63 25.29
C THR C 31 -20.92 16.31 25.88
N ARG C 32 -20.03 16.74 24.98
CA ARG C 32 -18.80 17.44 25.38
C ARG C 32 -18.73 18.76 24.60
N MET C 33 -19.54 19.71 25.05
CA MET C 33 -19.63 21.01 24.40
C MET C 33 -18.58 22.00 24.88
N GLY C 34 -17.98 21.72 26.03
CA GLY C 34 -16.89 22.54 26.59
C GLY C 34 -16.92 22.66 28.08
N GLN C 35 -18.11 22.88 28.65
CA GLN C 35 -18.29 22.76 30.09
C GLN C 35 -18.72 21.31 30.34
N ASN C 36 -17.75 20.45 30.65
CA ASN C 36 -17.93 19.00 30.61
C ASN C 36 -17.96 18.35 31.99
N ASP C 37 -18.11 19.18 33.02
CA ASP C 37 -18.14 18.76 34.40
C ASP C 37 -19.59 18.78 34.88
N GLU C 38 -20.12 17.60 35.17
CA GLU C 38 -21.54 17.43 35.52
C GLU C 38 -21.93 18.08 36.84
N SER C 39 -20.94 18.50 37.61
CA SER C 39 -21.23 19.17 38.87
C SER C 39 -21.36 20.70 38.77
N LYS C 40 -21.02 21.28 37.62
CA LYS C 40 -21.03 22.74 37.47
C LYS C 40 -22.16 23.24 36.59
N ASP C 41 -22.48 24.53 36.77
CA ASP C 41 -23.46 25.23 35.96
C ASP C 41 -23.06 25.14 34.50
N ASN C 42 -24.03 25.21 33.60
CA ASN C 42 -23.69 25.19 32.17
C ASN C 42 -23.18 23.84 31.65
N TYR C 43 -23.31 22.77 32.44
CA TYR C 43 -23.03 21.43 31.93
C TYR C 43 -23.88 21.16 30.70
N GLY C 44 -23.25 20.57 29.67
CA GLY C 44 -23.96 20.29 28.43
C GLY C 44 -24.02 21.45 27.44
N TYR C 45 -23.36 22.55 27.80
CA TYR C 45 -23.17 23.70 26.94
C TYR C 45 -21.67 24.02 26.88
N SER C 46 -21.31 24.85 25.93
CA SER C 46 -19.97 25.44 25.92
C SER C 46 -19.93 26.66 26.82
N GLU C 47 -18.71 27.11 27.10
CA GLU C 47 -18.54 28.47 27.60
C GLU C 47 -18.93 29.46 26.48
N LYS C 48 -19.13 30.71 26.85
CA LYS C 48 -19.50 31.74 25.88
C LYS C 48 -18.51 31.75 24.72
N VAL C 49 -19.05 31.81 23.51
CA VAL C 49 -18.25 31.91 22.29
C VAL C 49 -17.61 33.29 22.19
N THR C 50 -16.33 33.32 21.79
CA THR C 50 -15.64 34.57 21.52
C THR C 50 -15.14 34.56 20.10
N VAL C 51 -14.75 35.73 19.61
CA VAL C 51 -14.42 35.90 18.21
C VAL C 51 -13.05 36.57 18.06
N ALA C 52 -12.17 35.93 17.30
CA ALA C 52 -10.82 36.45 17.06
C ALA C 52 -10.82 37.83 16.42
N ASN C 53 -9.86 38.68 16.80
CA ASN C 53 -9.70 39.99 16.19
C ASN C 53 -9.02 39.87 14.83
N SER C 54 -8.14 38.88 14.71
CA SER C 54 -7.49 38.58 13.44
C SER C 54 -7.13 37.11 13.40
N SER C 55 -6.86 36.58 12.20
CA SER C 55 -6.62 35.16 12.03
C SER C 55 -5.31 34.66 12.63
N ASP C 56 -4.36 35.58 12.85
CA ASP C 56 -3.09 35.24 13.48
C ASP C 56 -3.09 35.42 15.01
N GLN C 57 -4.26 35.78 15.56
CA GLN C 57 -4.48 35.86 17.00
C GLN C 57 -5.83 35.17 17.31
N ASP C 58 -6.00 33.97 16.78
CA ASP C 58 -7.25 33.20 16.93
C ASP C 58 -7.02 32.16 18.02
N LYS C 59 -7.41 32.51 19.23
CA LYS C 59 -7.11 31.70 20.41
C LYS C 59 -8.39 31.48 21.22
N PRO C 60 -9.11 30.38 20.93
CA PRO C 60 -10.36 30.21 21.64
C PRO C 60 -10.13 30.10 23.15
N THR C 61 -11.06 30.65 23.92
CA THR C 61 -11.02 30.53 25.36
C THR C 61 -11.22 29.08 25.80
N SER C 62 -10.74 28.77 27.00
CA SER C 62 -10.86 27.41 27.51
C SER C 62 -12.34 27.08 27.68
N GLY C 63 -12.76 25.97 27.09
CA GLY C 63 -14.12 25.48 27.21
C GLY C 63 -15.14 26.02 26.24
N GLU C 64 -14.74 26.80 25.24
CA GLU C 64 -15.72 27.26 24.22
C GLU C 64 -15.80 26.37 22.98
N ILE C 65 -15.03 25.26 22.97
CA ILE C 65 -14.79 24.38 21.82
C ILE C 65 -15.41 22.98 22.02
N PRO C 66 -16.39 22.59 21.19
CA PRO C 66 -16.90 21.22 21.34
C PRO C 66 -15.89 20.17 20.92
N THR C 67 -15.96 19.02 21.57
CA THR C 67 -15.07 17.91 21.27
C THR C 67 -15.87 16.63 21.10
N TYR C 68 -15.24 15.60 20.55
CA TYR C 68 -15.92 14.31 20.40
C TYR C 68 -16.09 13.60 21.75
N SER C 69 -17.25 12.96 21.90
CA SER C 69 -17.50 12.02 22.98
C SER C 69 -17.03 10.64 22.53
N THR C 70 -16.44 9.85 23.44
CA THR C 70 -15.98 8.53 23.06
C THR C 70 -15.76 7.63 24.27
N ALA C 71 -15.94 6.34 24.06
CA ALA C 71 -15.60 5.35 25.08
C ALA C 71 -15.24 4.03 24.44
N ARG C 72 -14.38 3.30 25.14
CA ARG C 72 -14.02 1.95 24.79
C ARG C 72 -14.71 1.05 25.81
N ILE C 73 -15.44 0.07 25.29
CA ILE C 73 -16.10 -0.93 26.12
C ILE C 73 -15.31 -2.23 26.12
N ASN C 74 -15.07 -2.79 27.31
CA ASN C 74 -14.44 -4.08 27.42
C ASN C 74 -15.49 -5.16 27.23
N LEU C 75 -15.35 -5.94 26.16
CA LEU C 75 -16.27 -7.02 25.90
C LEU C 75 -15.85 -8.26 26.69
N PRO C 76 -16.77 -9.23 26.83
CA PRO C 76 -16.39 -10.48 27.49
C PRO C 76 -15.19 -11.14 26.80
N MET C 77 -14.20 -11.48 27.61
CA MET C 77 -12.97 -12.07 27.10
C MET C 77 -13.27 -13.48 26.62
N LEU C 78 -13.09 -13.71 25.32
CA LEU C 78 -13.37 -15.00 24.71
C LEU C 78 -12.23 -15.95 24.93
N ASN C 79 -12.57 -17.23 25.14
CA ASN C 79 -11.57 -18.26 25.11
C ASN C 79 -10.86 -18.19 23.77
N GLU C 80 -9.56 -18.32 23.83
CA GLU C 80 -8.76 -18.34 22.63
C GLU C 80 -7.84 -19.51 22.76
N ASP C 81 -7.71 -20.27 21.68
CA ASP C 81 -6.82 -21.43 21.62
C ASP C 81 -5.61 -21.03 20.77
N LEU C 82 -4.57 -20.55 21.44
CA LEU C 82 -3.35 -20.11 20.77
C LEU C 82 -2.57 -21.29 20.18
N THR C 83 -2.90 -22.52 20.60
CA THR C 83 -2.33 -23.72 19.98
C THR C 83 -2.83 -23.91 18.54
N CYS C 84 -4.06 -23.47 18.23
CA CYS C 84 -4.61 -23.60 16.87
C CYS C 84 -4.39 -22.32 16.03
N ASN C 85 -4.95 -22.30 14.83
CA ASN C 85 -4.73 -21.23 13.84
C ASN C 85 -5.97 -20.38 13.58
N THR C 86 -6.92 -20.42 14.51
CA THR C 86 -8.04 -19.51 14.45
C THR C 86 -8.25 -18.85 15.80
N LEU C 87 -9.02 -17.77 15.75
CA LEU C 87 -9.39 -17.01 16.93
C LEU C 87 -10.85 -16.67 16.79
N THR C 88 -11.47 -16.37 17.91
CA THR C 88 -12.84 -15.87 17.91
C THR C 88 -12.80 -14.41 18.29
N MET C 89 -13.57 -13.61 17.59
CA MET C 89 -13.68 -12.18 17.87
C MET C 89 -15.14 -11.82 17.96
N TRP C 90 -15.44 -10.76 18.71
CA TRP C 90 -16.76 -10.17 18.66
C TRP C 90 -16.91 -9.32 17.41
N GLU C 91 -18.07 -9.45 16.76
CA GLU C 91 -18.38 -8.71 15.55
C GLU C 91 -19.62 -7.86 15.81
N ALA C 92 -19.53 -6.56 15.58
CA ALA C 92 -20.69 -5.68 15.75
C ALA C 92 -21.56 -5.77 14.52
N VAL C 93 -22.80 -6.19 14.71
CA VAL C 93 -23.73 -6.48 13.60
C VAL C 93 -24.59 -5.27 13.29
N SER C 94 -25.05 -4.58 14.33
CA SER C 94 -26.03 -3.52 14.16
C SER C 94 -26.09 -2.68 15.39
N VAL C 95 -26.65 -1.49 15.25
CA VAL C 95 -26.80 -0.59 16.39
C VAL C 95 -28.13 0.15 16.30
N LYS C 96 -28.77 0.31 17.44
CA LYS C 96 -29.93 1.19 17.57
C LYS C 96 -29.40 2.38 18.35
N THR C 97 -29.43 3.57 17.75
CA THR C 97 -28.90 4.77 18.41
C THR C 97 -29.90 5.93 18.29
N GLU C 98 -30.00 6.74 19.35
CA GLU C 98 -30.92 7.87 19.40
C GLU C 98 -30.30 8.99 20.19
N VAL C 99 -30.68 10.20 19.82
CA VAL C 99 -30.38 11.38 20.60
C VAL C 99 -31.40 11.48 21.72
N VAL C 100 -30.91 11.74 22.92
CA VAL C 100 -31.72 11.77 24.13
C VAL C 100 -32.03 13.22 24.49
N GLY C 101 -33.23 13.48 25.00
CA GLY C 101 -33.56 14.81 25.52
C GLY C 101 -33.96 15.84 24.46
N VAL C 102 -34.42 15.37 23.32
CA VAL C 102 -34.81 16.31 22.24
C VAL C 102 -35.93 17.25 22.73
N SER C 103 -36.87 16.70 23.52
CA SER C 103 -37.98 17.48 24.05
C SER C 103 -37.55 18.64 24.96
N SER C 104 -36.32 18.58 25.49
CA SER C 104 -35.79 19.71 26.26
C SER C 104 -35.65 21.00 25.47
N LEU C 105 -35.63 20.89 24.15
CA LEU C 105 -35.61 22.07 23.28
C LEU C 105 -36.97 22.78 23.18
N VAL C 106 -38.02 22.19 23.73
CA VAL C 106 -39.33 22.83 23.83
C VAL C 106 -39.35 23.69 25.10
N ASN C 107 -38.61 24.78 25.03
CA ASN C 107 -38.42 25.67 26.19
C ASN C 107 -38.05 27.05 25.67
N VAL C 108 -38.95 28.00 25.88
CA VAL C 108 -38.76 29.37 25.43
C VAL C 108 -38.97 30.37 26.58
N HIS C 109 -38.77 29.89 27.81
CA HIS C 109 -38.85 30.78 28.99
C HIS C 109 -37.51 30.92 29.73
N MET C 110 -36.43 30.39 29.15
CA MET C 110 -35.09 30.56 29.75
C MET C 110 -34.62 32.00 29.61
N ALA C 111 -33.59 32.37 30.38
CA ALA C 111 -33.09 33.73 30.36
C ALA C 111 -32.31 33.95 29.07
N THR C 112 -33.04 34.40 28.05
CA THR C 112 -32.53 34.53 26.71
C THR C 112 -33.00 35.84 26.09
N LYS C 113 -32.43 36.20 24.95
CA LYS C 113 -33.06 37.21 24.09
C LYS C 113 -34.47 36.74 23.73
N ARG C 114 -35.36 37.69 23.43
CA ARG C 114 -36.74 37.34 23.13
C ARG C 114 -37.30 38.07 21.92
N MET C 115 -38.38 37.52 21.39
CA MET C 115 -39.02 38.06 20.21
C MET C 115 -39.91 39.27 20.52
N TYR C 116 -40.21 40.02 19.46
CA TYR C 116 -41.25 41.06 19.46
C TYR C 116 -41.17 42.09 20.59
N ASP C 117 -40.08 42.86 20.58
CA ASP C 117 -39.92 44.00 21.48
C ASP C 117 -40.13 43.62 22.93
N ASP C 118 -39.46 42.55 23.33
CA ASP C 118 -39.51 42.03 24.70
C ASP C 118 -40.88 41.52 25.19
N LYS C 119 -41.78 41.21 24.26
CA LYS C 119 -43.11 40.70 24.64
C LYS C 119 -43.31 39.25 24.25
N GLY C 120 -42.49 38.75 23.34
CA GLY C 120 -42.67 37.40 22.80
C GLY C 120 -41.85 36.33 23.50
N ILE C 121 -41.81 35.15 22.88
CA ILE C 121 -41.09 34.03 23.44
C ILE C 121 -39.59 34.32 23.55
N GLY C 122 -38.94 33.65 24.49
CA GLY C 122 -37.48 33.54 24.47
C GLY C 122 -37.02 32.78 23.24
N PHE C 123 -35.87 33.16 22.68
CA PHE C 123 -35.33 32.40 21.53
C PHE C 123 -35.05 30.98 21.97
N PRO C 124 -35.56 29.98 21.22
CA PRO C 124 -35.19 28.61 21.55
C PRO C 124 -33.75 28.35 21.13
N VAL C 125 -33.17 27.26 21.61
CA VAL C 125 -31.86 26.81 21.11
C VAL C 125 -31.99 26.58 19.61
N GLU C 126 -31.14 27.24 18.83
CA GLU C 126 -31.28 27.23 17.38
C GLU C 126 -29.95 27.53 16.72
N GLY C 127 -29.88 27.25 15.42
CA GLY C 127 -28.65 27.40 14.66
C GLY C 127 -28.01 26.07 14.29
N MET C 128 -26.69 26.10 14.19
CA MET C 128 -25.89 25.01 13.64
C MET C 128 -26.20 23.69 14.33
N ASN C 129 -26.43 22.67 13.51
CA ASN C 129 -26.53 21.30 13.99
C ASN C 129 -25.41 20.44 13.41
N PHE C 130 -24.85 19.58 14.23
CA PHE C 130 -23.80 18.67 13.83
C PHE C 130 -24.07 17.37 14.55
N HIS C 131 -24.25 16.29 13.78
CA HIS C 131 -24.57 14.97 14.37
C HIS C 131 -23.73 13.91 13.73
N MET C 132 -22.98 13.17 14.54
CA MET C 132 -22.21 12.05 14.02
C MET C 132 -22.15 10.98 15.09
N PHE C 133 -22.08 9.75 14.63
CA PHE C 133 -21.71 8.63 15.52
C PHE C 133 -20.84 7.65 14.75
N ALA C 134 -20.13 6.84 15.52
CA ALA C 134 -19.25 5.81 14.97
C ALA C 134 -19.22 4.64 15.90
N VAL C 135 -19.20 3.45 15.32
CA VAL C 135 -19.02 2.21 16.07
C VAL C 135 -17.94 1.41 15.38
N GLY C 136 -16.93 0.97 16.14
CA GLY C 136 -15.84 0.24 15.52
C GLY C 136 -15.13 -0.68 16.45
N GLY C 137 -14.22 -1.49 15.89
CA GLY C 137 -13.46 -2.46 16.67
C GLY C 137 -12.10 -1.97 17.10
N GLU C 138 -11.87 -0.68 16.87
CA GLU C 138 -10.64 0.01 17.24
C GLU C 138 -10.98 1.50 17.23
N PRO C 139 -10.09 2.35 17.76
CA PRO C 139 -10.40 3.78 17.82
C PRO C 139 -10.71 4.38 16.45
N LEU C 140 -11.64 5.31 16.41
CA LEU C 140 -11.90 6.06 15.19
C LEU C 140 -10.62 6.78 14.75
N GLU C 141 -10.23 6.57 13.50
CA GLU C 141 -9.04 7.15 12.91
C GLU C 141 -9.40 8.52 12.34
N LEU C 142 -8.59 9.52 12.69
CA LEU C 142 -8.89 10.92 12.43
C LEU C 142 -7.90 11.57 11.47
N GLN C 143 -8.44 12.51 10.69
CA GLN C 143 -7.67 13.34 9.80
C GLN C 143 -7.81 14.79 10.30
N PHE C 144 -6.69 15.49 10.36
CA PHE C 144 -6.72 16.89 10.73
C PHE C 144 -7.10 17.74 9.51
N LEU C 145 -8.01 18.68 9.74
CA LEU C 145 -8.37 19.67 8.73
C LEU C 145 -9.09 20.80 9.45
N THR C 146 -8.63 22.02 9.19
CA THR C 146 -9.13 23.20 9.89
C THR C 146 -9.42 24.38 8.96
N GLY C 147 -10.32 25.24 9.40
CA GLY C 147 -10.63 26.47 8.72
C GLY C 147 -9.56 27.53 8.88
N ASN C 148 -8.71 27.40 9.90
CA ASN C 148 -7.62 28.32 10.13
C ASN C 148 -6.40 27.58 10.68
N TYR C 149 -5.37 27.45 9.85
CA TYR C 149 -4.19 26.68 10.25
C TYR C 149 -3.54 27.22 11.50
N ARG C 150 -3.72 28.52 11.76
CA ARG C 150 -3.00 29.23 12.83
C ARG C 150 -3.70 29.17 14.18
N THR C 151 -4.88 28.55 14.25
CA THR C 151 -5.64 28.50 15.50
C THR C 151 -4.74 28.05 16.67
N ASP C 152 -4.81 28.77 17.77
CA ASP C 152 -3.95 28.58 18.95
C ASP C 152 -4.80 27.90 20.03
N TYR C 153 -4.51 26.63 20.31
CA TYR C 153 -5.31 25.88 21.30
C TYR C 153 -4.70 25.91 22.72
N SER C 154 -3.76 26.82 22.95
CA SER C 154 -2.98 26.81 24.19
C SER C 154 -3.72 27.32 25.44
N ALA C 155 -4.94 27.84 25.29
CA ALA C 155 -5.75 28.18 26.46
C ALA C 155 -6.23 26.93 27.19
N ASN C 156 -6.17 25.77 26.54
CA ASN C 156 -6.56 24.49 27.14
C ASN C 156 -5.62 23.36 26.74
N ASP C 157 -4.63 23.08 27.59
CA ASP C 157 -3.62 22.07 27.27
C ASP C 157 -4.13 20.61 27.32
N LYS C 158 -5.38 20.40 27.72
CA LYS C 158 -5.99 19.06 27.69
C LYS C 158 -6.54 18.70 26.30
N LEU C 159 -6.61 19.65 25.39
CA LEU C 159 -7.02 19.35 24.02
C LEU C 159 -5.91 18.63 23.27
N VAL C 160 -6.26 17.66 22.43
CA VAL C 160 -5.29 16.96 21.62
C VAL C 160 -5.32 17.56 20.22
N VAL C 161 -4.20 18.18 19.86
CA VAL C 161 -4.07 18.86 18.58
C VAL C 161 -2.64 18.60 18.09
N PRO C 162 -2.37 18.81 16.78
CA PRO C 162 -1.00 18.59 16.35
C PRO C 162 -0.02 19.53 17.06
N PRO C 163 1.22 19.10 17.19
CA PRO C 163 2.29 19.88 17.81
C PRO C 163 2.89 20.97 16.92
N ILE C 164 2.63 20.91 15.61
CA ILE C 164 3.07 21.96 14.68
C ILE C 164 1.91 22.36 13.79
N LYS C 165 2.05 23.53 13.19
CA LYS C 165 1.03 24.12 12.32
C LYS C 165 1.63 24.36 10.94
N HIS C 166 0.78 24.32 9.91
CA HIS C 166 1.20 24.57 8.56
C HIS C 166 -0.01 24.93 7.70
N GLN C 167 0.23 25.86 6.77
CA GLN C 167 -0.80 26.41 5.87
C GLN C 167 -1.62 25.31 5.17
N SER C 168 -0.94 24.21 4.88
CA SER C 168 -1.54 23.10 4.12
C SER C 168 -2.67 22.37 4.86
N THR C 169 -2.80 22.61 6.17
CA THR C 169 -3.84 21.93 6.96
C THR C 169 -5.23 22.56 6.81
N GLN C 170 -5.35 23.60 5.98
CA GLN C 170 -6.67 24.08 5.56
C GLN C 170 -7.24 23.24 4.44
N GLY C 171 -6.41 22.36 3.88
CA GLY C 171 -6.88 21.24 3.07
C GLY C 171 -6.48 19.92 3.73
N LEU C 172 -6.44 18.86 2.94
CA LEU C 172 -6.08 17.55 3.43
C LEU C 172 -4.57 17.37 3.31
N ASN C 173 -3.89 17.31 4.45
CA ASN C 173 -2.46 16.96 4.50
C ASN C 173 -2.37 15.64 5.28
N PRO C 174 -2.04 14.54 4.58
CA PRO C 174 -2.06 13.21 5.20
C PRO C 174 -0.99 13.00 6.27
N HIS C 175 -0.09 13.96 6.46
CA HIS C 175 0.88 13.85 7.54
C HIS C 175 0.28 14.23 8.91
N TYR C 176 -0.96 14.73 8.93
CA TYR C 176 -1.60 15.17 10.15
C TYR C 176 -2.81 14.27 10.48
N LYS C 177 -2.54 13.24 11.27
CA LYS C 177 -3.55 12.25 11.65
C LYS C 177 -3.52 11.95 13.15
N GLN C 178 -4.56 11.27 13.64
CA GLN C 178 -4.66 10.87 15.03
C GLN C 178 -5.67 9.75 15.15
N LYS C 179 -5.85 9.30 16.39
CA LYS C 179 -6.86 8.31 16.76
C LYS C 179 -7.64 8.86 17.94
N LEU C 180 -8.95 8.67 17.87
CA LEU C 180 -9.84 9.17 18.91
C LEU C 180 -9.79 8.27 20.16
N THR C 181 -8.85 8.57 21.05
CA THR C 181 -8.57 7.73 22.20
C THR C 181 -8.89 8.37 23.55
N LYS C 182 -9.43 9.60 23.56
CA LYS C 182 -9.78 10.33 24.76
C LYS C 182 -11.07 11.08 24.56
N ASP C 183 -11.97 10.95 25.53
CA ASP C 183 -13.23 11.67 25.54
C ASP C 183 -13.01 13.14 25.87
N GLY C 184 -13.78 14.03 25.24
CA GLY C 184 -13.77 15.43 25.65
C GLY C 184 -12.46 16.16 25.40
N ALA C 185 -11.71 15.76 24.36
CA ALA C 185 -10.36 16.26 24.16
C ALA C 185 -10.00 16.61 22.71
N PHE C 186 -10.68 15.99 21.75
CA PHE C 186 -10.37 16.18 20.34
C PHE C 186 -11.38 17.14 19.75
N PRO C 187 -10.95 18.36 19.38
CA PRO C 187 -11.92 19.32 18.84
C PRO C 187 -12.54 18.88 17.53
N VAL C 188 -13.87 19.00 17.48
CA VAL C 188 -14.62 18.76 16.26
C VAL C 188 -14.14 19.67 15.12
N GLU C 189 -13.75 20.89 15.46
CA GLU C 189 -13.41 21.86 14.43
C GLU C 189 -12.15 21.54 13.65
N CYS C 190 -11.28 20.66 14.15
CA CYS C 190 -10.02 20.37 13.45
C CYS C 190 -9.76 18.89 13.19
N TRP C 191 -10.65 18.01 13.67
CA TRP C 191 -10.52 16.59 13.44
C TRP C 191 -11.80 16.03 12.84
N CYS C 192 -11.63 15.26 11.77
CA CYS C 192 -12.74 14.55 11.11
C CYS C 192 -12.35 13.10 10.89
N PRO C 193 -13.33 12.23 10.59
CA PRO C 193 -12.95 10.88 10.24
C PRO C 193 -12.02 10.81 9.03
N ASP C 194 -11.01 9.95 9.13
CA ASP C 194 -10.06 9.71 8.04
C ASP C 194 -10.68 8.72 7.06
N PRO C 195 -11.12 9.18 5.88
CA PRO C 195 -11.78 8.23 4.98
C PRO C 195 -10.82 7.21 4.32
N SER C 196 -9.50 7.43 4.45
CA SER C 196 -8.49 6.53 3.87
C SER C 196 -8.20 5.37 4.81
N LYS C 197 -8.74 5.42 6.02
CA LYS C 197 -8.57 4.33 6.98
C LYS C 197 -9.97 3.91 7.43
N ASN C 198 -10.14 3.62 8.72
CA ASN C 198 -11.44 3.20 9.27
C ASN C 198 -12.08 2.01 8.57
N GLU C 199 -11.27 1.06 8.10
CA GLU C 199 -11.81 -0.17 7.50
C GLU C 199 -12.60 -0.97 8.55
N ASN C 200 -12.36 -0.74 9.84
CA ASN C 200 -12.97 -1.53 10.90
C ASN C 200 -13.89 -0.69 11.82
N THR C 201 -14.38 0.41 11.28
CA THR C 201 -15.34 1.29 11.95
C THR C 201 -16.36 1.73 10.92
N ARG C 202 -17.60 1.93 11.36
CA ARG C 202 -18.63 2.58 10.51
C ARG C 202 -18.91 3.93 11.12
N TYR C 203 -18.94 4.98 10.30
CA TYR C 203 -19.31 6.29 10.83
C TYR C 203 -20.32 6.96 9.91
N TYR C 204 -21.12 7.84 10.52
CA TYR C 204 -22.26 8.50 9.87
C TYR C 204 -22.34 9.90 10.45
N GLY C 205 -22.38 10.92 9.60
CA GLY C 205 -22.46 12.29 10.10
C GLY C 205 -23.21 13.24 9.20
N SER C 206 -23.67 14.33 9.82
CA SER C 206 -24.36 15.39 9.07
C SER C 206 -24.06 16.73 9.71
N TYR C 207 -24.15 17.78 8.89
CA TYR C 207 -23.99 19.15 9.35
C TYR C 207 -25.03 20.00 8.67
N THR C 208 -25.72 20.83 9.45
CA THR C 208 -26.63 21.85 8.91
C THR C 208 -26.22 23.18 9.53
N GLY C 209 -25.75 24.13 8.73
CA GLY C 209 -25.14 25.34 9.26
C GLY C 209 -26.10 26.51 9.33
N GLY C 210 -25.57 27.68 9.02
CA GLY C 210 -26.33 28.93 9.11
C GLY C 210 -26.35 29.48 10.52
N GLN C 211 -26.95 30.66 10.65
CA GLN C 211 -26.93 31.42 11.90
C GLN C 211 -27.96 31.05 12.97
N SER C 212 -29.24 31.07 12.58
CA SER C 212 -30.37 30.82 13.49
CA SER C 212 -30.37 30.82 13.49
C SER C 212 -31.28 29.72 12.97
N THR C 213 -30.71 28.85 12.14
CA THR C 213 -31.43 27.78 11.46
C THR C 213 -32.25 26.89 12.39
N PRO C 214 -33.49 26.57 12.01
CA PRO C 214 -34.25 25.64 12.84
C PRO C 214 -33.55 24.28 12.97
N PRO C 215 -33.38 23.81 14.22
CA PRO C 215 -32.99 22.42 14.41
C PRO C 215 -34.09 21.47 13.94
N VAL C 216 -33.70 20.41 13.23
CA VAL C 216 -34.63 19.39 12.77
C VAL C 216 -34.12 18.05 13.28
N LEU C 217 -34.86 17.48 14.24
CA LEU C 217 -34.40 16.34 14.98
C LEU C 217 -35.49 15.29 15.09
N GLN C 218 -35.08 14.03 15.15
CA GLN C 218 -36.02 12.91 15.29
C GLN C 218 -35.52 12.01 16.41
N PHE C 219 -36.44 11.30 17.04
CA PHE C 219 -36.08 10.32 18.05
C PHE C 219 -37.08 9.17 17.99
N THR C 220 -36.59 7.92 18.00
CA THR C 220 -37.44 6.77 18.01
C THR C 220 -36.63 5.59 18.54
N ASN C 221 -37.31 4.59 19.08
CA ASN C 221 -36.65 3.35 19.50
C ASN C 221 -36.89 2.20 18.52
N THR C 222 -37.19 2.52 17.27
CA THR C 222 -37.64 1.53 16.31
C THR C 222 -36.70 1.33 15.13
N VAL C 223 -35.57 2.04 15.10
CA VAL C 223 -34.66 2.04 13.94
C VAL C 223 -33.35 1.32 14.26
N THR C 224 -33.04 0.33 13.42
CA THR C 224 -31.78 -0.42 13.51
C THR C 224 -30.87 -0.04 12.34
N THR C 225 -29.62 0.32 12.65
CA THR C 225 -28.61 0.65 11.66
C THR C 225 -27.73 -0.57 11.49
N VAL C 226 -27.68 -1.14 10.29
CA VAL C 226 -26.86 -2.33 10.03
C VAL C 226 -25.41 -1.90 9.88
N LEU C 227 -24.49 -2.60 10.57
CA LEU C 227 -23.05 -2.26 10.58
C LEU C 227 -22.23 -3.19 9.69
N LEU C 228 -22.87 -4.18 9.10
CA LEU C 228 -22.19 -5.06 8.15
C LEU C 228 -21.79 -4.28 6.90
N ASP C 229 -20.59 -4.57 6.40
CA ASP C 229 -20.12 -3.96 5.17
C ASP C 229 -20.68 -4.70 3.94
N GLU C 230 -20.18 -4.34 2.76
CA GLU C 230 -20.63 -4.97 1.52
C GLU C 230 -20.28 -6.47 1.44
N ASN C 231 -19.32 -6.94 2.24
CA ASN C 231 -19.02 -8.38 2.31
C ASN C 231 -19.75 -9.12 3.44
N GLY C 232 -20.66 -8.46 4.12
CA GLY C 232 -21.41 -9.05 5.22
C GLY C 232 -20.62 -9.12 6.51
N VAL C 233 -19.58 -8.28 6.64
CA VAL C 233 -18.73 -8.29 7.85
C VAL C 233 -18.85 -6.99 8.64
N GLY C 234 -19.19 -7.10 9.91
CA GLY C 234 -19.21 -5.96 10.81
C GLY C 234 -17.86 -5.62 11.40
N PRO C 235 -17.76 -4.49 12.11
CA PRO C 235 -16.53 -4.19 12.88
C PRO C 235 -16.13 -5.37 13.76
N LEU C 236 -14.86 -5.72 13.72
CA LEU C 236 -14.29 -6.81 14.50
C LEU C 236 -13.50 -6.24 15.66
N CYS C 237 -13.83 -6.67 16.87
CA CYS C 237 -13.34 -6.01 18.10
C CYS C 237 -11.99 -6.52 18.56
N LYS C 238 -10.96 -5.76 18.19
CA LYS C 238 -9.57 -6.13 18.46
C LYS C 238 -9.31 -6.03 19.94
N GLY C 239 -8.69 -7.05 20.50
CA GLY C 239 -8.46 -7.12 21.93
C GLY C 239 -9.73 -6.98 22.76
N ASP C 240 -10.85 -7.48 22.23
CA ASP C 240 -12.15 -7.41 22.88
C ASP C 240 -12.59 -6.00 23.30
N GLY C 241 -12.21 -4.98 22.51
CA GLY C 241 -12.67 -3.62 22.74
C GLY C 241 -13.65 -3.16 21.67
N LEU C 242 -14.74 -2.56 22.11
CA LEU C 242 -15.74 -1.95 21.23
C LEU C 242 -15.64 -0.44 21.44
N TYR C 243 -15.50 0.30 20.35
CA TYR C 243 -15.36 1.74 20.41
C TYR C 243 -16.58 2.45 19.88
N VAL C 244 -17.06 3.39 20.67
CA VAL C 244 -18.24 4.16 20.35
C VAL C 244 -17.88 5.63 20.47
N SER C 245 -18.23 6.42 19.44
CA SER C 245 -17.92 7.84 19.41
C SER C 245 -19.10 8.63 18.88
N CYS C 246 -19.24 9.88 19.31
CA CYS C 246 -20.30 10.75 18.77
C CYS C 246 -20.09 12.24 19.03
N CYS C 247 -20.93 13.04 18.39
CA CYS C 247 -21.11 14.43 18.72
C CYS C 247 -22.49 14.85 18.25
N ASP C 248 -23.23 15.55 19.11
CA ASP C 248 -24.59 16.00 18.77
C ASP C 248 -24.83 17.43 19.23
N ILE C 249 -24.45 18.36 18.37
CA ILE C 249 -24.69 19.78 18.59
C ILE C 249 -26.07 20.09 18.03
N VAL C 250 -26.93 20.69 18.87
CA VAL C 250 -28.31 21.03 18.45
C VAL C 250 -28.57 22.53 18.27
N GLY C 251 -27.58 23.37 18.51
CA GLY C 251 -27.70 24.80 18.27
C GLY C 251 -26.99 25.62 19.32
N PHE C 252 -27.40 26.88 19.43
CA PHE C 252 -26.84 27.83 20.38
C PHE C 252 -27.95 28.37 21.25
N LEU C 253 -27.63 28.54 22.52
CA LEU C 253 -28.44 29.32 23.44
C LEU C 253 -28.02 30.79 23.35
N VAL C 254 -28.98 31.69 23.12
CA VAL C 254 -28.70 33.12 22.97
C VAL C 254 -29.10 33.85 24.24
N GLY C 255 -28.10 34.24 25.03
CA GLY C 255 -28.33 35.01 26.25
C GLY C 255 -28.95 36.37 26.00
N LYS C 256 -29.46 36.98 27.09
CA LYS C 256 -30.12 38.30 27.08
C LYS C 256 -29.35 39.35 26.31
N ASP C 257 -28.03 39.37 26.47
CA ASP C 257 -27.20 40.38 25.84
C ASP C 257 -26.60 39.96 24.49
N GLY C 258 -27.00 38.79 23.99
CA GLY C 258 -26.49 38.25 22.72
C GLY C 258 -25.33 37.27 22.84
N ASP C 259 -24.81 37.07 24.06
CA ASP C 259 -23.78 36.05 24.29
C ASP C 259 -24.33 34.67 23.94
N MET C 260 -23.52 33.83 23.29
CA MET C 260 -24.00 32.54 22.80
C MET C 260 -23.15 31.35 23.26
N GLN C 261 -23.81 30.22 23.48
CA GLN C 261 -23.16 28.98 23.88
C GLN C 261 -23.67 27.81 23.06
N TYR C 262 -22.80 26.92 22.61
CA TYR C 262 -23.24 25.67 22.02
C TYR C 262 -24.06 24.87 23.02
N ARG C 263 -25.06 24.16 22.51
CA ARG C 263 -25.84 23.17 23.29
C ARG C 263 -25.74 21.84 22.61
N GLY C 264 -25.44 20.80 23.39
CA GLY C 264 -25.40 19.44 22.88
C GLY C 264 -26.31 18.53 23.71
N LEU C 265 -26.59 17.36 23.14
CA LEU C 265 -27.44 16.35 23.79
C LEU C 265 -26.72 15.01 23.85
N PRO C 266 -27.08 14.18 24.83
CA PRO C 266 -26.50 12.85 24.94
C PRO C 266 -27.01 11.91 23.82
N ARG C 267 -26.29 10.82 23.59
CA ARG C 267 -26.66 9.81 22.60
C ARG C 267 -26.63 8.44 23.25
N TYR C 268 -27.69 7.66 22.99
CA TYR C 268 -27.83 6.31 23.47
C TYR C 268 -27.42 5.32 22.39
N PHE C 269 -26.84 4.20 22.78
CA PHE C 269 -26.48 3.14 21.85
C PHE C 269 -26.89 1.77 22.40
N ASN C 270 -27.42 0.91 21.54
CA ASN C 270 -27.66 -0.51 21.83
C ASN C 270 -27.09 -1.27 20.64
N ILE C 271 -25.97 -1.94 20.89
CA ILE C 271 -25.19 -2.60 19.85
C ILE C 271 -25.31 -4.11 19.99
N LEU C 272 -25.67 -4.77 18.89
CA LEU C 272 -25.79 -6.22 18.83
C LEU C 272 -24.49 -6.79 18.32
N LEU C 273 -23.91 -7.76 19.03
CA LEU C 273 -22.69 -8.41 18.58
C LEU C 273 -22.85 -9.92 18.50
N ARG C 274 -22.01 -10.52 17.67
CA ARG C 274 -21.99 -11.97 17.51
C ARG C 274 -20.54 -12.42 17.45
N LYS C 275 -20.34 -13.68 17.75
CA LYS C 275 -19.01 -14.28 17.63
C LYS C 275 -18.68 -14.67 16.21
N ARG C 276 -17.48 -14.31 15.79
CA ARG C 276 -16.98 -14.63 14.46
C ARG C 276 -15.62 -15.33 14.58
N THR C 277 -15.43 -16.39 13.82
CA THR C 277 -14.13 -17.06 13.75
C THR C 277 -13.25 -16.35 12.71
N VAL C 278 -11.97 -16.15 13.03
CA VAL C 278 -11.04 -15.49 12.09
C VAL C 278 -9.71 -16.24 12.05
N ARG C 279 -8.97 -16.06 10.96
CA ARG C 279 -7.64 -16.64 10.85
C ARG C 279 -6.69 -15.96 11.83
N ASN C 280 -5.83 -16.76 12.45
CA ASN C 280 -4.89 -16.26 13.43
C ASN C 280 -3.54 -16.12 12.74
N GLY D 1 -21.68 0.34 34.96
CA GLY D 1 -20.96 0.72 33.71
C GLY D 1 -21.73 0.26 32.48
N SER D 2 -21.00 -0.36 31.55
CA SER D 2 -21.60 -0.96 30.36
C SER D 2 -22.36 -2.22 30.77
N HIS D 3 -23.52 -2.42 30.16
CA HIS D 3 -24.43 -3.48 30.58
C HIS D 3 -24.43 -4.57 29.49
N ILE D 10 -41.17 -11.25 29.47
CA ILE D 10 -42.24 -12.11 28.99
C ILE D 10 -41.74 -13.08 27.90
N GLU D 11 -41.88 -14.38 28.13
CA GLU D 11 -41.54 -15.40 27.14
C GLU D 11 -42.72 -15.64 26.19
N VAL D 12 -42.53 -15.27 24.93
CA VAL D 12 -43.59 -15.24 23.93
C VAL D 12 -43.77 -16.57 23.19
N LEU D 13 -44.98 -17.11 23.24
CA LEU D 13 -45.32 -18.35 22.54
C LEU D 13 -46.12 -18.01 21.25
N ASN D 14 -47.07 -18.86 20.84
CA ASN D 14 -47.76 -18.70 19.55
C ASN D 14 -48.95 -17.74 19.56
N LEU D 15 -49.38 -17.34 18.36
CA LEU D 15 -50.58 -16.54 18.21
C LEU D 15 -51.79 -17.42 18.43
N VAL D 16 -52.83 -16.86 19.05
CA VAL D 16 -54.12 -17.52 19.17
C VAL D 16 -54.91 -17.17 17.91
N THR D 17 -55.43 -18.19 17.22
CA THR D 17 -56.18 -17.95 15.99
C THR D 17 -57.66 -18.21 16.21
N GLY D 18 -58.48 -17.89 15.21
CA GLY D 18 -59.91 -18.19 15.24
C GLY D 18 -60.71 -16.95 15.57
N PRO D 19 -62.05 -17.08 15.69
CA PRO D 19 -62.88 -15.92 15.99
C PRO D 19 -62.49 -15.22 17.30
N ASP D 20 -62.71 -13.91 17.34
CA ASP D 20 -62.45 -13.07 18.51
C ASP D 20 -60.99 -13.01 18.96
N SER D 21 -60.05 -13.48 18.14
CA SER D 21 -58.61 -13.32 18.48
C SER D 21 -58.04 -11.92 18.17
N ILE D 22 -58.84 -11.04 17.57
CA ILE D 22 -58.38 -9.69 17.23
C ILE D 22 -59.38 -8.65 17.74
N THR D 23 -58.88 -7.53 18.22
CA THR D 23 -59.74 -6.41 18.60
C THR D 23 -59.10 -5.11 18.19
N THR D 24 -59.89 -4.07 18.06
CA THR D 24 -59.32 -2.78 17.72
C THR D 24 -59.76 -1.74 18.75
N ILE D 25 -58.86 -0.83 19.07
CA ILE D 25 -59.11 0.22 20.03
C ILE D 25 -59.00 1.56 19.31
N GLU D 26 -60.00 2.39 19.49
CA GLU D 26 -60.03 3.68 18.86
C GLU D 26 -60.17 4.79 19.91
N LEU D 27 -59.31 5.80 19.82
CA LEU D 27 -59.38 6.92 20.75
C LEU D 27 -58.58 8.11 20.18
N TYR D 28 -59.05 9.28 20.85
CA TYR D 28 -58.34 10.53 20.63
C TYR D 28 -57.86 11.09 21.97
N LEU D 29 -56.82 11.90 21.90
CA LEU D 29 -56.29 12.61 23.04
C LEU D 29 -56.24 14.09 22.68
N ASN D 30 -56.89 14.89 23.52
CA ASN D 30 -56.77 16.32 23.37
C ASN D 30 -55.46 16.85 23.93
N THR D 31 -55.05 17.96 23.35
CA THR D 31 -53.75 18.56 23.64
C THR D 31 -53.70 19.14 25.05
N ARG D 32 -52.49 19.13 25.63
CA ARG D 32 -52.26 19.70 26.97
C ARG D 32 -51.21 20.79 26.90
N MET D 33 -51.59 21.95 26.36
CA MET D 33 -50.66 23.03 26.15
C MET D 33 -50.47 23.93 27.38
N GLY D 34 -51.37 23.82 28.34
CA GLY D 34 -51.29 24.63 29.55
C GLY D 34 -52.64 25.02 30.11
N GLN D 35 -53.52 25.51 29.23
CA GLN D 35 -54.92 25.64 29.60
C GLN D 35 -55.60 24.38 29.11
N ASN D 36 -55.80 23.45 30.03
CA ASN D 36 -56.20 22.10 29.69
C ASN D 36 -57.67 21.78 30.05
N ASP D 37 -58.42 22.81 30.43
CA ASP D 37 -59.83 22.67 30.77
C ASP D 37 -60.71 23.06 29.57
N GLU D 38 -61.45 22.07 29.03
CA GLU D 38 -62.27 22.27 27.82
C GLU D 38 -63.38 23.31 27.93
N SER D 39 -63.67 23.81 29.12
CA SER D 39 -64.71 24.82 29.28
C SER D 39 -64.15 26.25 29.27
N LYS D 40 -62.83 26.38 29.28
CA LYS D 40 -62.16 27.68 29.43
C LYS D 40 -61.69 28.30 28.11
N ASP D 41 -61.63 29.63 28.06
CA ASP D 41 -61.40 30.38 26.83
C ASP D 41 -60.10 30.08 26.10
N ASN D 42 -59.01 29.86 26.85
CA ASN D 42 -57.71 29.57 26.22
C ASN D 42 -57.47 28.08 25.99
N TYR D 43 -58.52 27.27 26.01
CA TYR D 43 -58.34 25.82 25.86
C TYR D 43 -57.63 25.46 24.56
N GLY D 44 -56.66 24.55 24.64
CA GLY D 44 -55.88 24.14 23.47
C GLY D 44 -54.68 25.03 23.19
N TYR D 45 -54.47 26.02 24.06
CA TYR D 45 -53.31 26.86 24.03
C TYR D 45 -52.64 26.88 25.42
N SER D 46 -51.40 27.33 25.48
CA SER D 46 -50.78 27.67 26.75
C SER D 46 -51.24 29.05 27.19
N GLU D 47 -50.99 29.37 28.45
CA GLU D 47 -51.04 30.74 28.90
C GLU D 47 -49.86 31.47 28.24
N LYS D 48 -49.91 32.80 28.30
CA LYS D 48 -48.87 33.64 27.72
C LYS D 48 -47.48 33.23 28.22
N VAL D 49 -46.54 33.10 27.29
CA VAL D 49 -45.16 32.77 27.62
C VAL D 49 -44.46 33.93 28.30
N THR D 50 -43.71 33.61 29.37
CA THR D 50 -42.90 34.62 30.05
C THR D 50 -41.44 34.18 29.99
N VAL D 51 -40.54 35.12 30.23
CA VAL D 51 -39.12 34.89 30.05
C VAL D 51 -38.35 35.27 31.31
N ALA D 52 -37.55 34.33 31.77
CA ALA D 52 -36.79 34.51 33.01
C ALA D 52 -35.79 35.67 32.90
N ASN D 53 -35.65 36.42 34.00
CA ASN D 53 -34.66 37.49 34.09
C ASN D 53 -33.23 36.95 34.18
N SER D 54 -33.10 35.80 34.84
CA SER D 54 -31.82 35.13 34.99
C SER D 54 -32.07 33.66 35.23
N SER D 55 -31.05 32.83 35.03
CA SER D 55 -31.25 31.38 35.12
C SER D 55 -31.61 30.87 36.51
N ASP D 56 -31.23 31.60 37.55
CA ASP D 56 -31.60 31.25 38.93
C ASP D 56 -32.94 31.88 39.37
N GLN D 57 -33.62 32.55 38.44
CA GLN D 57 -34.96 33.09 38.67
C GLN D 57 -35.86 32.66 37.51
N ASP D 58 -35.77 31.38 37.15
CA ASP D 58 -36.51 30.80 36.02
C ASP D 58 -37.69 30.02 36.59
N LYS D 59 -38.81 30.71 36.76
CA LYS D 59 -40.01 30.15 37.37
C LYS D 59 -41.20 30.37 36.44
N PRO D 60 -41.48 29.40 35.56
CA PRO D 60 -42.58 29.65 34.61
C PRO D 60 -43.90 29.88 35.33
N THR D 61 -44.77 30.71 34.76
CA THR D 61 -46.09 30.93 35.33
C THR D 61 -46.95 29.67 35.18
N SER D 62 -48.01 29.57 36.00
CA SER D 62 -48.90 28.43 35.91
C SER D 62 -49.62 28.40 34.56
N GLY D 63 -49.55 27.26 33.89
CA GLY D 63 -50.22 27.09 32.62
C GLY D 63 -49.46 27.50 31.37
N GLU D 64 -48.21 27.94 31.47
CA GLU D 64 -47.46 28.29 30.26
C GLU D 64 -46.60 27.15 29.72
N ILE D 65 -46.76 25.96 30.31
CA ILE D 65 -45.87 24.81 30.09
C ILE D 65 -46.60 23.61 29.45
N PRO D 66 -46.28 23.27 28.18
CA PRO D 66 -46.89 22.05 27.63
C PRO D 66 -46.50 20.75 28.35
N THR D 67 -47.43 19.81 28.38
CA THR D 67 -47.23 18.53 29.04
C THR D 67 -47.68 17.41 28.10
N TYR D 68 -47.24 16.19 28.38
CA TYR D 68 -47.69 15.05 27.59
C TYR D 68 -49.16 14.72 27.80
N SER D 69 -49.82 14.31 26.72
CA SER D 69 -51.12 13.68 26.79
C SER D 69 -50.92 12.18 26.97
N THR D 70 -51.76 11.54 27.77
CA THR D 70 -51.65 10.09 27.93
C THR D 70 -52.96 9.49 28.40
N ALA D 71 -53.16 8.22 28.06
CA ALA D 71 -54.31 7.45 28.55
C ALA D 71 -53.96 5.98 28.67
N ARG D 72 -54.57 5.33 29.65
CA ARG D 72 -54.56 3.88 29.72
C ARG D 72 -55.94 3.39 29.31
N ILE D 73 -55.99 2.45 28.36
CA ILE D 73 -57.26 1.86 27.93
C ILE D 73 -57.38 0.42 28.44
N ASN D 74 -58.52 0.12 29.05
CA ASN D 74 -58.85 -1.26 29.44
C ASN D 74 -59.14 -2.12 28.22
N LEU D 75 -58.53 -3.30 28.20
CA LEU D 75 -58.76 -4.26 27.14
C LEU D 75 -59.62 -5.41 27.68
N PRO D 76 -60.24 -6.18 26.77
CA PRO D 76 -61.00 -7.36 27.23
C PRO D 76 -60.17 -8.34 28.08
N MET D 77 -60.74 -8.79 29.17
CA MET D 77 -60.05 -9.67 30.12
C MET D 77 -59.85 -11.06 29.51
N LEU D 78 -58.62 -11.55 29.56
CA LEU D 78 -58.25 -12.77 28.85
C LEU D 78 -58.18 -14.03 29.70
N ASN D 79 -57.81 -13.88 30.97
CA ASN D 79 -57.48 -15.04 31.82
C ASN D 79 -58.41 -15.16 33.03
N CYS D 84 -52.47 -20.78 35.65
CA CYS D 84 -52.25 -21.63 34.48
C CYS D 84 -50.81 -21.56 34.01
N ASN D 85 -50.35 -22.62 33.35
CA ASN D 85 -48.96 -22.69 32.87
C ASN D 85 -48.61 -21.70 31.77
N THR D 86 -49.60 -21.36 30.93
CA THR D 86 -49.50 -20.24 30.01
C THR D 86 -50.65 -19.28 30.25
N LEU D 87 -50.52 -18.08 29.69
CA LEU D 87 -51.58 -17.07 29.72
C LEU D 87 -51.68 -16.42 28.36
N THR D 88 -52.71 -15.61 28.20
CA THR D 88 -52.89 -14.87 26.96
C THR D 88 -52.73 -13.38 27.24
N MET D 89 -52.09 -12.67 26.32
CA MET D 89 -52.00 -11.23 26.41
C MET D 89 -52.39 -10.62 25.08
N TRP D 90 -52.90 -9.40 25.14
CA TRP D 90 -53.13 -8.61 23.95
C TRP D 90 -51.80 -8.07 23.45
N GLU D 91 -51.57 -8.19 22.14
CA GLU D 91 -50.34 -7.73 21.50
C GLU D 91 -50.73 -6.65 20.49
N ALA D 92 -50.17 -5.45 20.63
CA ALA D 92 -50.44 -4.38 19.68
C ALA D 92 -49.64 -4.59 18.40
N VAL D 93 -50.34 -4.72 17.28
CA VAL D 93 -49.76 -5.10 16.00
C VAL D 93 -49.45 -3.85 15.17
N SER D 94 -50.35 -2.88 15.16
CA SER D 94 -50.21 -1.69 14.32
C SER D 94 -51.09 -0.57 14.83
N VAL D 95 -50.83 0.62 14.33
CA VAL D 95 -51.61 1.80 14.67
C VAL D 95 -51.75 2.70 13.46
N LYS D 96 -52.96 3.23 13.27
CA LYS D 96 -53.20 4.31 12.34
C LYS D 96 -53.39 5.55 13.20
N THR D 97 -52.54 6.55 13.03
CA THR D 97 -52.64 7.76 13.85
C THR D 97 -52.53 9.00 13.00
N GLU D 98 -53.28 10.02 13.37
CA GLU D 98 -53.25 11.30 12.64
C GLU D 98 -53.51 12.47 13.58
N VAL D 99 -52.94 13.60 13.23
CA VAL D 99 -53.17 14.86 13.89
C VAL D 99 -54.47 15.41 13.35
N VAL D 100 -55.34 15.85 14.26
CA VAL D 100 -56.68 16.34 13.91
C VAL D 100 -56.70 17.86 13.86
N GLY D 101 -57.51 18.44 12.96
CA GLY D 101 -57.71 19.88 12.92
C GLY D 101 -56.57 20.68 12.30
N VAL D 102 -55.77 20.05 11.46
CA VAL D 102 -54.69 20.77 10.77
C VAL D 102 -55.24 21.98 10.02
N SER D 103 -56.40 21.82 9.40
CA SER D 103 -57.00 22.89 8.62
C SER D 103 -57.34 24.14 9.43
N SER D 104 -57.51 23.97 10.75
CA SER D 104 -57.73 25.13 11.61
C SER D 104 -56.59 26.16 11.54
N LEU D 105 -55.42 25.75 11.04
CA LEU D 105 -54.29 26.64 10.93
C LEU D 105 -54.38 27.54 9.70
N VAL D 106 -55.38 27.30 8.86
CA VAL D 106 -55.72 28.20 7.74
C VAL D 106 -56.66 29.28 8.30
N ASN D 107 -56.10 30.13 9.12
CA ASN D 107 -56.86 31.19 9.76
C ASN D 107 -55.90 32.31 10.03
N VAL D 108 -56.11 33.43 9.35
CA VAL D 108 -55.27 34.61 9.50
C VAL D 108 -56.08 35.87 9.80
N HIS D 109 -57.29 35.69 10.37
CA HIS D 109 -58.13 36.83 10.74
C HIS D 109 -58.31 36.96 12.26
N MET D 110 -57.60 36.14 13.02
CA MET D 110 -57.69 36.22 14.49
C MET D 110 -57.02 37.50 15.02
N ALA D 111 -57.33 37.87 16.27
CA ALA D 111 -56.71 39.03 16.90
C ALA D 111 -55.23 38.78 17.18
N THR D 112 -54.41 39.07 16.19
CA THR D 112 -52.99 38.75 16.20
C THR D 112 -52.20 39.93 15.65
N LYS D 113 -50.88 39.91 15.84
CA LYS D 113 -50.01 40.79 15.07
C LYS D 113 -50.28 40.54 13.59
N ARG D 114 -50.00 41.55 12.76
CA ARG D 114 -50.26 41.38 11.34
C ARG D 114 -49.12 41.91 10.48
N MET D 115 -49.14 41.43 9.24
CA MET D 115 -48.12 41.79 8.26
C MET D 115 -48.35 43.17 7.66
N TYR D 116 -47.27 43.74 7.12
CA TYR D 116 -47.28 44.89 6.21
C TYR D 116 -47.99 46.11 6.78
N ASP D 117 -47.43 46.63 7.85
CA ASP D 117 -47.86 47.91 8.43
C ASP D 117 -49.36 47.95 8.67
N ASP D 118 -49.83 46.93 9.38
CA ASP D 118 -51.25 46.76 9.76
C ASP D 118 -52.23 46.61 8.61
N LYS D 119 -51.75 46.23 7.43
CA LYS D 119 -52.62 46.08 6.27
C LYS D 119 -52.79 44.63 5.84
N GLY D 120 -51.84 43.78 6.22
CA GLY D 120 -51.77 42.41 5.70
C GLY D 120 -52.44 41.40 6.59
N ILE D 121 -52.20 40.12 6.31
CA ILE D 121 -52.78 39.04 7.10
C ILE D 121 -52.33 39.08 8.55
N GLY D 122 -53.17 38.53 9.42
CA GLY D 122 -52.73 38.17 10.75
C GLY D 122 -51.69 37.08 10.66
N PHE D 123 -50.73 37.07 11.58
CA PHE D 123 -49.72 36.01 11.61
C PHE D 123 -50.42 34.68 11.87
N PRO D 124 -50.13 33.67 11.02
CA PRO D 124 -50.67 32.36 11.31
C PRO D 124 -49.91 31.76 12.49
N VAL D 125 -50.48 30.72 13.07
CA VAL D 125 -49.78 29.99 14.12
C VAL D 125 -48.53 29.43 13.46
N GLU D 126 -47.36 29.70 14.04
CA GLU D 126 -46.10 29.36 13.37
C GLU D 126 -44.97 29.25 14.38
N GLY D 127 -43.86 28.68 13.98
CA GLY D 127 -42.74 28.47 14.87
C GLY D 127 -42.54 27.00 15.21
N MET D 128 -41.98 26.78 16.39
CA MET D 128 -41.61 25.46 16.88
C MET D 128 -42.71 24.41 16.70
N ASN D 129 -42.34 23.24 16.15
CA ASN D 129 -43.23 22.09 16.07
C ASN D 129 -42.59 20.93 16.81
N PHE D 130 -43.41 20.20 17.54
CA PHE D 130 -42.93 19.04 18.29
C PHE D 130 -44.05 18.03 18.22
N HIS D 131 -43.75 16.83 17.72
CA HIS D 131 -44.74 15.81 17.52
C HIS D 131 -44.19 14.51 17.96
N MET D 132 -44.90 13.87 18.87
CA MET D 132 -44.49 12.55 19.33
C MET D 132 -45.72 11.73 19.66
N PHE D 133 -45.62 10.43 19.42
CA PHE D 133 -46.59 9.50 19.98
C PHE D 133 -45.91 8.21 20.42
N ALA D 134 -46.59 7.52 21.33
CA ALA D 134 -46.08 6.24 21.82
C ALA D 134 -47.27 5.32 22.09
N VAL D 135 -47.08 4.05 21.77
CA VAL D 135 -48.04 2.98 22.07
C VAL D 135 -47.27 1.88 22.75
N GLY D 136 -47.74 1.47 23.92
CA GLY D 136 -47.08 0.42 24.66
C GLY D 136 -48.00 -0.40 25.55
N GLY D 137 -47.45 -1.46 26.12
CA GLY D 137 -48.18 -2.35 27.03
C GLY D 137 -47.99 -2.02 28.52
N GLU D 138 -47.41 -0.85 28.78
CA GLU D 138 -47.15 -0.34 30.13
C GLU D 138 -46.83 1.16 29.98
N PRO D 139 -46.78 1.90 31.10
CA PRO D 139 -46.51 3.33 30.99
C PRO D 139 -45.21 3.64 30.28
N LEU D 140 -45.20 4.73 29.52
CA LEU D 140 -43.98 5.20 28.89
C LEU D 140 -42.98 5.54 29.97
N GLU D 141 -41.76 5.02 29.82
CA GLU D 141 -40.72 5.26 30.79
C GLU D 141 -39.93 6.51 30.36
N LEU D 142 -39.73 7.39 31.34
CA LEU D 142 -39.20 8.72 31.13
C LEU D 142 -37.83 8.88 31.74
N GLN D 143 -37.02 9.72 31.08
CA GLN D 143 -35.73 10.21 31.55
C GLN D 143 -35.87 11.72 31.71
N PHE D 144 -35.41 12.24 32.85
CA PHE D 144 -35.34 13.70 33.07
C PHE D 144 -34.13 14.27 32.33
N LEU D 145 -34.36 15.34 31.58
CA LEU D 145 -33.26 16.12 30.99
C LEU D 145 -33.79 17.50 30.67
N THR D 146 -33.08 18.53 31.13
CA THR D 146 -33.56 19.91 31.00
C THR D 146 -32.49 20.86 30.47
N GLY D 147 -32.93 21.95 29.84
CA GLY D 147 -32.01 23.00 29.45
C GLY D 147 -31.53 23.90 30.58
N ASN D 148 -32.21 23.87 31.73
CA ASN D 148 -31.81 24.63 32.90
C ASN D 148 -32.15 23.86 34.16
N TYR D 149 -31.13 23.36 34.85
CA TYR D 149 -31.36 22.53 36.03
C TYR D 149 -32.10 23.27 37.14
N ARG D 150 -32.04 24.59 37.12
CA ARG D 150 -32.61 25.41 38.20
C ARG D 150 -34.08 25.80 38.02
N THR D 151 -34.70 25.37 36.92
CA THR D 151 -36.11 25.73 36.66
C THR D 151 -36.97 25.38 37.87
N ASP D 152 -37.74 26.36 38.31
CA ASP D 152 -38.58 26.24 39.50
C ASP D 152 -40.00 26.03 39.00
N TYR D 153 -40.58 24.85 39.23
CA TYR D 153 -41.92 24.51 38.75
C TYR D 153 -43.01 24.79 39.79
N SER D 154 -42.66 25.50 40.85
CA SER D 154 -43.53 25.62 42.02
C SER D 154 -44.75 26.54 41.86
N ALA D 155 -44.85 27.25 40.74
CA ALA D 155 -46.09 28.00 40.44
C ALA D 155 -47.26 27.06 40.13
N ASN D 156 -46.97 25.81 39.80
CA ASN D 156 -48.01 24.82 39.55
C ASN D 156 -47.67 23.47 40.17
N ASP D 157 -48.17 23.22 41.39
CA ASP D 157 -47.85 21.98 42.10
C ASP D 157 -48.53 20.73 41.51
N LYS D 158 -49.33 20.87 40.46
CA LYS D 158 -49.89 19.72 39.78
C LYS D 158 -48.94 19.12 38.74
N LEU D 159 -47.87 19.84 38.39
CA LEU D 159 -46.85 19.29 37.50
C LEU D 159 -46.05 18.25 38.24
N VAL D 160 -45.69 17.16 37.55
CA VAL D 160 -44.84 16.13 38.14
C VAL D 160 -43.41 16.32 37.67
N VAL D 161 -42.53 16.65 38.62
CA VAL D 161 -41.12 16.92 38.39
C VAL D 161 -40.32 16.35 39.56
N PRO D 162 -39.00 16.21 39.41
CA PRO D 162 -38.19 15.65 40.50
C PRO D 162 -38.21 16.54 41.74
N PRO D 163 -38.07 15.95 42.93
CA PRO D 163 -38.13 16.72 44.16
C PRO D 163 -36.84 17.47 44.50
N ILE D 164 -35.74 17.15 43.83
CA ILE D 164 -34.49 17.88 43.99
C ILE D 164 -33.93 18.28 42.63
N LYS D 165 -33.01 19.21 42.65
CA LYS D 165 -32.38 19.74 41.44
C LYS D 165 -30.87 19.56 41.50
N HIS D 166 -30.26 19.31 40.35
CA HIS D 166 -28.80 19.19 40.28
C HIS D 166 -28.28 19.54 38.89
N GLN D 167 -27.08 20.12 38.86
CA GLN D 167 -26.42 20.55 37.62
C GLN D 167 -26.36 19.49 36.52
N SER D 168 -26.22 18.24 36.96
CA SER D 168 -26.01 17.11 36.05
C SER D 168 -27.25 16.81 35.21
N THR D 169 -28.41 17.34 35.59
CA THR D 169 -29.62 17.05 34.84
C THR D 169 -29.70 17.83 33.52
N GLN D 170 -28.69 18.66 33.20
CA GLN D 170 -28.59 19.25 31.86
C GLN D 170 -27.95 18.28 30.86
N GLY D 171 -27.41 17.18 31.42
CA GLY D 171 -27.03 16.00 30.64
C GLY D 171 -27.92 14.86 31.07
N LEU D 172 -27.44 13.64 30.87
CA LEU D 172 -28.21 12.43 31.23
C LEU D 172 -27.73 11.93 32.58
N ASN D 173 -28.57 12.15 33.60
CA ASN D 173 -28.38 11.55 34.90
C ASN D 173 -29.45 10.48 35.13
N PRO D 174 -29.05 9.21 35.09
CA PRO D 174 -30.04 8.14 35.17
C PRO D 174 -30.70 7.97 36.53
N HIS D 175 -30.29 8.74 37.53
CA HIS D 175 -30.98 8.75 38.81
C HIS D 175 -32.31 9.50 38.75
N TYR D 176 -32.54 10.25 37.67
CA TYR D 176 -33.76 11.04 37.49
C TYR D 176 -34.65 10.45 36.40
N LYS D 177 -35.53 9.54 36.79
CA LYS D 177 -36.45 8.86 35.89
C LYS D 177 -37.85 8.92 36.43
N GLN D 178 -38.81 8.54 35.59
CA GLN D 178 -40.23 8.49 35.95
C GLN D 178 -40.98 7.61 34.96
N LYS D 179 -42.28 7.47 35.19
CA LYS D 179 -43.19 6.82 34.26
C LYS D 179 -44.35 7.76 33.98
N LEU D 180 -44.81 7.79 32.75
CA LEU D 180 -45.88 8.70 32.35
C LEU D 180 -47.22 8.10 32.76
N THR D 181 -47.66 8.46 33.96
CA THR D 181 -48.84 7.87 34.58
C THR D 181 -49.98 8.88 34.77
N LYS D 182 -49.80 10.10 34.28
CA LYS D 182 -50.82 11.12 34.43
C LYS D 182 -50.85 12.07 33.24
N ASP D 183 -52.06 12.26 32.71
CA ASP D 183 -52.29 13.16 31.62
C ASP D 183 -52.13 14.61 32.07
N GLY D 184 -51.52 15.42 31.21
CA GLY D 184 -51.46 16.87 31.42
C GLY D 184 -50.69 17.31 32.65
N ALA D 185 -49.64 16.56 33.00
CA ALA D 185 -48.87 16.76 34.24
C ALA D 185 -47.34 16.70 34.11
N PHE D 186 -46.82 15.96 33.11
CA PHE D 186 -45.38 15.79 32.94
C PHE D 186 -44.90 16.75 31.86
N PRO D 187 -44.09 17.77 32.23
CA PRO D 187 -43.67 18.72 31.21
C PRO D 187 -42.78 18.11 30.14
N VAL D 188 -43.05 18.51 28.91
CA VAL D 188 -42.29 18.07 27.76
C VAL D 188 -40.86 18.57 27.88
N GLU D 189 -40.71 19.80 28.41
CA GLU D 189 -39.41 20.45 28.44
C GLU D 189 -38.39 19.74 29.31
N CYS D 190 -38.84 18.88 30.22
CA CYS D 190 -37.87 18.23 31.10
C CYS D 190 -37.98 16.71 31.18
N TRP D 191 -38.96 16.12 30.49
CA TRP D 191 -39.08 14.67 30.45
C TRP D 191 -39.05 14.17 29.02
N CYS D 192 -38.27 13.14 28.76
CA CYS D 192 -38.19 12.52 27.43
C CYS D 192 -38.24 11.01 27.57
N PRO D 193 -38.46 10.28 26.47
CA PRO D 193 -38.43 8.83 26.63
C PRO D 193 -37.06 8.33 27.08
N ASP D 194 -37.07 7.35 27.98
CA ASP D 194 -35.85 6.70 28.46
C ASP D 194 -35.48 5.61 27.48
N PRO D 195 -34.41 5.82 26.68
CA PRO D 195 -34.07 4.84 25.67
C PRO D 195 -33.45 3.55 26.22
N SER D 196 -33.05 3.54 27.50
CA SER D 196 -32.47 2.35 28.13
C SER D 196 -33.56 1.40 28.62
N LYS D 197 -34.81 1.86 28.59
CA LYS D 197 -35.96 1.01 28.92
C LYS D 197 -36.92 1.00 27.74
N ASN D 198 -38.22 1.08 28.00
CA ASN D 198 -39.23 1.06 26.95
C ASN D 198 -39.16 -0.10 25.95
N GLU D 199 -38.73 -1.27 26.42
CA GLU D 199 -38.68 -2.47 25.58
C GLU D 199 -40.09 -2.89 25.11
N ASN D 200 -41.11 -2.48 25.87
CA ASN D 200 -42.49 -2.88 25.62
C ASN D 200 -43.37 -1.71 25.12
N THR D 201 -42.72 -0.68 24.59
CA THR D 201 -43.39 0.47 23.99
C THR D 201 -42.67 0.82 22.69
N ARG D 202 -43.41 1.38 21.75
CA ARG D 202 -42.82 1.97 20.54
C ARG D 202 -43.10 3.47 20.58
N TYR D 203 -42.07 4.29 20.41
CA TYR D 203 -42.27 5.73 20.37
C TYR D 203 -41.58 6.35 19.17
N TYR D 204 -42.16 7.45 18.70
CA TYR D 204 -41.72 8.14 17.48
C TYR D 204 -41.88 9.62 17.74
N GLY D 205 -40.84 10.42 17.49
CA GLY D 205 -40.95 11.85 17.73
C GLY D 205 -40.10 12.69 16.79
N SER D 206 -40.52 13.95 16.67
CA SER D 206 -39.78 14.89 15.86
C SER D 206 -39.90 16.28 16.44
N TYR D 207 -38.86 17.09 16.18
CA TYR D 207 -38.83 18.47 16.63
C TYR D 207 -38.31 19.32 15.47
N THR D 208 -39.02 20.41 15.16
CA THR D 208 -38.51 21.42 14.26
C THR D 208 -38.55 22.74 15.00
N GLY D 209 -37.40 23.36 15.23
CA GLY D 209 -37.35 24.55 16.06
C GLY D 209 -37.38 25.86 15.30
N GLY D 210 -36.61 26.81 15.78
CA GLY D 210 -36.55 28.16 15.23
C GLY D 210 -37.67 29.04 15.76
N GLN D 211 -37.67 30.30 15.31
CA GLN D 211 -38.56 31.34 15.87
C GLN D 211 -39.97 31.43 15.27
N SER D 212 -40.02 31.52 13.94
CA SER D 212 -41.28 31.72 13.20
CA SER D 212 -41.27 31.72 13.19
C SER D 212 -41.38 30.71 12.05
N THR D 213 -40.71 29.58 12.23
CA THR D 213 -40.61 28.54 11.21
C THR D 213 -41.99 28.08 10.70
N PRO D 214 -42.13 27.86 9.40
CA PRO D 214 -43.40 27.34 8.90
C PRO D 214 -43.71 25.97 9.46
N PRO D 215 -44.90 25.77 10.01
CA PRO D 215 -45.30 24.39 10.34
C PRO D 215 -45.47 23.58 9.04
N VAL D 216 -45.00 22.34 9.06
CA VAL D 216 -45.18 21.41 7.93
C VAL D 216 -45.89 20.18 8.48
N LEU D 217 -47.15 20.00 8.07
CA LEU D 217 -48.04 19.00 8.66
C LEU D 217 -48.71 18.22 7.56
N GLN D 218 -48.98 16.96 7.83
CA GLN D 218 -49.74 16.11 6.92
C GLN D 218 -50.87 15.42 7.66
N PHE D 219 -51.92 15.06 6.93
CA PHE D 219 -53.03 14.27 7.50
C PHE D 219 -53.60 13.37 6.43
N THR D 220 -53.81 12.09 6.78
CA THR D 220 -54.38 11.12 5.88
C THR D 220 -54.92 9.94 6.70
N ASN D 221 -55.94 9.28 6.17
CA ASN D 221 -56.45 8.05 6.79
C ASN D 221 -55.95 6.75 6.14
N THR D 222 -54.80 6.83 5.44
CA THR D 222 -54.33 5.73 4.60
C THR D 222 -53.02 5.08 5.07
N VAL D 223 -52.47 5.54 6.19
CA VAL D 223 -51.16 5.10 6.65
C VAL D 223 -51.24 4.24 7.92
N THR D 224 -50.64 3.06 7.84
CA THR D 224 -50.58 2.13 8.96
C THR D 224 -49.12 2.03 9.43
N THR D 225 -48.89 2.22 10.74
CA THR D 225 -47.56 2.07 11.36
C THR D 225 -47.50 0.73 12.05
N VAL D 226 -46.57 -0.12 11.63
CA VAL D 226 -46.41 -1.44 12.22
C VAL D 226 -45.68 -1.29 13.56
N LEU D 227 -46.21 -1.94 14.59
CA LEU D 227 -45.64 -1.86 15.94
C LEU D 227 -44.83 -3.11 16.33
N LEU D 228 -44.85 -4.12 15.47
CA LEU D 228 -44.00 -5.29 15.64
C LEU D 228 -42.53 -4.90 15.63
N ASP D 229 -41.74 -5.53 16.50
CA ASP D 229 -40.28 -5.32 16.52
C ASP D 229 -39.60 -6.24 15.50
N GLU D 230 -38.27 -6.22 15.50
CA GLU D 230 -37.48 -7.05 14.58
C GLU D 230 -37.67 -8.56 14.76
N ASN D 231 -38.25 -8.98 15.88
CA ASN D 231 -38.55 -10.38 16.13
C ASN D 231 -40.01 -10.71 15.84
N GLY D 232 -40.76 -9.74 15.34
CA GLY D 232 -42.18 -9.96 15.00
C GLY D 232 -43.12 -9.85 16.19
N VAL D 233 -42.68 -9.18 17.26
CA VAL D 233 -43.46 -9.08 18.48
C VAL D 233 -43.82 -7.62 18.76
N GLY D 234 -45.11 -7.36 18.93
CA GLY D 234 -45.57 -6.05 19.32
C GLY D 234 -45.61 -5.84 20.84
N PRO D 235 -45.94 -4.60 21.28
CA PRO D 235 -46.18 -4.38 22.71
C PRO D 235 -47.20 -5.36 23.30
N LEU D 236 -46.85 -5.92 24.45
CA LEU D 236 -47.67 -6.91 25.14
C LEU D 236 -48.33 -6.23 26.34
N CYS D 237 -49.66 -6.29 26.41
CA CYS D 237 -50.42 -5.42 27.30
C CYS D 237 -50.56 -6.00 28.71
N LYS D 238 -49.66 -5.56 29.59
CA LYS D 238 -49.59 -6.06 30.97
C LYS D 238 -50.85 -5.68 31.74
N GLY D 239 -51.44 -6.64 32.42
CA GLY D 239 -52.70 -6.41 33.13
C GLY D 239 -53.82 -5.91 32.24
N ASP D 240 -53.77 -6.25 30.95
CA ASP D 240 -54.83 -5.93 29.99
C ASP D 240 -55.02 -4.42 29.85
N GLY D 241 -53.91 -3.69 29.88
CA GLY D 241 -53.92 -2.24 29.71
C GLY D 241 -53.06 -1.85 28.52
N LEU D 242 -53.61 -0.98 27.68
CA LEU D 242 -52.92 -0.38 26.55
C LEU D 242 -52.64 1.06 26.87
N TYR D 243 -51.41 1.49 26.64
CA TYR D 243 -51.00 2.84 26.99
C TYR D 243 -50.64 3.65 25.76
N VAL D 244 -51.24 4.84 25.66
CA VAL D 244 -51.08 5.70 24.50
C VAL D 244 -50.71 7.09 24.99
N SER D 245 -49.67 7.69 24.39
CA SER D 245 -49.17 8.98 24.83
C SER D 245 -48.82 9.81 23.59
N CYS D 246 -48.88 11.13 23.71
CA CYS D 246 -48.52 11.99 22.62
C CYS D 246 -48.32 13.44 23.03
N CYS D 247 -47.76 14.21 22.10
CA CYS D 247 -47.70 15.66 22.20
C CYS D 247 -47.62 16.19 20.77
N ASP D 248 -48.44 17.18 20.45
CA ASP D 248 -48.43 17.80 19.11
C ASP D 248 -48.53 19.33 19.18
N ILE D 249 -47.38 19.96 19.30
CA ILE D 249 -47.26 21.41 19.30
C ILE D 249 -47.09 21.84 17.86
N VAL D 250 -47.92 22.79 17.44
CA VAL D 250 -47.89 23.23 16.03
C VAL D 250 -47.37 24.66 15.80
N GLY D 251 -47.08 25.37 16.89
CA GLY D 251 -46.50 26.68 16.79
C GLY D 251 -46.99 27.57 17.89
N PHE D 252 -46.81 28.85 17.66
CA PHE D 252 -47.27 29.90 18.58
C PHE D 252 -48.26 30.81 17.92
N LEU D 253 -49.29 31.18 18.68
CA LEU D 253 -50.17 32.29 18.33
C LEU D 253 -49.53 33.58 18.84
N VAL D 254 -49.41 34.56 17.95
CA VAL D 254 -48.77 35.83 18.29
C VAL D 254 -49.82 36.92 18.46
N GLY D 255 -50.08 37.32 19.70
CA GLY D 255 -51.06 38.37 19.97
C GLY D 255 -50.65 39.74 19.46
N LYS D 256 -51.61 40.67 19.50
CA LYS D 256 -51.42 42.02 18.98
C LYS D 256 -50.16 42.72 19.48
N ASP D 257 -49.85 42.51 20.75
CA ASP D 257 -48.74 43.21 21.41
C ASP D 257 -47.43 42.42 21.39
N GLY D 258 -47.44 41.23 20.78
CA GLY D 258 -46.25 40.40 20.67
C GLY D 258 -46.25 39.23 21.64
N ASP D 259 -47.24 39.20 22.54
CA ASP D 259 -47.39 38.11 23.50
C ASP D 259 -47.71 36.80 22.77
N MET D 260 -47.11 35.72 23.20
CA MET D 260 -47.18 34.46 22.47
C MET D 260 -47.64 33.29 23.33
N GLN D 261 -48.41 32.40 22.73
CA GLN D 261 -48.92 31.19 23.38
C GLN D 261 -48.66 29.97 22.51
N TYR D 262 -48.27 28.85 23.11
CA TYR D 262 -48.24 27.57 22.38
C TYR D 262 -49.64 27.22 21.87
N ARG D 263 -49.69 26.60 20.71
CA ARG D 263 -50.91 25.99 20.17
C ARG D 263 -50.66 24.51 19.91
N GLY D 264 -51.58 23.67 20.37
CA GLY D 264 -51.51 22.22 20.16
C GLY D 264 -52.77 21.70 19.48
N LEU D 265 -52.64 20.53 18.86
CA LEU D 265 -53.76 19.86 18.20
C LEU D 265 -53.97 18.48 18.77
N PRO D 266 -55.19 17.96 18.65
CA PRO D 266 -55.46 16.60 19.14
C PRO D 266 -54.89 15.54 18.22
N ARG D 267 -54.79 14.32 18.74
CA ARG D 267 -54.33 13.21 17.95
C ARG D 267 -55.32 12.04 18.09
N TYR D 268 -55.56 11.38 16.95
CA TYR D 268 -56.42 10.23 16.83
C TYR D 268 -55.58 8.95 16.71
N PHE D 269 -56.05 7.87 17.34
CA PHE D 269 -55.42 6.55 17.21
C PHE D 269 -56.43 5.44 16.92
N ASN D 270 -56.08 4.54 16.02
CA ASN D 270 -56.78 3.30 15.76
C ASN D 270 -55.75 2.16 15.84
N ILE D 271 -55.82 1.40 16.92
CA ILE D 271 -54.83 0.36 17.23
C ILE D 271 -55.43 -1.03 17.08
N LEU D 272 -54.73 -1.88 16.31
CA LEU D 272 -55.11 -3.26 16.07
C LEU D 272 -54.33 -4.13 17.04
N LEU D 273 -55.03 -4.97 17.80
CA LEU D 273 -54.40 -5.91 18.71
C LEU D 273 -54.79 -7.36 18.42
N ARG D 274 -53.92 -8.28 18.81
CA ARG D 274 -54.17 -9.69 18.63
C ARG D 274 -53.80 -10.48 19.89
N LYS D 275 -54.44 -11.63 20.07
CA LYS D 275 -54.14 -12.50 21.21
C LYS D 275 -52.82 -13.24 20.99
N ARG D 276 -51.96 -13.20 22.01
CA ARG D 276 -50.69 -13.88 22.01
C ARG D 276 -50.60 -14.75 23.27
N THR D 277 -50.21 -15.99 23.09
CA THR D 277 -49.96 -16.90 24.23
C THR D 277 -48.57 -16.61 24.76
N VAL D 278 -48.43 -16.61 26.08
CA VAL D 278 -47.15 -16.39 26.73
C VAL D 278 -46.94 -17.39 27.87
N ARG D 279 -45.68 -17.60 28.21
CA ARG D 279 -45.28 -18.46 29.32
C ARG D 279 -45.70 -17.89 30.67
N ASN D 280 -46.06 -18.78 31.59
CA ASN D 280 -46.39 -18.37 32.95
C ASN D 280 -45.89 -19.44 33.92
N ILE E 10 -71.58 -2.78 5.21
CA ILE E 10 -71.60 -3.46 3.87
C ILE E 10 -70.69 -4.67 3.90
N GLU E 11 -71.25 -5.81 3.54
CA GLU E 11 -70.51 -7.05 3.41
C GLU E 11 -70.06 -7.19 1.97
N VAL E 12 -68.75 -7.10 1.78
CA VAL E 12 -68.16 -7.04 0.46
C VAL E 12 -67.92 -8.44 -0.07
N LEU E 13 -68.40 -8.70 -1.29
CA LEU E 13 -68.26 -10.04 -1.91
C LEU E 13 -67.25 -9.94 -3.07
N ASN E 14 -67.47 -10.66 -4.16
CA ASN E 14 -66.43 -10.74 -5.21
C ASN E 14 -66.55 -9.66 -6.27
N LEU E 15 -65.45 -9.44 -6.99
CA LEU E 15 -65.45 -8.58 -8.18
C LEU E 15 -66.31 -9.18 -9.29
N VAL E 16 -66.94 -8.30 -10.06
CA VAL E 16 -67.64 -8.67 -11.28
C VAL E 16 -66.62 -8.54 -12.40
N THR E 17 -66.47 -9.60 -13.21
CA THR E 17 -65.48 -9.58 -14.29
C THR E 17 -66.17 -9.45 -15.63
N GLY E 18 -65.39 -9.13 -16.66
CA GLY E 18 -65.87 -9.22 -18.04
C GLY E 18 -66.02 -7.86 -18.67
N PRO E 19 -66.63 -7.82 -19.88
CA PRO E 19 -66.85 -6.55 -20.56
C PRO E 19 -67.71 -5.61 -19.72
N ASP E 20 -67.39 -4.33 -19.78
CA ASP E 20 -68.19 -3.29 -19.11
C ASP E 20 -68.08 -3.32 -17.58
N SER E 21 -67.11 -4.03 -17.02
CA SER E 21 -66.94 -4.07 -15.55
C SER E 21 -66.17 -2.87 -14.97
N ILE E 22 -65.60 -2.03 -15.85
CA ILE E 22 -64.78 -0.90 -15.48
C ILE E 22 -65.35 0.37 -16.08
N THR E 23 -65.22 1.45 -15.35
CA THR E 23 -65.55 2.77 -15.90
C THR E 23 -64.62 3.83 -15.34
N THR E 24 -64.59 4.98 -16.01
CA THR E 24 -63.74 6.09 -15.54
C THR E 24 -64.56 7.36 -15.46
N ILE E 25 -64.19 8.21 -14.52
CA ILE E 25 -64.85 9.49 -14.31
C ILE E 25 -63.76 10.55 -14.33
N GLU E 26 -63.96 11.59 -15.13
CA GLU E 26 -63.05 12.70 -15.21
C GLU E 26 -63.80 13.98 -14.84
N LEU E 27 -63.16 14.82 -14.03
CA LEU E 27 -63.75 16.11 -13.65
C LEU E 27 -62.69 17.06 -13.16
N TYR E 28 -63.04 18.32 -13.07
CA TYR E 28 -62.22 19.29 -12.36
C TYR E 28 -63.13 20.02 -11.38
N LEU E 29 -62.50 20.55 -10.35
CA LEU E 29 -63.17 21.46 -9.39
C LEU E 29 -62.42 22.78 -9.31
N ASN E 30 -63.13 23.88 -9.54
CA ASN E 30 -62.57 25.21 -9.35
C ASN E 30 -62.53 25.54 -7.84
N THR E 31 -61.55 26.34 -7.52
CA THR E 31 -61.25 26.73 -6.15
C THR E 31 -62.36 27.63 -5.56
N ARG E 32 -62.51 27.54 -4.23
CA ARG E 32 -63.53 28.33 -3.50
C ARG E 32 -62.83 29.10 -2.41
N MET E 33 -62.14 30.16 -2.82
CA MET E 33 -61.36 30.97 -1.89
C MET E 33 -62.16 32.07 -1.21
N GLY E 34 -63.31 32.41 -1.80
CA GLY E 34 -64.20 33.37 -1.19
C GLY E 34 -64.95 34.18 -2.21
N GLN E 35 -64.27 34.62 -3.26
CA GLN E 35 -64.98 35.19 -4.41
C GLN E 35 -65.20 34.05 -5.39
N ASN E 36 -66.38 33.44 -5.32
CA ASN E 36 -66.62 32.18 -6.00
C ASN E 36 -67.54 32.29 -7.22
N ASP E 37 -67.77 33.53 -7.66
CA ASP E 37 -68.60 33.85 -8.81
C ASP E 37 -67.67 34.09 -10.01
N GLU E 38 -67.76 33.18 -10.98
CA GLU E 38 -66.86 33.18 -12.17
C GLU E 38 -67.06 34.37 -13.10
N SER E 39 -68.14 35.13 -12.90
CA SER E 39 -68.42 36.32 -13.69
C SER E 39 -67.87 37.61 -13.07
N LYS E 40 -67.27 37.53 -11.89
CA LYS E 40 -66.83 38.69 -11.16
C LYS E 40 -65.31 38.77 -11.04
N ASP E 41 -64.82 40.01 -10.84
CA ASP E 41 -63.39 40.23 -10.57
C ASP E 41 -62.97 39.45 -9.32
N ASN E 42 -61.69 39.13 -9.27
CA ASN E 42 -61.15 38.38 -8.12
C ASN E 42 -61.62 36.94 -7.97
N TYR E 43 -62.19 36.35 -9.03
CA TYR E 43 -62.54 34.93 -9.00
C TYR E 43 -61.28 34.12 -8.75
N GLY E 44 -61.37 33.11 -7.92
CA GLY E 44 -60.24 32.27 -7.58
C GLY E 44 -59.35 32.87 -6.51
N TYR E 45 -59.81 33.97 -5.91
CA TYR E 45 -59.16 34.58 -4.78
C TYR E 45 -60.20 34.81 -3.67
N SER E 46 -59.72 35.09 -2.47
CA SER E 46 -60.60 35.58 -1.40
C SER E 46 -60.76 37.08 -1.56
N GLU E 47 -61.77 37.65 -0.90
CA GLU E 47 -61.77 39.06 -0.62
C GLU E 47 -60.63 39.39 0.32
N LYS E 48 -60.33 40.68 0.44
CA LYS E 48 -59.24 41.14 1.30
C LYS E 48 -59.37 40.59 2.71
N VAL E 49 -58.27 40.06 3.24
CA VAL E 49 -58.21 39.55 4.61
C VAL E 49 -58.27 40.70 5.62
N THR E 50 -59.10 40.51 6.65
CA THR E 50 -59.19 41.46 7.76
C THR E 50 -58.76 40.77 9.05
N VAL E 51 -58.39 41.57 10.03
CA VAL E 51 -57.84 41.07 11.28
C VAL E 51 -58.68 41.59 12.44
N ALA E 52 -59.17 40.65 13.27
CA ALA E 52 -59.98 41.00 14.43
C ALA E 52 -59.27 41.96 15.38
N ASN E 53 -60.02 42.93 15.90
CA ASN E 53 -59.46 43.83 16.90
C ASN E 53 -59.29 43.14 18.25
N SER E 54 -60.15 42.16 18.53
CA SER E 54 -60.08 41.35 19.74
C SER E 54 -60.78 40.03 19.46
N SER E 55 -60.47 39.02 20.27
CA SER E 55 -61.07 37.68 20.15
C SER E 55 -62.59 37.62 20.17
N ASP E 56 -63.22 38.55 20.90
CA ASP E 56 -64.69 38.58 21.00
C ASP E 56 -65.32 39.51 19.96
N GLN E 57 -64.52 39.96 19.00
CA GLN E 57 -65.00 40.74 17.86
C GLN E 57 -64.34 40.19 16.61
N ASP E 58 -64.35 38.87 16.49
CA ASP E 58 -63.67 38.17 15.42
C ASP E 58 -64.75 37.76 14.43
N LYS E 59 -65.05 38.67 13.50
CA LYS E 59 -66.19 38.53 12.59
C LYS E 59 -65.69 38.77 11.17
N PRO E 60 -65.24 37.70 10.50
CA PRO E 60 -64.69 37.90 9.15
C PRO E 60 -65.70 38.50 8.20
N THR E 61 -65.21 39.29 7.24
CA THR E 61 -66.06 39.86 6.22
C THR E 61 -66.54 38.76 5.27
N SER E 62 -67.65 39.03 4.60
CA SER E 62 -68.17 38.10 3.62
C SER E 62 -67.17 37.93 2.49
N GLY E 63 -66.84 36.67 2.19
CA GLY E 63 -65.96 36.36 1.07
C GLY E 63 -64.49 36.28 1.39
N GLU E 64 -64.09 36.47 2.66
CA GLU E 64 -62.66 36.35 2.97
C GLU E 64 -62.27 34.95 3.47
N ILE E 65 -63.19 33.98 3.42
CA ILE E 65 -63.00 32.67 4.07
C ILE E 65 -62.98 31.53 3.02
N PRO E 66 -61.83 30.88 2.82
CA PRO E 66 -61.79 29.69 1.94
C PRO E 66 -62.66 28.55 2.43
N THR E 67 -63.30 27.87 1.49
CA THR E 67 -64.14 26.73 1.78
C THR E 67 -63.71 25.53 0.92
N TYR E 68 -64.22 24.35 1.25
CA TYR E 68 -63.92 23.17 0.47
C TYR E 68 -64.68 23.19 -0.85
N SER E 69 -64.02 22.68 -1.90
CA SER E 69 -64.70 22.32 -3.12
C SER E 69 -65.19 20.89 -3.00
N THR E 70 -66.34 20.61 -3.59
CA THR E 70 -66.85 19.27 -3.60
C THR E 70 -67.86 19.08 -4.72
N ALA E 71 -67.98 17.82 -5.13
CA ALA E 71 -68.99 17.39 -6.08
C ALA E 71 -69.40 15.95 -5.86
N ARG E 72 -70.66 15.65 -6.18
CA ARG E 72 -71.14 14.30 -6.25
C ARG E 72 -71.34 14.04 -7.72
N ILE E 73 -70.74 12.97 -8.23
CA ILE E 73 -70.89 12.58 -9.64
C ILE E 73 -71.77 11.34 -9.72
N ASN E 74 -72.78 11.39 -10.58
CA ASN E 74 -73.64 10.25 -10.89
C ASN E 74 -72.92 9.23 -11.74
N LEU E 75 -72.95 7.97 -11.29
CA LEU E 75 -72.33 6.87 -12.00
C LEU E 75 -73.38 6.08 -12.75
N PRO E 76 -72.96 5.22 -13.70
CA PRO E 76 -73.94 4.44 -14.44
C PRO E 76 -74.76 3.56 -13.51
N MET E 77 -76.07 3.53 -13.71
CA MET E 77 -76.94 2.77 -12.83
C MET E 77 -76.65 1.29 -12.92
N LEU E 78 -76.60 0.62 -11.77
CA LEU E 78 -76.21 -0.81 -11.73
C LEU E 78 -77.30 -1.81 -11.45
N ASN E 79 -78.26 -1.42 -10.62
CA ASN E 79 -79.24 -2.35 -10.08
C ASN E 79 -80.66 -1.94 -10.45
N GLU E 80 -81.24 -2.70 -11.37
CA GLU E 80 -82.62 -2.51 -11.79
C GLU E 80 -83.60 -3.02 -10.72
N ASP E 81 -83.13 -3.94 -9.88
CA ASP E 81 -83.95 -4.55 -8.83
C ASP E 81 -83.20 -4.47 -7.49
N LEU E 82 -83.61 -3.55 -6.63
CA LEU E 82 -82.89 -3.30 -5.38
C LEU E 82 -83.20 -4.31 -4.27
N THR E 83 -84.02 -5.32 -4.57
CA THR E 83 -84.38 -6.39 -3.62
C THR E 83 -83.73 -7.74 -3.93
N CYS E 84 -82.75 -7.76 -4.84
CA CYS E 84 -81.97 -8.98 -5.07
C CYS E 84 -81.17 -9.28 -3.82
N ASN E 85 -80.77 -10.53 -3.65
CA ASN E 85 -80.00 -10.93 -2.47
C ASN E 85 -78.55 -10.43 -2.45
N THR E 86 -78.06 -10.03 -3.62
CA THR E 86 -76.80 -9.29 -3.73
C THR E 86 -77.06 -8.11 -4.66
N LEU E 87 -76.22 -7.09 -4.52
CA LEU E 87 -76.24 -5.92 -5.39
C LEU E 87 -74.86 -5.64 -5.92
N THR E 88 -74.78 -4.84 -6.98
CA THR E 88 -73.49 -4.41 -7.50
C THR E 88 -73.27 -2.96 -7.10
N MET E 89 -72.03 -2.63 -6.73
CA MET E 89 -71.65 -1.26 -6.45
C MET E 89 -70.40 -0.92 -7.24
N TRP E 90 -70.26 0.35 -7.59
CA TRP E 90 -69.02 0.83 -8.13
C TRP E 90 -68.00 1.00 -7.01
N GLU E 91 -66.79 0.49 -7.24
CA GLU E 91 -65.69 0.57 -6.29
C GLU E 91 -64.58 1.40 -6.92
N ALA E 92 -64.20 2.48 -6.24
CA ALA E 92 -63.14 3.36 -6.77
C ALA E 92 -61.79 2.68 -6.48
N VAL E 93 -61.03 2.46 -7.53
CA VAL E 93 -59.76 1.71 -7.49
C VAL E 93 -58.57 2.63 -7.38
N SER E 94 -58.58 3.71 -8.16
CA SER E 94 -57.44 4.58 -8.22
C SER E 94 -57.84 5.94 -8.72
N VAL E 95 -56.98 6.92 -8.51
CA VAL E 95 -57.22 8.27 -9.01
C VAL E 95 -55.90 8.87 -9.48
N LYS E 96 -55.96 9.57 -10.59
CA LYS E 96 -54.89 10.45 -11.04
C LYS E 96 -55.40 11.86 -10.78
N THR E 97 -54.71 12.62 -9.96
CA THR E 97 -55.12 13.97 -9.66
C THR E 97 -53.93 14.93 -9.74
N GLU E 98 -54.21 16.13 -10.23
CA GLU E 98 -53.21 17.18 -10.37
C GLU E 98 -53.80 18.54 -10.05
N VAL E 99 -52.95 19.44 -9.54
CA VAL E 99 -53.31 20.85 -9.40
C VAL E 99 -53.07 21.52 -10.76
N VAL E 100 -54.04 22.29 -11.23
CA VAL E 100 -54.01 22.88 -12.54
C VAL E 100 -53.53 24.33 -12.43
N GLY E 101 -52.79 24.83 -13.40
CA GLY E 101 -52.42 26.24 -13.41
C GLY E 101 -51.25 26.65 -12.52
N VAL E 102 -50.40 25.70 -12.18
CA VAL E 102 -49.26 26.03 -11.30
C VAL E 102 -48.40 27.10 -11.96
N SER E 103 -48.24 27.03 -13.29
CA SER E 103 -47.40 27.98 -13.99
C SER E 103 -47.92 29.43 -13.91
N SER E 104 -49.22 29.62 -13.62
CA SER E 104 -49.76 30.96 -13.38
C SER E 104 -49.09 31.70 -12.24
N LEU E 105 -48.38 30.97 -11.36
CA LEU E 105 -47.64 31.58 -10.27
C LEU E 105 -46.31 32.20 -10.72
N VAL E 106 -45.92 31.96 -11.97
CA VAL E 106 -44.74 32.58 -12.57
C VAL E 106 -45.17 33.96 -13.12
N ASN E 107 -45.46 34.87 -12.20
CA ASN E 107 -46.00 36.17 -12.54
C ASN E 107 -45.64 37.13 -11.42
N VAL E 108 -44.77 38.08 -11.75
CA VAL E 108 -44.32 39.08 -10.80
C VAL E 108 -44.49 40.49 -11.35
N HIS E 109 -45.43 40.68 -12.28
CA HIS E 109 -45.74 42.03 -12.78
C HIS E 109 -47.15 42.50 -12.44
N MET E 110 -47.87 41.77 -11.59
CA MET E 110 -49.19 42.21 -11.17
C MET E 110 -49.07 43.39 -10.20
N ALA E 111 -50.19 44.09 -9.98
CA ALA E 111 -50.23 45.24 -9.08
C ALA E 111 -50.10 44.79 -7.64
N THR E 112 -48.85 44.68 -7.21
CA THR E 112 -48.50 44.14 -5.91
C THR E 112 -47.42 45.00 -5.27
N LYS E 113 -47.14 44.74 -3.99
CA LYS E 113 -45.94 45.24 -3.36
C LYS E 113 -44.75 44.70 -4.12
N ARG E 114 -43.62 45.39 -4.04
CA ARG E 114 -42.47 44.93 -4.81
C ARG E 114 -41.18 44.99 -4.01
N MET E 115 -40.17 44.28 -4.50
CA MET E 115 -38.86 44.22 -3.83
C MET E 115 -37.99 45.47 -4.10
N TYR E 116 -36.98 45.64 -3.24
CA TYR E 116 -35.87 46.57 -3.48
C TYR E 116 -36.27 48.00 -3.82
N ASP E 117 -36.94 48.64 -2.87
CA ASP E 117 -37.20 50.10 -2.95
C ASP E 117 -37.90 50.46 -4.26
N ASP E 118 -38.95 49.68 -4.56
CA ASP E 118 -39.83 49.90 -5.71
C ASP E 118 -39.17 49.70 -7.08
N LYS E 119 -38.07 48.95 -7.11
CA LYS E 119 -37.34 48.69 -8.34
C LYS E 119 -37.35 47.24 -8.79
N GLY E 120 -37.61 46.34 -7.84
CA GLY E 120 -37.53 44.90 -8.11
C GLY E 120 -38.87 44.31 -8.48
N ILE E 121 -38.89 42.98 -8.49
CA ILE E 121 -40.08 42.23 -8.90
C ILE E 121 -41.25 42.52 -7.99
N GLY E 122 -42.46 42.40 -8.53
CA GLY E 122 -43.63 42.35 -7.68
C GLY E 122 -43.58 41.07 -6.86
N PHE E 123 -44.16 41.07 -5.65
CA PHE E 123 -44.16 39.85 -4.84
C PHE E 123 -45.00 38.78 -5.54
N PRO E 124 -44.45 37.56 -5.70
CA PRO E 124 -45.28 36.50 -6.27
C PRO E 124 -46.26 36.04 -5.20
N VAL E 125 -47.30 35.32 -5.63
CA VAL E 125 -48.18 34.67 -4.69
C VAL E 125 -47.33 33.76 -3.80
N GLU E 126 -47.39 33.96 -2.49
CA GLU E 126 -46.51 33.26 -1.59
C GLU E 126 -47.13 33.18 -0.21
N GLY E 127 -46.58 32.28 0.62
CA GLY E 127 -47.08 32.04 1.98
C GLY E 127 -47.76 30.70 2.12
N MET E 128 -48.76 30.67 2.98
CA MET E 128 -49.41 29.44 3.40
C MET E 128 -49.89 28.61 2.23
N ASN E 129 -49.56 27.29 2.26
CA ASN E 129 -50.12 26.36 1.31
C ASN E 129 -50.90 25.32 2.06
N PHE E 130 -52.05 24.97 1.52
CA PHE E 130 -52.91 23.95 2.08
C PHE E 130 -53.48 23.17 0.93
N HIS E 131 -53.23 21.87 0.92
CA HIS E 131 -53.65 21.02 -0.17
C HIS E 131 -54.25 19.76 0.36
N MET E 132 -55.46 19.47 -0.08
CA MET E 132 -56.08 18.22 0.30
C MET E 132 -57.04 17.76 -0.77
N PHE E 133 -57.17 16.45 -0.90
CA PHE E 133 -58.21 15.88 -1.72
C PHE E 133 -58.75 14.63 -1.06
N ALA E 134 -59.98 14.29 -1.43
CA ALA E 134 -60.64 13.11 -0.93
C ALA E 134 -61.50 12.51 -2.03
N VAL E 135 -61.53 11.19 -2.08
CA VAL E 135 -62.41 10.45 -2.99
C VAL E 135 -63.13 9.40 -2.14
N GLY E 136 -64.45 9.38 -2.21
CA GLY E 136 -65.21 8.44 -1.42
C GLY E 136 -66.53 8.05 -2.04
N GLY E 137 -67.20 7.11 -1.39
CA GLY E 137 -68.47 6.57 -1.87
C GLY E 137 -69.67 7.19 -1.14
N GLU E 138 -69.40 8.26 -0.41
CA GLU E 138 -70.40 9.02 0.35
C GLU E 138 -69.74 10.33 0.73
N PRO E 139 -70.51 11.33 1.21
CA PRO E 139 -69.87 12.59 1.56
C PRO E 139 -68.75 12.45 2.59
N LEU E 140 -67.75 13.29 2.44
CA LEU E 140 -66.67 13.37 3.43
C LEU E 140 -67.20 13.76 4.78
N GLU E 141 -66.85 12.99 5.81
CA GLU E 141 -67.30 13.23 7.13
C GLU E 141 -66.37 14.21 7.83
N LEU E 142 -66.94 15.22 8.46
CA LEU E 142 -66.20 16.32 9.02
C LEU E 142 -66.31 16.39 10.53
N GLN E 143 -65.24 16.92 11.13
CA GLN E 143 -65.14 17.22 12.55
C GLN E 143 -64.89 18.73 12.67
N PHE E 144 -65.60 19.39 13.58
CA PHE E 144 -65.40 20.81 13.83
C PHE E 144 -64.21 21.00 14.77
N LEU E 145 -63.32 21.92 14.42
CA LEU E 145 -62.19 22.29 15.29
C LEU E 145 -61.71 23.64 14.82
N THR E 146 -61.66 24.61 15.75
CA THR E 146 -61.33 25.97 15.40
C THR E 146 -60.26 26.51 16.31
N GLY E 147 -59.53 27.49 15.80
CA GLY E 147 -58.63 28.28 16.62
C GLY E 147 -59.29 29.26 17.58
N ASN E 148 -60.55 29.60 17.34
CA ASN E 148 -61.27 30.55 18.17
C ASN E 148 -62.75 30.23 18.22
N TYR E 149 -63.23 29.74 19.37
CA TYR E 149 -64.63 29.33 19.45
C TYR E 149 -65.57 30.50 19.23
N ARG E 150 -65.08 31.72 19.45
CA ARG E 150 -65.89 32.93 19.33
C ARG E 150 -66.06 33.47 17.90
N THR E 151 -65.48 32.82 16.90
CA THR E 151 -65.57 33.34 15.53
C THR E 151 -67.04 33.49 15.13
N ASP E 152 -67.38 34.66 14.58
CA ASP E 152 -68.74 35.02 14.21
C ASP E 152 -68.81 35.00 12.70
N TYR E 153 -69.52 34.00 12.16
CA TYR E 153 -69.62 33.82 10.72
C TYR E 153 -70.87 34.48 10.13
N SER E 154 -71.56 35.31 10.90
CA SER E 154 -72.86 35.85 10.49
C SER E 154 -72.80 36.91 9.40
N ALA E 155 -71.61 37.33 8.97
CA ALA E 155 -71.52 38.21 7.78
C ALA E 155 -71.87 37.45 6.50
N ASN E 156 -71.88 36.12 6.57
CA ASN E 156 -72.22 35.26 5.42
C ASN E 156 -73.01 34.04 5.91
N ASP E 157 -74.33 34.12 5.85
CA ASP E 157 -75.16 33.04 6.39
C ASP E 157 -75.21 31.84 5.44
N LYS E 158 -74.53 31.94 4.30
CA LYS E 158 -74.39 30.78 3.40
C LYS E 158 -73.25 29.85 3.83
N LEU E 159 -72.42 30.26 4.80
CA LEU E 159 -71.42 29.34 5.36
C LEU E 159 -72.06 28.39 6.34
N VAL E 160 -71.77 27.10 6.19
CA VAL E 160 -72.32 26.09 7.08
C VAL E 160 -71.36 25.89 8.25
N VAL E 161 -71.83 26.27 9.44
CA VAL E 161 -71.07 26.17 10.68
C VAL E 161 -72.03 25.79 11.81
N PRO E 162 -71.49 25.33 12.96
CA PRO E 162 -72.42 24.92 14.01
C PRO E 162 -73.20 26.12 14.57
N PRO E 163 -74.48 25.95 14.89
CA PRO E 163 -75.25 27.07 15.44
C PRO E 163 -74.79 27.53 16.83
N ILE E 164 -74.27 26.58 17.63
CA ILE E 164 -73.80 26.79 18.99
C ILE E 164 -72.35 26.44 19.04
N LYS E 165 -71.52 27.34 19.52
CA LYS E 165 -70.10 27.02 19.68
C LYS E 165 -69.74 27.16 21.14
N HIS E 166 -68.85 26.28 21.58
CA HIS E 166 -68.43 26.14 22.97
C HIS E 166 -66.90 26.15 23.00
N GLN E 167 -66.30 26.48 24.15
CA GLN E 167 -64.85 26.55 24.25
C GLN E 167 -64.17 25.26 23.84
N SER E 168 -64.84 24.13 24.08
CA SER E 168 -64.26 22.82 23.81
C SER E 168 -63.99 22.59 22.33
N THR E 169 -64.54 23.43 21.47
CA THR E 169 -64.33 23.34 20.04
C THR E 169 -62.94 23.79 19.58
N GLN E 170 -62.14 24.30 20.52
CA GLN E 170 -60.73 24.58 20.26
C GLN E 170 -59.88 23.32 20.35
N GLY E 171 -60.49 22.23 20.81
CA GLY E 171 -59.95 20.88 20.70
C GLY E 171 -60.96 20.01 19.98
N LEU E 172 -60.85 18.70 20.17
CA LEU E 172 -61.75 17.75 19.55
C LEU E 172 -62.93 17.45 20.48
N ASN E 173 -64.11 17.97 20.14
CA ASN E 173 -65.34 17.61 20.81
C ASN E 173 -66.21 16.86 19.81
N PRO E 174 -66.40 15.57 20.04
CA PRO E 174 -67.08 14.69 19.08
C PRO E 174 -68.57 14.98 18.91
N HIS E 175 -69.15 15.86 19.72
CA HIS E 175 -70.51 16.30 19.51
C HIS E 175 -70.68 17.18 18.27
N TYR E 176 -69.56 17.67 17.71
CA TYR E 176 -69.57 18.65 16.61
C TYR E 176 -69.08 18.05 15.31
N LYS E 177 -70.00 17.46 14.56
CA LYS E 177 -69.66 16.84 13.30
C LYS E 177 -70.56 17.35 12.19
N GLN E 178 -70.18 17.06 10.96
CA GLN E 178 -70.98 17.40 9.78
C GLN E 178 -70.58 16.47 8.63
N LYS E 179 -71.24 16.63 7.49
CA LYS E 179 -70.87 15.97 6.26
C LYS E 179 -70.73 17.03 5.16
N LEU E 180 -69.71 16.87 4.34
CA LEU E 180 -69.42 17.83 3.26
C LEU E 180 -70.36 17.63 2.08
N THR E 181 -71.48 18.35 2.12
CA THR E 181 -72.58 18.14 1.18
C THR E 181 -72.84 19.35 0.28
N LYS E 182 -72.05 20.40 0.42
CA LYS E 182 -72.26 21.62 -0.39
C LYS E 182 -70.92 22.21 -0.74
N ASP E 183 -70.74 22.52 -2.03
CA ASP E 183 -69.52 23.18 -2.56
C ASP E 183 -69.52 24.62 -2.09
N GLY E 184 -68.33 25.14 -1.73
CA GLY E 184 -68.19 26.57 -1.50
C GLY E 184 -68.90 27.07 -0.26
N ALA E 185 -69.05 26.22 0.76
CA ALA E 185 -69.89 26.53 1.93
C ALA E 185 -69.29 26.17 3.31
N PHE E 186 -68.43 25.16 3.35
CA PHE E 186 -67.87 24.69 4.61
C PHE E 186 -66.49 25.28 4.78
N PRO E 187 -66.28 26.18 5.78
CA PRO E 187 -64.96 26.77 5.89
C PRO E 187 -63.86 25.79 6.26
N VAL E 188 -62.73 25.93 5.59
CA VAL E 188 -61.57 25.09 5.89
C VAL E 188 -61.04 25.33 7.30
N GLU E 189 -61.17 26.57 7.78
CA GLU E 189 -60.59 26.95 9.08
C GLU E 189 -61.25 26.29 10.27
N CYS E 190 -62.44 25.72 10.09
CA CYS E 190 -63.17 25.13 11.23
C CYS E 190 -63.69 23.73 11.02
N TRP E 191 -63.48 23.16 9.83
CA TRP E 191 -63.90 21.79 9.53
C TRP E 191 -62.72 21.03 8.98
N CYS E 192 -62.49 19.83 9.53
CA CYS E 192 -61.45 18.93 9.03
C CYS E 192 -62.02 17.53 8.85
N PRO E 193 -61.30 16.66 8.14
CA PRO E 193 -61.82 15.30 8.12
C PRO E 193 -61.96 14.66 9.50
N ASP E 194 -63.05 13.90 9.70
CA ASP E 194 -63.27 13.16 10.91
C ASP E 194 -62.52 11.80 10.84
N PRO E 195 -61.41 11.67 11.58
CA PRO E 195 -60.66 10.41 11.48
C PRO E 195 -61.35 9.22 12.13
N SER E 196 -62.37 9.45 12.96
CA SER E 196 -63.10 8.36 13.58
C SER E 196 -64.17 7.78 12.66
N LYS E 197 -64.42 8.44 11.53
CA LYS E 197 -65.34 7.94 10.53
C LYS E 197 -64.58 7.80 9.20
N ASN E 198 -65.20 8.19 8.09
CA ASN E 198 -64.57 8.10 6.76
C ASN E 198 -64.00 6.74 6.38
N GLU E 199 -64.69 5.70 6.81
CA GLU E 199 -64.31 4.33 6.45
C GLU E 199 -64.44 4.08 4.94
N ASN E 200 -65.27 4.87 4.27
CA ASN E 200 -65.57 4.67 2.86
C ASN E 200 -65.09 5.81 1.99
N THR E 201 -64.07 6.52 2.49
CA THR E 201 -63.43 7.64 1.80
C THR E 201 -61.92 7.55 2.06
N ARG E 202 -61.13 7.94 1.08
CA ARG E 202 -59.69 8.13 1.26
C ARG E 202 -59.40 9.61 1.17
N TYR E 203 -58.68 10.16 2.16
CA TYR E 203 -58.31 11.58 2.09
C TYR E 203 -56.82 11.75 2.36
N TYR E 204 -56.27 12.81 1.75
CA TYR E 204 -54.84 13.14 1.84
C TYR E 204 -54.69 14.63 1.95
N GLY E 205 -53.93 15.12 2.94
CA GLY E 205 -53.76 16.55 3.06
C GLY E 205 -52.41 16.96 3.59
N SER E 206 -52.04 18.21 3.29
CA SER E 206 -50.83 18.79 3.77
C SER E 206 -51.02 20.28 4.03
N TYR E 207 -50.25 20.79 4.97
CA TYR E 207 -50.24 22.23 5.30
C TYR E 207 -48.79 22.64 5.47
N THR E 208 -48.41 23.75 4.82
CA THR E 208 -47.15 24.44 5.06
C THR E 208 -47.47 25.86 5.38
N GLY E 209 -47.15 26.30 6.60
CA GLY E 209 -47.56 27.61 7.04
C GLY E 209 -46.51 28.69 6.88
N GLY E 210 -46.46 29.59 7.87
CA GLY E 210 -45.53 30.73 7.86
C GLY E 210 -46.11 31.89 7.07
N GLN E 211 -45.37 33.01 7.06
CA GLN E 211 -45.89 34.27 6.50
C GLN E 211 -45.73 34.48 4.98
N SER E 212 -44.50 34.31 4.49
CA SER E 212 -44.12 34.54 3.10
C SER E 212 -43.44 33.33 2.45
N THR E 213 -43.76 32.17 3.01
CA THR E 213 -43.11 30.93 2.64
C THR E 213 -43.20 30.60 1.16
N PRO E 214 -42.10 30.13 0.56
CA PRO E 214 -42.19 29.72 -0.85
C PRO E 214 -43.19 28.58 -1.04
N PRO E 215 -44.15 28.74 -1.96
CA PRO E 215 -44.96 27.62 -2.39
C PRO E 215 -44.06 26.58 -3.09
N VAL E 216 -44.26 25.31 -2.77
CA VAL E 216 -43.54 24.22 -3.41
C VAL E 216 -44.58 23.28 -4.02
N LEU E 217 -44.64 23.25 -5.34
CA LEU E 217 -45.73 22.61 -6.04
C LEU E 217 -45.19 21.73 -7.16
N GLN E 218 -45.88 20.63 -7.43
CA GLN E 218 -45.56 19.78 -8.57
C GLN E 218 -46.79 19.49 -9.39
N PHE E 219 -46.54 19.14 -10.66
CA PHE E 219 -47.62 18.73 -11.56
C PHE E 219 -47.09 17.75 -12.58
N THR E 220 -47.84 16.70 -12.81
CA THR E 220 -47.49 15.67 -13.77
C THR E 220 -48.74 14.88 -14.11
N ASN E 221 -48.75 14.25 -15.28
CA ASN E 221 -49.86 13.37 -15.68
C ASN E 221 -49.49 11.89 -15.61
N THR E 222 -48.48 11.58 -14.80
CA THR E 222 -47.90 10.25 -14.78
C THR E 222 -48.08 9.50 -13.47
N VAL E 223 -48.81 10.07 -12.52
CA VAL E 223 -48.92 9.45 -11.17
C VAL E 223 -50.32 8.97 -10.86
N THR E 224 -50.42 7.71 -10.45
CA THR E 224 -51.69 7.08 -10.08
C THR E 224 -51.64 6.81 -8.58
N THR E 225 -52.66 7.23 -7.86
CA THR E 225 -52.82 6.97 -6.42
C THR E 225 -53.84 5.83 -6.26
N VAL E 226 -53.42 4.74 -5.60
CA VAL E 226 -54.28 3.58 -5.37
C VAL E 226 -55.21 3.89 -4.18
N LEU E 227 -56.50 3.66 -4.37
CA LEU E 227 -57.52 3.95 -3.35
C LEU E 227 -57.94 2.73 -2.56
N LEU E 228 -57.42 1.57 -2.92
CA LEU E 228 -57.73 0.34 -2.18
C LEU E 228 -57.14 0.41 -0.77
N ASP E 229 -57.91 -0.07 0.19
CA ASP E 229 -57.47 -0.15 1.58
C ASP E 229 -56.60 -1.39 1.79
N GLU E 230 -56.23 -1.67 3.05
CA GLU E 230 -55.36 -2.78 3.39
C GLU E 230 -55.98 -4.17 3.12
N ASN E 231 -57.30 -4.20 2.95
CA ASN E 231 -58.02 -5.41 2.57
C ASN E 231 -58.30 -5.54 1.08
N GLY E 232 -57.77 -4.61 0.28
CA GLY E 232 -57.95 -4.61 -1.15
C GLY E 232 -59.27 -4.02 -1.62
N VAL E 233 -59.93 -3.26 -0.75
CA VAL E 233 -61.24 -2.72 -1.08
C VAL E 233 -61.21 -1.19 -1.21
N GLY E 234 -61.70 -0.66 -2.31
CA GLY E 234 -61.81 0.77 -2.47
C GLY E 234 -63.13 1.32 -1.98
N PRO E 235 -63.25 2.66 -2.00
CA PRO E 235 -64.55 3.28 -1.67
C PRO E 235 -65.68 2.69 -2.51
N LEU E 236 -66.79 2.36 -1.84
CA LEU E 236 -67.96 1.75 -2.49
C LEU E 236 -69.05 2.83 -2.62
N CYS E 237 -69.49 3.06 -3.85
CA CYS E 237 -70.31 4.24 -4.15
C CYS E 237 -71.80 4.02 -3.86
N LYS E 238 -72.22 4.51 -2.69
CA LYS E 238 -73.59 4.33 -2.21
C LYS E 238 -74.56 5.09 -3.11
N GLY E 239 -75.61 4.41 -3.53
CA GLY E 239 -76.57 5.03 -4.44
C GLY E 239 -75.97 5.46 -5.78
N ASP E 240 -74.90 4.79 -6.21
CA ASP E 240 -74.20 5.12 -7.46
C ASP E 240 -73.71 6.58 -7.49
N GLY E 241 -73.28 7.07 -6.33
CA GLY E 241 -72.69 8.41 -6.24
C GLY E 241 -71.23 8.34 -5.86
N LEU E 242 -70.41 9.11 -6.58
CA LEU E 242 -69.00 9.23 -6.27
C LEU E 242 -68.78 10.65 -5.73
N TYR E 243 -68.07 10.75 -4.62
CA TYR E 243 -67.85 12.03 -3.98
C TYR E 243 -66.38 12.44 -4.03
N VAL E 244 -66.14 13.63 -4.56
CA VAL E 244 -64.79 14.16 -4.72
C VAL E 244 -64.75 15.52 -4.01
N SER E 245 -63.70 15.76 -3.22
CA SER E 245 -63.59 16.99 -2.44
C SER E 245 -62.13 17.45 -2.44
N CYS E 246 -61.90 18.76 -2.32
CA CYS E 246 -60.53 19.24 -2.28
C CYS E 246 -60.42 20.66 -1.78
N CYS E 247 -59.18 21.08 -1.53
CA CYS E 247 -58.87 22.50 -1.32
C CYS E 247 -57.41 22.65 -1.70
N ASP E 248 -57.08 23.71 -2.46
CA ASP E 248 -55.69 23.98 -2.85
C ASP E 248 -55.36 25.46 -2.78
N ILE E 249 -54.94 25.88 -1.59
CA ILE E 249 -54.47 27.23 -1.32
C ILE E 249 -52.97 27.26 -1.64
N VAL E 250 -52.57 28.20 -2.48
CA VAL E 250 -51.18 28.31 -2.91
C VAL E 250 -50.44 29.53 -2.37
N GLY E 251 -51.15 30.38 -1.63
CA GLY E 251 -50.53 31.47 -0.90
C GLY E 251 -51.42 32.70 -0.91
N PHE E 252 -50.80 33.85 -0.73
CA PHE E 252 -51.47 35.16 -0.74
C PHE E 252 -50.91 36.08 -1.82
N LEU E 253 -51.80 36.85 -2.44
CA LEU E 253 -51.47 37.98 -3.30
C LEU E 253 -51.37 39.20 -2.42
N VAL E 254 -50.20 39.85 -2.43
CA VAL E 254 -49.95 41.03 -1.62
C VAL E 254 -50.12 42.29 -2.48
N GLY E 255 -51.21 43.03 -2.24
CA GLY E 255 -51.49 44.26 -2.97
C GLY E 255 -50.50 45.38 -2.65
N LYS E 256 -50.53 46.41 -3.47
CA LYS E 256 -49.65 47.59 -3.35
C LYS E 256 -49.53 48.12 -1.93
N ASP E 257 -50.66 48.19 -1.25
CA ASP E 257 -50.72 48.78 0.07
C ASP E 257 -50.55 47.79 1.21
N GLY E 258 -50.26 46.52 0.88
CA GLY E 258 -50.08 45.48 1.88
C GLY E 258 -51.31 44.63 2.14
N ASP E 259 -52.46 44.99 1.53
CA ASP E 259 -53.70 44.21 1.62
C ASP E 259 -53.50 42.83 0.98
N MET E 260 -54.03 41.77 1.59
CA MET E 260 -53.72 40.41 1.12
C MET E 260 -54.98 39.61 0.83
N GLN E 261 -54.89 38.75 -0.18
CA GLN E 261 -55.97 37.81 -0.53
C GLN E 261 -55.46 36.39 -0.72
N TYR E 262 -56.21 35.40 -0.25
CA TYR E 262 -55.86 34.02 -0.59
C TYR E 262 -55.95 33.82 -2.10
N ARG E 263 -55.09 32.94 -2.63
CA ARG E 263 -55.15 32.48 -4.00
C ARG E 263 -55.24 30.97 -3.98
N GLY E 264 -56.20 30.43 -4.72
CA GLY E 264 -56.33 28.98 -4.89
C GLY E 264 -56.27 28.58 -6.35
N LEU E 265 -56.06 27.27 -6.57
CA LEU E 265 -55.99 26.70 -7.93
C LEU E 265 -56.97 25.54 -8.09
N PRO E 266 -57.43 25.29 -9.33
CA PRO E 266 -58.30 24.15 -9.57
C PRO E 266 -57.57 22.82 -9.45
N ARG E 267 -58.34 21.76 -9.28
CA ARG E 267 -57.80 20.41 -9.23
C ARG E 267 -58.55 19.51 -10.19
N TYR E 268 -57.80 18.68 -10.91
CA TYR E 268 -58.29 17.71 -11.88
C TYR E 268 -58.27 16.32 -11.26
N PHE E 269 -59.25 15.50 -11.64
CA PHE E 269 -59.34 14.11 -11.20
C PHE E 269 -59.72 13.20 -12.35
N ASN E 270 -59.08 12.02 -12.39
CA ASN E 270 -59.46 10.96 -13.29
C ASN E 270 -59.51 9.71 -12.42
N ILE E 271 -60.71 9.19 -12.23
CA ILE E 271 -60.96 8.11 -11.26
C ILE E 271 -61.38 6.86 -12.00
N LEU E 272 -60.73 5.73 -11.69
CA LEU E 272 -61.04 4.45 -12.27
C LEU E 272 -61.90 3.68 -11.27
N LEU E 273 -63.01 3.12 -11.74
CA LEU E 273 -63.89 2.33 -10.90
C LEU E 273 -64.21 0.97 -11.51
N ARG E 274 -64.52 0.01 -10.65
CA ARG E 274 -64.85 -1.34 -11.09
C ARG E 274 -66.11 -1.85 -10.35
N LYS E 275 -66.78 -2.83 -10.94
CA LYS E 275 -68.00 -3.37 -10.33
C LYS E 275 -67.63 -4.38 -9.23
N ARG E 276 -68.27 -4.22 -8.08
CA ARG E 276 -68.08 -5.08 -6.93
C ARG E 276 -69.44 -5.60 -6.44
N THR E 277 -69.54 -6.90 -6.22
CA THR E 277 -70.75 -7.47 -5.66
C THR E 277 -70.73 -7.31 -4.13
N VAL E 278 -71.88 -6.97 -3.55
CA VAL E 278 -72.02 -6.86 -2.09
C VAL E 278 -73.28 -7.59 -1.66
N ARG E 279 -73.34 -7.96 -0.38
CA ARG E 279 -74.51 -8.61 0.18
C ARG E 279 -75.65 -7.61 0.31
N ASN E 280 -76.87 -8.09 0.05
CA ASN E 280 -78.07 -7.29 0.26
C ASN E 280 -79.14 -8.08 1.04
N GLY F 1 37.68 -0.78 -38.25
CA GLY F 1 38.69 -1.28 -37.28
C GLY F 1 38.45 -0.84 -35.86
N SER F 2 39.50 -0.38 -35.19
CA SER F 2 39.40 0.10 -33.82
C SER F 2 38.69 1.45 -33.82
N HIS F 3 37.73 1.59 -32.91
CA HIS F 3 36.86 2.75 -32.90
C HIS F 3 37.31 3.80 -31.89
N MET F 4 37.26 5.04 -32.32
CA MET F 4 37.52 6.17 -31.44
C MET F 4 36.43 7.24 -31.63
N ILE F 10 22.73 11.70 -25.39
CA ILE F 10 21.98 12.59 -24.51
C ILE F 10 22.94 13.49 -23.72
N GLU F 11 22.79 14.81 -23.89
CA GLU F 11 23.57 15.80 -23.14
C GLU F 11 22.90 16.07 -21.80
N VAL F 12 23.56 15.68 -20.71
CA VAL F 12 22.98 15.71 -19.37
C VAL F 12 23.19 17.07 -18.67
N LEU F 13 22.10 17.64 -18.15
CA LEU F 13 22.15 18.88 -17.37
C LEU F 13 21.85 18.60 -15.88
N ASN F 14 21.29 19.56 -15.14
CA ASN F 14 21.16 19.46 -13.68
C ASN F 14 20.02 18.54 -13.20
N LEU F 15 20.11 18.12 -11.94
CA LEU F 15 19.05 17.36 -11.31
C LEU F 15 17.86 18.25 -11.01
N VAL F 16 16.66 17.68 -11.07
CA VAL F 16 15.42 18.36 -10.73
C VAL F 16 15.04 18.10 -9.27
N THR F 17 14.42 19.08 -8.63
CA THR F 17 13.86 18.93 -7.28
C THR F 17 12.39 19.31 -7.26
N SER F 21 10.11 14.54 -7.36
CA SER F 21 11.26 14.34 -8.24
C SER F 21 11.88 12.93 -8.17
N ILE F 22 11.38 12.11 -7.26
CA ILE F 22 11.90 10.76 -7.08
C ILE F 22 10.74 9.78 -7.20
N THR F 23 11.01 8.61 -7.76
CA THR F 23 10.01 7.56 -7.80
C THR F 23 10.71 6.20 -7.64
N THR F 24 9.95 5.17 -7.32
CA THR F 24 10.50 3.84 -7.23
C THR F 24 9.63 2.86 -8.01
N ILE F 25 10.26 1.83 -8.53
CA ILE F 25 9.59 0.81 -9.32
C ILE F 25 9.94 -0.53 -8.69
N GLU F 26 8.93 -1.30 -8.32
CA GLU F 26 9.14 -2.60 -7.71
C GLU F 26 8.54 -3.66 -8.62
N LEU F 27 9.26 -4.77 -8.83
CA LEU F 27 8.71 -5.86 -9.64
C LEU F 27 9.46 -7.16 -9.35
N TYR F 28 8.94 -8.26 -9.88
CA TYR F 28 9.66 -9.53 -9.91
C TYR F 28 9.54 -10.10 -11.31
N LEU F 29 10.51 -10.92 -11.69
CA LEU F 29 10.45 -11.67 -12.92
C LEU F 29 10.58 -13.16 -12.58
N ASN F 30 9.59 -13.94 -13.01
CA ASN F 30 9.72 -15.38 -12.95
C ASN F 30 10.66 -15.94 -13.98
N THR F 31 11.25 -17.07 -13.64
CA THR F 31 12.29 -17.68 -14.44
C THR F 31 11.74 -18.25 -15.75
N ARG F 32 12.58 -18.26 -16.79
CA ARG F 32 12.23 -18.83 -18.08
C ARG F 32 13.19 -19.95 -18.45
N MET F 33 13.02 -21.10 -17.79
CA MET F 33 13.91 -22.24 -17.99
C MET F 33 13.51 -23.14 -19.15
N GLY F 34 12.27 -23.01 -19.65
CA GLY F 34 11.83 -23.82 -20.79
C GLY F 34 10.36 -24.16 -20.70
N GLN F 35 9.93 -24.57 -19.50
CA GLN F 35 8.52 -24.75 -19.24
C GLN F 35 8.06 -23.48 -18.54
N ASN F 36 7.50 -22.58 -19.33
CA ASN F 36 7.30 -21.19 -18.91
C ASN F 36 5.85 -20.82 -18.66
N ASP F 37 4.99 -21.83 -18.65
CA ASP F 37 3.56 -21.66 -18.42
C ASP F 37 3.26 -22.01 -16.96
N GLU F 38 2.86 -21.00 -16.18
CA GLU F 38 2.60 -21.16 -14.73
C GLU F 38 1.42 -22.08 -14.40
N SER F 39 0.58 -22.43 -15.37
CA SER F 39 -0.53 -23.35 -15.09
C SER F 39 -0.11 -24.82 -15.24
N LYS F 40 1.09 -25.05 -15.77
CA LYS F 40 1.52 -26.40 -16.13
C LYS F 40 2.55 -26.98 -15.16
N ASP F 41 2.60 -28.31 -15.13
CA ASP F 41 3.58 -29.02 -14.31
C ASP F 41 4.98 -28.64 -14.82
N ASN F 42 5.99 -28.89 -14.00
CA ASN F 42 7.37 -28.54 -14.37
C ASN F 42 7.63 -27.03 -14.59
N TYR F 43 6.73 -26.17 -14.14
CA TYR F 43 6.97 -24.73 -14.24
C TYR F 43 8.23 -24.34 -13.48
N GLY F 44 9.04 -23.47 -14.05
CA GLY F 44 10.28 -23.03 -13.40
C GLY F 44 11.42 -24.02 -13.57
N TYR F 45 11.19 -25.04 -14.39
CA TYR F 45 12.22 -25.96 -14.81
C TYR F 45 12.23 -26.00 -16.35
N SER F 46 13.33 -26.52 -16.90
CA SER F 46 13.33 -26.90 -18.31
C SER F 46 12.67 -28.27 -18.53
N GLU F 47 12.34 -28.56 -19.77
CA GLU F 47 12.06 -29.92 -20.17
C GLU F 47 13.36 -30.71 -20.03
N LYS F 48 13.25 -32.04 -20.04
CA LYS F 48 14.41 -32.91 -19.91
C LYS F 48 15.50 -32.54 -20.96
N VAL F 49 16.76 -32.52 -20.53
CA VAL F 49 17.88 -32.22 -21.41
C VAL F 49 18.21 -33.43 -22.28
N THR F 50 18.47 -33.16 -23.56
CA THR F 50 18.86 -34.19 -24.53
C THR F 50 20.24 -33.81 -25.05
N VAL F 51 20.93 -34.78 -25.62
CA VAL F 51 22.31 -34.58 -26.04
C VAL F 51 22.43 -34.97 -27.52
N ALA F 52 23.05 -34.09 -28.31
CA ALA F 52 23.19 -34.33 -29.74
C ALA F 52 24.06 -35.55 -30.05
N ASN F 53 23.67 -36.28 -31.10
CA ASN F 53 24.45 -37.43 -31.58
C ASN F 53 25.72 -36.95 -32.31
N SER F 54 25.64 -35.77 -32.92
CA SER F 54 26.77 -35.14 -33.59
C SER F 54 26.52 -33.65 -33.69
N SER F 55 27.57 -32.87 -33.95
CA SER F 55 27.42 -31.42 -33.92
C SER F 55 26.57 -30.87 -35.07
N ASP F 56 26.47 -31.64 -36.14
CA ASP F 56 25.59 -31.29 -37.28
C ASP F 56 24.18 -31.89 -37.14
N GLN F 57 23.90 -32.56 -36.01
CA GLN F 57 22.56 -32.99 -35.64
C GLN F 57 22.21 -32.49 -34.23
N ASP F 58 22.50 -31.23 -33.97
CA ASP F 58 22.34 -30.63 -32.66
C ASP F 58 21.09 -29.79 -32.70
N LYS F 59 19.97 -30.43 -32.33
CA LYS F 59 18.65 -29.85 -32.46
C LYS F 59 17.93 -30.04 -31.13
N PRO F 60 18.04 -29.05 -30.22
CA PRO F 60 17.44 -29.22 -28.91
C PRO F 60 15.93 -29.34 -29.01
N THR F 61 15.37 -30.16 -28.12
CA THR F 61 13.92 -30.33 -28.05
C THR F 61 13.25 -29.04 -27.59
N SER F 62 11.97 -28.89 -27.91
CA SER F 62 11.24 -27.70 -27.50
C SER F 62 11.17 -27.64 -25.98
N GLY F 63 11.56 -26.53 -25.40
CA GLY F 63 11.44 -26.30 -23.97
C GLY F 63 12.61 -26.75 -23.11
N GLU F 64 13.70 -27.24 -23.71
CA GLU F 64 14.87 -27.62 -22.89
C GLU F 64 15.92 -26.50 -22.77
N ILE F 65 15.60 -25.32 -23.31
CA ILE F 65 16.54 -24.21 -23.46
C ILE F 65 16.16 -23.00 -22.60
N PRO F 66 17.00 -22.65 -21.61
CA PRO F 66 16.75 -21.42 -20.84
C PRO F 66 16.86 -20.15 -21.66
N THR F 67 16.01 -19.19 -21.35
CA THR F 67 15.99 -17.92 -22.06
C THR F 67 16.02 -16.81 -21.01
N TYR F 68 16.31 -15.60 -21.45
CA TYR F 68 16.31 -14.43 -20.57
C TYR F 68 14.90 -14.02 -20.18
N SER F 69 14.77 -13.59 -18.92
CA SER F 69 13.55 -12.91 -18.46
C SER F 69 13.71 -11.42 -18.72
N THR F 70 12.62 -10.74 -19.09
CA THR F 70 12.72 -9.31 -19.34
C THR F 70 11.36 -8.66 -19.22
N ALA F 71 11.36 -7.39 -18.85
CA ALA F 71 10.16 -6.56 -18.86
C ALA F 71 10.50 -5.12 -19.17
N ARG F 72 9.56 -4.41 -19.78
CA ARG F 72 9.63 -2.95 -19.89
C ARG F 72 8.57 -2.40 -18.95
N ILE F 73 8.93 -1.48 -18.05
CA ILE F 73 7.96 -0.90 -17.10
C ILE F 73 7.70 0.57 -17.43
N ASN F 74 6.42 0.95 -17.52
CA ASN F 74 6.04 2.33 -17.77
C ASN F 74 6.40 3.23 -16.59
N LEU F 75 6.96 4.40 -16.88
CA LEU F 75 7.27 5.37 -15.84
C LEU F 75 6.27 6.52 -15.98
N PRO F 76 6.16 7.37 -14.94
CA PRO F 76 5.26 8.53 -15.01
C PRO F 76 5.70 9.51 -16.11
N MET F 77 4.73 9.99 -16.89
CA MET F 77 4.98 10.94 -17.98
C MET F 77 5.62 12.21 -17.45
N LEU F 78 6.61 12.72 -18.17
CA LEU F 78 7.38 13.90 -17.73
C LEU F 78 7.12 15.15 -18.55
N ASN F 79 7.00 15.00 -19.87
CA ASN F 79 6.66 16.13 -20.74
C ASN F 79 6.18 15.66 -22.11
N THR F 86 14.99 22.29 -23.21
CA THR F 86 15.30 21.14 -22.34
C THR F 86 14.12 20.17 -22.21
N LEU F 87 14.40 18.95 -21.77
CA LEU F 87 13.37 18.00 -21.39
C LEU F 87 13.80 17.29 -20.11
N THR F 88 12.87 16.57 -19.51
CA THR F 88 13.14 15.82 -18.29
C THR F 88 13.07 14.32 -18.58
N MET F 89 14.01 13.56 -18.04
CA MET F 89 14.00 12.11 -18.14
C MET F 89 14.12 11.47 -16.76
N TRP F 90 13.58 10.25 -16.63
CA TRP F 90 13.85 9.46 -15.43
C TRP F 90 15.24 8.85 -15.55
N GLU F 91 16.04 9.00 -14.48
CA GLU F 91 17.39 8.47 -14.38
C GLU F 91 17.43 7.42 -13.27
N ALA F 92 17.81 6.19 -13.60
CA ALA F 92 17.88 5.14 -12.58
C ALA F 92 19.14 5.30 -11.74
N VAL F 93 18.95 5.46 -10.44
CA VAL F 93 20.01 5.80 -9.49
C VAL F 93 20.61 4.53 -8.87
N SER F 94 19.75 3.58 -8.51
CA SER F 94 20.17 2.38 -7.78
C SER F 94 19.11 1.29 -7.85
N VAL F 95 19.52 0.08 -7.47
CA VAL F 95 18.60 -1.05 -7.43
C VAL F 95 18.93 -1.94 -6.24
N LYS F 96 17.90 -2.41 -5.57
CA LYS F 96 18.04 -3.50 -4.61
C LYS F 96 17.44 -4.72 -5.30
N THR F 97 18.24 -5.78 -5.46
CA THR F 97 17.76 -6.96 -6.16
C THR F 97 18.18 -8.22 -5.43
N GLU F 98 17.30 -9.22 -5.44
CA GLU F 98 17.48 -10.49 -4.72
C GLU F 98 16.94 -11.66 -5.51
N VAL F 99 17.58 -12.82 -5.35
CA VAL F 99 17.02 -14.06 -5.83
C VAL F 99 16.02 -14.55 -4.80
N VAL F 100 14.82 -14.88 -5.26
CA VAL F 100 13.76 -15.31 -4.39
C VAL F 100 13.70 -16.83 -4.31
N GLY F 101 13.35 -17.38 -3.15
CA GLY F 101 13.16 -18.82 -3.06
C GLY F 101 14.41 -19.67 -2.88
N VAL F 102 15.51 -19.05 -2.45
CA VAL F 102 16.74 -19.81 -2.27
C VAL F 102 16.50 -21.01 -1.34
N SER F 103 15.72 -20.79 -0.29
CA SER F 103 15.44 -21.87 0.69
C SER F 103 14.73 -23.09 0.08
N SER F 104 14.06 -22.93 -1.06
CA SER F 104 13.46 -24.06 -1.73
C SER F 104 14.46 -25.12 -2.15
N LEU F 105 15.74 -24.77 -2.19
CA LEU F 105 16.78 -25.71 -2.52
C LEU F 105 17.16 -26.61 -1.33
N VAL F 106 16.62 -26.31 -0.14
CA VAL F 106 16.78 -27.20 1.03
C VAL F 106 15.68 -28.27 0.96
N ASN F 107 15.85 -29.20 0.02
CA ASN F 107 14.85 -30.22 -0.26
C ASN F 107 15.55 -31.42 -0.91
N VAL F 108 15.60 -32.51 -0.16
CA VAL F 108 16.24 -33.72 -0.63
C VAL F 108 15.32 -34.93 -0.54
N HIS F 109 14.00 -34.68 -0.59
CA HIS F 109 13.02 -35.80 -0.60
C HIS F 109 12.24 -35.91 -1.91
N MET F 110 12.57 -35.07 -2.89
CA MET F 110 11.88 -35.14 -4.18
C MET F 110 12.26 -36.42 -4.92
N ALA F 111 11.49 -36.75 -5.96
CA ALA F 111 11.70 -37.98 -6.73
C ALA F 111 12.94 -37.81 -7.60
N THR F 112 14.09 -38.18 -7.03
CA THR F 112 15.39 -37.92 -7.65
C THR F 112 16.28 -39.16 -7.46
N LYS F 113 17.40 -39.17 -8.16
CA LYS F 113 18.47 -40.10 -7.86
C LYS F 113 18.91 -39.84 -6.40
N ARG F 114 19.43 -40.86 -5.74
CA ARG F 114 19.77 -40.68 -4.34
C ARG F 114 21.15 -41.24 -4.00
N MET F 115 21.67 -40.76 -2.87
CA MET F 115 23.00 -41.13 -2.40
C MET F 115 23.01 -42.52 -1.78
N TYR F 116 24.20 -43.12 -1.73
CA TYR F 116 24.51 -44.31 -0.90
C TYR F 116 23.56 -45.50 -1.13
N ASP F 117 23.63 -46.06 -2.34
CA ASP F 117 22.93 -47.31 -2.69
C ASP F 117 21.45 -47.26 -2.29
N ASP F 118 20.80 -46.18 -2.71
CA ASP F 118 19.37 -45.95 -2.49
C ASP F 118 18.90 -45.78 -1.05
N LYS F 119 19.82 -45.46 -0.14
CA LYS F 119 19.48 -45.26 1.27
C LYS F 119 19.59 -43.80 1.72
N GLY F 120 20.38 -43.00 1.01
CA GLY F 120 20.69 -41.65 1.43
C GLY F 120 19.72 -40.64 0.91
N ILE F 121 20.11 -39.37 1.04
CA ILE F 121 19.30 -38.27 0.56
C ILE F 121 19.05 -38.33 -0.94
N GLY F 122 17.96 -37.71 -1.37
CA GLY F 122 17.80 -37.38 -2.77
C GLY F 122 18.80 -36.30 -3.14
N PHE F 123 19.31 -36.35 -4.37
CA PHE F 123 20.25 -35.33 -4.82
C PHE F 123 19.52 -33.99 -4.78
N PRO F 124 20.12 -32.98 -4.13
CA PRO F 124 19.53 -31.66 -4.24
C PRO F 124 19.78 -31.06 -5.63
N VAL F 125 19.08 -30.00 -5.96
CA VAL F 125 19.35 -29.24 -7.19
C VAL F 125 20.79 -28.73 -7.12
N GLU F 126 21.61 -29.09 -8.10
CA GLU F 126 23.02 -28.78 -8.04
C GLU F 126 23.62 -28.72 -9.44
N GLY F 127 24.81 -28.15 -9.54
CA GLY F 127 25.51 -28.02 -10.77
C GLY F 127 25.60 -26.56 -11.20
N MET F 128 25.59 -26.39 -12.52
CA MET F 128 25.84 -25.10 -13.14
C MET F 128 24.97 -24.00 -12.52
N ASN F 129 25.58 -22.87 -12.20
CA ASN F 129 24.87 -21.66 -11.81
C ASN F 129 25.18 -20.53 -12.77
N PHE F 130 24.17 -19.78 -13.16
CA PHE F 130 24.36 -18.63 -14.02
C PHE F 130 23.41 -17.57 -13.51
N HIS F 131 23.94 -16.39 -13.18
CA HIS F 131 23.16 -15.31 -12.59
C HIS F 131 23.49 -14.01 -13.25
N MET F 132 22.50 -13.36 -13.82
CA MET F 132 22.74 -12.04 -14.35
C MET F 132 21.51 -11.19 -14.21
N PHE F 133 21.75 -9.91 -14.02
CA PHE F 133 20.66 -8.94 -14.19
C PHE F 133 21.14 -7.73 -14.91
N ALA F 134 20.18 -6.99 -15.47
CA ALA F 134 20.47 -5.73 -16.15
C ALA F 134 19.34 -4.74 -15.90
N VAL F 135 19.71 -3.49 -15.71
CA VAL F 135 18.75 -2.37 -15.62
C VAL F 135 19.19 -1.28 -16.60
N GLY F 136 18.28 -0.83 -17.46
CA GLY F 136 18.64 0.18 -18.44
C GLY F 136 17.48 1.04 -18.89
N GLY F 137 17.82 2.07 -19.66
CA GLY F 137 16.83 3.01 -20.21
C GLY F 137 16.37 2.66 -21.62
N GLU F 138 16.77 1.49 -22.08
CA GLU F 138 16.40 0.94 -23.38
C GLU F 138 16.70 -0.56 -23.34
N PRO F 139 16.23 -1.33 -24.35
CA PRO F 139 16.43 -2.77 -24.35
C PRO F 139 17.91 -3.14 -24.26
N LEU F 140 18.20 -4.21 -23.53
CA LEU F 140 19.57 -4.71 -23.45
C LEU F 140 20.02 -5.10 -24.85
N GLU F 141 21.20 -4.63 -25.23
CA GLU F 141 21.75 -4.90 -26.55
C GLU F 141 22.56 -6.17 -26.47
N LEU F 142 22.32 -7.07 -27.43
CA LEU F 142 22.86 -8.42 -27.41
C LEU F 142 23.85 -8.67 -28.52
N GLN F 143 24.83 -9.53 -28.24
CA GLN F 143 25.75 -10.08 -29.22
C GLN F 143 25.52 -11.59 -29.29
N PHE F 144 25.46 -12.11 -30.49
CA PHE F 144 25.36 -13.55 -30.69
C PHE F 144 26.72 -14.20 -30.51
N LEU F 145 26.78 -15.27 -29.73
CA LEU F 145 27.99 -16.10 -29.64
C LEU F 145 27.58 -17.46 -29.14
N THR F 146 28.00 -18.51 -29.83
CA THR F 146 27.60 -19.89 -29.48
C THR F 146 28.73 -20.88 -29.42
N GLY F 147 28.53 -21.93 -28.63
CA GLY F 147 29.46 -23.05 -28.62
C GLY F 147 29.40 -23.93 -29.85
N ASN F 148 28.33 -23.82 -30.64
CA ASN F 148 28.15 -24.63 -31.85
C ASN F 148 27.35 -23.85 -32.89
N TYR F 149 28.03 -23.44 -33.95
CA TYR F 149 27.38 -22.62 -34.96
C TYR F 149 26.24 -23.34 -35.64
N ARG F 150 26.27 -24.66 -35.63
CA ARG F 150 25.26 -25.49 -36.33
C ARG F 150 23.97 -25.73 -35.56
N THR F 151 23.89 -25.32 -34.30
CA THR F 151 22.71 -25.59 -33.49
C THR F 151 21.45 -25.20 -34.24
N ASP F 152 20.49 -26.12 -34.26
CA ASP F 152 19.24 -25.99 -35.02
C ASP F 152 18.13 -25.75 -34.00
N TYR F 153 17.58 -24.54 -34.02
CA TYR F 153 16.56 -24.13 -33.03
C TYR F 153 15.11 -24.34 -33.52
N SER F 154 14.94 -25.08 -34.61
CA SER F 154 13.65 -25.13 -35.31
C SER F 154 12.58 -26.00 -34.64
N ALA F 155 12.94 -26.73 -33.57
CA ALA F 155 11.92 -27.44 -32.80
C ALA F 155 11.02 -26.46 -32.05
N ASN F 156 11.47 -25.22 -31.90
CA ASN F 156 10.68 -24.19 -31.26
C ASN F 156 10.80 -22.86 -32.00
N ASP F 157 9.82 -22.54 -32.83
CA ASP F 157 9.87 -21.31 -33.65
C ASP F 157 9.57 -20.02 -32.87
N LYS F 158 9.29 -20.12 -31.58
CA LYS F 158 9.12 -18.93 -30.73
C LYS F 158 10.45 -18.39 -30.18
N LEU F 159 11.54 -19.15 -30.35
CA LEU F 159 12.87 -18.65 -29.97
C LEU F 159 13.37 -17.65 -31.00
N VAL F 160 13.97 -16.56 -30.51
CA VAL F 160 14.54 -15.54 -31.39
C VAL F 160 16.03 -15.83 -31.56
N VAL F 161 16.39 -16.23 -32.78
CA VAL F 161 17.74 -16.59 -33.15
C VAL F 161 18.02 -16.05 -34.57
N PRO F 162 19.30 -15.94 -34.95
CA PRO F 162 19.60 -15.44 -36.30
C PRO F 162 19.04 -16.36 -37.39
N PRO F 163 18.70 -15.78 -38.56
CA PRO F 163 18.13 -16.56 -39.65
C PRO F 163 19.16 -17.34 -40.47
N ILE F 164 20.46 -17.05 -40.30
CA ILE F 164 21.50 -17.81 -40.98
C ILE F 164 22.56 -18.24 -39.96
N LYS F 165 23.32 -19.26 -40.33
CA LYS F 165 24.37 -19.80 -39.49
C LYS F 165 25.71 -19.65 -40.18
N HIS F 166 26.76 -19.47 -39.39
CA HIS F 166 28.11 -19.40 -39.93
C HIS F 166 29.15 -19.77 -38.87
N GLN F 167 30.22 -20.40 -39.32
CA GLN F 167 31.33 -20.85 -38.49
C GLN F 167 31.85 -19.78 -37.52
N SER F 168 31.86 -18.53 -38.00
CA SER F 168 32.46 -17.41 -37.29
C SER F 168 31.72 -17.04 -35.99
N THR F 169 30.50 -17.55 -35.82
CA THR F 169 29.72 -17.21 -34.65
C THR F 169 30.15 -17.98 -33.41
N GLN F 170 31.16 -18.84 -33.53
CA GLN F 170 31.80 -19.45 -32.35
C GLN F 170 32.81 -18.49 -31.73
N GLY F 171 33.11 -17.42 -32.46
CA GLY F 171 33.82 -16.27 -31.90
C GLY F 171 32.89 -15.07 -31.97
N LEU F 172 33.47 -13.89 -31.97
CA LEU F 172 32.69 -12.65 -32.05
C LEU F 172 32.59 -12.17 -33.48
N ASN F 173 31.39 -12.32 -34.05
CA ASN F 173 31.05 -11.75 -35.33
C ASN F 173 30.04 -10.63 -35.12
N PRO F 174 30.47 -9.37 -35.25
CA PRO F 174 29.60 -8.24 -34.93
C PRO F 174 28.43 -8.04 -35.90
N HIS F 175 28.36 -8.84 -36.96
CA HIS F 175 27.19 -8.84 -37.84
C HIS F 175 25.95 -9.51 -37.23
N TYR F 176 26.14 -10.21 -36.10
CA TYR F 176 25.09 -11.00 -35.46
C TYR F 176 24.74 -10.39 -34.08
N LYS F 177 23.79 -9.46 -34.10
CA LYS F 177 23.40 -8.73 -32.90
C LYS F 177 21.88 -8.71 -32.79
N GLN F 178 21.39 -8.26 -31.64
CA GLN F 178 19.96 -8.16 -31.38
C GLN F 178 19.72 -7.26 -30.18
N LYS F 179 18.45 -7.07 -29.86
CA LYS F 179 18.01 -6.40 -28.66
C LYS F 179 17.03 -7.32 -27.95
N LEU F 180 17.11 -7.32 -26.63
CA LEU F 180 16.28 -8.19 -25.81
C LEU F 180 14.91 -7.52 -25.62
N THR F 181 13.98 -7.87 -26.49
CA THR F 181 12.67 -7.19 -26.54
C THR F 181 11.51 -8.14 -26.28
N LYS F 182 11.81 -9.38 -25.92
CA LYS F 182 10.77 -10.36 -25.64
C LYS F 182 11.19 -11.26 -24.48
N ASP F 183 10.27 -11.45 -23.53
CA ASP F 183 10.52 -12.34 -22.39
C ASP F 183 10.42 -13.79 -22.84
N GLY F 184 11.27 -14.64 -22.30
CA GLY F 184 11.18 -16.07 -22.55
C GLY F 184 11.40 -16.51 -23.98
N ALA F 185 12.26 -15.79 -24.71
CA ALA F 185 12.44 -16.03 -26.14
C ALA F 185 13.87 -16.04 -26.65
N PHE F 186 14.79 -15.38 -25.94
CA PHE F 186 16.17 -15.27 -26.39
C PHE F 186 17.02 -16.24 -25.61
N PRO F 187 17.53 -17.29 -26.28
CA PRO F 187 18.31 -18.26 -25.51
C PRO F 187 19.60 -17.70 -24.89
N VAL F 188 19.85 -18.08 -23.65
CA VAL F 188 21.04 -17.66 -22.93
C VAL F 188 22.27 -18.23 -23.61
N GLU F 189 22.14 -19.43 -24.17
CA GLU F 189 23.30 -20.15 -24.70
C GLU F 189 23.91 -19.49 -25.95
N CYS F 190 23.14 -18.63 -26.62
CA CYS F 190 23.65 -18.00 -27.83
C CYS F 190 23.61 -16.49 -27.86
N TRP F 191 23.04 -15.85 -26.84
CA TRP F 191 23.01 -14.39 -26.75
C TRP F 191 23.61 -13.92 -25.45
N CYS F 192 24.52 -12.95 -25.55
CA CYS F 192 25.12 -12.30 -24.40
C CYS F 192 25.06 -10.79 -24.54
N PRO F 193 25.34 -10.05 -23.45
CA PRO F 193 25.39 -8.60 -23.64
C PRO F 193 26.49 -8.14 -24.59
N ASP F 194 26.15 -7.15 -25.41
CA ASP F 194 27.08 -6.58 -26.38
C ASP F 194 27.87 -5.49 -25.65
N PRO F 195 29.15 -5.75 -25.36
CA PRO F 195 29.90 -4.79 -24.58
C PRO F 195 30.29 -3.52 -25.35
N SER F 196 30.11 -3.51 -26.68
CA SER F 196 30.43 -2.35 -27.50
C SER F 196 29.27 -1.37 -27.55
N LYS F 197 28.13 -1.77 -26.99
CA LYS F 197 26.97 -0.89 -26.89
C LYS F 197 26.59 -0.83 -25.42
N ASN F 198 25.29 -0.84 -25.11
CA ASN F 198 24.85 -0.82 -23.71
C ASN F 198 25.36 0.34 -22.86
N GLU F 199 25.55 1.50 -23.48
CA GLU F 199 26.02 2.68 -22.75
C GLU F 199 24.94 3.14 -21.78
N ASN F 200 23.68 2.80 -22.05
CA ASN F 200 22.56 3.26 -21.23
C ASN F 200 21.92 2.14 -20.40
N THR F 201 22.69 1.07 -20.15
CA THR F 201 22.28 -0.05 -19.32
C THR F 201 23.46 -0.42 -18.41
N ARG F 202 23.16 -0.93 -17.22
CA ARG F 202 24.19 -1.59 -16.40
C ARG F 202 23.83 -3.07 -16.31
N TYR F 203 24.81 -3.96 -16.54
CA TYR F 203 24.60 -5.38 -16.37
C TYR F 203 25.71 -6.01 -15.56
N TYR F 204 25.34 -7.08 -14.87
CA TYR F 204 26.21 -7.80 -13.94
C TYR F 204 25.89 -9.27 -14.10
N GLY F 205 26.92 -10.10 -14.31
CA GLY F 205 26.68 -11.53 -14.47
C GLY F 205 27.81 -12.39 -13.92
N SER F 206 27.46 -13.64 -13.66
CA SER F 206 28.40 -14.62 -13.14
C SER F 206 28.00 -16.00 -13.62
N TYR F 207 29.00 -16.86 -13.80
CA TYR F 207 28.80 -18.25 -14.19
C TYR F 207 29.72 -19.09 -13.35
N THR F 208 29.16 -20.15 -12.76
CA THR F 208 29.90 -21.20 -12.11
C THR F 208 29.47 -22.51 -12.72
N GLY F 209 30.41 -23.19 -13.37
CA GLY F 209 30.08 -24.36 -14.17
C GLY F 209 30.34 -25.69 -13.47
N GLY F 210 30.74 -26.67 -14.26
CA GLY F 210 30.97 -28.02 -13.77
C GLY F 210 29.70 -28.86 -13.72
N GLN F 211 29.85 -30.10 -13.28
CA GLN F 211 28.76 -31.09 -13.37
C GLN F 211 27.73 -31.12 -12.23
N SER F 212 28.23 -31.23 -11.01
CA SER F 212 27.39 -31.38 -9.80
CA SER F 212 27.40 -31.38 -9.80
C SER F 212 27.82 -30.36 -8.74
N THR F 213 28.42 -29.27 -9.20
CA THR F 213 28.96 -28.21 -8.34
C THR F 213 27.93 -27.69 -7.32
N PRO F 214 28.35 -27.51 -6.06
CA PRO F 214 27.46 -26.87 -5.08
C PRO F 214 27.02 -25.47 -5.49
N PRO F 215 25.70 -25.23 -5.56
CA PRO F 215 25.24 -23.86 -5.69
C PRO F 215 25.64 -23.06 -4.47
N VAL F 216 26.13 -21.83 -4.67
CA VAL F 216 26.47 -20.90 -3.58
C VAL F 216 25.67 -19.64 -3.82
N LEU F 217 24.71 -19.40 -2.92
CA LEU F 217 23.73 -18.37 -3.10
C LEU F 217 23.59 -17.57 -1.83
N GLN F 218 23.22 -16.29 -1.98
CA GLN F 218 22.95 -15.48 -0.82
C GLN F 218 21.66 -14.70 -1.05
N PHE F 219 21.04 -14.30 0.06
CA PHE F 219 19.83 -13.48 -0.03
C PHE F 219 19.78 -12.51 1.17
N THR F 220 19.53 -11.23 0.89
CA THR F 220 19.38 -10.24 1.93
C THR F 220 18.58 -9.08 1.40
N ASN F 221 17.96 -8.32 2.30
CA ASN F 221 17.25 -7.09 1.91
C ASN F 221 18.02 -5.81 2.30
N THR F 222 19.35 -5.95 2.45
CA THR F 222 20.18 -4.87 2.98
C THR F 222 21.21 -4.31 1.98
N VAL F 223 21.20 -4.78 0.73
CA VAL F 223 22.25 -4.40 -0.25
C VAL F 223 21.65 -3.55 -1.37
N THR F 224 22.22 -2.36 -1.55
CA THR F 224 21.88 -1.44 -2.63
C THR F 224 23.02 -1.40 -3.67
N THR F 225 22.66 -1.63 -4.93
CA THR F 225 23.61 -1.52 -6.04
C THR F 225 23.43 -0.16 -6.73
N VAL F 226 24.51 0.63 -6.76
CA VAL F 226 24.50 1.94 -7.40
C VAL F 226 24.59 1.75 -8.92
N LEU F 227 23.71 2.43 -9.65
CA LEU F 227 23.63 2.34 -11.11
C LEU F 227 24.28 3.54 -11.81
N LEU F 228 24.72 4.54 -11.04
CA LEU F 228 25.44 5.69 -11.60
C LEU F 228 26.76 5.23 -12.19
N ASP F 229 27.14 5.82 -13.32
CA ASP F 229 28.42 5.52 -13.96
C ASP F 229 29.50 6.40 -13.34
N GLU F 230 30.70 6.36 -13.92
CA GLU F 230 31.84 7.14 -13.40
C GLU F 230 31.68 8.66 -13.50
N ASN F 231 30.72 9.14 -14.28
CA ASN F 231 30.38 10.57 -14.37
C ASN F 231 29.19 10.95 -13.50
N GLY F 232 28.68 10.00 -12.71
CA GLY F 232 27.53 10.23 -11.83
C GLY F 232 26.17 10.18 -12.51
N VAL F 233 26.09 9.52 -13.66
CA VAL F 233 24.86 9.46 -14.45
C VAL F 233 24.37 8.02 -14.51
N GLY F 234 23.11 7.81 -14.13
CA GLY F 234 22.49 6.51 -14.26
C GLY F 234 21.86 6.32 -15.62
N PRO F 235 21.30 5.12 -15.87
CA PRO F 235 20.53 4.90 -17.09
C PRO F 235 19.42 5.95 -17.22
N LEU F 236 19.29 6.52 -18.41
CA LEU F 236 18.27 7.53 -18.69
C LEU F 236 17.15 6.90 -19.49
N CYS F 237 15.93 7.00 -19.00
CA CYS F 237 14.82 6.18 -19.50
C CYS F 237 14.14 6.76 -20.73
N LYS F 238 14.52 6.22 -21.88
CA LYS F 238 14.03 6.69 -23.17
C LYS F 238 12.57 6.30 -23.35
N GLY F 239 11.76 7.27 -23.76
CA GLY F 239 10.34 7.04 -23.91
C GLY F 239 9.63 6.72 -22.61
N ASP F 240 10.21 7.13 -21.48
CA ASP F 240 9.63 6.87 -20.15
C ASP F 240 9.45 5.38 -19.87
N GLY F 241 10.43 4.58 -20.33
CA GLY F 241 10.39 3.14 -20.18
C GLY F 241 11.62 2.65 -19.46
N LEU F 242 11.43 1.78 -18.46
CA LEU F 242 12.52 1.16 -17.72
C LEU F 242 12.62 -0.30 -18.10
N TYR F 243 13.83 -0.76 -18.40
CA TYR F 243 14.04 -2.11 -18.91
C TYR F 243 14.81 -2.95 -17.92
N VAL F 244 14.24 -4.09 -17.56
CA VAL F 244 14.82 -4.95 -16.54
C VAL F 244 14.90 -6.35 -17.11
N SER F 245 16.08 -6.97 -16.94
CA SER F 245 16.36 -8.26 -17.54
C SER F 245 17.14 -9.13 -16.56
N CYS F 246 16.96 -10.44 -16.63
CA CYS F 246 17.74 -11.33 -15.79
C CYS F 246 17.70 -12.79 -16.21
N CYS F 247 18.55 -13.59 -15.57
CA CYS F 247 18.48 -15.02 -15.64
C CYS F 247 19.14 -15.56 -14.38
N ASP F 248 18.53 -16.57 -13.78
CA ASP F 248 19.06 -17.15 -12.55
C ASP F 248 18.89 -18.65 -12.52
N ILE F 249 19.86 -19.36 -13.07
CA ILE F 249 19.90 -20.81 -13.09
C ILE F 249 20.64 -21.25 -11.84
N VAL F 250 20.03 -22.15 -11.07
CA VAL F 250 20.62 -22.57 -9.80
C VAL F 250 21.10 -24.03 -9.81
N GLY F 251 20.91 -24.72 -10.94
CA GLY F 251 21.43 -26.07 -11.10
C GLY F 251 20.45 -26.93 -11.86
N PHE F 252 20.64 -28.25 -11.70
CA PHE F 252 19.81 -29.26 -12.34
C PHE F 252 19.17 -30.17 -11.28
N LEU F 253 17.93 -30.54 -11.55
CA LEU F 253 17.22 -31.58 -10.85
C LEU F 253 17.52 -32.90 -11.57
N VAL F 254 17.99 -33.88 -10.82
CA VAL F 254 18.39 -35.16 -11.37
C VAL F 254 17.33 -36.19 -11.05
N GLY F 255 16.56 -36.58 -12.06
CA GLY F 255 15.53 -37.60 -11.87
C GLY F 255 16.06 -38.98 -11.49
N LYS F 256 15.16 -39.87 -11.11
CA LYS F 256 15.51 -41.24 -10.70
C LYS F 256 16.39 -42.00 -11.70
N ASP F 257 16.10 -41.82 -12.99
CA ASP F 257 16.83 -42.52 -14.04
C ASP F 257 18.01 -41.73 -14.57
N GLY F 258 18.30 -40.58 -13.97
CA GLY F 258 19.43 -39.74 -14.38
C GLY F 258 19.07 -38.63 -15.34
N ASP F 259 17.81 -38.58 -15.79
CA ASP F 259 17.29 -37.48 -16.61
C ASP F 259 17.38 -36.16 -15.85
N MET F 260 17.76 -35.10 -16.51
CA MET F 260 18.03 -33.84 -15.85
C MET F 260 17.30 -32.65 -16.47
N GLN F 261 16.95 -31.70 -15.60
CA GLN F 261 16.25 -30.45 -15.97
C GLN F 261 16.90 -29.27 -15.28
N TYR F 262 17.09 -28.19 -16.02
CA TYR F 262 17.45 -26.89 -15.42
C TYR F 262 16.41 -26.48 -14.40
N ARG F 263 16.88 -25.87 -13.32
CA ARG F 263 16.06 -25.21 -12.33
C ARG F 263 16.44 -23.76 -12.24
N GLY F 264 15.44 -22.90 -12.26
CA GLY F 264 15.65 -21.49 -12.10
C GLY F 264 14.79 -20.89 -11.01
N LEU F 265 15.20 -19.70 -10.55
CA LEU F 265 14.49 -18.99 -9.49
C LEU F 265 14.12 -17.59 -9.94
N PRO F 266 13.04 -17.03 -9.35
CA PRO F 266 12.65 -15.66 -9.67
C PRO F 266 13.60 -14.62 -9.08
N ARG F 267 13.53 -13.41 -9.61
CA ARG F 267 14.32 -12.31 -9.11
C ARG F 267 13.46 -11.11 -8.85
N TYR F 268 13.75 -10.46 -7.72
CA TYR F 268 13.03 -9.31 -7.25
C TYR F 268 13.87 -8.04 -7.49
N PHE F 269 13.20 -6.94 -7.85
CA PHE F 269 13.87 -5.65 -8.09
C PHE F 269 13.13 -4.48 -7.43
N ASN F 270 13.87 -3.62 -6.74
CA ASN F 270 13.37 -2.32 -6.30
C ASN F 270 14.32 -1.25 -6.82
N ILE F 271 13.85 -0.47 -7.80
CA ILE F 271 14.67 0.52 -8.49
C ILE F 271 14.24 1.92 -8.12
N LEU F 272 15.21 2.74 -7.71
CA LEU F 272 14.99 4.15 -7.39
C LEU F 272 15.35 5.03 -8.58
N LEU F 273 14.42 5.89 -9.02
CA LEU F 273 14.70 6.80 -10.12
C LEU F 273 14.50 8.25 -9.70
N ARG F 274 15.21 9.16 -10.37
CA ARG F 274 15.12 10.58 -10.09
C ARG F 274 14.97 11.35 -11.41
N LYS F 275 14.44 12.56 -11.35
CA LYS F 275 14.26 13.39 -12.54
C LYS F 275 15.56 14.08 -12.91
N ARG F 276 15.93 13.98 -14.18
CA ARG F 276 17.15 14.60 -14.69
C ARG F 276 16.82 15.48 -15.90
N THR F 277 17.29 16.72 -15.88
CA THR F 277 17.09 17.62 -17.01
C THR F 277 18.18 17.34 -18.05
N VAL F 278 17.77 17.32 -19.32
CA VAL F 278 18.69 17.06 -20.43
C VAL F 278 18.48 18.10 -21.53
N ARG F 279 19.53 18.32 -22.32
CA ARG F 279 19.49 19.26 -23.44
C ARG F 279 18.55 18.72 -24.52
N ASN F 280 17.84 19.61 -25.18
CA ASN F 280 16.94 19.23 -26.27
C ASN F 280 17.07 20.23 -27.43
N ILE G 10 5.61 3.39 8.50
CA ILE G 10 5.85 4.25 9.70
C ILE G 10 6.79 5.39 9.33
N GLU G 11 6.42 6.61 9.71
CA GLU G 11 7.26 7.78 9.48
C GLU G 11 8.00 8.16 10.77
N VAL G 12 9.31 8.00 10.77
CA VAL G 12 10.12 8.29 11.96
C VAL G 12 10.26 9.78 12.21
N LEU G 13 10.34 10.15 13.48
CA LEU G 13 10.70 11.51 13.87
C LEU G 13 12.06 11.40 14.59
N ASN G 14 12.18 11.97 15.78
CA ASN G 14 13.50 12.13 16.41
C ASN G 14 13.87 10.99 17.36
N LEU G 15 15.16 10.87 17.63
CA LEU G 15 15.65 9.96 18.67
C LEU G 15 15.27 10.50 20.05
N VAL G 16 15.00 9.59 20.98
CA VAL G 16 14.83 9.93 22.40
C VAL G 16 16.14 9.67 23.14
N THR G 17 16.54 10.58 24.01
CA THR G 17 17.82 10.45 24.70
C THR G 17 17.64 10.49 26.22
N GLY G 18 18.73 10.24 26.94
CA GLY G 18 18.74 10.28 28.41
C GLY G 18 18.85 8.90 29.02
N PRO G 19 18.57 8.78 30.33
CA PRO G 19 18.65 7.47 30.98
C PRO G 19 17.56 6.53 30.48
N ASP G 20 17.91 5.24 30.33
CA ASP G 20 16.97 4.21 29.87
C ASP G 20 16.46 4.43 28.44
N SER G 21 17.22 5.16 27.62
CA SER G 21 16.86 5.35 26.22
C SER G 21 17.36 4.17 25.37
N ILE G 22 18.23 3.35 25.96
CA ILE G 22 18.72 2.13 25.31
C ILE G 22 18.51 0.89 26.17
N THR G 23 18.36 -0.24 25.51
CA THR G 23 18.24 -1.51 26.20
C THR G 23 18.81 -2.61 25.31
N THR G 24 19.17 -3.72 25.93
CA THR G 24 19.68 -4.87 25.17
C THR G 24 18.84 -6.12 25.43
N ILE G 25 18.78 -6.98 24.42
CA ILE G 25 18.07 -8.24 24.48
C ILE G 25 19.06 -9.35 24.10
N GLU G 26 19.18 -10.34 24.95
CA GLU G 26 20.05 -11.49 24.72
C GLU G 26 19.21 -12.77 24.72
N LEU G 27 19.47 -13.65 23.76
CA LEU G 27 18.74 -14.91 23.67
C LEU G 27 19.49 -15.87 22.78
N TYR G 28 19.08 -17.13 22.84
CA TYR G 28 19.50 -18.14 21.88
C TYR G 28 18.25 -18.84 21.36
N LEU G 29 18.36 -19.44 20.18
CA LEU G 29 17.31 -20.28 19.62
C LEU G 29 17.90 -21.63 19.28
N ASN G 30 17.31 -22.69 19.81
CA ASN G 30 17.69 -24.05 19.38
C ASN G 30 17.13 -24.39 18.01
N THR G 31 17.84 -25.27 17.32
CA THR G 31 17.53 -25.66 15.97
C THR G 31 16.23 -26.49 15.88
N ARG G 32 15.57 -26.40 14.73
CA ARG G 32 14.31 -27.11 14.47
C ARG G 32 14.45 -27.94 13.20
N MET G 33 15.22 -29.01 13.30
CA MET G 33 15.51 -29.85 12.15
C MET G 33 14.46 -30.91 11.90
N GLY G 34 13.62 -31.19 12.90
CA GLY G 34 12.53 -32.13 12.76
C GLY G 34 12.20 -32.90 14.04
N GLN G 35 13.24 -33.35 14.74
CA GLN G 35 13.07 -33.89 16.07
C GLN G 35 13.36 -32.74 17.03
N ASN G 36 12.29 -32.08 17.45
CA ASN G 36 12.40 -30.80 18.11
C ASN G 36 12.08 -30.89 19.60
N ASP G 37 11.98 -32.11 20.10
CA ASP G 37 11.73 -32.38 21.52
C ASP G 37 13.07 -32.67 22.23
N GLU G 38 13.46 -31.77 23.12
CA GLU G 38 14.76 -31.88 23.82
C GLU G 38 14.87 -33.06 24.78
N SER G 39 13.76 -33.73 25.08
CA SER G 39 13.79 -34.89 25.95
C SER G 39 13.99 -36.19 25.20
N LYS G 40 14.00 -36.12 23.87
CA LYS G 40 14.05 -37.32 23.04
C LYS G 40 15.37 -37.47 22.28
N ASP G 41 15.69 -38.71 21.91
CA ASP G 41 16.90 -39.00 21.13
C ASP G 41 16.83 -38.27 19.79
N ASN G 42 17.98 -38.00 19.21
CA ASN G 42 18.00 -37.33 17.89
C ASN G 42 17.55 -35.85 17.92
N TYR G 43 17.48 -35.25 19.11
CA TYR G 43 17.25 -33.81 19.22
C TYR G 43 18.32 -33.06 18.46
N GLY G 44 17.89 -32.07 17.68
CA GLY G 44 18.82 -31.27 16.92
C GLY G 44 19.17 -31.89 15.58
N TYR G 45 18.46 -32.95 15.21
CA TYR G 45 18.58 -33.58 13.92
C TYR G 45 17.18 -33.74 13.37
N SER G 46 17.08 -34.00 12.07
CA SER G 46 15.83 -34.46 11.48
C SER G 46 15.66 -35.97 11.72
N GLU G 47 14.45 -36.44 11.48
CA GLU G 47 14.24 -37.86 11.25
C GLU G 47 14.91 -38.24 9.92
N LYS G 48 15.10 -39.53 9.71
CA LYS G 48 15.68 -40.06 8.47
C LYS G 48 14.99 -39.49 7.23
N VAL G 49 15.80 -39.02 6.29
CA VAL G 49 15.30 -38.51 5.02
C VAL G 49 14.78 -39.67 4.18
N THR G 50 13.63 -39.46 3.54
CA THR G 50 13.05 -40.41 2.58
C THR G 50 12.89 -39.72 1.22
N VAL G 51 12.71 -40.53 0.17
CA VAL G 51 12.73 -40.02 -1.20
C VAL G 51 11.50 -40.48 -1.93
N ALA G 52 10.79 -39.53 -2.53
CA ALA G 52 9.57 -39.82 -3.29
C ALA G 52 9.80 -40.77 -4.46
N ASN G 53 8.83 -41.66 -4.70
CA ASN G 53 8.86 -42.54 -5.87
C ASN G 53 8.53 -41.81 -7.16
N SER G 54 7.68 -40.80 -7.05
CA SER G 54 7.28 -39.93 -8.16
C SER G 54 6.87 -38.60 -7.57
N SER G 55 6.85 -37.55 -8.39
CA SER G 55 6.57 -36.20 -7.90
C SER G 55 5.13 -36.00 -7.43
N ASP G 56 4.22 -36.86 -7.90
CA ASP G 56 2.83 -36.81 -7.46
C ASP G 56 2.56 -37.72 -6.25
N GLN G 57 3.61 -38.34 -5.70
CA GLN G 57 3.54 -39.10 -4.44
C GLN G 57 4.67 -38.63 -3.51
N ASP G 58 4.78 -37.32 -3.30
CA ASP G 58 5.90 -36.74 -2.58
C ASP G 58 5.36 -36.30 -1.23
N LYS G 59 5.47 -37.22 -0.26
CA LYS G 59 4.86 -37.07 1.04
C LYS G 59 5.92 -37.31 2.11
N PRO G 60 6.63 -36.24 2.50
CA PRO G 60 7.69 -36.45 3.49
C PRO G 60 7.15 -37.01 4.79
N THR G 61 7.94 -37.86 5.45
CA THR G 61 7.55 -38.40 6.76
C THR G 61 7.55 -37.30 7.82
N SER G 62 6.79 -37.52 8.89
CA SER G 62 6.74 -36.54 9.97
C SER G 62 8.13 -36.41 10.62
N GLY G 63 8.61 -35.19 10.74
CA GLY G 63 9.89 -34.91 11.37
C GLY G 63 11.11 -34.93 10.48
N GLU G 64 10.98 -35.14 9.17
CA GLU G 64 12.16 -35.12 8.28
C GLU G 64 12.42 -33.76 7.64
N ILE G 65 11.64 -32.75 8.04
CA ILE G 65 11.59 -31.44 7.38
C ILE G 65 12.06 -30.33 8.30
N PRO G 66 13.21 -29.68 7.99
CA PRO G 66 13.62 -28.53 8.79
C PRO G 66 12.65 -27.36 8.70
N THR G 67 12.53 -26.65 9.81
CA THR G 67 11.66 -25.48 9.89
C THR G 67 12.44 -24.32 10.47
N TYR G 68 11.90 -23.12 10.35
CA TYR G 68 12.52 -21.94 10.95
C TYR G 68 12.35 -21.92 12.46
N SER G 69 13.41 -21.46 13.12
CA SER G 69 13.33 -21.06 14.52
C SER G 69 12.87 -19.62 14.62
N THR G 70 12.06 -19.31 15.62
CA THR G 70 11.62 -17.94 15.82
C THR G 70 11.19 -17.69 17.25
N ALA G 71 11.27 -16.42 17.63
CA ALA G 71 10.75 -15.95 18.92
C ALA G 71 10.31 -14.50 18.84
N ARG G 72 9.31 -14.17 19.62
CA ARG G 72 8.96 -12.78 19.90
C ARG G 72 9.41 -12.54 21.34
N ILE G 73 10.22 -11.51 21.53
CA ILE G 73 10.66 -11.13 22.85
C ILE G 73 9.95 -9.85 23.30
N ASN G 74 9.51 -9.81 24.56
CA ASN G 74 8.89 -8.59 25.10
C ASN G 74 9.94 -7.55 25.44
N LEU G 75 9.62 -6.31 25.12
CA LEU G 75 10.49 -5.19 25.38
C LEU G 75 9.84 -4.35 26.47
N PRO G 76 10.65 -3.55 27.19
CA PRO G 76 10.07 -2.60 28.16
C PRO G 76 8.91 -1.78 27.59
N MET G 77 7.84 -1.64 28.35
CA MET G 77 6.63 -0.92 27.90
C MET G 77 6.89 0.56 27.62
N LEU G 78 6.30 1.06 26.53
CA LEU G 78 6.41 2.48 26.17
C LEU G 78 5.03 3.15 26.12
N ASN G 79 5.02 4.48 26.08
CA ASN G 79 3.79 5.25 25.94
C ASN G 79 2.88 5.05 27.16
N CYS G 84 0.15 12.70 27.21
CA CYS G 84 1.24 12.77 26.23
C CYS G 84 0.89 12.05 24.92
N ASN G 85 0.78 12.84 23.86
CA ASN G 85 0.20 12.40 22.58
C ASN G 85 1.20 12.06 21.49
N THR G 86 2.47 11.90 21.87
CA THR G 86 3.52 11.46 20.95
C THR G 86 3.62 9.93 20.98
N LEU G 87 4.12 9.33 19.90
CA LEU G 87 4.30 7.87 19.82
C LEU G 87 5.78 7.46 19.83
N THR G 88 6.16 6.62 20.79
CA THR G 88 7.54 6.11 20.93
C THR G 88 7.63 4.61 20.63
N MET G 89 8.65 4.22 19.88
CA MET G 89 8.87 2.81 19.58
C MET G 89 10.34 2.43 19.86
N TRP G 90 10.61 1.17 20.19
CA TRP G 90 12.00 0.68 20.28
C TRP G 90 12.52 0.41 18.88
N GLU G 91 13.77 0.83 18.64
CA GLU G 91 14.41 0.70 17.33
C GLU G 91 15.66 -0.16 17.48
N ALA G 92 15.71 -1.28 16.76
CA ALA G 92 16.89 -2.17 16.82
C ALA G 92 18.03 -1.55 15.99
N VAL G 93 19.13 -1.29 16.67
CA VAL G 93 20.31 -0.63 16.11
C VAL G 93 21.33 -1.63 15.52
N SER G 94 21.61 -2.69 16.27
CA SER G 94 22.64 -3.65 15.90
C SER G 94 22.43 -4.98 16.60
N VAL G 95 23.09 -6.00 16.06
CA VAL G 95 23.06 -7.34 16.63
C VAL G 95 24.43 -7.99 16.53
N LYS G 96 24.79 -8.70 17.59
CA LYS G 96 25.91 -9.64 17.55
C LYS G 96 25.31 -11.03 17.59
N THR G 97 25.58 -11.81 16.55
CA THR G 97 25.02 -13.15 16.45
C THR G 97 26.10 -14.14 16.06
N GLU G 98 25.98 -15.35 16.61
CA GLU G 98 26.91 -16.42 16.32
C GLU G 98 26.24 -17.79 16.39
N VAL G 99 26.75 -18.70 15.56
CA VAL G 99 26.35 -20.09 15.60
C VAL G 99 27.12 -20.77 16.74
N VAL G 100 26.39 -21.53 17.56
CA VAL G 100 26.91 -22.16 18.78
C VAL G 100 27.23 -23.61 18.47
N GLY G 101 28.30 -24.14 19.05
CA GLY G 101 28.56 -25.57 18.95
C GLY G 101 29.23 -26.00 17.66
N VAL G 102 29.88 -25.08 16.97
CA VAL G 102 30.59 -25.45 15.74
C VAL G 102 31.62 -26.57 16.00
N SER G 103 32.31 -26.51 17.13
CA SER G 103 33.32 -27.52 17.47
C SER G 103 32.75 -28.94 17.57
N SER G 104 31.44 -29.08 17.81
CA SER G 104 30.77 -30.40 17.87
C SER G 104 30.91 -31.17 16.58
N LEU G 105 31.21 -30.46 15.49
CA LEU G 105 31.40 -31.09 14.18
C LEU G 105 32.76 -31.76 14.04
N VAL G 106 33.65 -31.57 15.01
CA VAL G 106 34.95 -32.23 15.09
C VAL G 106 34.72 -33.55 15.83
N ASN G 107 34.09 -34.47 15.12
CA ASN G 107 33.68 -35.74 15.66
C ASN G 107 33.53 -36.71 14.51
N VAL G 108 34.41 -37.70 14.47
CA VAL G 108 34.41 -38.71 13.41
C VAL G 108 34.41 -40.12 13.97
N HIS G 109 33.90 -40.28 15.20
CA HIS G 109 33.78 -41.62 15.79
C HIS G 109 32.35 -42.07 16.07
N MET G 110 31.38 -41.30 15.60
CA MET G 110 29.97 -41.64 15.81
C MET G 110 29.63 -42.80 14.90
N ALA G 111 28.49 -43.44 15.14
CA ALA G 111 28.08 -44.60 14.38
C ALA G 111 27.62 -44.17 12.98
N THR G 112 28.58 -44.13 12.07
CA THR G 112 28.36 -43.57 10.74
C THR G 112 29.01 -44.46 9.70
N LYS G 113 28.74 -44.19 8.42
CA LYS G 113 29.56 -44.74 7.35
C LYS G 113 30.98 -44.25 7.58
N ARG G 114 31.95 -45.01 7.10
CA ARG G 114 33.34 -44.61 7.27
C ARG G 114 34.17 -44.74 5.99
N MET G 115 35.32 -44.10 6.01
CA MET G 115 36.24 -44.07 4.89
C MET G 115 37.09 -45.32 4.76
N TYR G 116 37.64 -45.53 3.57
CA TYR G 116 38.73 -46.49 3.32
C TYR G 116 38.50 -47.93 3.79
N ASP G 117 37.52 -48.59 3.17
CA ASP G 117 37.30 -50.04 3.38
C ASP G 117 37.10 -50.36 4.87
N ASP G 118 36.27 -49.53 5.52
CA ASP G 118 35.93 -49.70 6.95
C ASP G 118 37.10 -49.53 7.93
N LYS G 119 38.16 -48.85 7.50
CA LYS G 119 39.35 -48.66 8.32
C LYS G 119 39.55 -47.20 8.75
N GLY G 120 39.02 -46.26 7.96
CA GLY G 120 39.26 -44.83 8.23
C GLY G 120 38.23 -44.15 9.11
N ILE G 121 38.24 -42.83 9.09
CA ILE G 121 37.31 -42.06 9.93
C ILE G 121 35.84 -42.27 9.61
N GLY G 122 34.99 -42.05 10.61
CA GLY G 122 33.56 -41.91 10.34
C GLY G 122 33.34 -40.66 9.49
N PHE G 123 32.36 -40.68 8.60
CA PHE G 123 32.04 -39.46 7.86
C PHE G 123 31.62 -38.37 8.86
N PRO G 124 32.23 -37.19 8.76
CA PRO G 124 31.72 -36.08 9.58
C PRO G 124 30.40 -35.59 9.02
N VAL G 125 29.70 -34.81 9.81
CA VAL G 125 28.48 -34.14 9.32
C VAL G 125 28.92 -33.23 8.17
N GLU G 126 28.31 -33.41 7.00
CA GLU G 126 28.76 -32.72 5.80
C GLU G 126 27.64 -32.63 4.78
N GLY G 127 27.83 -31.74 3.81
CA GLY G 127 26.84 -31.51 2.80
C GLY G 127 26.22 -30.15 2.92
N MET G 128 24.97 -30.06 2.51
CA MET G 128 24.24 -28.81 2.41
C MET G 128 24.32 -27.96 3.67
N ASN G 129 24.64 -26.67 3.49
CA ASN G 129 24.56 -25.70 4.56
C ASN G 129 23.58 -24.61 4.20
N PHE G 130 22.82 -24.18 5.17
CA PHE G 130 21.84 -23.13 4.99
C PHE G 130 21.85 -22.32 6.27
N HIS G 131 22.10 -21.03 6.15
CA HIS G 131 22.21 -20.16 7.31
C HIS G 131 21.51 -18.88 7.06
N MET G 132 20.61 -18.54 7.96
CA MET G 132 19.89 -17.29 7.83
C MET G 132 19.50 -16.78 9.19
N PHE G 133 19.50 -15.48 9.36
CA PHE G 133 18.86 -14.90 10.53
C PHE G 133 18.13 -13.62 10.13
N ALA G 134 17.17 -13.23 10.95
CA ALA G 134 16.41 -12.01 10.72
C ALA G 134 16.10 -11.40 12.06
N VAL G 135 16.12 -10.07 12.09
CA VAL G 135 15.72 -9.31 13.24
C VAL G 135 14.75 -8.24 12.74
N GLY G 136 13.57 -8.15 13.36
CA GLY G 136 12.59 -7.17 12.94
C GLY G 136 11.68 -6.71 14.05
N GLY G 137 10.83 -5.75 13.71
CA GLY G 137 9.85 -5.23 14.66
C GLY G 137 8.47 -5.79 14.44
N GLU G 138 8.39 -6.87 13.69
CA GLU G 138 7.14 -7.57 13.40
C GLU G 138 7.55 -8.91 12.81
N PRO G 139 6.59 -9.85 12.71
CA PRO G 139 6.93 -11.15 12.15
C PRO G 139 7.57 -11.06 10.75
N LEU G 140 8.53 -11.94 10.50
CA LEU G 140 9.13 -12.05 9.19
C LEU G 140 8.03 -12.42 8.19
N GLU G 141 7.96 -11.64 7.12
CA GLU G 141 6.98 -11.87 6.09
C GLU G 141 7.55 -12.85 5.07
N LEU G 142 6.75 -13.86 4.77
CA LEU G 142 7.13 -14.98 3.94
C LEU G 142 6.40 -15.05 2.60
N GLN G 143 7.13 -15.57 1.63
CA GLN G 143 6.64 -15.91 0.31
C GLN G 143 6.75 -17.43 0.16
N PHE G 144 5.69 -18.04 -0.34
CA PHE G 144 5.72 -19.48 -0.64
C PHE G 144 6.43 -19.69 -1.98
N LEU G 145 7.36 -20.63 -2.01
CA LEU G 145 7.98 -21.06 -3.26
C LEU G 145 8.55 -22.44 -3.03
N THR G 146 8.20 -23.37 -3.90
CA THR G 146 8.61 -24.75 -3.72
C THR G 146 9.20 -25.37 -4.98
N GLY G 147 10.05 -26.37 -4.76
CA GLY G 147 10.57 -27.16 -5.90
C GLY G 147 9.55 -28.14 -6.48
N ASN G 148 8.50 -28.43 -5.72
CA ASN G 148 7.43 -29.35 -6.16
C ASN G 148 6.06 -28.89 -5.63
N TYR G 149 5.23 -28.39 -6.54
CA TYR G 149 3.95 -27.84 -6.12
C TYR G 149 3.08 -28.89 -5.44
N ARG G 150 3.30 -30.16 -5.77
CA ARG G 150 2.46 -31.29 -5.26
C ARG G 150 2.90 -31.90 -3.92
N THR G 151 3.94 -31.37 -3.29
CA THR G 151 4.42 -31.91 -2.02
C THR G 151 3.27 -31.99 -0.99
N ASP G 152 3.13 -33.17 -0.41
CA ASP G 152 2.04 -33.48 0.49
C ASP G 152 2.58 -33.44 1.91
N TYR G 153 2.22 -32.40 2.68
CA TYR G 153 2.67 -32.23 4.07
C TYR G 153 1.77 -32.86 5.13
N SER G 154 0.84 -33.70 4.71
CA SER G 154 -0.21 -34.19 5.61
C SER G 154 0.24 -35.28 6.60
N ALA G 155 1.49 -35.75 6.51
CA ALA G 155 2.03 -36.62 7.55
C ALA G 155 2.26 -35.86 8.87
N ASN G 156 2.27 -34.54 8.82
CA ASN G 156 2.45 -33.69 10.01
C ASN G 156 1.56 -32.46 9.92
N ASP G 157 0.36 -32.52 10.51
CA ASP G 157 -0.55 -31.38 10.37
C ASP G 157 -0.16 -30.19 11.29
N LYS G 158 0.94 -30.31 12.03
CA LYS G 158 1.53 -29.19 12.77
C LYS G 158 2.32 -28.21 11.89
N LEU G 159 2.64 -28.61 10.66
CA LEU G 159 3.33 -27.71 9.74
C LEU G 159 2.36 -26.69 9.18
N VAL G 160 2.85 -25.47 9.02
CA VAL G 160 2.06 -24.38 8.48
C VAL G 160 2.41 -24.28 7.01
N VAL G 161 1.45 -24.63 6.17
CA VAL G 161 1.61 -24.63 4.73
C VAL G 161 0.30 -24.14 4.14
N PRO G 162 0.30 -23.75 2.85
CA PRO G 162 -0.98 -23.30 2.28
C PRO G 162 -2.01 -24.44 2.20
N PRO G 163 -3.30 -24.08 2.22
CA PRO G 163 -4.40 -25.05 2.17
C PRO G 163 -4.71 -25.57 0.77
N ILE G 164 -4.16 -24.94 -0.27
CA ILE G 164 -4.34 -25.41 -1.64
C ILE G 164 -2.99 -25.45 -2.34
N LYS G 165 -2.95 -26.22 -3.43
CA LYS G 165 -1.72 -26.36 -4.21
C LYS G 165 -2.01 -25.87 -5.62
N HIS G 166 -0.98 -25.35 -6.28
CA HIS G 166 -1.09 -24.92 -7.65
C HIS G 166 0.27 -24.93 -8.32
N GLN G 167 0.27 -25.24 -9.62
CA GLN G 167 1.49 -25.35 -10.43
C GLN G 167 2.39 -24.12 -10.32
N SER G 168 1.75 -22.97 -10.27
CA SER G 168 2.42 -21.68 -10.28
C SER G 168 3.33 -21.45 -9.08
N THR G 169 3.16 -22.23 -8.02
CA THR G 169 3.98 -22.06 -6.80
C THR G 169 5.42 -22.58 -6.92
N GLN G 170 5.77 -23.15 -8.09
CA GLN G 170 7.17 -23.45 -8.41
C GLN G 170 7.92 -22.22 -8.89
N GLY G 171 7.18 -21.15 -9.12
CA GLY G 171 7.69 -19.81 -9.28
C GLY G 171 7.14 -18.94 -8.17
N LEU G 172 7.20 -17.62 -8.35
CA LEU G 172 6.66 -16.68 -7.39
C LEU G 172 5.21 -16.34 -7.73
N ASN G 173 4.29 -16.79 -6.88
CA ASN G 173 2.88 -16.40 -6.99
C ASN G 173 2.55 -15.60 -5.74
N PRO G 174 2.32 -14.27 -5.88
CA PRO G 174 2.18 -13.42 -4.71
C PRO G 174 0.90 -13.63 -3.90
N HIS G 175 0.00 -14.49 -4.39
CA HIS G 175 -1.19 -14.88 -3.62
C HIS G 175 -0.88 -15.94 -2.56
N TYR G 176 0.34 -16.45 -2.55
CA TYR G 176 0.74 -17.43 -1.54
C TYR G 176 1.81 -16.82 -0.61
N LYS G 177 1.32 -16.26 0.50
CA LYS G 177 2.18 -15.62 1.50
C LYS G 177 1.79 -16.04 2.91
N GLN G 178 2.65 -15.70 3.86
CA GLN G 178 2.41 -15.99 5.28
C GLN G 178 3.30 -15.07 6.11
N LYS G 179 3.19 -15.21 7.42
CA LYS G 179 4.07 -14.54 8.37
C LYS G 179 4.61 -15.58 9.34
N LEU G 180 5.87 -15.41 9.76
CA LEU G 180 6.53 -16.41 10.58
C LEU G 180 6.17 -16.17 12.04
N THR G 181 5.11 -16.83 12.47
CA THR G 181 4.51 -16.58 13.78
C THR G 181 4.61 -17.75 14.75
N LYS G 182 5.25 -18.85 14.32
CA LYS G 182 5.31 -20.05 15.15
C LYS G 182 6.65 -20.74 14.95
N ASP G 183 7.33 -21.04 16.06
CA ASP G 183 8.61 -21.73 16.05
C ASP G 183 8.44 -23.18 15.63
N GLY G 184 9.38 -23.69 14.81
CA GLY G 184 9.37 -25.12 14.49
C GLY G 184 8.15 -25.60 13.71
N ALA G 185 7.61 -24.77 12.82
CA ALA G 185 6.37 -25.12 12.11
C ALA G 185 6.34 -24.74 10.61
N PHE G 186 7.14 -23.77 10.21
CA PHE G 186 7.16 -23.27 8.83
C PHE G 186 8.31 -23.92 8.08
N PRO G 187 8.02 -24.84 7.14
CA PRO G 187 9.15 -25.47 6.45
C PRO G 187 10.04 -24.52 5.65
N VAL G 188 11.35 -24.66 5.82
CA VAL G 188 12.33 -23.88 5.06
C VAL G 188 12.18 -24.15 3.56
N GLU G 189 11.82 -25.37 3.20
CA GLU G 189 11.79 -25.78 1.79
C GLU G 189 10.71 -25.10 0.93
N CYS G 190 9.71 -24.52 1.58
CA CYS G 190 8.61 -23.89 0.84
C CYS G 190 8.33 -22.45 1.23
N TRP G 191 9.03 -21.95 2.27
CA TRP G 191 8.85 -20.56 2.69
C TRP G 191 10.17 -19.83 2.73
N CYS G 192 10.19 -18.66 2.11
CA CYS G 192 11.39 -17.82 2.07
C CYS G 192 10.97 -16.41 2.44
N PRO G 193 11.91 -15.55 2.81
CA PRO G 193 11.54 -14.15 3.03
C PRO G 193 10.89 -13.50 1.79
N ASP G 194 9.84 -12.73 2.02
CA ASP G 194 9.18 -11.98 0.97
C ASP G 194 9.93 -10.65 0.75
N PRO G 195 10.67 -10.53 -0.38
CA PRO G 195 11.40 -9.28 -0.58
C PRO G 195 10.54 -8.06 -0.92
N SER G 196 9.29 -8.27 -1.31
CA SER G 196 8.35 -7.18 -1.63
C SER G 196 7.77 -6.58 -0.36
N LYS G 197 7.99 -7.22 0.79
CA LYS G 197 7.61 -6.67 2.08
C LYS G 197 8.85 -6.56 2.98
N ASN G 198 8.70 -6.85 4.27
CA ASN G 198 9.81 -6.82 5.23
C ASN G 198 10.55 -5.48 5.32
N GLU G 199 9.82 -4.38 5.11
CA GLU G 199 10.43 -3.05 5.24
C GLU G 199 10.95 -2.86 6.66
N ASN G 200 10.36 -3.57 7.61
CA ASN G 200 10.65 -3.41 9.03
C ASN G 200 11.42 -4.59 9.66
N THR G 201 12.16 -5.30 8.82
CA THR G 201 12.99 -6.44 9.24
C THR G 201 14.26 -6.39 8.40
N ARG G 202 15.36 -6.83 9.00
CA ARG G 202 16.59 -7.10 8.26
C ARG G 202 16.84 -8.59 8.25
N TYR G 203 17.10 -9.17 7.07
CA TYR G 203 17.39 -10.61 7.01
C TYR G 203 18.63 -10.84 6.15
N TYR G 204 19.35 -11.92 6.46
CA TYR G 204 20.60 -12.27 5.81
C TYR G 204 20.61 -13.77 5.71
N GLY G 205 20.91 -14.29 4.52
CA GLY G 205 20.91 -15.71 4.30
C GLY G 205 21.93 -16.18 3.27
N SER G 206 22.31 -17.44 3.42
CA SER G 206 23.20 -18.09 2.51
C SER G 206 22.84 -19.57 2.36
N TYR G 207 23.15 -20.11 1.18
CA TYR G 207 22.98 -21.52 0.89
C TYR G 207 24.19 -22.03 0.15
N THR G 208 24.73 -23.14 0.63
CA THR G 208 25.78 -23.89 -0.08
C THR G 208 25.30 -25.31 -0.23
N GLY G 209 25.10 -25.75 -1.46
CA GLY G 209 24.45 -27.03 -1.70
C GLY G 209 25.42 -28.16 -1.96
N GLY G 210 25.03 -29.06 -2.86
CA GLY G 210 25.83 -30.23 -3.21
C GLY G 210 25.58 -31.38 -2.26
N GLN G 211 26.24 -32.50 -2.52
CA GLN G 211 25.96 -33.75 -1.80
C GLN G 211 26.73 -33.97 -0.48
N SER G 212 28.06 -33.82 -0.54
CA SER G 212 28.95 -34.09 0.57
C SER G 212 29.89 -32.93 0.83
N THR G 213 29.45 -31.74 0.44
CA THR G 213 30.27 -30.52 0.46
C THR G 213 30.80 -30.21 1.85
N PRO G 214 32.06 -29.77 1.95
CA PRO G 214 32.57 -29.36 3.27
C PRO G 214 31.77 -28.20 3.87
N PRO G 215 31.34 -28.34 5.13
CA PRO G 215 30.80 -27.17 5.82
C PRO G 215 31.93 -26.19 6.07
N VAL G 216 31.65 -24.91 5.85
CA VAL G 216 32.61 -23.84 6.14
C VAL G 216 31.95 -22.86 7.11
N LEU G 217 32.47 -22.81 8.33
CA LEU G 217 31.79 -22.12 9.40
C LEU G 217 32.77 -21.29 10.21
N GLN G 218 32.30 -20.15 10.72
CA GLN G 218 33.11 -19.31 11.59
C GLN G 218 32.34 -19.00 12.85
N PHE G 219 33.07 -18.67 13.91
CA PHE G 219 32.44 -18.26 15.17
C PHE G 219 33.38 -17.29 15.86
N THR G 220 32.83 -16.19 16.36
CA THR G 220 33.60 -15.18 17.10
C THR G 220 32.62 -14.33 17.91
N ASN G 221 33.12 -13.73 18.99
CA ASN G 221 32.33 -12.79 19.79
C ASN G 221 32.69 -11.34 19.54
N THR G 222 33.29 -11.06 18.37
CA THR G 222 33.84 -9.73 18.13
C THR G 222 33.19 -8.95 16.99
N VAL G 223 32.12 -9.48 16.40
CA VAL G 223 31.49 -8.88 15.21
C VAL G 223 30.09 -8.34 15.52
N THR G 224 29.88 -7.07 15.19
CA THR G 224 28.59 -6.40 15.32
C THR G 224 28.01 -6.09 13.94
N THR G 225 26.77 -6.53 13.72
CA THR G 225 26.06 -6.27 12.48
C THR G 225 25.12 -5.06 12.71
N VAL G 226 25.30 -4.00 11.93
CA VAL G 226 24.45 -2.81 12.02
C VAL G 226 23.10 -3.06 11.34
N LEU G 227 21.99 -2.76 12.02
CA LEU G 227 20.65 -3.03 11.49
C LEU G 227 19.96 -1.79 10.91
N LEU G 228 20.65 -0.66 10.97
CA LEU G 228 20.12 0.57 10.39
C LEU G 228 20.10 0.45 8.86
N ASP G 229 19.06 1.03 8.25
CA ASP G 229 18.94 1.07 6.79
C ASP G 229 19.67 2.29 6.22
N GLU G 230 19.48 2.53 4.92
CA GLU G 230 20.15 3.64 4.20
C GLU G 230 19.76 5.05 4.71
N ASN G 231 18.63 5.15 5.39
CA ASN G 231 18.21 6.41 6.02
C ASN G 231 18.61 6.50 7.49
N GLY G 232 19.34 5.50 7.98
CA GLY G 232 19.73 5.46 9.39
C GLY G 232 18.64 4.94 10.31
N VAL G 233 17.69 4.18 9.77
CA VAL G 233 16.55 3.71 10.59
C VAL G 233 16.60 2.20 10.73
N GLY G 234 16.54 1.73 11.97
CA GLY G 234 16.49 0.30 12.25
C GLY G 234 15.05 -0.18 12.34
N PRO G 235 14.86 -1.50 12.51
CA PRO G 235 13.53 -2.06 12.73
C PRO G 235 12.83 -1.41 13.91
N LEU G 236 11.56 -1.06 13.71
CA LEU G 236 10.78 -0.36 14.74
C LEU G 236 9.78 -1.36 15.31
N CYS G 237 9.86 -1.59 16.61
CA CYS G 237 9.15 -2.70 17.24
C CYS G 237 7.68 -2.40 17.57
N LYS G 238 6.80 -2.87 16.69
CA LYS G 238 5.36 -2.63 16.82
C LYS G 238 4.86 -3.40 18.04
N GLY G 239 4.12 -2.71 18.91
CA GLY G 239 3.60 -3.33 20.11
C GLY G 239 4.64 -3.78 21.11
N ASP G 240 5.80 -3.11 21.12
CA ASP G 240 6.89 -3.42 22.04
C ASP G 240 7.33 -4.90 21.99
N GLY G 241 7.36 -5.44 20.77
CA GLY G 241 7.82 -6.81 20.53
C GLY G 241 8.96 -6.85 19.53
N LEU G 242 9.96 -7.66 19.82
CA LEU G 242 11.12 -7.85 18.93
C LEU G 242 11.08 -9.26 18.39
N TYR G 243 11.27 -9.41 17.07
CA TYR G 243 11.12 -10.69 16.41
C TYR G 243 12.46 -11.14 15.88
N VAL G 244 12.86 -12.33 16.29
CA VAL G 244 14.15 -12.90 15.90
C VAL G 244 13.88 -14.26 15.29
N SER G 245 14.50 -14.53 14.14
CA SER G 245 14.28 -15.76 13.38
C SER G 245 15.59 -16.27 12.83
N CYS G 246 15.68 -17.58 12.62
CA CYS G 246 16.90 -18.15 12.04
C CYS G 246 16.73 -19.60 11.59
N CYS G 247 17.75 -20.07 10.87
CA CYS G 247 17.89 -21.49 10.57
C CYS G 247 19.35 -21.72 10.26
N ASP G 248 19.94 -22.79 10.83
CA ASP G 248 21.36 -23.09 10.65
C ASP G 248 21.57 -24.59 10.46
N ILE G 249 21.45 -25.00 9.21
CA ILE G 249 21.71 -26.36 8.78
C ILE G 249 23.18 -26.46 8.43
N VAL G 250 23.85 -27.42 9.08
CA VAL G 250 25.30 -27.61 8.87
C VAL G 250 25.68 -28.85 8.09
N GLY G 251 24.67 -29.64 7.69
CA GLY G 251 24.88 -30.77 6.80
C GLY G 251 24.06 -31.98 7.22
N PHE G 252 24.53 -33.15 6.83
CA PHE G 252 23.87 -34.43 7.10
C PHE G 252 24.78 -35.37 7.86
N LEU G 253 24.18 -36.10 8.80
CA LEU G 253 24.83 -37.25 9.46
C LEU G 253 24.51 -38.48 8.64
N VAL G 254 25.54 -39.20 8.22
CA VAL G 254 25.38 -40.38 7.36
C VAL G 254 25.51 -41.64 8.21
N GLY G 255 24.39 -42.32 8.45
CA GLY G 255 24.41 -43.53 9.25
C GLY G 255 25.12 -44.69 8.59
N LYS G 256 25.34 -45.74 9.38
CA LYS G 256 26.05 -46.93 8.93
C LYS G 256 25.58 -47.50 7.59
N ASP G 257 24.27 -47.52 7.38
CA ASP G 257 23.72 -48.11 6.17
C ASP G 257 23.41 -47.08 5.08
N GLY G 258 23.87 -45.84 5.26
CA GLY G 258 23.65 -44.76 4.29
C GLY G 258 22.45 -43.88 4.54
N ASP G 259 21.65 -44.21 5.55
CA ASP G 259 20.52 -43.36 5.99
C ASP G 259 21.04 -42.01 6.47
N MET G 260 20.33 -40.93 6.14
CA MET G 260 20.83 -39.57 6.39
C MET G 260 19.83 -38.71 7.15
N GLN G 261 20.35 -37.84 8.01
CA GLN G 261 19.55 -36.90 8.79
C GLN G 261 20.18 -35.51 8.73
N TYR G 262 19.35 -34.47 8.64
CA TYR G 262 19.83 -33.11 8.79
C TYR G 262 20.39 -32.93 10.18
N ARG G 263 21.46 -32.12 10.28
CA ARG G 263 21.97 -31.62 11.55
C ARG G 263 21.91 -30.08 11.55
N GLY G 264 21.38 -29.52 12.65
CA GLY G 264 21.39 -28.09 12.86
C GLY G 264 22.04 -27.70 14.15
N LEU G 265 22.40 -26.41 14.24
CA LEU G 265 23.05 -25.85 15.43
C LEU G 265 22.28 -24.64 15.93
N PRO G 266 22.41 -24.35 17.23
CA PRO G 266 21.75 -23.21 17.82
C PRO G 266 22.39 -21.89 17.41
N ARG G 267 21.65 -20.80 17.54
CA ARG G 267 22.19 -19.48 17.27
C ARG G 267 21.94 -18.55 18.46
N TYR G 268 22.96 -17.75 18.76
CA TYR G 268 22.92 -16.76 19.83
C TYR G 268 22.75 -15.36 19.24
N PHE G 269 22.05 -14.50 19.97
CA PHE G 269 21.81 -13.11 19.59
C PHE G 269 21.96 -12.17 20.77
N ASN G 270 22.57 -11.03 20.53
CA ASN G 270 22.59 -9.92 21.48
C ASN G 270 22.25 -8.66 20.70
N ILE G 271 21.09 -8.08 21.00
CA ILE G 271 20.54 -7.00 20.19
C ILE G 271 20.45 -5.70 20.99
N LEU G 272 20.96 -4.61 20.42
CA LEU G 272 20.92 -3.29 21.04
C LEU G 272 19.79 -2.47 20.44
N LEU G 273 18.96 -1.85 21.28
CA LEU G 273 17.83 -1.05 20.83
C LEU G 273 17.83 0.31 21.50
N ARG G 274 17.21 1.28 20.83
CA ARG G 274 17.09 2.63 21.36
C ARG G 274 15.68 3.12 21.11
N LYS G 275 15.26 4.14 21.85
CA LYS G 275 13.92 4.73 21.70
C LYS G 275 13.88 5.75 20.55
N ARG G 276 12.82 5.66 19.74
CA ARG G 276 12.59 6.55 18.60
C ARG G 276 11.14 7.05 18.62
N THR G 277 10.92 8.36 18.56
CA THR G 277 9.55 8.87 18.39
C THR G 277 9.17 8.76 16.90
N VAL G 278 7.89 8.49 16.67
CA VAL G 278 7.36 8.34 15.31
C VAL G 278 6.05 9.13 15.14
N ARG G 279 5.72 9.41 13.87
CA ARG G 279 4.53 10.16 13.53
C ARG G 279 3.26 9.34 13.78
N ASN G 280 2.31 9.90 14.53
CA ASN G 280 0.99 9.30 14.70
C ASN G 280 0.32 9.06 13.33
N ASN H 9 30.69 -6.14 37.97
CA ASN H 9 31.55 -5.85 36.79
C ASN H 9 32.67 -4.86 37.13
N ILE H 10 33.77 -4.97 36.42
CA ILE H 10 34.89 -4.03 36.61
C ILE H 10 34.55 -2.70 35.96
N GLU H 11 34.72 -1.61 36.71
CA GLU H 11 34.52 -0.26 36.18
C GLU H 11 35.87 0.32 35.79
N VAL H 12 36.08 0.53 34.49
CA VAL H 12 37.37 0.99 33.99
C VAL H 12 37.48 2.50 34.06
N LEU H 13 38.68 2.94 34.41
CA LEU H 13 38.99 4.36 34.53
C LEU H 13 40.06 4.63 33.47
N ASN H 14 41.05 5.47 33.76
CA ASN H 14 41.95 5.93 32.72
C ASN H 14 43.18 5.02 32.58
N LEU H 15 43.89 5.15 31.47
CA LEU H 15 45.17 4.47 31.29
C LEU H 15 46.27 5.01 32.21
N VAL H 16 47.14 4.10 32.64
CA VAL H 16 48.35 4.48 33.35
C VAL H 16 49.42 4.73 32.30
N THR H 17 50.03 5.88 32.34
CA THR H 17 51.03 6.24 31.35
C THR H 17 52.41 6.30 32.01
N GLY H 18 53.43 6.39 31.19
CA GLY H 18 54.79 6.55 31.67
C GLY H 18 55.62 5.30 31.57
N PRO H 19 56.83 5.32 32.16
CA PRO H 19 57.76 4.18 32.13
C PRO H 19 57.13 2.92 32.71
N ASP H 20 57.33 1.80 32.00
CA ASP H 20 56.87 0.47 32.41
C ASP H 20 55.35 0.32 32.44
N SER H 21 54.62 1.16 31.72
CA SER H 21 53.17 1.03 31.64
C SER H 21 52.75 -0.01 30.58
N ILE H 22 53.70 -0.51 29.79
CA ILE H 22 53.42 -1.48 28.74
C ILE H 22 54.26 -2.73 28.95
N THR H 23 53.74 -3.88 28.59
CA THR H 23 54.52 -5.12 28.62
C THR H 23 54.07 -6.01 27.47
N THR H 24 54.96 -6.94 27.07
CA THR H 24 54.60 -7.93 26.03
C THR H 24 54.83 -9.34 26.57
N ILE H 25 53.97 -10.26 26.15
CA ILE H 25 54.03 -11.66 26.53
C ILE H 25 54.14 -12.46 25.23
N GLU H 26 55.14 -13.32 25.15
CA GLU H 26 55.36 -14.17 24.00
C GLU H 26 55.30 -15.61 24.49
N LEU H 27 54.57 -16.47 23.77
CA LEU H 27 54.51 -17.89 24.10
C LEU H 27 54.06 -18.71 22.90
N TYR H 28 54.21 -20.02 23.05
CA TYR H 28 53.58 -20.97 22.13
C TYR H 28 52.82 -22.02 22.92
N LEU H 29 51.83 -22.60 22.27
CA LEU H 29 51.12 -23.75 22.77
C LEU H 29 51.25 -24.90 21.79
N ASN H 30 51.72 -26.04 22.28
CA ASN H 30 51.72 -27.24 21.45
C ASN H 30 50.32 -27.85 21.40
N THR H 31 50.06 -28.59 20.32
CA THR H 31 48.77 -29.15 20.03
C THR H 31 48.48 -30.34 20.95
N ARG H 32 47.20 -30.58 21.16
CA ARG H 32 46.71 -31.65 22.03
C ARG H 32 45.72 -32.50 21.23
N MET H 33 46.27 -33.28 20.31
CA MET H 33 45.46 -34.12 19.44
C MET H 33 45.09 -35.46 20.05
N GLY H 34 45.81 -35.88 21.10
CA GLY H 34 45.47 -37.11 21.80
C GLY H 34 46.68 -37.84 22.33
N GLN H 35 47.72 -37.91 21.50
CA GLN H 35 49.04 -38.34 21.97
C GLN H 35 49.77 -37.03 22.35
N ASN H 36 49.73 -36.71 23.63
CA ASN H 36 50.12 -35.38 24.11
C ASN H 36 51.42 -35.39 24.92
N ASP H 37 52.12 -36.52 24.89
CA ASP H 37 53.41 -36.70 25.54
C ASP H 37 54.55 -36.54 24.54
N GLU H 38 55.34 -35.47 24.69
CA GLU H 38 56.42 -35.11 23.76
C GLU H 38 57.59 -36.12 23.72
N SER H 39 57.62 -37.04 24.70
CA SER H 39 58.66 -38.05 24.72
C SER H 39 58.27 -39.31 23.94
N LYS H 40 57.03 -39.39 23.44
CA LYS H 40 56.58 -40.61 22.77
C LYS H 40 56.34 -40.43 21.28
N ASP H 41 56.28 -41.57 20.59
CA ASP H 41 55.98 -41.59 19.16
C ASP H 41 54.59 -41.02 18.95
N ASN H 42 54.35 -40.53 17.75
CA ASN H 42 53.02 -39.99 17.40
C ASN H 42 52.64 -38.70 18.14
N TYR H 43 53.61 -37.99 18.72
CA TYR H 43 53.33 -36.71 19.36
C TYR H 43 52.77 -35.76 18.32
N GLY H 44 51.74 -35.03 18.71
CA GLY H 44 51.12 -34.06 17.81
C GLY H 44 50.09 -34.66 16.88
N TYR H 45 49.76 -35.93 17.09
CA TYR H 45 48.70 -36.63 16.39
C TYR H 45 47.79 -37.27 17.42
N SER H 46 46.59 -37.60 16.99
CA SER H 46 45.75 -38.49 17.79
C SER H 46 46.17 -39.95 17.62
N GLU H 47 45.68 -40.80 18.53
CA GLU H 47 45.66 -42.23 18.29
C GLU H 47 44.68 -42.50 17.16
N LYS H 48 44.73 -43.71 16.62
CA LYS H 48 43.93 -44.04 15.46
C LYS H 48 42.43 -43.91 15.77
N VAL H 49 41.70 -43.28 14.84
CA VAL H 49 40.27 -43.08 15.00
C VAL H 49 39.52 -44.41 14.88
N THR H 50 38.54 -44.59 15.78
CA THR H 50 37.62 -45.71 15.73
C THR H 50 36.22 -45.20 15.54
N VAL H 51 35.32 -46.10 15.15
CA VAL H 51 33.96 -45.73 14.78
C VAL H 51 32.97 -46.61 15.55
N ALA H 52 32.01 -45.96 16.21
CA ALA H 52 31.04 -46.66 17.04
C ALA H 52 30.19 -47.63 16.20
N ASN H 53 29.91 -48.80 16.76
CA ASN H 53 28.97 -49.74 16.13
C ASN H 53 27.52 -49.23 16.17
N SER H 54 27.18 -48.48 17.23
CA SER H 54 25.86 -47.87 17.38
C SER H 54 25.96 -46.69 18.33
N SER H 55 24.94 -45.83 18.35
CA SER H 55 25.05 -44.58 19.09
C SER H 55 25.04 -44.77 20.60
N ASP H 56 24.51 -45.90 21.06
CA ASP H 56 24.56 -46.29 22.47
C ASP H 56 25.80 -47.13 22.85
N GLN H 57 26.72 -47.32 21.91
CA GLN H 57 28.02 -47.95 22.19
C GLN H 57 29.11 -47.08 21.56
N ASP H 58 29.05 -45.78 21.84
CA ASP H 58 29.97 -44.81 21.26
C ASP H 58 30.94 -44.42 22.36
N LYS H 59 32.05 -45.14 22.42
CA LYS H 59 33.04 -45.03 23.49
C LYS H 59 34.41 -44.89 22.86
N PRO H 60 34.81 -43.65 22.58
CA PRO H 60 36.10 -43.47 21.92
C PRO H 60 37.27 -44.04 22.73
N THR H 61 38.28 -44.52 22.04
CA THR H 61 39.48 -45.02 22.71
C THR H 61 40.26 -43.86 23.34
N SER H 62 41.08 -44.19 24.33
CA SER H 62 41.92 -43.19 24.96
C SER H 62 42.90 -42.64 23.95
N GLY H 63 42.97 -41.32 23.84
CA GLY H 63 43.92 -40.67 22.97
C GLY H 63 43.44 -40.38 21.56
N GLU H 64 42.21 -40.74 21.20
CA GLU H 64 41.72 -40.45 19.84
C GLU H 64 40.97 -39.15 19.72
N ILE H 65 40.90 -38.39 20.82
CA ILE H 65 40.02 -37.20 20.97
C ILE H 65 40.84 -35.92 21.12
N PRO H 66 40.78 -34.99 20.13
CA PRO H 66 41.45 -33.70 20.31
C PRO H 66 40.84 -32.85 21.43
N THR H 67 41.70 -32.14 22.13
CA THR H 67 41.28 -31.27 23.21
C THR H 67 41.87 -29.87 23.02
N TYR H 68 41.34 -28.90 23.76
CA TYR H 68 41.87 -27.53 23.72
C TYR H 68 43.25 -27.43 24.39
N SER H 69 44.11 -26.64 23.77
CA SER H 69 45.34 -26.21 24.42
C SER H 69 45.03 -24.96 25.23
N THR H 70 45.65 -24.81 26.39
CA THR H 70 45.43 -23.58 27.17
C THR H 70 46.57 -23.35 28.14
N ALA H 71 46.80 -22.07 28.46
CA ALA H 71 47.74 -21.71 29.54
C ALA H 71 47.28 -20.45 30.24
N ARG H 72 47.61 -20.38 31.53
CA ARG H 72 47.53 -19.16 32.32
C ARG H 72 48.96 -18.63 32.43
N ILE H 73 49.16 -17.39 32.00
CA ILE H 73 50.48 -16.75 32.04
C ILE H 73 50.51 -15.76 33.18
N ASN H 74 51.53 -15.87 34.02
CA ASN H 74 51.69 -14.95 35.17
C ASN H 74 52.28 -13.64 34.65
N LEU H 75 51.60 -12.53 34.90
CA LEU H 75 52.07 -11.24 34.42
C LEU H 75 52.98 -10.56 35.46
N PRO H 76 53.72 -9.52 35.06
CA PRO H 76 54.50 -8.77 36.06
C PRO H 76 53.63 -8.24 37.20
N MET H 77 54.15 -8.32 38.42
CA MET H 77 53.42 -7.89 39.61
C MET H 77 53.03 -6.43 39.56
N LEU H 78 51.77 -6.15 39.88
CA LEU H 78 51.27 -4.79 40.03
C LEU H 78 51.10 -4.50 41.52
N ASN H 79 52.22 -4.13 42.13
CA ASN H 79 52.27 -3.91 43.59
C ASN H 79 51.66 -2.60 43.99
N GLU H 80 50.70 -2.64 44.92
CA GLU H 80 49.97 -1.43 45.30
C GLU H 80 49.11 -1.68 46.53
N ASP H 81 48.73 -0.61 47.19
CA ASP H 81 47.88 -0.66 48.36
C ASP H 81 46.47 -1.05 47.90
N LEU H 82 45.89 -2.07 48.53
CA LEU H 82 44.57 -2.62 48.17
C LEU H 82 43.36 -1.92 48.80
N THR H 83 43.60 -0.89 49.59
CA THR H 83 42.55 -0.27 50.42
C THR H 83 42.12 1.09 49.89
N CYS H 84 42.58 1.42 48.68
CA CYS H 84 42.31 2.72 48.10
C CYS H 84 41.15 2.57 47.12
N ASN H 85 40.70 3.67 46.54
CA ASN H 85 39.51 3.60 45.71
C ASN H 85 39.79 3.25 44.25
N THR H 86 41.06 2.97 43.88
CA THR H 86 41.39 2.44 42.57
C THR H 86 42.48 1.37 42.69
N LEU H 87 42.55 0.56 41.65
CA LEU H 87 43.59 -0.44 41.47
C LEU H 87 44.05 -0.41 40.03
N THR H 88 45.11 -1.13 39.75
CA THR H 88 45.67 -1.23 38.41
C THR H 88 45.55 -2.67 37.92
N MET H 89 45.22 -2.84 36.64
CA MET H 89 45.15 -4.15 36.01
C MET H 89 45.84 -4.11 34.66
N TRP H 90 46.42 -5.24 34.25
CA TRP H 90 46.90 -5.37 32.88
C TRP H 90 45.72 -5.55 31.94
N GLU H 91 45.75 -4.78 30.86
CA GLU H 91 44.74 -4.83 29.81
C GLU H 91 45.40 -5.30 28.52
N ALA H 92 44.89 -6.38 27.93
CA ALA H 92 45.43 -6.92 26.67
C ALA H 92 44.90 -6.08 25.53
N VAL H 93 45.82 -5.50 24.76
CA VAL H 93 45.46 -4.53 23.71
C VAL H 93 45.40 -5.19 22.31
N SER H 94 46.34 -6.07 22.05
CA SER H 94 46.46 -6.71 20.73
C SER H 94 47.26 -7.99 20.81
N VAL H 95 47.12 -8.82 19.80
CA VAL H 95 47.85 -10.05 19.68
C VAL H 95 48.26 -10.29 18.23
N LYS H 96 49.48 -10.77 18.05
CA LYS H 96 49.95 -11.34 16.79
C LYS H 96 50.04 -12.85 17.03
N THR H 97 49.31 -13.61 16.23
CA THR H 97 49.30 -15.06 16.39
C THR H 97 49.43 -15.75 15.04
N GLU H 98 50.13 -16.89 15.05
CA GLU H 98 50.39 -17.67 13.84
C GLU H 98 50.40 -19.13 14.14
N VAL H 99 49.96 -19.92 13.18
CA VAL H 99 50.13 -21.35 13.23
C VAL H 99 51.55 -21.65 12.78
N VAL H 100 52.25 -22.48 13.55
CA VAL H 100 53.66 -22.81 13.34
C VAL H 100 53.79 -24.16 12.59
N GLY H 101 54.75 -24.28 11.70
CA GLY H 101 54.99 -25.57 11.07
C GLY H 101 54.08 -25.91 9.90
N VAL H 102 53.47 -24.91 9.28
CA VAL H 102 52.61 -25.16 8.12
C VAL H 102 53.37 -25.92 7.02
N SER H 103 54.63 -25.55 6.79
CA SER H 103 55.44 -26.20 5.77
C SER H 103 55.68 -27.69 6.00
N SER H 104 55.49 -28.18 7.23
CA SER H 104 55.61 -29.61 7.51
C SER H 104 54.57 -30.45 6.77
N LEU H 105 53.52 -29.80 6.28
CA LEU H 105 52.49 -30.47 5.50
C LEU H 105 52.90 -30.73 4.05
N VAL H 106 54.03 -30.15 3.65
CA VAL H 106 54.64 -30.45 2.34
C VAL H 106 55.48 -31.72 2.48
N ASN H 107 54.79 -32.83 2.59
CA ASN H 107 55.46 -34.11 2.85
C ASN H 107 54.52 -35.20 2.36
N VAL H 108 54.95 -35.89 1.30
CA VAL H 108 54.18 -36.95 0.67
C VAL H 108 54.98 -38.25 0.58
N HIS H 109 55.99 -38.41 1.43
CA HIS H 109 56.78 -39.66 1.46
C HIS H 109 56.64 -40.44 2.76
N MET H 110 55.75 -40.00 3.65
CA MET H 110 55.53 -40.73 4.91
C MET H 110 54.81 -42.03 4.61
N ALA H 111 54.82 -42.95 5.57
CA ALA H 111 54.21 -44.26 5.41
C ALA H 111 52.68 -44.12 5.45
N THR H 112 52.12 -43.91 4.27
CA THR H 112 50.73 -43.61 4.09
C THR H 112 50.15 -44.34 2.87
N LYS H 113 48.83 -44.29 2.74
CA LYS H 113 48.15 -44.72 1.54
CA LYS H 113 48.14 -44.71 1.54
C LYS H 113 48.66 -43.85 0.39
N ARG H 114 48.68 -44.40 -0.82
CA ARG H 114 49.26 -43.72 -2.00
C ARG H 114 48.28 -43.55 -3.12
N MET H 115 48.54 -42.55 -3.94
CA MET H 115 47.80 -42.35 -5.17
C MET H 115 48.21 -43.33 -6.28
N TYR H 116 47.30 -43.50 -7.24
CA TYR H 116 47.58 -44.18 -8.53
C TYR H 116 48.23 -45.57 -8.39
N ASP H 117 47.49 -46.48 -7.77
CA ASP H 117 47.85 -47.90 -7.75
C ASP H 117 49.27 -48.11 -7.23
N ASP H 118 49.53 -47.48 -6.08
CA ASP H 118 50.81 -47.56 -5.34
C ASP H 118 52.03 -47.04 -6.10
N LYS H 119 51.81 -46.17 -7.09
CA LYS H 119 52.90 -45.56 -7.82
C LYS H 119 53.06 -44.06 -7.52
N GLY H 120 52.00 -43.42 -7.05
CA GLY H 120 52.04 -41.96 -6.88
C GLY H 120 52.42 -41.53 -5.49
N ILE H 121 52.16 -40.27 -5.19
CA ILE H 121 52.50 -39.71 -3.88
C ILE H 121 51.77 -40.40 -2.73
N GLY H 122 52.41 -40.35 -1.56
CA GLY H 122 51.67 -40.60 -0.33
C GLY H 122 50.62 -39.53 -0.13
N PHE H 123 49.48 -39.89 0.45
CA PHE H 123 48.47 -38.88 0.73
C PHE H 123 49.07 -37.86 1.70
N PRO H 124 48.92 -36.56 1.41
CA PRO H 124 49.28 -35.57 2.40
C PRO H 124 48.26 -35.53 3.52
N VAL H 125 48.65 -34.95 4.64
CA VAL H 125 47.69 -34.71 5.70
C VAL H 125 46.58 -33.83 5.09
N GLU H 126 45.33 -34.25 5.24
CA GLU H 126 44.21 -33.60 4.56
C GLU H 126 42.88 -33.89 5.25
N GLY H 127 41.86 -33.11 4.92
CA GLY H 127 40.52 -33.29 5.48
C GLY H 127 40.18 -32.16 6.44
N MET H 128 39.40 -32.48 7.47
CA MET H 128 38.86 -31.51 8.40
C MET H 128 39.90 -30.52 8.95
N ASN H 129 39.60 -29.23 8.91
CA ASN H 129 40.40 -28.20 9.58
C ASN H 129 39.55 -27.49 10.63
N PHE H 130 40.15 -27.23 11.77
CA PHE H 130 39.48 -26.53 12.85
C PHE H 130 40.53 -25.65 13.51
N HIS H 131 40.28 -24.35 13.56
CA HIS H 131 41.24 -23.37 14.06
C HIS H 131 40.57 -22.39 14.94
N MET H 132 41.01 -22.31 16.19
CA MET H 132 40.46 -21.30 17.05
C MET H 132 41.52 -20.81 17.99
N PHE H 133 41.40 -19.55 18.39
CA PHE H 133 42.20 -19.07 19.50
C PHE H 133 41.38 -18.09 20.32
N ALA H 134 41.78 -17.93 21.57
CA ALA H 134 41.13 -16.99 22.47
C ALA H 134 42.19 -16.35 23.36
N VAL H 135 42.00 -15.08 23.69
CA VAL H 135 42.84 -14.36 24.66
C VAL H 135 41.90 -13.62 25.60
N GLY H 136 42.05 -13.87 26.90
CA GLY H 136 41.22 -13.21 27.89
C GLY H 136 41.88 -13.04 29.23
N GLY H 137 41.15 -12.38 30.14
CA GLY H 137 41.66 -12.04 31.47
C GLY H 137 41.19 -13.00 32.55
N GLU H 138 40.67 -14.13 32.11
CA GLU H 138 40.16 -15.21 32.95
C GLU H 138 39.94 -16.41 32.01
N PRO H 139 39.64 -17.60 32.58
CA PRO H 139 39.45 -18.77 31.71
C PRO H 139 38.34 -18.59 30.67
N LEU H 140 38.52 -19.18 29.50
CA LEU H 140 37.46 -19.20 28.50
C LEU H 140 36.25 -19.93 29.06
N GLU H 141 35.09 -19.31 28.94
CA GLU H 141 33.85 -19.89 29.46
C GLU H 141 33.26 -20.78 28.37
N LEU H 142 32.87 -21.99 28.78
CA LEU H 142 32.46 -23.03 27.85
C LEU H 142 31.00 -23.42 27.99
N GLN H 143 30.44 -23.80 26.85
CA GLN H 143 29.11 -24.37 26.74
C GLN H 143 29.26 -25.79 26.23
N PHE H 144 28.52 -26.72 26.84
CA PHE H 144 28.54 -28.11 26.38
C PHE H 144 27.58 -28.23 25.23
N LEU H 145 28.01 -28.91 24.16
CA LEU H 145 27.11 -29.26 23.04
C LEU H 145 27.76 -30.37 22.24
N THR H 146 27.01 -31.44 21.99
CA THR H 146 27.57 -32.62 21.38
C THR H 146 26.69 -33.16 20.25
N GLY H 147 27.33 -33.82 19.29
CA GLY H 147 26.59 -34.59 18.27
C GLY H 147 25.93 -35.85 18.76
N ASN H 148 26.34 -36.37 19.92
CA ASN H 148 25.75 -37.56 20.49
C ASN H 148 25.74 -37.50 22.00
N TYR H 149 24.56 -37.34 22.59
CA TYR H 149 24.48 -37.15 24.03
C TYR H 149 24.99 -38.36 24.80
N ARG H 150 25.00 -39.53 24.16
CA ARG H 150 25.37 -40.81 24.80
C ARG H 150 26.86 -41.10 24.81
N THR H 151 27.68 -40.24 24.21
CA THR H 151 29.13 -40.51 24.12
C THR H 151 29.69 -40.84 25.50
N ASP H 152 30.39 -41.98 25.57
CA ASP H 152 31.01 -42.50 26.79
C ASP H 152 32.49 -42.16 26.77
N TYR H 153 32.92 -41.25 27.65
CA TYR H 153 34.33 -40.80 27.69
C TYR H 153 35.20 -41.56 28.70
N SER H 154 34.65 -42.65 29.25
CA SER H 154 35.27 -43.38 30.36
C SER H 154 36.55 -44.15 30.00
N ALA H 155 36.92 -44.25 28.73
CA ALA H 155 38.22 -44.85 28.38
C ALA H 155 39.37 -43.95 28.84
N ASN H 156 39.08 -42.68 29.12
CA ASN H 156 40.09 -41.72 29.61
C ASN H 156 39.50 -40.82 30.68
N ASP H 157 39.72 -41.18 31.95
CA ASP H 157 39.09 -40.43 33.02
C ASP H 157 39.73 -39.06 33.26
N LYS H 158 40.82 -38.73 32.55
CA LYS H 158 41.38 -37.40 32.64
C LYS H 158 40.63 -36.34 31.80
N LEU H 159 39.74 -36.77 30.91
CA LEU H 159 38.95 -35.82 30.14
C LEU H 159 37.89 -35.19 31.03
N VAL H 160 37.71 -33.88 30.92
CA VAL H 160 36.72 -33.16 31.70
C VAL H 160 35.43 -33.07 30.89
N VAL H 161 34.41 -33.77 31.37
CA VAL H 161 33.09 -33.83 30.74
C VAL H 161 32.04 -33.82 31.83
N PRO H 162 30.77 -33.56 31.47
CA PRO H 162 29.75 -33.55 32.51
C PRO H 162 29.54 -34.94 33.09
N PRO H 163 29.11 -35.02 34.35
CA PRO H 163 28.89 -36.29 35.02
C PRO H 163 27.60 -36.99 34.61
N ILE H 164 26.62 -36.24 34.11
CA ILE H 164 25.35 -36.82 33.69
C ILE H 164 25.16 -36.53 32.20
N LYS H 165 24.42 -37.43 31.54
CA LYS H 165 24.15 -37.32 30.11
C LYS H 165 22.68 -37.08 29.93
N HIS H 166 22.32 -36.28 28.94
CA HIS H 166 20.92 -36.01 28.67
C HIS H 166 20.71 -35.61 27.22
N GLN H 167 19.54 -35.97 26.70
CA GLN H 167 19.18 -35.79 25.30
C GLN H 167 19.29 -34.35 24.81
N SER H 168 18.98 -33.41 25.70
CA SER H 168 18.97 -31.98 25.40
C SER H 168 20.35 -31.43 25.07
N THR H 169 21.42 -32.15 25.39
CA THR H 169 22.77 -31.66 25.14
C THR H 169 23.19 -31.75 23.67
N GLN H 170 22.33 -32.27 22.81
CA GLN H 170 22.54 -32.16 21.37
C GLN H 170 22.13 -30.79 20.82
N GLY H 171 21.46 -30.00 21.68
CA GLY H 171 21.25 -28.56 21.47
C GLY H 171 21.95 -27.80 22.58
N LEU H 172 21.55 -26.56 22.81
CA LEU H 172 22.10 -25.70 23.82
C LEU H 172 21.25 -25.84 25.08
N ASN H 173 21.82 -26.48 26.09
CA ASN H 173 21.22 -26.54 27.42
C ASN H 173 22.12 -25.72 28.34
N PRO H 174 21.65 -24.55 28.80
CA PRO H 174 22.52 -23.65 29.57
C PRO H 174 22.92 -24.19 30.95
N HIS H 175 22.34 -25.31 31.36
CA HIS H 175 22.74 -25.91 32.63
C HIS H 175 24.06 -26.69 32.52
N TYR H 176 24.60 -26.85 31.30
CA TYR H 176 25.82 -27.60 31.06
C TYR H 176 26.92 -26.66 30.57
N LYS H 177 27.70 -26.17 31.54
CA LYS H 177 28.75 -25.17 31.29
C LYS H 177 30.02 -25.55 32.03
N GLN H 178 31.12 -24.90 31.65
CA GLN H 178 32.42 -25.13 32.30
C GLN H 178 33.31 -23.93 32.04
N LYS H 179 34.51 -23.99 32.61
CA LYS H 179 35.59 -23.03 32.34
C LYS H 179 36.80 -23.83 31.89
N LEU H 180 37.50 -23.32 30.89
CA LEU H 180 38.68 -23.98 30.34
C LEU H 180 39.90 -23.75 31.22
N THR H 181 40.09 -24.66 32.17
CA THR H 181 41.10 -24.50 33.22
C THR H 181 42.21 -25.55 33.19
N LYS H 182 42.21 -26.42 32.17
CA LYS H 182 43.19 -27.51 32.09
C LYS H 182 43.52 -27.75 30.64
N ASP H 183 44.81 -27.75 30.36
CA ASP H 183 45.38 -28.07 29.07
C ASP H 183 45.20 -29.56 28.76
N GLY H 184 44.82 -29.84 27.51
CA GLY H 184 44.77 -31.22 27.04
C GLY H 184 43.74 -32.11 27.70
N ALA H 185 42.60 -31.54 28.10
CA ALA H 185 41.61 -32.27 28.88
C ALA H 185 40.14 -32.02 28.50
N PHE H 186 39.83 -30.88 27.88
CA PHE H 186 38.47 -30.54 27.47
C PHE H 186 38.27 -30.89 25.98
N PRO H 187 37.47 -31.92 25.67
CA PRO H 187 37.30 -32.25 24.23
C PRO H 187 36.63 -31.17 23.40
N VAL H 188 37.20 -30.94 22.23
CA VAL H 188 36.67 -29.95 21.30
C VAL H 188 35.28 -30.39 20.82
N GLU H 189 35.06 -31.70 20.72
CA GLU H 189 33.81 -32.23 20.19
C GLU H 189 32.59 -31.94 21.03
N CYS H 190 32.79 -31.61 22.30
CA CYS H 190 31.64 -31.43 23.20
C CYS H 190 31.65 -30.12 23.98
N TRP H 191 32.72 -29.31 23.83
CA TRP H 191 32.80 -28.02 24.49
C TRP H 191 33.11 -26.91 23.48
N CYS H 192 32.34 -25.84 23.52
CA CYS H 192 32.52 -24.68 22.64
C CYS H 192 32.49 -23.40 23.49
N PRO H 193 32.91 -22.26 22.93
CA PRO H 193 32.78 -21.01 23.72
C PRO H 193 31.32 -20.70 24.04
N ASP H 194 31.08 -20.23 25.26
CA ASP H 194 29.77 -19.81 25.70
C ASP H 194 29.55 -18.37 25.25
N PRO H 195 28.68 -18.16 24.23
CA PRO H 195 28.52 -16.82 23.71
C PRO H 195 27.75 -15.88 24.65
N SER H 196 27.10 -16.44 25.67
CA SER H 196 26.34 -15.65 26.63
C SER H 196 27.23 -15.10 27.74
N LYS H 197 28.48 -15.53 27.77
CA LYS H 197 29.45 -15.02 28.73
C LYS H 197 30.65 -14.50 27.92
N ASN H 198 31.86 -14.76 28.41
CA ASN H 198 33.09 -14.33 27.75
C ASN H 198 33.17 -12.85 27.45
N GLU H 199 32.60 -12.03 28.35
CA GLU H 199 32.74 -10.57 28.23
C GLU H 199 34.21 -10.13 28.30
N ASN H 200 35.05 -10.93 28.94
CA ASN H 200 36.44 -10.54 29.22
C ASN H 200 37.44 -11.38 28.46
N THR H 201 36.97 -11.97 27.36
CA THR H 201 37.77 -12.78 26.46
C THR H 201 37.37 -12.42 25.04
N ARG H 202 38.32 -12.51 24.12
CA ARG H 202 38.04 -12.43 22.70
C ARG H 202 38.37 -13.78 22.10
N TYR H 203 37.43 -14.34 21.33
CA TYR H 203 37.72 -15.59 20.64
C TYR H 203 37.35 -15.55 19.16
N TYR H 204 38.07 -16.41 18.40
CA TYR H 204 37.95 -16.43 16.94
C TYR H 204 38.12 -17.87 16.49
N GLY H 205 37.18 -18.37 15.68
CA GLY H 205 37.26 -19.75 15.24
C GLY H 205 36.71 -20.00 13.87
N SER H 206 37.17 -21.12 13.29
CA SER H 206 36.72 -21.55 11.96
C SER H 206 36.78 -23.06 11.85
N TYR H 207 35.87 -23.59 11.04
CA TYR H 207 35.79 -25.02 10.76
C TYR H 207 35.58 -25.20 9.28
N THR H 208 36.37 -26.09 8.67
CA THR H 208 36.15 -26.53 7.31
C THR H 208 36.12 -28.04 7.36
N GLY H 209 35.00 -28.64 6.99
CA GLY H 209 34.81 -30.06 7.17
C GLY H 209 35.03 -30.89 5.93
N GLY H 210 34.23 -31.94 5.79
CA GLY H 210 34.35 -32.86 4.68
C GLY H 210 35.38 -33.95 4.94
N GLN H 211 35.52 -34.87 3.99
CA GLN H 211 36.38 -36.08 4.19
C GLN H 211 37.89 -35.95 3.90
N SER H 212 38.23 -35.47 2.69
CA SER H 212 39.61 -35.35 2.24
CA SER H 212 39.61 -35.36 2.23
C SER H 212 39.92 -33.94 1.76
N THR H 213 39.17 -32.98 2.26
CA THR H 213 39.26 -31.58 1.88
C THR H 213 40.66 -31.00 1.95
N PRO H 214 41.07 -30.24 0.91
CA PRO H 214 42.36 -29.58 1.02
C PRO H 214 42.45 -28.65 2.22
N PRO H 215 43.49 -28.80 3.05
CA PRO H 215 43.76 -27.78 4.05
C PRO H 215 44.17 -26.49 3.36
N VAL H 216 43.63 -25.37 3.85
CA VAL H 216 43.98 -24.05 3.34
C VAL H 216 44.50 -23.23 4.50
N LEU H 217 45.80 -22.94 4.51
CA LEU H 217 46.48 -22.36 5.65
C LEU H 217 47.34 -21.19 5.24
N GLN H 218 47.47 -20.20 6.13
CA GLN H 218 48.38 -19.07 5.89
C GLN H 218 49.25 -18.85 7.10
N PHE H 219 50.40 -18.26 6.86
CA PHE H 219 51.30 -17.86 7.95
C PHE H 219 52.03 -16.57 7.56
N THR H 220 52.09 -15.63 8.51
CA THR H 220 52.81 -14.38 8.30
C THR H 220 53.11 -13.76 9.66
N ASN H 221 54.15 -12.96 9.72
CA ASN H 221 54.47 -12.23 10.94
C ASN H 221 54.09 -10.74 10.86
N THR H 222 53.15 -10.42 9.97
CA THR H 222 52.77 -9.04 9.70
C THR H 222 51.36 -8.63 10.15
N VAL H 223 50.61 -9.51 10.80
CA VAL H 223 49.19 -9.23 11.12
C VAL H 223 48.96 -9.06 12.63
N THR H 224 48.32 -7.96 13.01
CA THR H 224 47.98 -7.65 14.41
C THR H 224 46.47 -7.69 14.56
N THR H 225 45.99 -8.45 15.54
CA THR H 225 44.57 -8.54 15.87
C THR H 225 44.34 -7.63 17.08
N VAL H 226 43.52 -6.60 16.92
CA VAL H 226 43.16 -5.69 18.03
C VAL H 226 42.15 -6.41 18.95
N LEU H 227 42.45 -6.41 20.25
CA LEU H 227 41.61 -7.09 21.25
C LEU H 227 40.66 -6.14 21.99
N LEU H 228 40.77 -4.84 21.72
CA LEU H 228 39.87 -3.85 22.31
C LEU H 228 38.45 -4.08 21.82
N ASP H 229 37.50 -3.96 22.74
CA ASP H 229 36.10 -4.09 22.37
C ASP H 229 35.59 -2.77 21.80
N GLU H 230 34.28 -2.72 21.56
CA GLU H 230 33.69 -1.53 20.97
C GLU H 230 33.78 -0.28 21.85
N ASN H 231 34.01 -0.46 23.15
CA ASN H 231 34.22 0.64 24.10
C ASN H 231 35.68 1.04 24.29
N GLY H 232 36.57 0.42 23.52
CA GLY H 232 38.00 0.69 23.60
C GLY H 232 38.69 -0.05 24.74
N VAL H 233 38.05 -1.09 25.26
CA VAL H 233 38.57 -1.84 26.41
C VAL H 233 38.96 -3.26 26.03
N GLY H 234 40.20 -3.63 26.33
CA GLY H 234 40.70 -4.98 26.17
C GLY H 234 40.41 -5.89 27.36
N PRO H 235 40.67 -7.20 27.20
CA PRO H 235 40.59 -8.12 28.34
C PRO H 235 41.38 -7.62 29.54
N LEU H 236 40.77 -7.65 30.73
CA LEU H 236 41.41 -7.15 31.96
C LEU H 236 41.81 -8.37 32.78
N CYS H 237 43.10 -8.47 33.07
CA CYS H 237 43.68 -9.70 33.62
C CYS H 237 43.50 -9.82 35.13
N LYS H 238 42.49 -10.56 35.52
CA LYS H 238 42.15 -10.76 36.93
C LYS H 238 43.28 -11.51 37.65
N GLY H 239 43.71 -10.97 38.79
CA GLY H 239 44.81 -11.58 39.52
C GLY H 239 46.15 -11.57 38.81
N ASP H 240 46.30 -10.69 37.81
CA ASP H 240 47.48 -10.62 36.95
C ASP H 240 47.72 -11.91 36.13
N GLY H 241 46.63 -12.58 35.80
CA GLY H 241 46.65 -13.79 34.95
C GLY H 241 46.08 -13.52 33.58
N LEU H 242 46.82 -13.96 32.57
CA LEU H 242 46.44 -13.85 31.16
C LEU H 242 46.16 -15.24 30.67
N TYR H 243 44.98 -15.45 30.08
CA TYR H 243 44.59 -16.76 29.57
C TYR H 243 44.64 -16.83 28.06
N VAL H 244 45.31 -17.86 27.56
CA VAL H 244 45.42 -18.07 26.13
C VAL H 244 45.02 -19.48 25.83
N SER H 245 44.18 -19.66 24.80
CA SER H 245 43.64 -20.97 24.48
C SER H 245 43.58 -21.13 22.97
N CYS H 246 43.64 -22.37 22.51
CA CYS H 246 43.57 -22.62 21.06
C CYS H 246 43.38 -24.07 20.69
N CYS H 247 43.12 -24.27 19.40
CA CYS H 247 43.11 -25.59 18.83
C CYS H 247 43.34 -25.41 17.32
N ASP H 248 44.23 -26.21 16.75
CA ASP H 248 44.58 -26.11 15.33
C ASP H 248 44.73 -27.49 14.70
N ILE H 249 43.58 -28.04 14.27
CA ILE H 249 43.54 -29.31 13.53
C ILE H 249 43.74 -29.00 12.05
N VAL H 250 44.70 -29.68 11.41
CA VAL H 250 45.02 -29.44 10.01
C VAL H 250 44.64 -30.59 9.07
N GLY H 251 44.13 -31.68 9.64
CA GLY H 251 43.61 -32.79 8.85
C GLY H 251 43.94 -34.11 9.48
N PHE H 252 43.91 -35.14 8.64
CA PHE H 252 44.18 -36.52 9.02
C PHE H 252 45.35 -37.08 8.21
N LEU H 253 46.18 -37.86 8.91
CA LEU H 253 47.18 -38.71 8.29
C LEU H 253 46.51 -40.04 7.97
N VAL H 254 46.60 -40.46 6.72
CA VAL H 254 46.00 -41.73 6.29
C VAL H 254 47.06 -42.83 6.14
N GLY H 255 47.07 -43.80 7.05
CA GLY H 255 48.02 -44.90 6.96
C GLY H 255 47.77 -45.84 5.80
N LYS H 256 48.76 -46.70 5.52
CA LYS H 256 48.74 -47.63 4.39
C LYS H 256 47.46 -48.45 4.28
N ASP H 257 46.95 -48.89 5.42
CA ASP H 257 45.76 -49.73 5.46
C ASP H 257 44.46 -48.94 5.64
N GLY H 258 44.53 -47.61 5.64
CA GLY H 258 43.34 -46.79 5.80
C GLY H 258 43.10 -46.22 7.19
N ASP H 259 43.91 -46.63 8.18
CA ASP H 259 43.81 -46.13 9.55
C ASP H 259 44.14 -44.63 9.56
N MET H 260 43.36 -43.82 10.29
CA MET H 260 43.52 -42.36 10.27
C MET H 260 43.75 -41.75 11.64
N GLN H 261 44.59 -40.72 11.69
CA GLN H 261 44.88 -39.96 12.90
C GLN H 261 44.77 -38.46 12.63
N TYR H 262 44.19 -37.73 13.58
CA TYR H 262 44.24 -36.28 13.56
C TYR H 262 45.68 -35.79 13.61
N ARG H 263 45.93 -34.72 12.90
CA ARG H 263 47.18 -33.97 12.96
C ARG H 263 46.92 -32.54 13.35
N GLY H 264 47.65 -32.07 14.37
CA GLY H 264 47.58 -30.70 14.80
C GLY H 264 48.92 -29.97 14.75
N LEU H 265 48.85 -28.65 14.76
CA LEU H 265 50.04 -27.80 14.77
C LEU H 265 50.08 -26.84 15.97
N PRO H 266 51.30 -26.45 16.39
CA PRO H 266 51.40 -25.45 17.44
C PRO H 266 51.00 -24.05 17.01
N ARG H 267 50.72 -23.21 17.99
CA ARG H 267 50.34 -21.82 17.74
C ARG H 267 51.20 -20.90 18.60
N TYR H 268 51.68 -19.84 17.98
CA TYR H 268 52.48 -18.79 18.58
C TYR H 268 51.62 -17.57 18.89
N PHE H 269 51.92 -16.90 20.01
CA PHE H 269 51.25 -15.66 20.38
C PHE H 269 52.25 -14.60 20.84
N ASN H 270 52.03 -13.37 20.41
CA ASN H 270 52.72 -12.20 20.94
C ASN H 270 51.67 -11.20 21.36
N ILE H 271 51.49 -11.02 22.67
CA ILE H 271 50.41 -10.19 23.19
C ILE H 271 50.94 -8.91 23.83
N LEU H 272 50.38 -7.76 23.43
CA LEU H 272 50.73 -6.45 23.98
C LEU H 272 49.72 -6.09 25.04
N LEU H 273 50.21 -5.70 26.22
CA LEU H 273 49.36 -5.29 27.32
C LEU H 273 49.76 -3.93 27.89
N ARG H 274 48.78 -3.23 28.45
CA ARG H 274 49.00 -1.93 29.05
C ARG H 274 48.33 -1.84 30.42
N LYS H 275 48.81 -0.92 31.24
CA LYS H 275 48.23 -0.73 32.57
C LYS H 275 46.97 0.12 32.47
N ARG H 276 45.92 -0.35 33.13
CA ARG H 276 44.63 0.34 33.20
C ARG H 276 44.19 0.50 34.64
N THR H 277 43.81 1.71 35.01
CA THR H 277 43.22 1.95 36.31
C THR H 277 41.75 1.50 36.30
N VAL H 278 41.32 0.90 37.39
CA VAL H 278 39.94 0.46 37.57
C VAL H 278 39.45 0.88 38.96
N ARG H 279 38.12 1.04 39.11
CA ARG H 279 37.53 1.33 40.40
C ARG H 279 37.74 0.18 41.36
N ASN H 280 38.07 0.53 42.60
CA ASN H 280 38.11 -0.42 43.69
C ASN H 280 37.11 -0.01 44.76
N ILE I 10 68.31 -2.36 17.54
CA ILE I 10 68.75 -1.15 16.76
C ILE I 10 67.85 0.05 17.04
N GLU I 11 68.43 1.14 17.55
CA GLU I 11 67.70 2.39 17.79
C GLU I 11 67.52 3.15 16.46
N VAL I 12 66.27 3.25 16.01
CA VAL I 12 65.96 3.86 14.70
C VAL I 12 65.71 5.37 14.83
N LEU I 13 66.42 6.15 14.05
CA LEU I 13 66.23 7.60 14.05
C LEU I 13 65.50 8.07 12.78
N ASN I 14 65.92 9.17 12.17
CA ASN I 14 65.20 9.76 11.05
C ASN I 14 65.67 9.27 9.67
N LEU I 15 64.81 9.47 8.69
CA LEU I 15 65.12 9.19 7.30
C LEU I 15 66.12 10.21 6.76
N VAL I 16 66.98 9.75 5.86
CA VAL I 16 67.89 10.62 5.11
C VAL I 16 67.12 11.12 3.89
N THR I 17 66.94 12.43 3.78
CA THR I 17 66.24 13.01 2.63
C THR I 17 67.24 13.33 1.51
N GLY I 18 66.70 13.69 0.36
CA GLY I 18 67.49 14.27 -0.73
C GLY I 18 67.58 13.35 -1.93
N PRO I 19 68.39 13.76 -2.93
CA PRO I 19 68.68 12.86 -4.05
C PRO I 19 69.60 11.72 -3.60
N ASP I 20 69.54 10.61 -4.31
CA ASP I 20 70.38 9.45 -4.00
C ASP I 20 69.98 8.73 -2.68
N SER I 21 68.87 9.11 -2.06
CA SER I 21 68.45 8.48 -0.81
C SER I 21 67.66 7.18 -1.01
N ILE I 22 67.36 6.84 -2.27
CA ILE I 22 66.58 5.63 -2.61
C ILE I 22 67.38 4.74 -3.57
N THR I 23 67.20 3.43 -3.43
CA THR I 23 67.74 2.48 -4.40
C THR I 23 66.76 1.33 -4.56
N THR I 24 66.92 0.59 -5.65
CA THR I 24 66.08 -0.57 -5.92
C THR I 24 66.96 -1.76 -6.26
N ILE I 25 66.45 -2.93 -5.93
CA ILE I 25 67.13 -4.19 -6.15
C ILE I 25 66.12 -5.09 -6.84
N GLU I 26 66.56 -5.68 -7.95
CA GLU I 26 65.74 -6.55 -8.76
C GLU I 26 66.48 -7.88 -8.86
N LEU I 27 65.77 -8.97 -8.63
CA LEU I 27 66.33 -10.30 -8.81
C LEU I 27 65.25 -11.34 -9.07
N TYR I 28 65.67 -12.54 -9.47
CA TYR I 28 64.78 -13.70 -9.48
C TYR I 28 65.51 -14.86 -8.77
N LEU I 29 64.71 -15.79 -8.27
CA LEU I 29 65.21 -17.03 -7.69
C LEU I 29 64.55 -18.19 -8.41
N ASN I 30 65.36 -19.08 -8.97
CA ASN I 30 64.80 -20.32 -9.50
C ASN I 30 64.45 -21.31 -8.40
N THR I 31 63.50 -22.16 -8.73
CA THR I 31 62.93 -23.09 -7.78
C THR I 31 63.92 -24.20 -7.42
N ARG I 32 63.78 -24.73 -6.21
CA ARG I 32 64.62 -25.83 -5.73
C ARG I 32 63.76 -27.01 -5.29
N MET I 33 63.22 -27.70 -6.27
CA MET I 33 62.31 -28.80 -6.02
C MET I 33 63.02 -30.12 -5.77
N GLY I 34 64.29 -30.21 -6.13
CA GLY I 34 65.06 -31.43 -5.88
C GLY I 34 66.10 -31.73 -6.95
N GLN I 35 65.71 -31.57 -8.22
CA GLN I 35 66.65 -31.59 -9.31
C GLN I 35 66.96 -30.12 -9.57
N ASN I 36 68.07 -29.64 -9.00
CA ASN I 36 68.37 -28.21 -8.93
C ASN I 36 69.54 -27.82 -9.82
N ASP I 37 69.93 -28.72 -10.72
CA ASP I 37 70.99 -28.51 -11.68
C ASP I 37 70.37 -28.13 -13.03
N GLU I 38 70.57 -26.86 -13.41
CA GLU I 38 69.97 -26.29 -14.63
C GLU I 38 70.44 -26.94 -15.92
N SER I 39 71.51 -27.72 -15.83
CA SER I 39 72.05 -28.39 -16.98
C SER I 39 71.51 -29.81 -17.16
N LYS I 40 70.63 -30.26 -16.26
CA LYS I 40 70.14 -31.64 -16.31
C LYS I 40 68.65 -31.69 -16.60
N ASP I 41 68.22 -32.85 -17.10
CA ASP I 41 66.81 -33.11 -17.33
C ASP I 41 66.07 -32.94 -16.01
N ASN I 42 64.79 -32.67 -16.10
CA ASN I 42 63.94 -32.53 -14.88
C ASN I 42 64.27 -31.37 -13.98
N TYR I 43 65.01 -30.38 -14.47
CA TYR I 43 65.22 -29.13 -13.72
C TYR I 43 63.89 -28.47 -13.41
N GLY I 44 63.75 -27.98 -12.18
CA GLY I 44 62.53 -27.32 -11.76
C GLY I 44 61.47 -28.32 -11.32
N TYR I 45 61.83 -29.59 -11.20
CA TYR I 45 60.96 -30.61 -10.63
C TYR I 45 61.74 -31.36 -9.58
N SER I 46 61.04 -32.12 -8.74
CA SER I 46 61.71 -33.09 -7.88
C SER I 46 62.01 -34.35 -8.67
N GLU I 47 62.88 -35.19 -8.11
CA GLU I 47 62.92 -36.58 -8.52
C GLU I 47 61.61 -37.24 -8.13
N LYS I 48 61.36 -38.41 -8.68
CA LYS I 48 60.15 -39.17 -8.40
C LYS I 48 59.94 -39.36 -6.90
N VAL I 49 58.73 -39.09 -6.43
CA VAL I 49 58.36 -39.28 -5.03
C VAL I 49 58.29 -40.77 -4.70
N THR I 50 58.87 -41.15 -3.56
CA THR I 50 58.78 -42.51 -3.04
C THR I 50 58.09 -42.46 -1.70
N VAL I 51 57.64 -43.60 -1.21
CA VAL I 51 56.80 -43.64 0.01
C VAL I 51 57.36 -44.66 1.00
N ALA I 52 57.57 -44.23 2.25
CA ALA I 52 58.14 -45.10 3.31
C ALA I 52 57.27 -46.33 3.56
N ASN I 53 57.90 -47.48 3.77
CA ASN I 53 57.15 -48.69 4.18
C ASN I 53 56.63 -48.59 5.61
N SER I 54 57.38 -47.90 6.46
CA SER I 54 56.96 -47.67 7.85
C SER I 54 57.61 -46.39 8.33
N SER I 55 57.11 -45.84 9.43
CA SER I 55 57.61 -44.56 9.94
C SER I 55 59.08 -44.61 10.38
N ASP I 56 59.56 -45.80 10.78
CA ASP I 56 60.97 -45.95 11.16
C ASP I 56 61.90 -46.35 10.01
N GLN I 57 61.36 -46.41 8.78
CA GLN I 57 62.13 -46.66 7.57
C GLN I 57 61.75 -45.60 6.53
N ASP I 58 61.72 -44.35 6.98
CA ASP I 58 61.29 -43.22 6.16
C ASP I 58 62.53 -42.43 5.73
N LYS I 59 63.03 -42.77 4.55
CA LYS I 59 64.30 -42.27 4.07
C LYS I 59 64.10 -41.82 2.63
N PRO I 60 63.76 -40.55 2.45
CA PRO I 60 63.56 -40.07 1.09
C PRO I 60 64.79 -40.23 0.22
N THR I 61 64.56 -40.52 -1.06
CA THR I 61 65.66 -40.62 -2.02
C THR I 61 66.26 -39.22 -2.26
N SER I 62 67.50 -39.20 -2.73
CA SER I 62 68.16 -37.94 -3.03
C SER I 62 67.45 -37.23 -4.17
N GLY I 63 67.10 -35.97 -3.91
CA GLY I 63 66.44 -35.14 -4.89
C GLY I 63 64.94 -35.17 -4.91
N GLU I 64 64.28 -35.89 -4.00
CA GLU I 64 62.80 -35.89 -4.01
C GLU I 64 62.17 -34.86 -3.05
N ILE I 65 63.01 -34.04 -2.41
CA ILE I 65 62.62 -33.14 -1.32
C ILE I 65 62.78 -31.68 -1.73
N PRO I 66 61.68 -30.91 -1.76
CA PRO I 66 61.86 -29.47 -2.02
C PRO I 66 62.54 -28.71 -0.88
N THR I 67 63.29 -27.69 -1.25
CA THR I 67 64.02 -26.85 -0.29
C THR I 67 63.73 -25.39 -0.59
N TYR I 68 64.07 -24.52 0.37
CA TYR I 68 63.93 -23.08 0.20
C TYR I 68 64.95 -22.53 -0.79
N SER I 69 64.49 -21.58 -1.62
CA SER I 69 65.39 -20.76 -2.38
C SER I 69 65.78 -19.54 -1.52
N THR I 70 67.03 -19.10 -1.64
CA THR I 70 67.44 -17.91 -0.91
C THR I 70 68.64 -17.26 -1.59
N ALA I 71 68.78 -15.96 -1.35
CA ALA I 71 69.96 -15.19 -1.77
C ALA I 71 70.21 -14.02 -0.84
N ARG I 72 71.48 -13.69 -0.68
CA ARG I 72 71.89 -12.43 -0.07
C ARG I 72 72.39 -11.51 -1.18
N ILE I 73 71.83 -10.29 -1.23
CA ILE I 73 72.20 -9.32 -2.25
C ILE I 73 73.00 -8.18 -1.60
N ASN I 74 74.16 -7.88 -2.18
CA ASN I 74 74.98 -6.76 -1.76
C ASN I 74 74.35 -5.45 -2.16
N LEU I 75 74.29 -4.53 -1.21
CA LEU I 75 73.68 -3.22 -1.43
C LEU I 75 74.75 -2.17 -1.63
N PRO I 76 74.38 -1.02 -2.21
CA PRO I 76 75.35 0.09 -2.33
C PRO I 76 75.97 0.48 -0.97
N MET I 77 77.27 0.74 -0.96
CA MET I 77 77.97 0.98 0.30
C MET I 77 77.58 2.31 0.92
N LEU I 78 77.36 2.31 2.23
CA LEU I 78 77.04 3.54 2.95
C LEU I 78 78.25 4.05 3.71
N ASN I 79 78.48 5.36 3.62
CA ASN I 79 79.67 6.01 4.18
C ASN I 79 79.77 5.83 5.69
N ASN I 85 77.75 9.62 16.58
CA ASN I 85 77.45 8.29 17.11
C ASN I 85 76.29 7.64 16.36
N THR I 86 76.20 7.91 15.06
CA THR I 86 75.12 7.38 14.24
C THR I 86 75.68 6.82 12.93
N LEU I 87 74.89 6.01 12.25
CA LEU I 87 75.26 5.55 10.91
C LEU I 87 74.01 5.36 10.08
N THR I 88 74.21 5.19 8.78
CA THR I 88 73.12 5.04 7.83
C THR I 88 72.97 3.56 7.49
N MET I 89 71.72 3.10 7.40
CA MET I 89 71.42 1.74 6.93
C MET I 89 70.36 1.80 5.84
N TRP I 90 70.39 0.83 4.93
CA TRP I 90 69.34 0.66 3.96
C TRP I 90 68.14 0.03 4.63
N GLU I 91 66.97 0.60 4.37
CA GLU I 91 65.71 0.13 4.94
C GLU I 91 64.82 -0.31 3.81
N ALA I 92 64.40 -1.57 3.80
CA ALA I 92 63.51 -2.07 2.77
C ALA I 92 62.08 -1.60 3.03
N VAL I 93 61.54 -0.85 2.07
CA VAL I 93 60.26 -0.15 2.22
C VAL I 93 59.13 -1.00 1.63
N SER I 94 59.36 -1.61 0.47
CA SER I 94 58.31 -2.33 -0.23
C SER I 94 58.90 -3.30 -1.23
N VAL I 95 58.06 -4.24 -1.68
CA VAL I 95 58.48 -5.20 -2.70
C VAL I 95 57.32 -5.48 -3.65
N LYS I 96 57.65 -5.57 -4.94
CA LYS I 96 56.76 -6.12 -5.95
C LYS I 96 57.31 -7.50 -6.29
N THR I 97 56.51 -8.53 -6.04
CA THR I 97 56.99 -9.89 -6.29
C THR I 97 55.92 -10.68 -7.03
N GLU I 98 56.36 -11.53 -7.93
CA GLU I 98 55.46 -12.34 -8.72
C GLU I 98 56.06 -13.68 -9.03
N VAL I 99 55.18 -14.67 -9.13
CA VAL I 99 55.56 -15.99 -9.61
C VAL I 99 55.66 -15.94 -11.14
N VAL I 100 56.74 -16.48 -11.69
CA VAL I 100 57.04 -16.42 -13.11
C VAL I 100 56.68 -17.75 -13.78
N GLY I 101 56.22 -17.71 -15.02
CA GLY I 101 55.93 -18.91 -15.78
C GLY I 101 54.64 -19.63 -15.40
N VAL I 102 53.68 -18.92 -14.82
CA VAL I 102 52.38 -19.54 -14.51
C VAL I 102 51.75 -20.13 -15.79
N SER I 103 51.87 -19.43 -16.92
CA SER I 103 51.28 -19.91 -18.16
C SER I 103 51.83 -21.28 -18.63
N SER I 104 53.01 -21.65 -18.16
CA SER I 104 53.57 -22.96 -18.49
C SER I 104 52.69 -24.11 -18.00
N LEU I 105 51.78 -23.81 -17.07
CA LEU I 105 50.87 -24.83 -16.58
C LEU I 105 49.69 -25.08 -17.52
N VAL I 106 49.57 -24.28 -18.58
CA VAL I 106 48.59 -24.53 -19.63
C VAL I 106 49.21 -25.52 -20.62
N ASN I 107 49.30 -26.77 -20.20
CA ASN I 107 49.99 -27.79 -20.98
C ASN I 107 49.46 -29.13 -20.56
N VAL I 108 48.75 -29.76 -21.49
CA VAL I 108 48.10 -31.05 -21.23
C VAL I 108 48.46 -32.10 -22.28
N HIS I 109 49.59 -31.88 -22.95
CA HIS I 109 50.09 -32.86 -23.92
C HIS I 109 51.41 -33.49 -23.51
N MET I 110 51.91 -33.22 -22.30
CA MET I 110 53.15 -33.85 -21.84
C MET I 110 52.89 -35.34 -21.60
N ALA I 111 53.98 -36.10 -21.47
CA ALA I 111 53.87 -37.52 -21.22
C ALA I 111 53.38 -37.84 -19.82
N THR I 112 52.06 -37.93 -19.68
CA THR I 112 51.41 -38.00 -18.37
C THR I 112 50.28 -39.03 -18.43
N LYS I 113 49.73 -39.37 -17.26
CA LYS I 113 48.44 -40.06 -17.22
C LYS I 113 47.43 -39.14 -17.92
N ARG I 114 46.36 -39.74 -18.44
CA ARG I 114 45.37 -38.93 -19.14
C ARG I 114 43.94 -39.29 -18.75
N MET I 115 43.03 -38.37 -19.07
CA MET I 115 41.61 -38.54 -18.79
C MET I 115 40.89 -39.46 -19.76
N TYR I 116 39.72 -39.95 -19.32
CA TYR I 116 38.73 -40.61 -20.19
C TYR I 116 39.28 -41.75 -21.05
N ASP I 117 39.77 -42.81 -20.41
CA ASP I 117 40.10 -44.06 -21.14
C ASP I 117 41.11 -43.82 -22.25
N ASP I 118 42.14 -43.04 -21.90
CA ASP I 118 43.27 -42.73 -22.78
C ASP I 118 42.89 -41.93 -24.02
N LYS I 119 41.74 -41.25 -23.98
CA LYS I 119 41.33 -40.39 -25.08
C LYS I 119 41.38 -38.90 -24.73
N GLY I 120 41.31 -38.55 -23.47
CA GLY I 120 41.26 -37.15 -23.05
C GLY I 120 42.62 -36.49 -22.83
N ILE I 121 42.58 -35.33 -22.18
CA ILE I 121 43.77 -34.54 -21.93
C ILE I 121 44.74 -35.31 -21.02
N GLY I 122 46.02 -34.98 -21.14
CA GLY I 122 47.00 -35.36 -20.13
C GLY I 122 46.67 -34.59 -18.86
N PHE I 123 46.95 -35.18 -17.70
CA PHE I 123 46.72 -34.46 -16.45
C PHE I 123 47.63 -33.24 -16.41
N PRO I 124 47.07 -32.04 -16.16
CA PRO I 124 47.95 -30.91 -15.89
C PRO I 124 48.64 -31.09 -14.54
N VAL I 125 49.68 -30.29 -14.32
CA VAL I 125 50.31 -30.19 -13.02
C VAL I 125 49.24 -29.72 -12.03
N GLU I 126 49.03 -30.50 -10.98
CA GLU I 126 47.95 -30.22 -10.04
C GLU I 126 48.24 -30.81 -8.69
N GLY I 127 47.49 -30.38 -7.69
CA GLY I 127 47.67 -30.84 -6.34
C GLY I 127 48.24 -29.73 -5.44
N MET I 128 48.97 -30.17 -4.42
CA MET I 128 49.51 -29.31 -3.36
C MET I 128 50.17 -28.05 -3.89
N ASN I 129 49.76 -26.90 -3.35
CA ASN I 129 50.44 -25.65 -3.60
C ASN I 129 51.02 -25.11 -2.32
N PHE I 130 52.22 -24.58 -2.40
CA PHE I 130 52.88 -23.99 -1.23
C PHE I 130 53.63 -22.79 -1.72
N HIS I 131 53.33 -21.60 -1.17
CA HIS I 131 53.90 -20.36 -1.65
C HIS I 131 54.32 -19.51 -0.51
N MET I 132 55.59 -19.14 -0.47
CA MET I 132 56.02 -18.22 0.56
CA MET I 132 56.13 -18.33 0.62
C MET I 132 57.18 -17.38 0.07
N PHE I 133 57.23 -16.16 0.58
CA PHE I 133 58.41 -15.36 0.38
C PHE I 133 58.76 -14.59 1.65
N ALA I 134 60.00 -14.15 1.71
CA ALA I 134 60.48 -13.36 2.84
C ALA I 134 61.52 -12.37 2.36
N VAL I 135 61.46 -11.17 2.93
CA VAL I 135 62.45 -10.14 2.71
C VAL I 135 62.91 -9.61 4.06
N GLY I 136 64.21 -9.61 4.29
CA GLY I 136 64.75 -9.17 5.56
C GLY I 136 66.13 -8.57 5.45
N GLY I 137 66.58 -8.03 6.58
CA GLY I 137 67.91 -7.42 6.69
C GLY I 137 68.96 -8.36 7.26
N GLU I 138 68.63 -9.64 7.31
CA GLU I 138 69.47 -10.69 7.87
C GLU I 138 68.83 -12.01 7.50
N PRO I 139 69.56 -13.15 7.64
CA PRO I 139 68.96 -14.43 7.25
C PRO I 139 67.62 -14.74 7.93
N LEU I 140 66.72 -15.38 7.19
CA LEU I 140 65.44 -15.85 7.77
C LEU I 140 65.73 -16.86 8.89
N GLU I 141 65.11 -16.67 10.06
CA GLU I 141 65.33 -17.53 11.20
C GLU I 141 64.31 -18.65 11.19
N LEU I 142 64.78 -19.88 11.36
CA LEU I 142 63.99 -21.08 11.18
C LEU I 142 63.76 -21.84 12.47
N GLN I 143 62.62 -22.49 12.53
CA GLN I 143 62.22 -23.42 13.56
C GLN I 143 62.04 -24.80 12.90
N PHE I 144 62.56 -25.84 13.53
CA PHE I 144 62.40 -27.21 13.04
C PHE I 144 61.04 -27.73 13.49
N LEU I 145 60.30 -28.37 12.59
CA LEU I 145 59.06 -29.05 12.97
C LEU I 145 58.75 -30.02 11.83
N THR I 146 58.50 -31.27 12.17
CA THR I 146 58.32 -32.31 11.16
C THR I 146 57.09 -33.18 11.43
N GLY I 147 56.55 -33.73 10.35
CA GLY I 147 55.51 -34.74 10.45
C GLY I 147 55.98 -36.11 10.94
N ASN I 148 57.29 -36.35 10.88
CA ASN I 148 57.86 -37.58 11.34
C ASN I 148 59.26 -37.37 11.92
N TYR I 149 59.37 -37.49 13.24
CA TYR I 149 60.66 -37.18 13.87
C TYR I 149 61.78 -38.08 13.36
N ARG I 150 61.43 -39.28 12.86
CA ARG I 150 62.44 -40.26 12.43
C ARG I 150 62.89 -40.17 10.99
N THR I 151 62.40 -39.19 10.22
CA THR I 151 62.83 -39.04 8.85
C THR I 151 64.36 -39.05 8.75
N ASP I 152 64.87 -39.87 7.82
CA ASP I 152 66.29 -40.09 7.64
C ASP I 152 66.73 -39.37 6.37
N TYR I 153 67.50 -38.29 6.51
CA TYR I 153 67.88 -37.46 5.37
C TYR I 153 69.26 -37.85 4.79
N SER I 154 69.79 -38.99 5.20
CA SER I 154 71.17 -39.37 4.87
C SER I 154 71.40 -39.79 3.41
N ALA I 155 70.35 -39.91 2.59
CA ALA I 155 70.56 -40.14 1.15
C ALA I 155 71.17 -38.91 0.48
N ASN I 156 71.05 -37.76 1.12
CA ASN I 156 71.60 -36.51 0.60
C ASN I 156 72.24 -35.70 1.70
N ASP I 157 73.57 -35.79 1.81
CA ASP I 157 74.28 -35.09 2.86
C ASP I 157 74.42 -33.58 2.63
N LYS I 158 73.94 -33.08 1.49
CA LYS I 158 73.97 -31.64 1.23
C LYS I 158 72.77 -30.94 1.85
N LEU I 159 71.78 -31.69 2.32
CA LEU I 159 70.65 -31.09 3.08
C LEU I 159 71.08 -30.72 4.47
N VAL I 160 70.62 -29.56 4.93
CA VAL I 160 70.88 -29.09 6.29
C VAL I 160 69.71 -29.45 7.20
N VAL I 161 69.97 -30.35 8.13
CA VAL I 161 68.99 -30.87 9.07
C VAL I 161 69.68 -31.03 10.43
N PRO I 162 68.90 -31.18 11.51
CA PRO I 162 69.52 -31.36 12.81
C PRO I 162 70.31 -32.67 12.91
N PRO I 163 71.36 -32.69 13.74
CA PRO I 163 72.16 -33.88 13.85
C PRO I 163 71.59 -34.96 14.77
N ILE I 164 70.56 -34.64 15.54
CA ILE I 164 69.89 -35.63 16.41
C ILE I 164 68.40 -35.53 16.20
N LYS I 165 67.73 -36.66 16.43
CA LYS I 165 66.30 -36.77 16.25
C LYS I 165 65.67 -36.96 17.62
N HIS I 166 64.46 -36.43 17.79
CA HIS I 166 63.71 -36.66 19.02
C HIS I 166 62.22 -36.53 18.76
N GLN I 167 61.45 -37.32 19.49
CA GLN I 167 60.00 -37.38 19.38
C GLN I 167 59.30 -36.02 19.43
N SER I 168 59.86 -35.13 20.25
CA SER I 168 59.26 -33.82 20.53
C SER I 168 59.22 -32.89 19.31
N THR I 169 59.99 -33.22 18.27
CA THR I 169 60.10 -32.36 17.10
C THR I 169 58.89 -32.48 16.16
N GLN I 170 57.93 -33.32 16.54
CA GLN I 170 56.65 -33.34 15.81
C GLN I 170 55.74 -32.23 16.34
N GLY I 171 56.15 -31.60 17.42
CA GLY I 171 55.62 -30.31 17.87
C GLY I 171 56.72 -29.26 17.83
N LEU I 172 56.57 -28.19 18.60
CA LEU I 172 57.54 -27.10 18.63
C LEU I 172 58.49 -27.30 19.79
N ASN I 173 59.75 -27.61 19.48
CA ASN I 173 60.80 -27.72 20.48
C ASN I 173 61.81 -26.62 20.16
N PRO I 174 61.88 -25.59 21.01
CA PRO I 174 62.73 -24.42 20.69
C PRO I 174 64.23 -24.67 20.70
N HIS I 175 64.64 -25.87 21.10
CA HIS I 175 66.05 -26.27 21.02
C HIS I 175 66.49 -26.59 19.58
N TYR I 176 65.55 -26.65 18.64
CA TYR I 176 65.84 -27.03 17.25
C TYR I 176 65.56 -25.85 16.33
N LYS I 177 66.60 -25.03 16.09
CA LYS I 177 66.49 -23.84 15.24
C LYS I 177 67.64 -23.77 14.25
N GLN I 178 67.49 -22.89 13.27
CA GLN I 178 68.53 -22.64 12.28
C GLN I 178 68.32 -21.27 11.66
N LYS I 179 69.21 -20.91 10.73
CA LYS I 179 69.07 -19.73 9.90
C LYS I 179 69.22 -20.14 8.46
N LEU I 180 68.41 -19.54 7.59
CA LEU I 180 68.40 -19.89 6.18
C LEU I 180 69.59 -19.25 5.44
N THR I 181 70.71 -19.96 5.44
CA THR I 181 71.96 -19.39 4.96
C THR I 181 72.45 -20.02 3.66
N LYS I 182 71.70 -20.97 3.13
CA LYS I 182 72.13 -21.70 1.93
C LYS I 182 70.94 -22.04 1.05
N ASP I 183 71.10 -21.73 -0.23
CA ASP I 183 70.08 -22.01 -1.24
C ASP I 183 70.00 -23.51 -1.51
N GLY I 184 68.77 -24.02 -1.69
CA GLY I 184 68.59 -25.40 -2.13
C GLY I 184 69.07 -26.46 -1.16
N ALA I 185 69.00 -26.18 0.14
CA ALA I 185 69.56 -27.07 1.15
C ALA I 185 68.70 -27.33 2.39
N PHE I 186 67.82 -26.40 2.72
CA PHE I 186 66.94 -26.53 3.89
C PHE I 186 65.58 -27.07 3.47
N PRO I 187 65.25 -28.32 3.85
CA PRO I 187 63.96 -28.86 3.42
C PRO I 187 62.77 -28.08 3.94
N VAL I 188 61.81 -27.81 3.08
CA VAL I 188 60.61 -27.13 3.55
C VAL I 188 59.80 -28.00 4.53
N GLU I 189 59.87 -29.33 4.37
CA GLU I 189 59.07 -30.24 5.16
C GLU I 189 59.44 -30.26 6.65
N CYS I 190 60.61 -29.75 6.99
CA CYS I 190 61.06 -29.78 8.38
C CYS I 190 61.54 -28.44 8.94
N TRP I 191 61.57 -27.39 8.11
CA TRP I 191 61.94 -26.06 8.58
C TRP I 191 60.86 -25.05 8.18
N CYS I 192 60.46 -24.22 9.15
CA CYS I 192 59.49 -23.16 8.94
C CYS I 192 60.04 -21.85 9.55
N PRO I 193 59.46 -20.70 9.16
CA PRO I 193 59.86 -19.48 9.87
C PRO I 193 59.62 -19.53 11.38
N ASP I 194 60.61 -19.05 12.15
CA ASP I 194 60.53 -18.99 13.60
C ASP I 194 59.75 -17.72 13.97
N PRO I 195 58.48 -17.87 14.41
CA PRO I 195 57.72 -16.67 14.74
C PRO I 195 58.20 -15.94 16.01
N SER I 196 59.04 -16.58 16.82
CA SER I 196 59.56 -15.95 18.03
C SER I 196 60.77 -15.06 17.73
N LYS I 197 61.26 -15.11 16.49
CA LYS I 197 62.37 -14.24 16.08
C LYS I 197 61.93 -13.47 14.83
N ASN I 198 62.81 -13.28 13.85
CA ASN I 198 62.46 -12.59 12.59
C ASN I 198 61.89 -11.17 12.79
N GLU I 199 62.39 -10.44 13.79
CA GLU I 199 61.93 -9.07 14.01
C GLU I 199 62.33 -8.16 12.83
N ASN I 200 63.34 -8.58 12.07
CA ASN I 200 63.93 -7.78 10.99
C ASN I 200 63.71 -8.36 9.61
N THR I 201 62.67 -9.18 9.50
CA THR I 201 62.27 -9.84 8.28
C THR I 201 60.74 -9.78 8.23
N ARG I 202 60.21 -9.69 7.03
CA ARG I 202 58.78 -9.92 6.78
C ARG I 202 58.61 -11.17 5.97
N TYR I 203 57.73 -12.07 6.41
CA TYR I 203 57.46 -13.29 5.63
C TYR I 203 55.94 -13.49 5.48
N TYR I 204 55.60 -14.16 4.40
CA TYR I 204 54.21 -14.38 3.99
C TYR I 204 54.15 -15.74 3.35
N GLY I 205 53.22 -16.58 3.79
CA GLY I 205 53.12 -17.93 3.24
C GLY I 205 51.72 -18.47 3.20
N SER I 206 51.51 -19.40 2.29
CA SER I 206 50.23 -20.09 2.16
C SER I 206 50.45 -21.54 1.72
N TYR I 207 49.52 -22.39 2.13
CA TYR I 207 49.48 -23.79 1.75
C TYR I 207 48.09 -24.19 1.39
N THR I 208 47.92 -24.87 0.25
CA THR I 208 46.66 -25.47 -0.14
C THR I 208 46.98 -26.92 -0.47
N GLY I 209 46.43 -27.84 0.30
CA GLY I 209 46.84 -29.24 0.16
C GLY I 209 45.90 -30.08 -0.67
N GLY I 210 45.71 -31.32 -0.23
CA GLY I 210 44.88 -32.27 -0.97
C GLY I 210 45.68 -32.97 -2.06
N GLN I 211 45.01 -33.90 -2.76
CA GLN I 211 45.67 -34.81 -3.70
C GLN I 211 45.86 -34.27 -5.15
N SER I 212 44.74 -33.85 -5.76
CA SER I 212 44.73 -33.38 -7.15
CA SER I 212 44.71 -33.39 -7.15
C SER I 212 44.10 -31.99 -7.27
N THR I 213 44.15 -31.26 -6.18
CA THR I 213 43.58 -29.94 -6.06
C THR I 213 43.96 -28.99 -7.20
N PRO I 214 42.99 -28.26 -7.77
CA PRO I 214 43.35 -27.24 -8.75
C PRO I 214 44.30 -26.17 -8.21
N PRO I 215 45.43 -25.95 -8.87
CA PRO I 215 46.24 -24.77 -8.54
C PRO I 215 45.48 -23.48 -8.87
N VAL I 216 45.53 -22.52 -7.96
CA VAL I 216 44.89 -21.22 -8.19
C VAL I 216 45.98 -20.17 -8.06
N LEU I 217 46.34 -19.54 -9.16
CA LEU I 217 47.55 -18.71 -9.22
C LEU I 217 47.21 -17.40 -9.90
N GLN I 218 47.91 -16.34 -9.49
CA GLN I 218 47.75 -15.04 -10.08
C GLN I 218 49.13 -14.49 -10.45
N PHE I 219 49.18 -13.61 -11.44
CA PHE I 219 50.42 -12.93 -11.81
C PHE I 219 50.08 -11.53 -12.34
N THR I 220 50.77 -10.53 -11.82
CA THR I 220 50.60 -9.17 -12.30
C THR I 220 51.82 -8.37 -11.91
N ASN I 221 52.05 -7.28 -12.63
CA ASN I 221 53.14 -6.36 -12.31
C ASN I 221 52.68 -5.08 -11.62
N THR I 222 51.50 -5.12 -10.99
CA THR I 222 50.84 -3.91 -10.49
C THR I 222 50.68 -3.85 -8.99
N VAL I 223 51.19 -4.84 -8.27
CA VAL I 223 50.92 -4.98 -6.82
C VAL I 223 52.19 -4.74 -6.02
N THR I 224 52.12 -3.84 -5.06
CA THR I 224 53.24 -3.51 -4.18
C THR I 224 52.88 -3.94 -2.74
N THR I 225 53.78 -4.71 -2.13
CA THR I 225 53.64 -5.17 -0.76
C THR I 225 54.47 -4.26 0.14
N VAL I 226 53.83 -3.57 1.06
CA VAL I 226 54.52 -2.68 1.98
C VAL I 226 55.25 -3.51 3.04
N LEU I 227 56.54 -3.22 3.29
CA LEU I 227 57.34 -3.99 4.26
C LEU I 227 57.51 -3.29 5.62
N LEU I 228 57.02 -2.05 5.72
CA LEU I 228 57.07 -1.31 6.96
C LEU I 228 56.22 -1.99 8.00
N ASP I 229 56.73 -2.06 9.22
CA ASP I 229 55.99 -2.59 10.34
C ASP I 229 55.05 -1.55 10.93
N GLU I 230 54.40 -1.90 12.04
CA GLU I 230 53.43 -1.03 12.72
C GLU I 230 54.01 0.30 13.23
N ASN I 231 55.34 0.36 13.41
CA ASN I 231 56.03 1.61 13.74
C ASN I 231 56.55 2.40 12.54
N GLY I 232 56.25 1.96 11.31
CA GLY I 232 56.73 2.61 10.11
C GLY I 232 58.17 2.27 9.72
N VAL I 233 58.68 1.16 10.23
CA VAL I 233 60.07 0.78 10.01
C VAL I 233 60.12 -0.53 9.21
N GLY I 234 60.85 -0.50 8.10
CA GLY I 234 61.12 -1.68 7.31
C GLY I 234 62.33 -2.46 7.79
N PRO I 235 62.54 -3.65 7.23
CA PRO I 235 63.77 -4.38 7.54
C PRO I 235 65.01 -3.54 7.30
N LEU I 236 65.93 -3.56 8.26
CA LEU I 236 67.16 -2.78 8.20
C LEU I 236 68.31 -3.71 7.85
N CYS I 237 69.03 -3.37 6.78
CA CYS I 237 69.97 -4.29 6.14
C CYS I 237 71.33 -4.27 6.82
N LYS I 238 71.49 -5.22 7.73
CA LYS I 238 72.71 -5.33 8.52
C LYS I 238 73.88 -5.65 7.61
N GLY I 239 74.99 -4.95 7.78
CA GLY I 239 76.16 -5.16 6.91
C GLY I 239 75.90 -4.93 5.43
N ASP I 240 74.92 -4.07 5.13
CA ASP I 240 74.53 -3.72 3.76
C ASP I 240 74.17 -4.95 2.94
N GLY I 241 73.46 -5.88 3.58
CA GLY I 241 72.99 -7.10 2.92
C GLY I 241 71.48 -7.21 2.99
N LEU I 242 70.88 -7.57 1.86
CA LEU I 242 69.45 -7.79 1.73
C LEU I 242 69.22 -9.28 1.51
N TYR I 243 68.31 -9.89 2.28
CA TYR I 243 68.09 -11.34 2.22
C TYR I 243 66.72 -11.62 1.68
N VAL I 244 66.65 -12.46 0.66
CA VAL I 244 65.38 -12.78 -0.01
C VAL I 244 65.26 -14.29 -0.07
N SER I 245 64.09 -14.82 0.28
CA SER I 245 63.89 -16.26 0.36
C SER I 245 62.49 -16.57 -0.15
N CYS I 246 62.31 -17.77 -0.70
CA CYS I 246 60.99 -18.17 -1.18
C CYS I 246 60.87 -19.67 -1.42
N CYS I 247 59.64 -20.09 -1.67
CA CYS I 247 59.35 -21.42 -2.21
C CYS I 247 58.00 -21.32 -2.91
N ASP I 248 57.90 -21.91 -4.10
CA ASP I 248 56.66 -21.88 -4.88
C ASP I 248 56.41 -23.23 -5.55
N ILE I 249 55.74 -24.10 -4.82
CA ILE I 249 55.29 -25.38 -5.34
C ILE I 249 53.91 -25.19 -5.93
N VAL I 250 53.76 -25.62 -7.17
CA VAL I 250 52.50 -25.45 -7.91
C VAL I 250 51.75 -26.77 -8.15
N GLY I 251 52.31 -27.92 -7.76
CA GLY I 251 51.60 -29.17 -7.78
C GLY I 251 52.53 -30.30 -8.19
N PHE I 252 51.95 -31.37 -8.70
CA PHE I 252 52.70 -32.55 -9.13
C PHE I 252 52.42 -32.82 -10.59
N LEU I 253 53.46 -33.28 -11.28
CA LEU I 253 53.34 -33.87 -12.60
C LEU I 253 53.17 -35.36 -12.45
N VAL I 254 52.11 -35.91 -13.07
CA VAL I 254 51.73 -37.31 -12.92
C VAL I 254 52.15 -38.04 -14.18
N GLY I 255 53.19 -38.86 -14.08
CA GLY I 255 53.67 -39.60 -15.23
C GLY I 255 52.73 -40.69 -15.70
N LYS I 256 53.05 -41.25 -16.87
CA LYS I 256 52.23 -42.28 -17.49
C LYS I 256 51.83 -43.41 -16.55
N ASP I 257 52.79 -43.85 -15.75
CA ASP I 257 52.59 -44.99 -14.86
C ASP I 257 52.14 -44.59 -13.45
N GLY I 258 51.87 -43.31 -13.22
CA GLY I 258 51.39 -42.85 -11.92
C GLY I 258 52.46 -42.27 -11.02
N ASP I 259 53.72 -42.35 -11.43
CA ASP I 259 54.83 -41.74 -10.68
C ASP I 259 54.71 -40.23 -10.71
N MET I 260 55.07 -39.58 -9.61
CA MET I 260 54.79 -38.17 -9.44
C MET I 260 56.02 -37.41 -9.02
N GLN I 261 56.09 -36.17 -9.50
CA GLN I 261 57.18 -35.23 -9.18
C GLN I 261 56.60 -33.86 -8.79
N TYR I 262 57.15 -33.25 -7.75
CA TYR I 262 56.86 -31.84 -7.50
C TYR I 262 57.25 -30.97 -8.68
N ARG I 263 56.47 -29.92 -8.94
CA ARG I 263 56.82 -28.88 -9.90
C ARG I 263 56.82 -27.55 -9.18
N GLY I 264 57.89 -26.78 -9.35
CA GLY I 264 58.02 -25.43 -8.81
C GLY I 264 58.23 -24.40 -9.91
N LEU I 265 58.00 -23.14 -9.55
CA LEU I 265 58.20 -22.02 -10.46
C LEU I 265 59.11 -20.97 -9.83
N PRO I 266 59.78 -20.19 -10.67
CA PRO I 266 60.64 -19.12 -10.14
C PRO I 266 59.83 -17.93 -9.62
N ARG I 267 60.48 -17.12 -8.80
CA ARG I 267 59.85 -15.92 -8.27
C ARG I 267 60.75 -14.72 -8.54
N TYR I 268 60.12 -13.61 -8.95
CA TYR I 268 60.76 -12.34 -9.22
C TYR I 268 60.51 -11.37 -8.07
N PHE I 269 61.50 -10.53 -7.78
CA PHE I 269 61.41 -9.50 -6.75
C PHE I 269 61.94 -8.17 -7.25
N ASN I 270 61.21 -7.07 -6.96
CA ASN I 270 61.68 -5.72 -7.15
C ASN I 270 61.50 -4.99 -5.81
N ILE I 271 62.60 -4.75 -5.12
CA ILE I 271 62.58 -4.21 -3.75
C ILE I 271 63.04 -2.76 -3.71
N LEU I 272 62.26 -1.90 -3.06
CA LEU I 272 62.59 -0.49 -2.91
C LEU I 272 63.17 -0.25 -1.52
N LEU I 273 64.31 0.42 -1.46
CA LEU I 273 64.98 0.69 -0.20
C LEU I 273 65.32 2.17 -0.05
N ARG I 274 65.37 2.63 1.20
CA ARG I 274 65.69 4.02 1.49
C ARG I 274 66.74 4.09 2.58
N LYS I 275 67.44 5.20 2.66
CA LYS I 275 68.46 5.41 3.69
C LYS I 275 67.82 5.85 5.01
N ARG I 276 68.19 5.14 6.08
CA ARG I 276 67.70 5.42 7.43
C ARG I 276 68.87 5.64 8.38
N THR I 277 68.79 6.71 9.17
CA THR I 277 69.78 6.95 10.20
C THR I 277 69.43 6.10 11.43
N VAL I 278 70.45 5.52 12.06
CA VAL I 278 70.28 4.73 13.27
C VAL I 278 71.37 5.07 14.28
N ARG I 279 71.14 4.72 15.54
CA ARG I 279 72.11 4.94 16.61
C ARG I 279 73.20 3.87 16.54
N ASN I 280 74.46 4.31 16.49
CA ASN I 280 75.62 3.44 16.23
C ASN I 280 76.29 2.91 17.49
N ILE J 10 62.03 7.53 -20.54
CA ILE J 10 61.28 8.79 -20.84
C ILE J 10 61.15 9.63 -19.57
N GLU J 11 61.53 10.91 -19.67
CA GLU J 11 61.32 11.87 -18.59
C GLU J 11 59.94 12.49 -18.74
N VAL J 12 59.04 12.15 -17.82
CA VAL J 12 57.65 12.58 -17.86
C VAL J 12 57.50 13.98 -17.25
N LEU J 13 56.79 14.87 -17.95
CA LEU J 13 56.55 16.24 -17.46
C LEU J 13 55.05 16.40 -17.17
N ASN J 14 54.48 17.57 -17.40
CA ASN J 14 53.07 17.82 -17.03
C ASN J 14 52.03 17.21 -17.98
N LEU J 15 50.78 17.18 -17.53
CA LEU J 15 49.65 16.80 -18.39
C LEU J 15 49.25 17.96 -19.31
N VAL J 16 48.70 17.62 -20.48
CA VAL J 16 48.11 18.59 -21.40
C VAL J 16 46.61 18.68 -21.09
N THR J 17 46.13 19.87 -20.73
CA THR J 17 44.73 20.04 -20.33
C THR J 17 43.91 20.69 -21.45
N GLY J 18 42.59 20.75 -21.25
CA GLY J 18 41.69 21.46 -22.15
C GLY J 18 41.00 20.57 -23.17
N PRO J 19 40.25 21.17 -24.11
CA PRO J 19 39.59 20.38 -25.15
C PRO J 19 40.59 19.62 -26.03
N ASP J 20 40.18 18.46 -26.52
CA ASP J 20 41.03 17.64 -27.40
C ASP J 20 42.15 16.87 -26.67
N SER J 21 42.20 16.92 -25.33
CA SER J 21 43.30 16.27 -24.58
C SER J 21 43.06 14.81 -24.18
N ILE J 22 41.90 14.25 -24.52
CA ILE J 22 41.50 12.90 -24.13
C ILE J 22 41.02 12.15 -25.37
N THR J 23 41.18 10.83 -25.37
CA THR J 23 40.59 9.99 -26.40
C THR J 23 40.28 8.64 -25.78
N THR J 24 39.46 7.83 -26.45
CA THR J 24 39.20 6.45 -26.04
C THR J 24 39.27 5.56 -27.26
N ILE J 25 39.70 4.34 -27.02
CA ILE J 25 39.89 3.35 -28.05
C ILE J 25 39.11 2.12 -27.62
N GLU J 26 38.30 1.59 -28.54
CA GLU J 26 37.48 0.41 -28.28
C GLU J 26 37.81 -0.66 -29.30
N LEU J 27 37.90 -1.91 -28.85
CA LEU J 27 38.17 -3.03 -29.73
C LEU J 27 37.80 -4.32 -29.04
N TYR J 28 37.86 -5.42 -29.79
CA TYR J 28 37.84 -6.76 -29.20
C TYR J 28 38.96 -7.58 -29.83
N LEU J 29 39.32 -8.66 -29.14
CA LEU J 29 40.22 -9.68 -29.66
C LEU J 29 39.53 -11.03 -29.60
N ASN J 30 39.49 -11.72 -30.73
CA ASN J 30 39.03 -13.12 -30.76
C ASN J 30 40.10 -14.07 -30.19
N THR J 31 39.64 -15.17 -29.63
CA THR J 31 40.48 -16.17 -29.03
C THR J 31 41.32 -16.90 -30.09
N ARG J 32 42.47 -17.39 -29.64
CA ARG J 32 43.42 -18.15 -30.48
C ARG J 32 43.73 -19.49 -29.78
N MET J 33 42.74 -20.38 -29.79
CA MET J 33 42.90 -21.67 -29.15
C MET J 33 43.59 -22.72 -30.01
N GLY J 34 43.65 -22.50 -31.32
CA GLY J 34 44.35 -23.43 -32.21
C GLY J 34 43.73 -23.50 -33.58
N GLN J 35 42.39 -23.56 -33.63
CA GLN J 35 41.69 -23.45 -34.90
C GLN J 35 41.27 -21.97 -34.95
N ASN J 36 42.07 -21.17 -35.63
CA ASN J 36 41.97 -19.72 -35.54
C ASN J 36 41.41 -19.05 -36.79
N ASP J 37 40.86 -19.87 -37.69
CA ASP J 37 40.27 -19.42 -38.94
C ASP J 37 38.76 -19.37 -38.76
N GLU J 38 38.20 -18.16 -38.80
CA GLU J 38 36.77 -17.94 -38.61
C GLU J 38 35.85 -18.59 -39.67
N SER J 39 36.40 -19.02 -40.80
CA SER J 39 35.63 -19.69 -41.82
C SER J 39 35.53 -21.21 -41.68
N LYS J 40 36.30 -21.78 -40.75
CA LYS J 40 36.34 -23.23 -40.58
C LYS J 40 35.61 -23.71 -39.34
N ASP J 41 35.21 -24.99 -39.36
CA ASP J 41 34.61 -25.61 -38.20
C ASP J 41 35.60 -25.57 -37.03
N ASN J 42 35.09 -25.70 -35.82
CA ASN J 42 35.96 -25.66 -34.64
C ASN J 42 36.62 -24.31 -34.32
N TYR J 43 36.16 -23.24 -34.96
CA TYR J 43 36.68 -21.91 -34.65
C TYR J 43 36.43 -21.60 -33.18
N GLY J 44 37.44 -21.04 -32.52
CA GLY J 44 37.34 -20.72 -31.10
C GLY J 44 37.63 -21.90 -30.18
N TYR J 45 38.07 -23.02 -30.76
CA TYR J 45 38.49 -24.18 -30.03
C TYR J 45 39.88 -24.58 -30.52
N SER J 46 40.57 -25.40 -29.75
CA SER J 46 41.75 -26.10 -30.27
C SER J 46 41.33 -27.31 -31.10
N GLU J 47 42.28 -27.85 -31.86
CA GLU J 47 42.14 -29.19 -32.34
C GLU J 47 42.24 -30.13 -31.12
N LYS J 48 41.88 -31.39 -31.36
CA LYS J 48 41.89 -32.42 -30.32
C LYS J 48 43.26 -32.51 -29.65
N VAL J 49 43.26 -32.55 -28.32
CA VAL J 49 44.48 -32.66 -27.56
C VAL J 49 45.04 -34.07 -27.71
N THR J 50 46.35 -34.17 -27.88
CA THR J 50 47.05 -35.44 -27.92
C THR J 50 48.08 -35.46 -26.81
N VAL J 51 48.58 -36.64 -26.46
CA VAL J 51 49.47 -36.81 -25.32
C VAL J 51 50.74 -37.54 -25.73
N ALA J 52 51.88 -36.97 -25.36
CA ALA J 52 53.17 -37.54 -25.73
C ALA J 52 53.37 -38.95 -25.17
N ASN J 53 54.00 -39.81 -25.94
CA ASN J 53 54.39 -41.13 -25.42
C ASN J 53 55.53 -41.04 -24.40
N SER J 54 56.41 -40.06 -24.58
CA SER J 54 57.56 -39.85 -23.71
C SER J 54 58.00 -38.41 -23.84
N SER J 55 58.78 -37.94 -22.87
CA SER J 55 59.14 -36.53 -22.83
C SER J 55 60.08 -36.09 -23.98
N ASP J 56 60.79 -37.05 -24.56
CA ASP J 56 61.66 -36.77 -25.72
C ASP J 56 60.93 -37.03 -27.06
N GLN J 57 59.64 -37.35 -27.00
CA GLN J 57 58.78 -37.46 -28.18
C GLN J 57 57.50 -36.65 -27.95
N ASP J 58 57.66 -35.40 -27.53
CA ASP J 58 56.55 -34.57 -27.15
C ASP J 58 56.37 -33.54 -28.27
N LYS J 59 55.50 -33.88 -29.22
CA LYS J 59 55.32 -33.12 -30.44
C LYS J 59 53.83 -32.84 -30.62
N PRO J 60 53.35 -31.70 -30.06
CA PRO J 60 51.92 -31.40 -30.24
C PRO J 60 51.53 -31.30 -31.72
N THR J 61 50.34 -31.76 -32.05
CA THR J 61 49.83 -31.66 -33.40
C THR J 61 49.55 -30.18 -33.76
N SER J 62 49.49 -29.90 -35.06
CA SER J 62 49.17 -28.55 -35.50
C SER J 62 47.77 -28.17 -35.03
N GLY J 63 47.69 -27.05 -34.31
CA GLY J 63 46.42 -26.51 -33.91
C GLY J 63 45.91 -26.95 -32.57
N GLU J 64 46.67 -27.74 -31.80
CA GLU J 64 46.18 -28.10 -30.46
C GLU J 64 46.71 -27.20 -29.33
N ILE J 65 47.43 -26.13 -29.70
CA ILE J 65 48.18 -25.26 -28.78
C ILE J 65 47.59 -23.84 -28.75
N PRO J 66 47.03 -23.44 -27.60
CA PRO J 66 46.60 -22.03 -27.49
C PRO J 66 47.76 -21.03 -27.55
N THR J 67 47.47 -19.87 -28.15
CA THR J 67 48.43 -18.80 -28.25
C THR J 67 47.81 -17.50 -27.77
N TYR J 68 48.66 -16.50 -27.54
CA TYR J 68 48.19 -15.17 -27.17
C TYR J 68 47.50 -14.45 -28.33
N SER J 69 46.45 -13.71 -28.00
CA SER J 69 45.83 -12.78 -28.92
C SER J 69 46.54 -11.43 -28.73
N THR J 70 46.76 -10.68 -29.81
CA THR J 70 47.34 -9.36 -29.67
C THR J 70 47.07 -8.48 -30.87
N ALA J 71 46.99 -7.18 -30.62
CA ALA J 71 46.91 -6.19 -31.69
C ALA J 71 47.64 -4.91 -31.29
N ARG J 72 48.12 -4.21 -32.31
CA ARG J 72 48.63 -2.85 -32.17
C ARG J 72 47.64 -1.89 -32.81
N ILE J 73 47.27 -0.86 -32.07
CA ILE J 73 46.36 0.16 -32.55
C ILE J 73 47.13 1.43 -32.87
N ASN J 74 46.95 1.96 -34.07
CA ASN J 74 47.56 3.24 -34.42
C ASN J 74 46.76 4.38 -33.82
N LEU J 75 47.40 5.16 -32.96
CA LEU J 75 46.71 6.27 -32.31
C LEU J 75 46.83 7.51 -33.21
N PRO J 76 46.01 8.54 -32.95
CA PRO J 76 46.16 9.78 -33.71
C PRO J 76 47.56 10.35 -33.59
N MET J 77 48.10 10.74 -34.72
CA MET J 77 49.41 11.32 -34.79
C MET J 77 49.34 12.72 -34.20
N LEU J 78 50.17 12.98 -33.20
CA LEU J 78 50.19 14.25 -32.50
C LEU J 78 51.23 15.18 -33.07
N ASN J 79 50.90 16.47 -33.14
CA ASN J 79 51.88 17.48 -33.48
C ASN J 79 53.11 17.36 -32.58
N GLU J 80 54.29 17.38 -33.19
CA GLU J 80 55.54 17.31 -32.46
C GLU J 80 56.48 18.36 -33.01
N ASP J 81 57.08 19.13 -32.10
CA ASP J 81 58.00 20.20 -32.47
C ASP J 81 59.40 19.72 -32.10
N LEU J 82 60.11 19.18 -33.10
CA LEU J 82 61.41 18.56 -32.88
C LEU J 82 62.55 19.58 -32.69
N THR J 83 62.26 20.87 -32.86
CA THR J 83 63.20 21.94 -32.55
C THR J 83 63.08 22.44 -31.10
N CYS J 84 62.11 21.93 -30.34
CA CYS J 84 62.01 22.23 -28.93
C CYS J 84 62.37 20.99 -28.11
N ASN J 85 62.43 21.18 -26.79
CA ASN J 85 62.91 20.16 -25.87
C ASN J 85 61.86 19.16 -25.37
N THR J 86 60.60 19.28 -25.82
CA THR J 86 59.53 18.35 -25.37
C THR J 86 58.72 17.73 -26.51
N LEU J 87 58.07 16.63 -26.18
CA LEU J 87 57.13 15.95 -27.06
C LEU J 87 55.84 15.68 -26.30
N THR J 88 54.80 15.33 -27.05
CA THR J 88 53.51 14.93 -26.50
C THR J 88 53.28 13.47 -26.86
N MET J 89 52.83 12.66 -25.91
CA MET J 89 52.53 11.24 -26.12
C MET J 89 51.16 10.91 -25.59
N TRP J 90 50.52 9.90 -26.15
CA TRP J 90 49.32 9.34 -25.57
C TRP J 90 49.68 8.48 -24.35
N GLU J 91 48.88 8.65 -23.30
CA GLU J 91 49.05 7.93 -22.04
C GLU J 91 47.77 7.16 -21.75
N ALA J 92 47.87 5.86 -21.56
CA ALA J 92 46.67 5.05 -21.26
C ALA J 92 46.39 5.16 -19.76
N VAL J 93 45.20 5.65 -19.43
CA VAL J 93 44.82 5.95 -18.04
C VAL J 93 44.08 4.80 -17.39
N SER J 94 43.22 4.13 -18.13
CA SER J 94 42.36 3.11 -17.58
C SER J 94 41.78 2.29 -18.70
N VAL J 95 41.26 1.14 -18.33
CA VAL J 95 40.63 0.22 -19.29
C VAL J 95 39.41 -0.43 -18.62
N LYS J 96 38.33 -0.53 -19.38
CA LYS J 96 37.19 -1.38 -19.07
C LYS J 96 37.30 -2.61 -19.96
N THR J 97 37.42 -3.78 -19.35
CA THR J 97 37.61 -4.99 -20.16
C THR J 97 36.71 -6.07 -19.63
N GLU J 98 36.15 -6.85 -20.56
CA GLU J 98 35.27 -7.99 -20.23
C GLU J 98 35.46 -9.16 -21.16
N VAL J 99 35.19 -10.35 -20.64
CA VAL J 99 35.09 -11.55 -21.46
C VAL J 99 33.70 -11.61 -22.06
N VAL J 100 33.63 -11.85 -23.36
CA VAL J 100 32.39 -11.86 -24.13
C VAL J 100 31.91 -13.30 -24.29
N GLY J 101 30.60 -13.51 -24.21
CA GLY J 101 29.99 -14.80 -24.53
C GLY J 101 30.03 -15.79 -23.38
N VAL J 102 30.18 -15.30 -22.15
CA VAL J 102 30.20 -16.23 -21.02
C VAL J 102 28.92 -17.10 -21.01
N SER J 103 27.75 -16.50 -21.34
CA SER J 103 26.51 -17.26 -21.35
C SER J 103 26.49 -18.46 -22.34
N SER J 104 27.38 -18.45 -23.33
CA SER J 104 27.49 -19.57 -24.28
C SER J 104 27.89 -20.87 -23.58
N LEU J 105 28.42 -20.75 -22.38
CA LEU J 105 28.77 -21.94 -21.56
C LEU J 105 27.57 -22.59 -20.86
N VAL J 106 26.40 -21.95 -20.92
CA VAL J 106 25.15 -22.54 -20.48
C VAL J 106 24.57 -23.37 -21.62
N ASN J 107 25.19 -24.52 -21.86
CA ASN J 107 24.88 -25.40 -22.97
C ASN J 107 25.36 -26.78 -22.62
N VAL J 108 24.40 -27.69 -22.46
CA VAL J 108 24.70 -29.07 -22.08
C VAL J 108 23.98 -30.05 -23.03
N HIS J 109 23.73 -29.61 -24.26
CA HIS J 109 23.08 -30.47 -25.27
C HIS J 109 23.96 -30.69 -26.49
N MET J 110 25.22 -30.26 -26.42
CA MET J 110 26.15 -30.51 -27.52
C MET J 110 26.57 -31.99 -27.57
N ALA J 111 27.15 -32.40 -28.69
CA ALA J 111 27.57 -33.78 -28.88
C ALA J 111 28.81 -34.03 -28.03
N THR J 112 28.55 -34.43 -26.78
CA THR J 112 29.60 -34.56 -25.74
C THR J 112 29.40 -35.85 -24.97
N LYS J 113 30.38 -36.23 -24.15
CA LYS J 113 30.12 -37.21 -23.11
C LYS J 113 29.00 -36.69 -22.23
N ARG J 114 28.27 -37.59 -21.57
CA ARG J 114 27.16 -37.15 -20.76
C ARG J 114 27.14 -37.88 -19.41
N MET J 115 26.40 -37.27 -18.48
CA MET J 115 26.26 -37.78 -17.11
C MET J 115 25.30 -38.95 -16.98
N TYR J 116 25.45 -39.69 -15.88
CA TYR J 116 24.46 -40.69 -15.41
C TYR J 116 24.01 -41.71 -16.48
N ASP J 117 24.97 -42.52 -16.94
CA ASP J 117 24.70 -43.69 -17.80
C ASP J 117 23.90 -43.29 -19.05
N ASP J 118 24.39 -42.27 -19.73
CA ASP J 118 23.78 -41.78 -20.99
C ASP J 118 22.38 -41.16 -20.86
N LYS J 119 21.97 -40.79 -19.65
CA LYS J 119 20.64 -40.21 -19.41
C LYS J 119 20.66 -38.72 -19.03
N GLY J 120 21.77 -38.25 -18.48
CA GLY J 120 21.83 -36.90 -17.97
C GLY J 120 22.38 -35.90 -18.96
N ILE J 121 22.79 -34.76 -18.45
CA ILE J 121 23.29 -33.66 -19.27
C ILE J 121 24.57 -34.02 -19.99
N GLY J 122 24.80 -33.38 -21.14
CA GLY J 122 26.13 -33.38 -21.71
C GLY J 122 27.07 -32.63 -20.79
N PHE J 123 28.35 -33.02 -20.76
CA PHE J 123 29.30 -32.29 -19.91
C PHE J 123 29.40 -30.85 -20.42
N PRO J 124 29.27 -29.86 -19.53
CA PRO J 124 29.58 -28.52 -20.01
C PRO J 124 31.09 -28.33 -20.20
N VAL J 125 31.46 -27.26 -20.89
CA VAL J 125 32.86 -26.87 -21.01
C VAL J 125 33.38 -26.62 -19.60
N GLU J 126 34.45 -27.32 -19.24
CA GLU J 126 34.90 -27.30 -17.86
C GLU J 126 36.39 -27.65 -17.78
N GLY J 127 37.00 -27.36 -16.62
CA GLY J 127 38.41 -27.65 -16.42
C GLY J 127 39.20 -26.35 -16.39
N MET J 128 40.45 -26.46 -16.82
CA MET J 128 41.44 -25.39 -16.73
C MET J 128 40.93 -24.06 -17.24
N ASN J 129 41.13 -23.01 -16.45
CA ASN J 129 40.87 -21.66 -16.88
C ASN J 129 42.15 -20.86 -16.81
N PHE J 130 42.36 -20.01 -17.79
CA PHE J 130 43.55 -19.15 -17.84
C PHE J 130 43.09 -17.86 -18.44
N HIS J 131 43.26 -16.76 -17.70
CA HIS J 131 42.77 -15.45 -18.14
C HIS J 131 43.85 -14.42 -17.91
N MET J 132 44.24 -13.73 -18.96
CA MET J 132 45.20 -12.68 -18.83
C MET J 132 44.90 -11.58 -19.82
N PHE J 133 45.20 -10.35 -19.43
CA PHE J 133 45.21 -9.25 -20.41
C PHE J 133 46.36 -8.30 -20.08
N ALA J 134 46.75 -7.55 -21.10
CA ALA J 134 47.79 -6.55 -20.97
C ALA J 134 47.48 -5.37 -21.86
N VAL J 135 47.78 -4.18 -21.36
CA VAL J 135 47.67 -2.95 -22.13
C VAL J 135 48.98 -2.21 -21.94
N GLY J 136 49.60 -1.78 -23.04
CA GLY J 136 50.88 -1.11 -22.95
C GLY J 136 51.21 -0.22 -24.13
N GLY J 137 52.31 0.51 -24.02
CA GLY J 137 52.75 1.44 -25.06
C GLY J 137 53.84 0.89 -25.96
N GLU J 138 54.07 -0.42 -25.85
CA GLU J 138 54.99 -1.17 -26.68
C GLU J 138 54.62 -2.64 -26.54
N PRO J 139 55.20 -3.51 -27.37
CA PRO J 139 54.81 -4.91 -27.28
C PRO J 139 55.06 -5.51 -25.90
N LEU J 140 54.17 -6.38 -25.45
CA LEU J 140 54.38 -7.14 -24.23
C LEU J 140 55.69 -7.89 -24.32
N GLU J 141 56.54 -7.73 -23.30
CA GLU J 141 57.83 -8.40 -23.29
C GLU J 141 57.67 -9.77 -22.61
N LEU J 142 58.23 -10.79 -23.24
CA LEU J 142 58.02 -12.16 -22.85
C LEU J 142 59.30 -12.83 -22.36
N GLN J 143 59.11 -13.79 -21.45
CA GLN J 143 60.15 -14.68 -20.93
C GLN J 143 59.74 -16.10 -21.30
N PHE J 144 60.68 -16.89 -21.81
CA PHE J 144 60.42 -18.28 -22.13
C PHE J 144 60.52 -19.09 -20.85
N LEU J 145 59.55 -19.97 -20.62
CA LEU J 145 59.62 -20.94 -19.54
C LEU J 145 58.61 -22.05 -19.86
N THR J 146 59.07 -23.31 -19.84
CA THR J 146 58.28 -24.44 -20.26
C THR J 146 58.33 -25.58 -19.25
N GLY J 147 57.28 -26.39 -19.25
CA GLY J 147 57.27 -27.62 -18.46
C GLY J 147 58.10 -28.74 -19.04
N ASN J 148 58.46 -28.63 -20.31
CA ASN J 148 59.28 -29.64 -20.96
C ASN J 148 60.20 -28.99 -21.98
N TYR J 149 61.50 -28.97 -21.67
CA TYR J 149 62.42 -28.28 -22.56
C TYR J 149 62.49 -28.89 -23.95
N ARG J 150 62.13 -30.17 -24.08
CA ARG J 150 62.23 -30.89 -25.35
C ARG J 150 60.99 -30.78 -26.25
N THR J 151 59.99 -30.00 -25.85
CA THR J 151 58.79 -29.91 -26.68
C THR J 151 59.17 -29.52 -28.12
N ASP J 152 58.63 -30.27 -29.08
CA ASP J 152 58.90 -30.13 -30.52
C ASP J 152 57.70 -29.45 -31.13
N TYR J 153 57.86 -28.18 -31.52
CA TYR J 153 56.78 -27.41 -32.13
C TYR J 153 56.77 -27.50 -33.68
N SER J 154 57.55 -28.41 -34.26
CA SER J 154 57.76 -28.43 -35.71
C SER J 154 56.51 -28.84 -36.53
N ALA J 155 55.45 -29.31 -35.89
CA ALA J 155 54.21 -29.57 -36.62
C ALA J 155 53.55 -28.31 -37.15
N ASN J 156 53.92 -27.16 -36.59
CA ASN J 156 53.38 -25.88 -37.01
C ASN J 156 54.49 -24.84 -37.02
N ASP J 157 55.07 -24.62 -38.21
CA ASP J 157 56.18 -23.68 -38.35
C ASP J 157 55.78 -22.23 -38.18
N LYS J 158 54.48 -21.94 -38.02
CA LYS J 158 54.04 -20.57 -37.77
C LYS J 158 54.13 -20.17 -36.29
N LEU J 159 54.33 -21.15 -35.40
CA LEU J 159 54.52 -20.83 -33.98
C LEU J 159 55.90 -20.27 -33.74
N VAL J 160 55.98 -19.21 -32.96
CA VAL J 160 57.25 -18.55 -32.67
C VAL J 160 57.79 -19.07 -31.34
N VAL J 161 58.91 -19.80 -31.45
CA VAL J 161 59.55 -20.45 -30.32
C VAL J 161 61.07 -20.33 -30.52
N PRO J 162 61.85 -20.52 -29.46
CA PRO J 162 63.28 -20.42 -29.65
C PRO J 162 63.79 -21.54 -30.54
N PRO J 163 64.86 -21.28 -31.30
CA PRO J 163 65.46 -22.31 -32.15
C PRO J 163 66.39 -23.28 -31.42
N ILE J 164 66.81 -22.98 -30.20
CA ILE J 164 67.62 -23.89 -29.41
C ILE J 164 66.83 -24.41 -28.22
N LYS J 165 66.96 -25.70 -27.92
CA LYS J 165 66.31 -26.26 -26.74
C LYS J 165 67.34 -26.55 -25.69
N HIS J 166 67.03 -26.19 -24.44
CA HIS J 166 68.00 -26.35 -23.36
C HIS J 166 67.29 -26.65 -22.03
N GLN J 167 67.94 -27.52 -21.26
CA GLN J 167 67.43 -28.03 -19.99
C GLN J 167 67.00 -26.90 -19.04
N SER J 168 67.79 -25.82 -19.06
CA SER J 168 67.57 -24.68 -18.13
C SER J 168 66.26 -23.92 -18.36
N THR J 169 65.61 -24.13 -19.50
CA THR J 169 64.38 -23.42 -19.82
C THR J 169 63.15 -23.94 -19.07
N GLN J 170 63.34 -24.97 -18.23
CA GLN J 170 62.29 -25.40 -17.31
C GLN J 170 62.26 -24.53 -16.06
N GLY J 171 63.30 -23.68 -15.91
CA GLY J 171 63.31 -22.55 -15.00
C GLY J 171 63.44 -21.26 -15.79
N LEU J 172 63.86 -20.20 -15.11
CA LEU J 172 63.99 -18.89 -15.73
C LEU J 172 65.45 -18.77 -16.20
N ASN J 173 65.63 -18.79 -17.52
CA ASN J 173 66.89 -18.49 -18.15
C ASN J 173 66.71 -17.17 -18.90
N PRO J 174 67.34 -16.08 -18.42
CA PRO J 174 67.10 -14.76 -19.01
C PRO J 174 67.67 -14.59 -20.43
N HIS J 175 68.38 -15.59 -20.94
CA HIS J 175 68.78 -15.57 -22.35
C HIS J 175 67.68 -15.90 -23.34
N TYR J 176 66.51 -16.33 -22.85
CA TYR J 176 65.42 -16.76 -23.71
C TYR J 176 64.22 -15.81 -23.53
N LYS J 177 64.22 -14.76 -24.33
CA LYS J 177 63.20 -13.72 -24.29
C LYS J 177 62.62 -13.47 -25.67
N GLN J 178 61.53 -12.71 -25.72
CA GLN J 178 60.90 -12.34 -26.98
C GLN J 178 59.95 -11.18 -26.71
N LYS J 179 59.35 -10.69 -27.78
CA LYS J 179 58.26 -9.70 -27.68
C LYS J 179 57.05 -10.20 -28.42
N LEU J 180 55.90 -9.90 -27.86
CA LEU J 180 54.65 -10.39 -28.40
C LEU J 180 54.23 -9.49 -29.56
N THR J 181 54.67 -9.88 -30.76
CA THR J 181 54.50 -9.08 -31.95
C THR J 181 53.63 -9.68 -33.03
N LYS J 182 53.05 -10.85 -32.77
CA LYS J 182 52.21 -11.52 -33.74
C LYS J 182 51.08 -12.21 -33.02
N ASP J 183 49.87 -11.98 -33.50
CA ASP J 183 48.68 -12.65 -33.00
C ASP J 183 48.68 -14.14 -33.40
N GLY J 184 48.19 -15.00 -32.51
CA GLY J 184 47.97 -16.39 -32.87
C GLY J 184 49.23 -17.17 -33.16
N ALA J 185 50.34 -16.78 -32.53
CA ALA J 185 51.67 -17.36 -32.87
C ALA J 185 52.57 -17.73 -31.69
N PHE J 186 52.41 -17.07 -30.55
CA PHE J 186 53.26 -17.30 -29.37
C PHE J 186 52.53 -18.23 -28.40
N PRO J 187 52.99 -19.49 -28.25
CA PRO J 187 52.26 -20.37 -27.34
C PRO J 187 52.22 -19.90 -25.88
N VAL J 188 51.05 -20.02 -25.25
CA VAL J 188 50.89 -19.71 -23.86
C VAL J 188 51.75 -20.63 -22.99
N GLU J 189 51.91 -21.88 -23.41
CA GLU J 189 52.60 -22.89 -22.59
C GLU J 189 54.08 -22.64 -22.40
N CYS J 190 54.68 -21.81 -23.26
CA CYS J 190 56.11 -21.57 -23.16
C CYS J 190 56.54 -20.12 -23.05
N TRP J 191 55.60 -19.18 -23.16
CA TRP J 191 55.90 -17.76 -23.06
C TRP J 191 55.01 -17.12 -21.99
N CYS J 192 55.63 -16.37 -21.10
CA CYS J 192 54.91 -15.63 -20.04
C CYS J 192 55.40 -14.19 -20.01
N PRO J 193 54.68 -13.30 -19.31
CA PRO J 193 55.24 -11.95 -19.22
C PRO J 193 56.58 -11.91 -18.49
N ASP J 194 57.50 -11.08 -18.99
CA ASP J 194 58.81 -10.91 -18.41
C ASP J 194 58.72 -9.87 -17.28
N PRO J 195 58.78 -10.31 -16.01
CA PRO J 195 58.63 -9.39 -14.92
C PRO J 195 59.80 -8.40 -14.74
N SER J 196 60.93 -8.68 -15.39
CA SER J 196 62.12 -7.82 -15.29
C SER J 196 62.05 -6.66 -16.29
N LYS J 197 61.07 -6.71 -17.19
CA LYS J 197 60.85 -5.64 -18.14
C LYS J 197 59.41 -5.17 -17.98
N ASN J 198 58.73 -4.85 -19.07
CA ASN J 198 57.35 -4.39 -19.04
C ASN J 198 57.11 -3.15 -18.17
N GLU J 199 58.08 -2.26 -18.11
CA GLU J 199 57.93 -1.01 -17.37
C GLU J 199 56.83 -0.14 -17.96
N ASN J 200 56.46 -0.38 -19.21
CA ASN J 200 55.52 0.48 -19.93
C ASN J 200 54.27 -0.30 -20.38
N THR J 201 54.00 -1.39 -19.69
CA THR J 201 52.80 -2.22 -19.91
C THR J 201 52.26 -2.61 -18.54
N ARG J 202 50.94 -2.76 -18.43
CA ARG J 202 50.35 -3.38 -17.22
C ARG J 202 49.75 -4.69 -17.66
N TYR J 203 50.05 -5.77 -16.91
CA TYR J 203 49.44 -7.05 -17.20
C TYR J 203 48.82 -7.65 -15.94
N TYR J 204 47.81 -8.47 -16.18
CA TYR J 204 47.01 -9.10 -15.10
C TYR J 204 46.65 -10.49 -15.56
N GLY J 205 46.90 -11.50 -14.74
CA GLY J 205 46.62 -12.87 -15.14
C GLY J 205 46.23 -13.78 -13.98
N SER J 206 45.49 -14.82 -14.34
CA SER J 206 45.11 -15.85 -13.39
C SER J 206 45.06 -17.22 -14.07
N TYR J 207 45.32 -18.24 -13.27
CA TYR J 207 45.21 -19.62 -13.71
C TYR J 207 44.47 -20.41 -12.65
N THR J 208 43.48 -21.19 -13.06
CA THR J 208 42.86 -22.20 -12.19
C THR J 208 42.93 -23.54 -12.91
N GLY J 209 43.62 -24.50 -12.31
CA GLY J 209 43.93 -25.76 -13.01
C GLY J 209 42.99 -26.88 -12.68
N GLY J 210 43.54 -28.09 -12.64
CA GLY J 210 42.78 -29.28 -12.33
C GLY J 210 42.14 -29.84 -13.58
N GLN J 211 41.47 -30.98 -13.44
CA GLN J 211 40.95 -31.73 -14.59
C GLN J 211 39.56 -31.31 -15.13
N SER J 212 38.56 -31.24 -14.24
CA SER J 212 37.17 -30.95 -14.61
CA SER J 212 37.17 -30.95 -14.61
C SER J 212 36.61 -29.80 -13.76
N THR J 213 37.52 -28.97 -13.28
CA THR J 213 37.20 -27.86 -12.38
C THR J 213 36.10 -26.95 -12.94
N PRO J 214 35.16 -26.56 -12.09
CA PRO J 214 34.15 -25.61 -12.55
C PRO J 214 34.79 -24.30 -12.98
N PRO J 215 34.48 -23.82 -14.20
CA PRO J 215 34.83 -22.43 -14.55
C PRO J 215 34.08 -21.44 -13.67
N VAL J 216 34.77 -20.40 -13.19
CA VAL J 216 34.14 -19.35 -12.40
C VAL J 216 34.42 -18.03 -13.11
N LEU J 217 33.38 -17.45 -13.70
CA LEU J 217 33.52 -16.32 -14.61
C LEU J 217 32.55 -15.22 -14.23
N GLN J 218 32.94 -13.99 -14.50
CA GLN J 218 32.08 -12.84 -14.29
C GLN J 218 32.11 -11.97 -15.54
N PHE J 219 31.06 -11.18 -15.70
CA PHE J 219 30.98 -10.19 -16.79
C PHE J 219 30.14 -9.01 -16.36
N THR J 220 30.64 -7.80 -16.61
CA THR J 220 29.89 -6.58 -16.27
C THR J 220 30.49 -5.44 -17.08
N ASN J 221 29.69 -4.40 -17.31
CA ASN J 221 30.17 -3.20 -18.00
C ASN J 221 30.43 -2.05 -17.02
N THR J 222 30.61 -2.39 -15.73
CA THR J 222 30.69 -1.37 -14.67
C THR J 222 32.03 -1.22 -13.96
N VAL J 223 33.05 -1.94 -14.41
CA VAL J 223 34.33 -1.98 -13.71
C VAL J 223 35.43 -1.35 -14.56
N THR J 224 36.09 -0.37 -13.96
CA THR J 224 37.22 0.32 -14.60
C THR J 224 38.50 -0.11 -13.90
N THR J 225 39.49 -0.53 -14.70
CA THR J 225 40.81 -0.91 -14.19
C THR J 225 41.76 0.27 -14.42
N VAL J 226 42.34 0.79 -13.35
CA VAL J 226 43.26 1.93 -13.45
C VAL J 226 44.63 1.45 -13.91
N LEU J 227 45.19 2.11 -14.94
CA LEU J 227 46.48 1.71 -15.51
C LEU J 227 47.64 2.59 -15.06
N LEU J 228 47.37 3.64 -14.30
CA LEU J 228 48.42 4.47 -13.72
C LEU J 228 49.24 3.67 -12.73
N ASP J 229 50.55 3.88 -12.72
CA ASP J 229 51.46 3.24 -11.78
C ASP J 229 51.50 4.02 -10.47
N GLU J 230 52.41 3.62 -9.57
CA GLU J 230 52.53 4.27 -8.27
C GLU J 230 52.92 5.76 -8.31
N ASN J 231 53.42 6.23 -9.46
CA ASN J 231 53.74 7.64 -9.63
C ASN J 231 52.69 8.39 -10.44
N GLY J 232 51.56 7.73 -10.72
CA GLY J 232 50.45 8.33 -11.44
C GLY J 232 50.66 8.39 -12.95
N VAL J 233 51.55 7.54 -13.46
CA VAL J 233 51.88 7.52 -14.89
C VAL J 233 51.43 6.23 -15.53
N GLY J 234 50.61 6.35 -16.57
CA GLY J 234 50.17 5.21 -17.34
C GLY J 234 51.12 4.84 -18.46
N PRO J 235 50.81 3.72 -19.16
CA PRO J 235 51.63 3.34 -20.30
C PRO J 235 51.71 4.48 -21.31
N LEU J 236 52.93 4.77 -21.78
CA LEU J 236 53.18 5.84 -22.73
C LEU J 236 53.38 5.25 -24.11
N CYS J 237 52.61 5.73 -25.08
CA CYS J 237 52.51 5.05 -26.37
C CYS J 237 53.57 5.49 -27.37
N LYS J 238 54.64 4.70 -27.43
CA LYS J 238 55.80 5.02 -28.24
C LYS J 238 55.46 4.84 -29.72
N GLY J 239 55.81 5.82 -30.52
CA GLY J 239 55.45 5.78 -31.92
C GLY J 239 53.95 5.75 -32.15
N ASP J 240 53.18 6.32 -31.21
CA ASP J 240 51.72 6.39 -31.29
C ASP J 240 51.06 5.01 -31.47
N GLY J 241 51.65 3.99 -30.89
CA GLY J 241 51.09 2.64 -30.90
C GLY J 241 50.62 2.21 -29.53
N LEU J 242 49.41 1.64 -29.47
CA LEU J 242 48.83 1.07 -28.25
C LEU J 242 48.72 -0.42 -28.46
N TYR J 243 49.23 -1.18 -27.51
CA TYR J 243 49.32 -2.62 -27.60
C TYR J 243 48.40 -3.31 -26.63
N VAL J 244 47.55 -4.19 -27.16
CA VAL J 244 46.57 -4.91 -26.37
C VAL J 244 46.78 -6.41 -26.60
N SER J 245 46.84 -7.17 -25.50
CA SER J 245 47.09 -8.61 -25.55
C SER J 245 46.23 -9.36 -24.57
N CYS J 246 45.89 -10.61 -24.88
CA CYS J 246 45.10 -11.39 -23.94
C CYS J 246 45.08 -12.86 -24.24
N CYS J 247 44.56 -13.62 -23.28
CA CYS J 247 44.22 -15.03 -23.49
C CYS J 247 43.12 -15.37 -22.49
N ASP J 248 42.07 -16.05 -22.96
CA ASP J 248 40.94 -16.44 -22.09
C ASP J 248 40.46 -17.84 -22.39
N ILE J 249 41.10 -18.80 -21.75
CA ILE J 249 40.73 -20.21 -21.79
C ILE J 249 39.67 -20.45 -20.71
N VAL J 250 38.54 -21.00 -21.13
CA VAL J 250 37.44 -21.28 -20.20
C VAL J 250 37.21 -22.76 -19.89
N GLY J 251 37.99 -23.66 -20.50
CA GLY J 251 37.94 -25.07 -20.16
C GLY J 251 38.11 -25.92 -21.39
N PHE J 252 37.63 -27.17 -21.28
CA PHE J 252 37.65 -28.15 -22.37
C PHE J 252 36.25 -28.62 -22.73
N LEU J 253 36.03 -28.83 -24.03
CA LEU J 253 34.84 -29.52 -24.52
C LEU J 253 35.17 -31.00 -24.62
N VAL J 254 34.36 -31.84 -23.98
CA VAL J 254 34.65 -33.29 -23.93
C VAL J 254 33.72 -34.00 -24.90
N GLY J 255 34.29 -34.49 -26.00
CA GLY J 255 33.51 -35.21 -27.02
C GLY J 255 33.00 -36.57 -26.57
N LYS J 256 32.09 -37.14 -27.35
CA LYS J 256 31.48 -38.44 -27.05
C LYS J 256 32.47 -39.51 -26.62
N ASP J 257 33.60 -39.58 -27.32
CA ASP J 257 34.58 -40.64 -27.08
C ASP J 257 35.64 -40.26 -26.04
N GLY J 258 35.53 -39.07 -25.46
CA GLY J 258 36.50 -38.62 -24.48
C GLY J 258 37.56 -37.68 -25.03
N ASP J 259 37.61 -37.49 -26.36
CA ASP J 259 38.52 -36.51 -26.98
C ASP J 259 38.18 -35.11 -26.51
N MET J 260 39.19 -34.28 -26.28
CA MET J 260 38.98 -32.99 -25.64
C MET J 260 39.64 -31.84 -26.41
N GLN J 261 38.99 -30.67 -26.37
CA GLN J 261 39.44 -29.46 -27.07
C GLN J 261 39.38 -28.28 -26.12
N TYR J 262 40.43 -27.44 -26.12
CA TYR J 262 40.35 -26.16 -25.43
C TYR J 262 39.22 -25.33 -26.03
N ARG J 263 38.55 -24.57 -25.16
CA ARG J 263 37.59 -23.56 -25.58
C ARG J 263 38.01 -22.21 -25.02
N GLY J 264 38.02 -21.19 -25.88
CA GLY J 264 38.32 -19.84 -25.46
C GLY J 264 37.20 -18.87 -25.85
N LEU J 265 37.23 -17.68 -25.23
CA LEU J 265 36.22 -16.66 -25.49
C LEU J 265 36.90 -15.35 -25.85
N PRO J 266 36.20 -14.49 -26.60
CA PRO J 266 36.80 -13.21 -26.98
C PRO J 266 36.82 -12.25 -25.80
N ARG J 267 37.60 -11.18 -25.93
CA ARG J 267 37.69 -10.15 -24.89
C ARG J 267 37.54 -8.76 -25.48
N TYR J 268 36.74 -7.95 -24.79
CA TYR J 268 36.46 -6.56 -25.16
C TYR J 268 37.33 -5.61 -24.36
N PHE J 269 37.73 -4.49 -24.99
CA PHE J 269 38.50 -3.45 -24.32
C PHE J 269 37.98 -2.07 -24.68
N ASN J 270 37.84 -1.20 -23.68
CA ASN J 270 37.59 0.21 -23.87
C ASN J 270 38.65 0.96 -23.05
N ILE J 271 39.61 1.56 -23.74
CA ILE J 271 40.75 2.19 -23.11
C ILE J 271 40.68 3.71 -23.17
N LEU J 272 40.86 4.36 -22.03
CA LEU J 272 40.83 5.82 -21.94
C LEU J 272 42.27 6.34 -22.00
N LEU J 273 42.52 7.30 -22.89
CA LEU J 273 43.86 7.87 -23.00
C LEU J 273 43.83 9.38 -22.88
N ARG J 274 44.96 9.94 -22.47
CA ARG J 274 45.10 11.37 -22.36
C ARG J 274 46.44 11.78 -22.94
N LYS J 275 46.59 13.07 -23.21
CA LYS J 275 47.87 13.60 -23.69
C LYS J 275 48.79 13.97 -22.54
N ARG J 276 50.04 13.54 -22.67
CA ARG J 276 51.11 13.82 -21.71
C ARG J 276 52.33 14.44 -22.38
N THR J 277 52.85 15.50 -21.78
CA THR J 277 54.10 16.12 -22.22
C THR J 277 55.27 15.35 -21.63
N VAL J 278 56.30 15.09 -22.43
CA VAL J 278 57.51 14.38 -21.99
C VAL J 278 58.75 15.11 -22.51
N ARG J 279 59.86 14.96 -21.80
CA ARG J 279 61.12 15.58 -22.23
C ARG J 279 61.62 14.91 -23.50
N ASN J 280 62.23 15.69 -24.38
CA ASN J 280 62.78 15.16 -25.61
C ASN J 280 64.30 15.28 -25.57
C1 GOL K . -26.48 39.48 -18.26
O1 GOL K . -27.00 39.79 -19.56
C2 GOL K . -25.40 40.45 -17.80
O2 GOL K . -26.03 41.73 -17.57
C3 GOL K . -24.77 39.89 -16.51
O3 GOL K . -24.04 40.86 -15.73
C1 SIA L . -10.19 45.69 -7.90
C2 SIA L . -10.85 46.42 -9.06
C3 SIA L . -10.65 45.67 -10.37
C4 SIA L . -11.51 44.41 -10.47
C5 SIA L . -12.98 44.67 -10.14
C6 SIA L . -13.04 45.39 -8.79
C7 SIA L . -14.45 45.74 -8.33
C8 SIA L . -14.43 46.55 -7.01
C9 SIA L . -15.68 46.34 -6.17
C10 SIA L . -14.56 43.04 -11.14
C11 SIA L . -15.35 41.76 -10.94
N5 SIA L . -13.75 43.43 -10.13
O1A SIA L . -9.19 44.97 -8.11
O1B SIA L . -10.66 45.85 -6.75
O2 SIA L . -10.25 47.71 -9.25
O4 SIA L . -11.35 43.95 -11.81
O6 SIA L . -12.26 46.60 -8.84
O7 SIA L . -15.15 46.45 -9.34
O8 SIA L . -13.31 46.14 -6.22
O9 SIA L . -15.56 45.11 -5.45
O10 SIA L . -14.69 43.68 -12.18
C1 GOL M . -8.65 31.77 6.33
O1 GOL M . -7.45 31.67 5.56
C2 GOL M . -8.37 32.26 7.75
O2 GOL M . -8.22 33.68 7.71
C3 GOL M . -9.53 31.83 8.66
O3 GOL M . -9.85 32.77 9.70
C1 SIA N . -11.00 36.98 25.60
C2 SIA N . -9.96 37.59 24.65
C3 SIA N . -8.86 36.60 24.23
C4 SIA N . -9.40 35.49 23.31
C5 SIA N . -10.16 36.08 22.12
C6 SIA N . -11.22 37.05 22.65
C7 SIA N . -12.05 37.76 21.59
C8 SIA N . -12.93 38.83 22.22
C9 SIA N . -14.15 39.13 21.36
C10 SIA N . -10.27 34.49 20.23
C11 SIA N . -11.10 33.41 19.54
N5 SIA N . -10.82 35.04 21.32
O1A SIA N . -10.68 36.03 26.36
O1B SIA N . -12.17 37.45 25.61
O2 SIA N . -9.35 38.72 25.30
O4 SIA N . -8.31 34.65 22.91
O6 SIA N . -10.61 38.07 23.48
O7 SIA N . -11.20 38.39 20.62
O8 SIA N . -13.40 38.39 23.49
O9 SIA N . -15.05 38.01 21.42
O10 SIA N . -9.16 34.79 19.80
C1 GOL O . -56.57 39.24 -9.27
O1 GOL O . -57.98 39.28 -9.01
C2 GOL O . -55.99 40.56 -9.73
O2 GOL O . -56.33 41.58 -8.78
C3 GOL O . -54.47 40.40 -9.78
O3 GOL O . -53.80 41.63 -10.08
C1 GOL P . -58.81 32.11 23.17
O1 GOL P . -60.09 31.66 22.66
C2 GOL P . -57.61 31.49 22.46
O2 GOL P . -56.40 32.09 22.95
C3 GOL P . -57.62 31.70 20.95
O3 GOL P . -58.70 32.52 20.52
C1 EDO Q . 22.45 -38.27 17.03
O1 EDO Q . 21.09 -38.40 17.41
C2 EDO Q . 23.24 -39.39 17.66
O2 EDO Q . 22.78 -40.61 17.07
C1 GOL R . 54.45 -40.38 10.45
O1 GOL R . 54.84 -41.47 9.60
C2 GOL R . 54.40 -40.80 11.92
O2 GOL R . 53.67 -42.01 12.10
C3 GOL R . 53.65 -39.74 12.71
O3 GOL R . 53.74 -40.00 14.12
C1 GOL S . 58.02 -33.09 -18.75
O1 GOL S . 57.46 -34.17 -19.53
C2 GOL S . 59.48 -33.30 -18.32
O2 GOL S . 59.83 -34.68 -18.13
C3 GOL S . 59.72 -32.65 -16.97
O3 GOL S . 61.12 -32.70 -16.62
C1 GOL T . 31.82 -27.37 -31.31
O1 GOL T . 30.59 -27.42 -32.01
C2 GOL T . 32.86 -28.01 -32.21
O2 GOL T . 33.46 -26.94 -32.91
C3 GOL T . 33.91 -28.77 -31.42
O3 GOL T . 34.15 -30.07 -31.97
C1 SIA U . 49.20 -38.00 -33.60
C2 SIA U . 50.55 -38.58 -33.21
C3 SIA U . 51.69 -37.56 -33.37
C4 SIA U . 51.74 -36.50 -32.25
C5 SIA U . 51.60 -37.10 -30.85
C6 SIA U . 50.40 -38.04 -30.84
C7 SIA U . 50.16 -38.75 -29.49
C8 SIA U . 49.03 -39.79 -29.60
C9 SIA U . 48.32 -40.01 -28.27
C10 SIA U . 52.38 -35.64 -28.99
C11 SIA U . 52.00 -34.58 -27.98
N5 SIA U . 51.42 -36.07 -29.81
O1A SIA U . 49.12 -37.11 -34.48
O1B SIA U . 48.18 -38.43 -33.03
O2 SIA U . 50.80 -39.71 -34.07
O4 SIA U . 53.00 -35.83 -32.42
O6 SIA U . 50.55 -39.06 -31.86
O7 SIA U . 51.34 -39.38 -29.00
O8 SIA U . 48.04 -39.36 -30.54
O9 SIA U . 47.33 -38.99 -28.03
O10 SIA U . 53.55 -36.03 -29.03
#